data_8JEU
#
_entry.id   8JEU
#
_cell.length_a   1.00
_cell.length_b   1.00
_cell.length_c   1.00
_cell.angle_alpha   90.00
_cell.angle_beta   90.00
_cell.angle_gamma   90.00
#
_symmetry.space_group_name_H-M   'P 1'
#
_entity_poly.entity_id   1
_entity_poly.type   'polypeptide(L)'
_entity_poly.pdbx_seq_one_letter_code
;MGGSSGGGVSYRSGGESDVELEDYEVDDFRDGIVESRGNRFNPLTNFLGLDFAGGSGGKFTVINGIRDISRGSIVHPDNR
WYKAWTMFILIWALYSSFFTPLEFGFFRGLPENLFILDIAGQIAFLVDIVLTFFVAYRDSRTYRMIYKRSSIALRYLKST
FIIDLLACMPWDIIYKAAGEKEEVRYLLLIRLYRVHRVILFFHKMEKDIRINYLFTRIVKLIFVELYCTHTAACIFYYLA
TTLPASQEGYTWIGSLKLGDYSYSKFREIDLWTRYTTSMYFAVVTMATVGYGDIHAVNMREMIFAMVYISFDMILGAYLI
GNMTALIVKGSKTERFRDKMADIMRYMNRNKLGRNIRGQITGHLRLQYESSYTEAAVLQDIPVSIRAKIAQTLYLPYIEK
VPLFRGCSSEFINQIVIRLHEEFFLPGEVIMEQGSVVDQLYFVCHGVLEEIGITKDGSEEIVAVLQPDHSFGEISILCNI
PQPYTVRVAELCRILRLDKQSFMNILEIFFHDGRRILNNLLEGKESNVRIKQLESDITFHISKQEAELALKLNSAAFYGD
LYQLKSLIRAGGDPNKTDYDGRSPLHLAASRGYEDITLYLIQESVDVNIKDKLGSTPLLEAIKNGNDRVAALLVKEGATL
NIENAGTFLCTVVAKGDSDFLKRLLSNGIDPNSKDYDHRTPLHVAASEGFYVLAIQLVEASANVLAKDRWGNTPLDEALG
CGNKMLIKLLEDAKNSQISSFPSGSKEPKDKVYKKKCTVYFSHPGDSKEKRRRGIVLWVPRSIEELIRTAKEQLNVPEAS
CVLSEDEAKIIDVDLISDGQKLYLAVET
;
_entity_poly.pdbx_strand_id   A,D,C,B
#
# COMPACT_ATOMS: atom_id res chain seq x y z
N VAL A 75 21.50 51.16 -0.42
CA VAL A 75 22.42 51.12 -1.55
C VAL A 75 22.47 49.72 -2.13
N HIS A 76 22.13 48.73 -1.31
CA HIS A 76 22.11 47.34 -1.77
C HIS A 76 21.15 47.13 -2.94
N PRO A 77 19.91 47.68 -2.90
CA PRO A 77 18.98 47.54 -4.04
C PRO A 77 18.78 46.11 -4.50
N ASP A 78 18.93 45.89 -5.80
CA ASP A 78 18.73 44.57 -6.42
C ASP A 78 17.31 44.04 -6.19
N ASN A 79 16.35 44.95 -6.03
CA ASN A 79 14.97 44.56 -5.75
C ASN A 79 14.02 44.99 -6.86
N ARG A 80 13.95 46.28 -7.19
CA ARG A 80 12.95 46.78 -8.12
C ARG A 80 13.55 47.42 -9.36
N TRP A 81 14.54 48.30 -9.20
CA TRP A 81 15.05 49.04 -10.35
C TRP A 81 15.96 48.20 -11.24
N TYR A 82 16.51 47.10 -10.73
CA TYR A 82 17.31 46.22 -11.58
C TYR A 82 16.47 45.60 -12.69
N LYS A 83 15.24 45.19 -12.37
CA LYS A 83 14.37 44.63 -13.39
C LYS A 83 14.00 45.64 -14.47
N ALA A 84 14.14 46.93 -14.20
CA ALA A 84 13.86 47.96 -15.19
C ALA A 84 15.10 48.38 -15.97
N TRP A 85 16.30 47.98 -15.52
CA TRP A 85 17.53 48.31 -16.22
C TRP A 85 18.23 47.10 -16.82
N THR A 86 18.21 45.96 -16.14
CA THR A 86 18.77 44.74 -16.71
C THR A 86 18.01 44.34 -17.97
N MET A 87 16.67 44.46 -17.94
CA MET A 87 15.89 44.21 -19.14
C MET A 87 16.13 45.26 -20.20
N PHE A 88 16.75 46.39 -19.83
CA PHE A 88 17.11 47.40 -20.83
C PHE A 88 18.49 47.12 -21.41
N ILE A 89 19.46 46.77 -20.57
CA ILE A 89 20.80 46.48 -21.05
C ILE A 89 20.84 45.19 -21.83
N LEU A 90 19.80 44.35 -21.72
CA LEU A 90 19.71 43.16 -22.56
C LEU A 90 19.59 43.54 -24.03
N ILE A 91 18.96 44.68 -24.32
CA ILE A 91 18.86 45.16 -25.70
C ILE A 91 20.25 45.46 -26.24
N TRP A 92 21.08 46.15 -25.44
CA TRP A 92 22.44 46.42 -25.86
C TRP A 92 23.25 45.14 -26.00
N ALA A 93 23.03 44.17 -25.11
CA ALA A 93 23.71 42.88 -25.22
C ALA A 93 23.26 42.15 -26.48
N LEU A 94 21.98 42.25 -26.82
CA LEU A 94 21.48 41.61 -28.04
C LEU A 94 22.09 42.25 -29.29
N TYR A 95 22.20 43.57 -29.31
CA TYR A 95 22.71 44.25 -30.50
C TYR A 95 24.20 43.98 -30.70
N SER A 96 24.97 44.06 -29.62
CA SER A 96 26.42 43.90 -29.73
C SER A 96 26.84 42.45 -29.96
N SER A 97 25.92 41.51 -29.78
CA SER A 97 26.23 40.11 -30.09
C SER A 97 25.90 39.76 -31.53
N PHE A 98 24.92 40.45 -32.13
CA PHE A 98 24.56 40.23 -33.51
C PHE A 98 25.33 41.11 -34.48
N PHE A 99 26.07 42.10 -33.96
CA PHE A 99 26.82 43.03 -34.79
C PHE A 99 28.32 42.80 -34.77
N THR A 100 28.85 42.21 -33.70
CA THR A 100 30.29 41.97 -33.63
C THR A 100 30.80 41.04 -34.72
N PRO A 101 30.18 39.88 -34.99
CA PRO A 101 30.65 39.08 -36.13
C PRO A 101 30.54 39.81 -37.47
N LEU A 102 29.50 40.62 -37.64
CA LEU A 102 29.37 41.41 -38.86
C LEU A 102 30.49 42.44 -38.96
N GLU A 103 30.84 43.06 -37.84
CA GLU A 103 31.93 44.03 -37.83
C GLU A 103 33.27 43.35 -38.07
N PHE A 104 33.47 42.16 -37.50
CA PHE A 104 34.78 41.51 -37.54
C PHE A 104 35.16 41.07 -38.95
N GLY A 105 34.20 40.54 -39.71
CA GLY A 105 34.51 39.94 -40.99
C GLY A 105 34.31 40.85 -42.20
N PHE A 106 33.21 41.58 -42.22
CA PHE A 106 32.80 42.33 -43.41
C PHE A 106 33.42 43.72 -43.49
N PHE A 107 34.19 44.13 -42.49
CA PHE A 107 34.77 45.47 -42.47
C PHE A 107 36.23 45.40 -42.07
N ARG A 108 37.07 46.10 -42.80
CA ARG A 108 38.46 46.30 -42.39
C ARG A 108 38.61 47.63 -41.67
N GLY A 109 37.87 47.75 -40.57
CA GLY A 109 37.82 48.98 -39.81
C GLY A 109 36.40 49.40 -39.52
N LEU A 110 36.05 50.65 -39.83
CA LEU A 110 34.70 51.15 -39.59
C LEU A 110 34.46 52.40 -40.43
N PRO A 111 33.37 52.46 -41.19
CA PRO A 111 33.03 53.71 -41.87
C PRO A 111 32.68 54.80 -40.88
N GLU A 112 32.96 56.04 -41.28
CA GLU A 112 32.72 57.19 -40.40
C GLU A 112 31.25 57.36 -40.04
N ASN A 113 30.33 56.88 -40.88
CA ASN A 113 28.92 57.05 -40.61
C ASN A 113 28.45 56.16 -39.46
N LEU A 114 29.26 55.17 -39.07
CA LEU A 114 28.91 54.25 -38.01
C LEU A 114 29.78 54.45 -36.78
N PHE A 115 30.70 55.41 -36.82
CA PHE A 115 31.64 55.60 -35.73
C PHE A 115 30.94 55.98 -34.43
N ILE A 116 29.91 56.83 -34.52
CA ILE A 116 29.25 57.31 -33.31
C ILE A 116 28.61 56.16 -32.53
N LEU A 117 28.06 55.18 -33.24
CA LEU A 117 27.40 54.07 -32.57
C LEU A 117 28.39 53.21 -31.79
N ASP A 118 29.61 53.05 -32.32
CA ASP A 118 30.60 52.22 -31.65
C ASP A 118 30.99 52.82 -30.29
N ILE A 119 31.15 54.14 -30.23
CA ILE A 119 31.48 54.79 -28.96
C ILE A 119 30.28 54.73 -28.02
N ALA A 120 29.07 54.88 -28.58
CA ALA A 120 27.87 54.87 -27.74
C ALA A 120 27.63 53.50 -27.12
N GLY A 121 27.92 52.45 -27.83
CA GLY A 121 27.66 51.12 -27.33
C GLY A 121 28.50 50.77 -26.11
N GLN A 122 29.75 51.27 -26.08
CA GLN A 122 30.62 50.99 -24.94
C GLN A 122 30.24 51.81 -23.72
N ILE A 123 29.69 53.01 -23.91
CA ILE A 123 29.30 53.86 -22.79
C ILE A 123 28.22 53.18 -21.96
N ALA A 124 27.22 52.59 -22.62
CA ALA A 124 26.17 51.88 -21.89
C ALA A 124 26.73 50.69 -21.13
N PHE A 125 27.65 49.94 -21.76
CA PHE A 125 28.21 48.78 -21.09
C PHE A 125 29.24 49.17 -20.03
N LEU A 126 29.91 50.30 -20.20
CA LEU A 126 30.88 50.75 -19.20
C LEU A 126 30.21 51.10 -17.88
N VAL A 127 28.95 51.55 -17.93
CA VAL A 127 28.22 51.85 -16.69
C VAL A 127 28.01 50.57 -15.88
N ASP A 128 27.65 49.48 -16.56
CA ASP A 128 27.46 48.20 -15.86
C ASP A 128 28.76 47.66 -15.29
N ILE A 129 29.91 48.14 -15.76
CA ILE A 129 31.19 47.66 -15.24
C ILE A 129 31.35 48.08 -13.78
N VAL A 130 30.87 49.26 -13.43
CA VAL A 130 31.03 49.78 -12.07
C VAL A 130 29.73 49.70 -11.25
N LEU A 131 28.56 49.63 -11.89
CA LEU A 131 27.31 49.57 -11.15
C LEU A 131 27.11 48.20 -10.48
N THR A 132 27.75 47.15 -10.99
CA THR A 132 27.60 45.83 -10.38
C THR A 132 28.22 45.76 -8.99
N PHE A 133 29.14 46.67 -8.67
CA PHE A 133 29.74 46.67 -7.34
C PHE A 133 28.72 46.97 -6.24
N PHE A 134 27.63 47.64 -6.58
CA PHE A 134 26.61 48.02 -5.60
C PHE A 134 25.44 47.05 -5.57
N VAL A 135 25.55 45.92 -6.26
CA VAL A 135 24.47 44.94 -6.31
C VAL A 135 24.45 44.10 -5.05
N ALA A 136 23.25 43.77 -4.60
CA ALA A 136 23.06 42.90 -3.43
C ALA A 136 22.99 41.47 -3.93
N TYR A 137 24.13 40.77 -3.91
CA TYR A 137 24.20 39.41 -4.43
C TYR A 137 23.69 38.41 -3.39
N ARG A 138 23.80 37.13 -3.72
CA ARG A 138 23.34 36.04 -2.87
C ARG A 138 24.51 35.12 -2.54
N ASP A 139 24.20 34.01 -1.86
CA ASP A 139 25.17 33.01 -1.48
C ASP A 139 24.61 31.63 -1.80
N SER A 140 25.41 30.60 -1.51
CA SER A 140 24.99 29.23 -1.79
C SER A 140 23.78 28.85 -0.95
N ARG A 141 23.94 28.81 0.38
CA ARG A 141 22.86 28.42 1.27
C ARG A 141 21.70 29.39 1.20
N THR A 142 21.92 30.63 1.65
CA THR A 142 20.88 31.66 1.65
C THR A 142 21.48 33.04 1.90
N TYR A 143 21.15 34.01 1.06
CA TYR A 143 21.58 35.38 1.26
C TYR A 143 20.75 36.30 0.37
N ARG A 144 20.12 37.30 0.98
CA ARG A 144 19.36 38.29 0.24
C ARG A 144 19.98 39.69 0.36
N MET A 145 20.14 40.19 1.58
CA MET A 145 20.76 41.50 1.81
C MET A 145 22.20 41.28 2.23
N ILE A 146 23.04 40.95 1.25
CA ILE A 146 24.48 40.80 1.47
C ILE A 146 25.12 42.08 0.93
N TYR A 147 25.28 43.06 1.81
CA TYR A 147 25.80 44.38 1.44
C TYR A 147 26.99 44.75 2.32
N LYS A 148 27.92 43.80 2.52
CA LYS A 148 29.11 44.06 3.31
C LYS A 148 30.20 44.79 2.54
N ARG A 149 30.00 45.04 1.24
CA ARG A 149 30.93 45.71 0.36
C ARG A 149 32.27 44.98 0.22
N SER A 150 32.35 43.75 0.73
CA SER A 150 33.55 42.93 0.61
C SER A 150 33.29 41.63 -0.14
N SER A 151 32.22 40.90 0.23
CA SER A 151 31.89 39.67 -0.48
C SER A 151 31.43 39.96 -1.91
N ILE A 152 30.66 41.03 -2.10
CA ILE A 152 30.19 41.39 -3.43
C ILE A 152 31.36 41.74 -4.34
N ALA A 153 32.31 42.52 -3.83
CA ALA A 153 33.48 42.88 -4.63
C ALA A 153 34.32 41.65 -4.96
N LEU A 154 34.54 40.77 -3.97
CA LEU A 154 35.31 39.57 -4.22
C LEU A 154 34.60 38.64 -5.18
N ARG A 155 33.27 38.55 -5.08
CA ARG A 155 32.52 37.65 -5.96
C ARG A 155 32.64 38.07 -7.43
N TYR A 156 32.57 39.37 -7.71
CA TYR A 156 32.55 39.83 -9.09
C TYR A 156 33.94 40.08 -9.66
N LEU A 157 34.84 40.69 -8.87
CA LEU A 157 36.16 41.03 -9.39
C LEU A 157 36.94 39.78 -9.76
N LYS A 158 36.86 38.74 -8.94
CA LYS A 158 37.60 37.51 -9.25
C LYS A 158 36.98 36.77 -10.42
N SER A 159 35.65 36.71 -10.49
CA SER A 159 34.96 35.87 -11.47
C SER A 159 35.21 36.28 -12.91
N THR A 160 34.71 37.46 -13.31
CA THR A 160 34.72 37.84 -14.73
C THR A 160 35.07 39.31 -14.94
N PHE A 161 35.84 39.92 -14.04
CA PHE A 161 36.20 41.32 -14.23
C PHE A 161 37.20 41.49 -15.36
N ILE A 162 38.23 40.64 -15.43
CA ILE A 162 39.29 40.81 -16.42
C ILE A 162 38.73 40.67 -17.83
N ILE A 163 37.89 39.65 -18.06
CA ILE A 163 37.38 39.41 -19.40
C ILE A 163 36.40 40.50 -19.81
N ASP A 164 35.53 40.93 -18.90
CA ASP A 164 34.53 41.93 -19.24
C ASP A 164 35.18 43.29 -19.54
N LEU A 165 36.18 43.67 -18.75
CA LEU A 165 36.83 44.97 -18.96
C LEU A 165 37.54 45.02 -20.30
N LEU A 166 38.07 43.88 -20.76
CA LEU A 166 38.75 43.85 -22.05
C LEU A 166 37.81 44.16 -23.20
N ALA A 167 36.58 43.65 -23.15
CA ALA A 167 35.63 43.86 -24.25
C ALA A 167 35.26 45.33 -24.40
N CYS A 168 35.03 46.03 -23.29
CA CYS A 168 34.62 47.43 -23.37
C CYS A 168 35.71 48.34 -23.92
N MET A 169 36.96 47.90 -23.87
CA MET A 169 38.04 48.70 -24.44
C MET A 169 37.85 48.81 -25.96
N PRO A 170 38.09 49.98 -26.54
CA PRO A 170 37.86 50.16 -27.98
C PRO A 170 38.97 49.52 -28.80
N TRP A 171 38.67 48.37 -29.41
CA TRP A 171 39.66 47.67 -30.22
C TRP A 171 39.83 48.31 -31.59
N ASP A 172 38.79 48.96 -32.11
CA ASP A 172 38.85 49.56 -33.44
C ASP A 172 39.85 50.71 -33.46
N ILE A 173 39.75 51.61 -32.48
CA ILE A 173 40.53 52.85 -32.51
C ILE A 173 42.02 52.54 -32.49
N ILE A 174 42.44 51.65 -31.59
CA ILE A 174 43.87 51.33 -31.47
C ILE A 174 44.35 50.59 -32.72
N TYR A 175 43.50 49.72 -33.28
CA TYR A 175 43.87 49.03 -34.52
C TYR A 175 44.07 50.02 -35.66
N LYS A 176 43.20 51.01 -35.78
CA LYS A 176 43.38 52.04 -36.79
C LYS A 176 44.56 52.93 -36.47
N ALA A 177 44.78 53.23 -35.18
CA ALA A 177 45.88 54.10 -34.80
C ALA A 177 47.23 53.43 -35.02
N ALA A 178 47.31 52.12 -34.82
CA ALA A 178 48.54 51.37 -35.00
C ALA A 178 48.76 50.91 -36.44
N GLY A 179 48.14 51.58 -37.39
CA GLY A 179 48.28 51.21 -38.80
C GLY A 179 47.18 50.24 -39.22
N GLU A 180 47.59 49.03 -39.62
CA GLU A 180 46.65 47.98 -40.02
C GLU A 180 47.26 46.63 -39.63
N LYS A 181 46.88 46.13 -38.46
CA LYS A 181 47.32 44.84 -37.96
C LYS A 181 46.10 43.93 -37.85
N GLU A 182 46.08 42.84 -38.62
CA GLU A 182 45.00 41.87 -38.51
C GLU A 182 45.09 41.05 -37.23
N GLU A 183 46.25 41.03 -36.57
CA GLU A 183 46.41 40.26 -35.35
C GLU A 183 45.70 40.90 -34.17
N VAL A 184 45.81 42.22 -34.03
CA VAL A 184 45.20 42.90 -32.90
C VAL A 184 43.68 42.90 -33.01
N ARG A 185 43.15 42.87 -34.24
CA ARG A 185 41.70 42.86 -34.43
C ARG A 185 41.06 41.55 -34.02
N TYR A 186 41.84 40.49 -33.79
CA TYR A 186 41.28 39.25 -33.28
C TYR A 186 40.67 39.43 -31.90
N LEU A 187 41.25 40.32 -31.08
CA LEU A 187 40.74 40.57 -29.74
C LEU A 187 39.35 41.18 -29.74
N LEU A 188 38.88 41.69 -30.88
CA LEU A 188 37.52 42.17 -30.99
C LEU A 188 36.50 41.04 -30.82
N LEU A 189 36.93 39.79 -30.97
CA LEU A 189 36.06 38.64 -30.79
C LEU A 189 35.67 38.41 -29.33
N ILE A 190 36.30 39.12 -28.38
CA ILE A 190 35.95 38.98 -26.97
C ILE A 190 34.51 39.38 -26.74
N ARG A 191 33.97 40.28 -27.55
CA ARG A 191 32.61 40.78 -27.38
C ARG A 191 31.55 39.70 -27.59
N LEU A 192 31.91 38.54 -28.15
CA LEU A 192 30.97 37.44 -28.26
C LEU A 192 30.51 36.90 -26.91
N TYR A 193 31.22 37.24 -25.83
CA TYR A 193 30.83 36.76 -24.50
C TYR A 193 29.47 37.32 -24.11
N ARG A 194 29.22 38.60 -24.38
CA ARG A 194 28.03 39.27 -23.87
C ARG A 194 26.73 38.74 -24.45
N VAL A 195 26.78 37.69 -25.28
CA VAL A 195 25.57 36.93 -25.59
C VAL A 195 25.13 36.09 -24.40
N HIS A 196 25.99 35.96 -23.39
CA HIS A 196 25.65 35.19 -22.19
C HIS A 196 24.49 35.81 -21.43
N ARG A 197 24.26 37.11 -21.57
CA ARG A 197 23.13 37.74 -20.91
C ARG A 197 21.81 37.17 -21.42
N VAL A 198 21.71 36.95 -22.73
CA VAL A 198 20.49 36.35 -23.28
C VAL A 198 20.33 34.92 -22.80
N ILE A 199 21.44 34.18 -22.67
CA ILE A 199 21.38 32.83 -22.13
C ILE A 199 20.90 32.85 -20.68
N LEU A 200 21.43 33.78 -19.88
CA LEU A 200 20.97 33.91 -18.51
C LEU A 200 19.51 34.34 -18.42
N PHE A 201 19.08 35.21 -19.34
CA PHE A 201 17.69 35.69 -19.31
C PHE A 201 16.72 34.54 -19.55
N PHE A 202 17.06 33.61 -20.44
CA PHE A 202 16.21 32.45 -20.66
C PHE A 202 16.14 31.57 -19.42
N HIS A 203 17.26 31.44 -18.70
CA HIS A 203 17.24 30.68 -17.46
C HIS A 203 16.32 31.31 -16.42
N LYS A 204 16.32 32.64 -16.34
CA LYS A 204 15.39 33.31 -15.44
C LYS A 204 13.95 33.06 -15.84
N MET A 205 13.65 33.09 -17.14
CA MET A 205 12.32 32.74 -17.61
C MET A 205 12.00 31.27 -17.38
N GLU A 206 13.03 30.43 -17.29
CA GLU A 206 12.82 29.01 -17.01
C GLU A 206 12.29 28.80 -15.60
N LYS A 207 12.76 29.61 -14.65
CA LYS A 207 12.30 29.48 -13.27
C LYS A 207 10.85 29.91 -13.10
N ASP A 208 10.39 30.85 -13.92
CA ASP A 208 9.02 31.34 -13.81
C ASP A 208 8.03 30.23 -14.13
N ILE A 209 6.97 30.15 -13.32
CA ILE A 209 5.96 29.11 -13.50
C ILE A 209 4.91 29.49 -14.54
N ARG A 210 4.73 30.78 -14.80
CA ARG A 210 3.70 31.22 -15.74
C ARG A 210 3.96 30.64 -17.13
N ILE A 211 5.20 30.65 -17.58
CA ILE A 211 5.58 30.03 -18.84
C ILE A 211 5.84 28.55 -18.60
N ASN A 212 5.80 27.77 -19.67
CA ASN A 212 6.02 26.33 -19.57
C ASN A 212 7.50 26.05 -19.30
N TYR A 213 7.77 24.81 -18.89
CA TYR A 213 9.14 24.41 -18.56
C TYR A 213 9.93 24.06 -19.82
N LEU A 214 9.46 23.08 -20.58
CA LEU A 214 10.19 22.66 -21.78
C LEU A 214 10.11 23.71 -22.88
N PHE A 215 8.99 24.43 -22.97
CA PHE A 215 8.85 25.43 -24.03
C PHE A 215 9.87 26.54 -23.89
N THR A 216 10.14 26.97 -22.65
CA THR A 216 11.18 27.97 -22.43
C THR A 216 12.57 27.43 -22.73
N ARG A 217 12.72 26.11 -22.81
CA ARG A 217 13.99 25.49 -23.18
C ARG A 217 14.10 25.27 -24.68
N ILE A 218 12.98 25.01 -25.36
CA ILE A 218 13.00 24.81 -26.80
C ILE A 218 13.44 26.08 -27.51
N VAL A 219 12.92 27.23 -27.07
CA VAL A 219 13.26 28.50 -27.71
C VAL A 219 14.75 28.81 -27.52
N LYS A 220 15.31 28.45 -26.36
CA LYS A 220 16.72 28.67 -26.12
C LYS A 220 17.59 27.89 -27.11
N LEU A 221 17.22 26.64 -27.37
CA LEU A 221 17.98 25.83 -28.33
C LEU A 221 17.87 26.39 -29.74
N ILE A 222 16.67 26.85 -30.12
CA ILE A 222 16.49 27.41 -31.46
C ILE A 222 17.31 28.68 -31.63
N PHE A 223 17.29 29.56 -30.63
CA PHE A 223 18.06 30.80 -30.70
C PHE A 223 19.56 30.52 -30.75
N VAL A 224 20.03 29.56 -29.94
CA VAL A 224 21.45 29.20 -29.95
C VAL A 224 21.83 28.64 -31.31
N GLU A 225 21.00 27.76 -31.87
CA GLU A 225 21.28 27.20 -33.18
C GLU A 225 21.25 28.27 -34.26
N LEU A 226 20.29 29.21 -34.17
CA LEU A 226 20.21 30.29 -35.14
C LEU A 226 21.42 31.21 -35.03
N TYR A 227 21.85 31.50 -33.80
CA TYR A 227 23.00 32.38 -33.61
C TYR A 227 24.27 31.78 -34.19
N CYS A 228 24.45 30.47 -34.04
CA CYS A 228 25.67 29.82 -34.51
C CYS A 228 25.83 29.97 -36.02
N THR A 229 24.72 29.82 -36.76
CA THR A 229 24.79 29.98 -38.21
C THR A 229 25.17 31.41 -38.59
N HIS A 230 24.63 32.40 -37.87
CA HIS A 230 24.97 33.78 -38.16
C HIS A 230 26.46 34.04 -37.92
N THR A 231 27.00 33.50 -36.83
CA THR A 231 28.44 33.63 -36.58
C THR A 231 29.24 32.85 -37.62
N ALA A 232 28.79 31.66 -37.99
CA ALA A 232 29.50 30.87 -38.98
C ALA A 232 29.50 31.56 -40.35
N ALA A 233 28.37 32.16 -40.72
CA ALA A 233 28.30 32.86 -42.00
C ALA A 233 29.25 34.04 -42.05
N CYS A 234 29.33 34.80 -40.95
CA CYS A 234 30.23 35.95 -40.91
C CYS A 234 31.69 35.51 -40.98
N ILE A 235 32.04 34.43 -40.27
CA ILE A 235 33.41 33.93 -40.31
C ILE A 235 33.74 33.35 -41.68
N PHE A 236 32.77 32.67 -42.30
CA PHE A 236 33.03 32.00 -43.58
C PHE A 236 33.42 33.01 -44.65
N TYR A 237 32.85 34.21 -44.63
CA TYR A 237 33.26 35.24 -45.57
C TYR A 237 34.65 35.76 -45.25
N TYR A 238 35.03 35.80 -43.98
CA TYR A 238 36.36 36.26 -43.60
C TYR A 238 37.45 35.34 -44.16
N LEU A 239 37.20 34.03 -44.14
CA LEU A 239 38.15 33.09 -44.72
C LEU A 239 38.31 33.30 -46.23
N ALA A 240 37.32 33.90 -46.89
CA ALA A 240 37.43 34.18 -48.31
C ALA A 240 38.33 35.38 -48.58
N THR A 241 38.34 36.38 -47.70
CA THR A 241 39.13 37.58 -47.90
C THR A 241 40.49 37.51 -47.25
N THR A 242 40.84 36.39 -46.62
CA THR A 242 42.17 36.23 -46.04
C THR A 242 43.24 36.03 -47.10
N LEU A 243 42.86 35.83 -48.37
CA LEU A 243 43.73 35.67 -49.52
C LEU A 243 43.83 36.97 -50.30
N PRO A 244 44.97 37.21 -50.95
CA PRO A 244 45.10 38.43 -51.77
C PRO A 244 44.10 38.42 -52.92
N ALA A 245 43.70 39.63 -53.33
CA ALA A 245 42.68 39.77 -54.37
C ALA A 245 43.16 39.25 -55.72
N SER A 246 44.47 39.10 -55.92
CA SER A 246 44.97 38.63 -57.21
C SER A 246 44.54 37.19 -57.48
N GLN A 247 44.51 36.36 -56.43
CA GLN A 247 44.15 34.95 -56.55
C GLN A 247 42.80 34.67 -55.90
N GLU A 248 41.85 35.58 -56.07
CA GLU A 248 40.52 35.40 -55.51
C GLU A 248 39.73 34.30 -56.18
N GLY A 249 40.18 33.80 -57.33
CA GLY A 249 39.47 32.75 -58.04
C GLY A 249 39.45 31.41 -57.33
N TYR A 250 40.32 31.21 -56.34
CA TYR A 250 40.39 29.96 -55.60
CA TYR A 250 40.38 29.95 -55.60
C TYR A 250 39.44 29.93 -54.41
N THR A 251 38.78 31.05 -54.11
CA THR A 251 37.87 31.12 -52.98
C THR A 251 36.51 30.54 -53.35
N TRP A 252 35.64 30.41 -52.33
CA TRP A 252 34.31 29.86 -52.54
C TRP A 252 33.33 30.86 -53.15
N ILE A 253 33.65 32.15 -53.13
CA ILE A 253 32.73 33.17 -53.61
C ILE A 253 33.35 33.88 -54.81
N GLY A 254 34.68 33.94 -54.85
CA GLY A 254 35.36 34.57 -55.97
C GLY A 254 35.09 33.90 -57.29
N SER A 255 34.91 32.58 -57.29
CA SER A 255 34.61 31.83 -58.50
C SER A 255 33.13 31.49 -58.64
N LEU A 256 32.27 32.13 -57.83
CA LEU A 256 30.85 31.80 -57.86
C LEU A 256 30.19 32.36 -59.12
N LYS A 257 29.20 31.62 -59.62
CA LYS A 257 28.38 32.08 -60.74
C LYS A 257 27.05 31.35 -60.63
N LEU A 258 26.00 32.08 -60.26
CA LEU A 258 24.70 31.48 -60.00
C LEU A 258 23.81 31.52 -61.25
N GLY A 259 23.52 32.73 -61.74
CA GLY A 259 22.81 32.89 -62.99
C GLY A 259 23.67 33.58 -64.02
N ASP A 260 23.45 34.88 -64.20
CA ASP A 260 24.34 35.71 -64.99
C ASP A 260 25.22 36.61 -64.12
N TYR A 261 24.94 36.69 -62.82
CA TYR A 261 25.81 37.43 -61.92
C TYR A 261 27.13 36.68 -61.76
N SER A 262 28.23 37.42 -61.82
CA SER A 262 29.55 36.82 -61.93
C SER A 262 30.35 36.80 -60.64
N TYR A 263 30.07 37.72 -59.71
CA TYR A 263 30.88 37.86 -58.49
C TYR A 263 32.36 38.03 -58.85
N SER A 264 32.61 38.77 -59.93
CA SER A 264 33.96 38.84 -60.48
C SER A 264 34.93 39.51 -59.53
N LYS A 265 34.52 40.60 -58.90
CA LYS A 265 35.41 41.34 -58.02
C LYS A 265 35.39 40.81 -56.59
N PHE A 266 34.24 40.32 -56.13
CA PHE A 266 34.07 39.70 -54.82
C PHE A 266 34.22 40.75 -53.72
N ARG A 267 34.61 41.97 -54.09
CA ARG A 267 34.75 43.07 -53.15
C ARG A 267 34.03 44.29 -53.70
N GLU A 268 33.87 45.30 -52.83
CA GLU A 268 33.13 46.54 -53.08
C GLU A 268 31.87 46.30 -53.90
N ILE A 269 31.15 45.22 -53.61
CA ILE A 269 29.86 45.00 -54.25
C ILE A 269 28.76 45.74 -53.52
N ASP A 270 28.52 45.37 -52.26
CA ASP A 270 27.64 46.05 -51.33
C ASP A 270 27.70 45.27 -50.02
N LEU A 271 27.01 45.80 -49.01
CA LEU A 271 26.94 45.08 -47.74
C LEU A 271 25.93 43.94 -47.77
N TRP A 272 24.82 44.11 -48.49
CA TRP A 272 23.69 43.21 -48.34
C TRP A 272 23.80 41.99 -49.24
N THR A 273 23.95 42.19 -50.56
CA THR A 273 24.07 41.05 -51.46
C THR A 273 25.34 40.25 -51.20
N ARG A 274 26.34 40.86 -50.57
CA ARG A 274 27.51 40.12 -50.12
C ARG A 274 27.21 39.31 -48.85
N TYR A 275 26.27 39.78 -48.04
CA TYR A 275 25.92 39.10 -46.79
C TYR A 275 24.87 38.02 -47.00
N THR A 276 23.79 38.34 -47.71
CA THR A 276 22.70 37.38 -47.87
C THR A 276 23.16 36.14 -48.66
N THR A 277 24.19 36.28 -49.49
CA THR A 277 24.72 35.11 -50.18
C THR A 277 25.57 34.24 -49.25
N SER A 278 26.23 34.85 -48.27
CA SER A 278 27.01 34.06 -47.31
C SER A 278 26.12 33.40 -46.28
N MET A 279 25.08 34.10 -45.81
CA MET A 279 24.17 33.52 -44.83
C MET A 279 23.29 32.43 -45.45
N TYR A 280 22.91 32.60 -46.72
CA TYR A 280 22.13 31.57 -47.40
C TYR A 280 22.92 30.27 -47.50
N PHE A 281 24.23 30.37 -47.74
CA PHE A 281 25.07 29.18 -47.76
C PHE A 281 25.17 28.53 -46.38
N ALA A 282 25.24 29.35 -45.33
CA ALA A 282 25.39 28.80 -43.98
C ALA A 282 24.10 28.14 -43.50
N VAL A 283 22.94 28.76 -43.78
CA VAL A 283 21.68 28.19 -43.32
C VAL A 283 21.37 26.90 -44.06
N VAL A 284 21.75 26.81 -45.34
CA VAL A 284 21.54 25.57 -46.09
C VAL A 284 22.37 24.45 -45.48
N THR A 285 23.63 24.73 -45.12
CA THR A 285 24.48 23.72 -44.53
C THR A 285 23.95 23.28 -43.16
N MET A 286 23.43 24.24 -42.37
CA MET A 286 22.95 23.91 -41.03
C MET A 286 21.79 22.93 -41.08
N ALA A 287 20.86 23.13 -42.00
CA ALA A 287 19.69 22.25 -42.13
C ALA A 287 20.01 20.96 -42.87
N THR A 288 21.29 20.72 -43.20
CA THR A 288 21.72 19.50 -43.89
C THR A 288 21.00 19.32 -45.22
N VAL A 289 20.82 20.41 -45.95
CA VAL A 289 20.21 20.36 -47.28
C VAL A 289 21.27 20.15 -48.35
N GLY A 290 22.25 21.04 -48.41
CA GLY A 290 23.36 20.89 -49.34
C GLY A 290 22.97 20.95 -50.80
N TYR A 291 22.55 22.12 -51.26
CA TYR A 291 22.17 22.26 -52.66
C TYR A 291 23.35 22.00 -53.59
N GLY A 292 24.51 22.56 -53.27
CA GLY A 292 25.66 22.50 -54.15
C GLY A 292 25.94 23.78 -54.90
N ASP A 293 25.17 24.85 -54.65
CA ASP A 293 25.48 26.15 -55.25
C ASP A 293 26.84 26.64 -54.79
N ILE A 294 27.09 26.59 -53.49
CA ILE A 294 28.30 27.12 -52.88
C ILE A 294 28.95 25.99 -52.08
N HIS A 295 30.23 25.78 -52.30
CA HIS A 295 30.98 24.76 -51.59
C HIS A 295 32.39 25.26 -51.31
N ALA A 296 33.00 24.69 -50.27
CA ALA A 296 34.37 25.06 -49.93
C ALA A 296 35.32 24.65 -51.05
N VAL A 297 36.26 25.55 -51.37
CA VAL A 297 37.19 25.31 -52.46
C VAL A 297 38.61 25.30 -51.92
N ASN A 298 38.85 26.04 -50.85
CA ASN A 298 40.17 26.15 -50.26
C ASN A 298 40.41 25.06 -49.24
N MET A 299 41.68 24.83 -48.93
CA MET A 299 42.02 23.91 -47.86
C MET A 299 41.56 24.44 -46.51
N ARG A 300 41.69 25.76 -46.30
CA ARG A 300 41.27 26.35 -45.03
C ARG A 300 39.75 26.38 -44.91
N GLU A 301 39.04 26.55 -46.03
CA GLU A 301 37.58 26.56 -45.96
C GLU A 301 37.04 25.14 -45.79
N MET A 302 37.78 24.13 -46.25
CA MET A 302 37.39 22.75 -45.97
C MET A 302 37.49 22.44 -44.48
N ILE A 303 38.58 22.88 -43.84
CA ILE A 303 38.79 22.55 -42.44
C ILE A 303 37.69 23.14 -41.57
N PHE A 304 37.31 24.38 -41.85
CA PHE A 304 36.17 24.98 -41.15
C PHE A 304 34.87 24.29 -41.56
N ALA A 305 34.83 23.63 -42.72
CA ALA A 305 33.58 23.03 -43.18
C ALA A 305 33.20 21.84 -42.31
N MET A 306 34.14 20.93 -42.04
CA MET A 306 33.79 19.74 -41.26
C MET A 306 33.63 20.07 -39.79
N VAL A 307 34.37 21.07 -39.30
CA VAL A 307 34.23 21.52 -37.92
C VAL A 307 32.83 22.05 -37.66
N TYR A 308 32.34 22.90 -38.56
CA TYR A 308 30.99 23.43 -38.40
C TYR A 308 29.94 22.36 -38.61
N ILE A 309 30.13 21.51 -39.62
CA ILE A 309 29.15 20.47 -39.92
C ILE A 309 29.06 19.46 -38.79
N SER A 310 30.21 19.00 -38.29
CA SER A 310 30.20 17.98 -37.23
C SER A 310 29.55 18.50 -35.97
N PHE A 311 29.84 19.75 -35.59
CA PHE A 311 29.25 20.32 -34.39
C PHE A 311 27.73 20.44 -34.52
N ASP A 312 27.25 20.89 -35.68
CA ASP A 312 25.82 21.08 -35.88
C ASP A 312 25.06 19.76 -35.84
N MET A 313 25.71 18.65 -36.18
CA MET A 313 25.04 17.34 -36.09
C MET A 313 24.64 17.02 -34.66
N ILE A 314 25.52 17.33 -33.71
CA ILE A 314 25.19 17.13 -32.29
C ILE A 314 24.05 18.06 -31.88
N LEU A 315 24.17 19.34 -32.23
CA LEU A 315 23.14 20.30 -31.87
C LEU A 315 21.82 20.00 -32.57
N GLY A 316 21.88 19.58 -33.84
CA GLY A 316 20.66 19.23 -34.55
C GLY A 316 19.93 18.06 -33.93
N ALA A 317 20.68 17.06 -33.48
CA ALA A 317 20.07 15.92 -32.78
C ALA A 317 19.69 16.26 -31.35
N TYR A 318 20.24 17.34 -30.79
CA TYR A 318 19.88 17.75 -29.43
C TYR A 318 18.51 18.42 -29.41
N LEU A 319 18.18 19.18 -30.47
CA LEU A 319 16.87 19.82 -30.53
C LEU A 319 15.75 18.80 -30.56
N ILE A 320 15.96 17.69 -31.29
CA ILE A 320 14.94 16.65 -31.36
C ILE A 320 14.70 16.04 -29.98
N GLY A 321 15.78 15.76 -29.25
CA GLY A 321 15.64 15.13 -27.94
C GLY A 321 14.91 15.99 -26.94
N ASN A 322 15.18 17.30 -26.94
CA ASN A 322 14.49 18.20 -26.03
C ASN A 322 13.00 18.27 -26.35
N MET A 323 12.65 18.34 -27.63
CA MET A 323 11.29 18.63 -28.04
C MET A 323 10.39 17.40 -28.02
N THR A 324 10.95 16.18 -28.13
CA THR A 324 10.12 15.00 -27.95
C THR A 324 9.73 14.83 -26.50
N ALA A 325 10.58 15.27 -25.58
CA ALA A 325 10.23 15.26 -24.16
C ALA A 325 9.05 16.17 -23.86
N LEU A 326 8.84 17.19 -24.71
CA LEU A 326 7.68 18.05 -24.54
C LEU A 326 6.39 17.33 -24.94
N ILE A 327 6.50 16.29 -25.75
CA ILE A 327 5.34 15.55 -26.23
C ILE A 327 5.12 14.31 -25.37
N VAL A 328 6.21 13.78 -24.79
CA VAL A 328 6.07 12.60 -23.94
C VAL A 328 5.25 12.91 -22.70
N LYS A 329 5.22 14.19 -22.29
CA LYS A 329 4.33 14.59 -21.22
C LYS A 329 2.88 14.51 -21.71
N GLY A 330 2.04 13.81 -20.96
CA GLY A 330 0.68 13.53 -21.40
C GLY A 330 -0.16 14.77 -21.66
N SER A 331 -0.69 14.87 -22.87
CA SER A 331 -1.58 15.96 -23.21
C SER A 331 -2.95 15.74 -22.57
N LYS A 332 -3.74 16.82 -22.54
CA LYS A 332 -5.07 16.73 -21.94
C LYS A 332 -5.95 15.74 -22.68
N THR A 333 -5.90 15.75 -24.01
CA THR A 333 -6.68 14.79 -24.79
C THR A 333 -6.01 13.43 -24.86
N GLU A 334 -4.69 13.38 -24.68
CA GLU A 334 -3.98 12.10 -24.72
C GLU A 334 -4.37 11.22 -23.54
N ARG A 335 -4.50 11.80 -22.36
CA ARG A 335 -4.92 11.02 -21.20
C ARG A 335 -6.41 10.72 -21.23
N PHE A 336 -7.20 11.60 -21.87
CA PHE A 336 -8.64 11.38 -21.95
C PHE A 336 -8.97 10.14 -22.78
N ARG A 337 -8.29 9.95 -23.91
CA ARG A 337 -8.55 8.77 -24.73
C ARG A 337 -8.16 7.49 -24.00
N ASP A 338 -7.02 7.50 -23.30
CA ASP A 338 -6.58 6.32 -22.58
C ASP A 338 -7.51 5.98 -21.43
N LYS A 339 -8.11 6.99 -20.80
CA LYS A 339 -8.98 6.73 -19.66
C LYS A 339 -10.29 6.08 -20.09
N MET A 340 -10.85 6.52 -21.22
CA MET A 340 -12.07 5.88 -21.73
C MET A 340 -11.78 4.46 -22.18
N ALA A 341 -10.59 4.21 -22.73
CA ALA A 341 -10.24 2.87 -23.18
C ALA A 341 -10.22 1.88 -22.02
N ASP A 342 -9.72 2.31 -20.86
CA ASP A 342 -9.67 1.41 -19.70
C ASP A 342 -11.06 1.08 -19.19
N ILE A 343 -11.92 2.09 -19.04
CA ILE A 343 -13.26 1.85 -18.50
C ILE A 343 -14.12 1.11 -19.52
N MET A 344 -13.95 1.41 -20.81
CA MET A 344 -14.77 0.78 -21.84
C MET A 344 -14.64 -0.73 -21.81
N ARG A 345 -13.41 -1.25 -21.69
CA ARG A 345 -13.22 -2.69 -21.67
C ARG A 345 -13.82 -3.31 -20.40
N TYR A 346 -13.82 -2.58 -19.29
CA TYR A 346 -14.49 -3.05 -18.09
C TYR A 346 -16.00 -2.88 -18.19
N MET A 347 -16.45 -1.80 -18.83
CA MET A 347 -17.86 -1.43 -18.77
C MET A 347 -18.72 -2.33 -19.66
N ASN A 348 -18.22 -2.68 -20.84
CA ASN A 348 -18.98 -3.58 -21.71
C ASN A 348 -18.74 -5.05 -21.38
N ARG A 349 -17.73 -5.36 -20.58
CA ARG A 349 -17.47 -6.74 -20.18
C ARG A 349 -18.61 -7.28 -19.32
N ASN A 350 -19.15 -6.46 -18.43
CA ASN A 350 -20.24 -6.86 -17.56
C ASN A 350 -21.61 -6.69 -18.21
N LYS A 351 -21.66 -6.19 -19.45
CA LYS A 351 -22.90 -6.01 -20.20
C LYS A 351 -23.88 -5.11 -19.45
N LEU A 352 -23.44 -3.87 -19.21
CA LEU A 352 -24.28 -2.89 -18.55
C LEU A 352 -25.36 -2.38 -19.51
N GLY A 353 -26.45 -1.89 -18.93
CA GLY A 353 -27.57 -1.43 -19.74
C GLY A 353 -27.23 -0.16 -20.51
N ARG A 354 -27.99 0.05 -21.59
CA ARG A 354 -27.74 1.19 -22.46
C ARG A 354 -28.09 2.51 -21.79
N ASN A 355 -29.06 2.49 -20.86
CA ASN A 355 -29.44 3.73 -20.18
C ASN A 355 -28.29 4.32 -19.38
N ILE A 356 -27.54 3.46 -18.67
CA ILE A 356 -26.39 3.94 -17.89
C ILE A 356 -25.20 4.30 -18.77
N ARG A 357 -25.21 3.92 -20.05
CA ARG A 357 -24.07 4.21 -20.91
C ARG A 357 -23.91 5.71 -21.14
N GLY A 358 -25.03 6.42 -21.36
CA GLY A 358 -24.94 7.85 -21.58
C GLY A 358 -24.47 8.62 -20.35
N GLN A 359 -24.84 8.15 -19.16
CA GLN A 359 -24.51 8.87 -17.94
C GLN A 359 -23.00 8.91 -17.71
N ILE A 360 -22.31 7.80 -17.94
CA ILE A 360 -20.90 7.70 -17.59
C ILE A 360 -20.05 8.44 -18.60
N THR A 361 -20.24 8.16 -19.90
CA THR A 361 -19.40 8.76 -20.92
C THR A 361 -19.56 10.28 -20.96
N GLY A 362 -20.80 10.76 -20.86
CA GLY A 362 -21.01 12.20 -20.84
C GLY A 362 -20.40 12.86 -19.62
N HIS A 363 -20.47 12.20 -18.47
CA HIS A 363 -19.89 12.76 -17.25
C HIS A 363 -18.38 12.87 -17.35
N LEU A 364 -17.73 11.85 -17.91
CA LEU A 364 -16.28 11.88 -18.05
C LEU A 364 -15.85 12.99 -19.02
N ARG A 365 -16.61 13.17 -20.10
CA ARG A 365 -16.30 14.25 -21.04
C ARG A 365 -16.37 15.61 -20.38
N LEU A 366 -17.24 15.77 -19.38
CA LEU A 366 -17.33 17.04 -18.65
C LEU A 366 -15.99 17.39 -18.00
N GLN A 367 -15.31 16.40 -17.42
CA GLN A 367 -14.02 16.66 -16.79
C GLN A 367 -12.99 17.15 -17.81
N TYR A 368 -12.95 16.52 -18.99
CA TYR A 368 -12.00 16.92 -20.02
C TYR A 368 -12.42 18.23 -20.67
N GLU A 369 -13.71 18.37 -21.00
CA GLU A 369 -14.17 19.56 -21.72
C GLU A 369 -14.01 20.81 -20.87
N SER A 370 -14.39 20.74 -19.59
CA SER A 370 -14.25 21.87 -18.69
C SER A 370 -12.86 21.98 -18.09
N SER A 371 -11.98 21.02 -18.34
CA SER A 371 -10.60 21.00 -17.83
C SER A 371 -10.68 21.08 -16.29
N TYR A 372 -9.76 21.80 -15.66
CA TYR A 372 -9.74 21.99 -14.20
C TYR A 372 -9.70 20.61 -13.54
N THR A 373 -10.52 20.34 -12.53
CA THR A 373 -10.64 19.07 -11.82
C THR A 373 -9.42 18.71 -11.00
N GLU A 374 -8.35 19.51 -11.07
CA GLU A 374 -7.12 19.28 -10.30
C GLU A 374 -6.61 17.85 -10.49
N ALA A 375 -6.54 17.43 -11.75
CA ALA A 375 -6.11 16.07 -12.12
C ALA A 375 -7.05 15.07 -11.44
N ALA A 376 -6.54 13.95 -10.92
CA ALA A 376 -7.37 12.97 -10.25
C ALA A 376 -7.06 12.87 -8.76
N VAL A 377 -5.80 12.60 -8.40
CA VAL A 377 -5.41 12.53 -7.00
C VAL A 377 -5.08 13.89 -6.41
N LEU A 378 -4.95 14.93 -7.25
CA LEU A 378 -4.71 16.31 -6.83
C LEU A 378 -3.27 16.49 -6.34
N GLN A 379 -2.56 15.37 -6.20
CA GLN A 379 -1.19 15.18 -5.71
C GLN A 379 -1.19 14.17 -4.57
N ASP A 380 -2.11 14.35 -3.61
CA ASP A 380 -2.24 13.57 -2.38
C ASP A 380 -1.05 13.74 -1.45
N ILE A 381 -0.07 14.54 -1.82
CA ILE A 381 1.10 14.83 -0.98
C ILE A 381 0.74 15.83 0.12
N PRO A 382 -0.14 16.84 -0.11
CA PRO A 382 -0.53 17.73 0.98
C PRO A 382 -0.90 17.02 2.29
N VAL A 383 -0.42 17.58 3.40
CA VAL A 383 -0.67 17.07 4.74
C VAL A 383 -2.13 17.32 5.10
N SER A 384 -2.56 16.79 6.25
CA SER A 384 -3.95 16.88 6.69
C SER A 384 -4.40 18.32 6.91
N ILE A 385 -3.54 19.29 6.58
CA ILE A 385 -3.86 20.71 6.63
C ILE A 385 -4.93 21.06 5.60
N ARG A 386 -5.40 20.07 4.85
CA ARG A 386 -6.47 20.31 3.88
C ARG A 386 -7.73 20.86 4.54
N ALA A 387 -7.89 20.64 5.85
CA ALA A 387 -9.00 21.26 6.58
C ALA A 387 -8.94 22.78 6.48
N LYS A 388 -7.73 23.35 6.51
CA LYS A 388 -7.59 24.79 6.35
C LYS A 388 -8.06 25.23 4.96
N ILE A 389 -7.71 24.47 3.93
CA ILE A 389 -8.19 24.80 2.58
C ILE A 389 -9.69 24.58 2.48
N ALA A 390 -10.22 23.55 3.14
CA ALA A 390 -11.65 23.27 3.08
C ALA A 390 -12.46 24.43 3.62
N GLN A 391 -12.01 25.02 4.73
CA GLN A 391 -12.70 26.17 5.31
C GLN A 391 -12.53 27.44 4.48
N THR A 392 -11.58 27.46 3.54
CA THR A 392 -11.36 28.67 2.74
C THR A 392 -12.43 28.83 1.66
N LEU A 393 -12.84 27.74 1.03
CA LEU A 393 -13.77 27.79 -0.10
C LEU A 393 -15.18 27.35 0.25
N TYR A 394 -15.33 26.24 0.98
CA TYR A 394 -16.66 25.69 1.22
C TYR A 394 -17.42 26.42 2.32
N LEU A 395 -16.74 27.22 3.14
CA LEU A 395 -17.41 27.90 4.25
C LEU A 395 -18.48 28.88 3.80
N PRO A 396 -18.25 29.78 2.84
CA PRO A 396 -19.32 30.74 2.47
C PRO A 396 -20.60 30.08 2.00
N TYR A 397 -20.53 28.95 1.30
CA TYR A 397 -21.74 28.29 0.84
C TYR A 397 -22.45 27.55 1.96
N ILE A 398 -21.75 27.22 3.04
CA ILE A 398 -22.35 26.43 4.11
C ILE A 398 -23.22 27.31 5.00
N GLU A 399 -22.69 28.45 5.44
CA GLU A 399 -23.43 29.31 6.35
C GLU A 399 -24.66 29.93 5.69
N LYS A 400 -24.74 29.95 4.36
CA LYS A 400 -25.84 30.59 3.68
C LYS A 400 -27.08 29.72 3.58
N VAL A 401 -27.00 28.44 3.92
CA VAL A 401 -28.17 27.57 3.81
C VAL A 401 -29.18 27.94 4.89
N PRO A 402 -30.48 27.84 4.62
CA PRO A 402 -31.48 28.21 5.65
C PRO A 402 -31.51 27.25 6.82
N LEU A 403 -31.16 25.98 6.62
CA LEU A 403 -31.30 24.99 7.68
C LEU A 403 -30.34 25.24 8.83
N PHE A 404 -29.12 25.68 8.52
CA PHE A 404 -28.09 25.94 9.53
C PHE A 404 -28.19 27.33 10.12
N ARG A 405 -29.34 27.99 10.01
CA ARG A 405 -29.48 29.34 10.55
C ARG A 405 -29.53 29.29 12.07
N GLY A 406 -28.61 30.02 12.71
CA GLY A 406 -28.54 30.07 14.15
C GLY A 406 -27.64 29.03 14.79
N CYS A 407 -27.06 28.13 14.01
CA CYS A 407 -26.17 27.12 14.58
C CYS A 407 -24.84 27.75 14.99
N SER A 408 -24.20 27.12 15.97
CA SER A 408 -22.92 27.62 16.46
C SER A 408 -21.85 27.49 15.38
N SER A 409 -20.92 28.46 15.38
CA SER A 409 -19.88 28.49 14.36
C SER A 409 -18.96 27.27 14.47
N GLU A 410 -18.65 26.84 15.71
CA GLU A 410 -17.76 25.70 15.89
C GLU A 410 -18.38 24.43 15.31
N PHE A 411 -19.69 24.25 15.47
CA PHE A 411 -20.36 23.09 14.89
C PHE A 411 -20.25 23.09 13.38
N ILE A 412 -20.37 24.27 12.76
CA ILE A 412 -20.18 24.37 11.32
C ILE A 412 -18.72 24.10 10.95
N ASN A 413 -17.79 24.61 11.77
CA ASN A 413 -16.37 24.41 11.48
C ASN A 413 -15.96 22.94 11.49
N GLN A 414 -16.77 22.07 12.11
CA GLN A 414 -16.48 20.64 12.12
C GLN A 414 -17.12 19.91 10.95
N ILE A 415 -18.27 20.38 10.47
CA ILE A 415 -18.97 19.70 9.37
C ILE A 415 -18.36 20.04 8.01
N VAL A 416 -17.62 21.14 7.90
CA VAL A 416 -17.09 21.55 6.61
C VAL A 416 -15.99 20.60 6.14
N ILE A 417 -15.14 20.15 7.07
CA ILE A 417 -13.95 19.38 6.71
C ILE A 417 -14.27 18.03 6.09
N ARG A 418 -15.54 17.62 6.09
CA ARG A 418 -15.93 16.31 5.56
C ARG A 418 -16.73 16.42 4.27
N LEU A 419 -16.72 17.59 3.62
CA LEU A 419 -17.48 17.78 2.39
C LEU A 419 -16.70 17.24 1.19
N HIS A 420 -17.40 17.18 0.06
CA HIS A 420 -16.80 16.73 -1.20
C HIS A 420 -17.40 17.54 -2.35
N GLU A 421 -16.65 17.60 -3.44
CA GLU A 421 -17.01 18.38 -4.61
C GLU A 421 -17.43 17.45 -5.74
N GLU A 422 -18.65 17.65 -6.26
CA GLU A 422 -19.16 16.85 -7.36
C GLU A 422 -19.89 17.75 -8.34
N PHE A 423 -19.95 17.29 -9.59
CA PHE A 423 -20.68 17.96 -10.65
C PHE A 423 -21.74 17.03 -11.22
N PHE A 424 -22.77 17.61 -11.82
CA PHE A 424 -23.85 16.84 -12.43
C PHE A 424 -24.31 17.54 -13.70
N LEU A 425 -24.33 16.80 -14.81
CA LEU A 425 -24.78 17.32 -16.09
C LEU A 425 -26.31 17.45 -16.10
N PRO A 426 -26.84 18.39 -16.90
CA PRO A 426 -28.29 18.54 -16.97
C PRO A 426 -28.98 17.28 -17.49
N GLY A 427 -30.17 17.03 -16.99
CA GLY A 427 -30.95 15.88 -17.38
C GLY A 427 -30.76 14.64 -16.54
N GLU A 428 -29.77 14.63 -15.65
CA GLU A 428 -29.53 13.47 -14.81
C GLU A 428 -30.51 13.45 -13.63
N VAL A 429 -30.62 12.28 -13.01
CA VAL A 429 -31.46 12.07 -11.84
C VAL A 429 -30.57 11.64 -10.69
N ILE A 430 -30.64 12.38 -9.58
CA ILE A 430 -29.80 12.10 -8.42
C ILE A 430 -30.50 11.13 -7.47
N MET A 431 -31.75 11.40 -7.12
CA MET A 431 -32.52 10.58 -6.21
C MET A 431 -33.84 10.19 -6.87
N GLU A 432 -34.15 8.90 -6.84
CA GLU A 432 -35.33 8.39 -7.52
C GLU A 432 -36.57 8.58 -6.66
N GLN A 433 -37.67 7.94 -7.05
CA GLN A 433 -38.94 8.04 -6.34
C GLN A 433 -39.04 6.94 -5.30
N GLY A 434 -39.35 7.33 -4.06
CA GLY A 434 -39.54 6.36 -2.99
C GLY A 434 -38.30 5.56 -2.66
N SER A 435 -37.14 6.19 -2.68
CA SER A 435 -35.88 5.52 -2.38
C SER A 435 -35.21 6.20 -1.19
N VAL A 436 -34.71 5.39 -0.25
CA VAL A 436 -33.99 5.93 0.89
C VAL A 436 -32.70 6.58 0.42
N VAL A 437 -32.19 7.51 1.21
CA VAL A 437 -31.02 8.30 0.87
C VAL A 437 -29.92 8.03 1.88
N ASP A 438 -28.67 8.00 1.41
CA ASP A 438 -27.52 7.78 2.26
C ASP A 438 -26.55 8.96 2.24
N GLN A 439 -26.98 10.10 1.72
CA GLN A 439 -26.12 11.26 1.58
C GLN A 439 -26.90 12.53 1.87
N LEU A 440 -26.17 13.62 2.08
CA LEU A 440 -26.74 14.94 2.24
C LEU A 440 -26.08 15.89 1.23
N TYR A 441 -26.91 16.62 0.48
CA TYR A 441 -26.43 17.45 -0.62
C TYR A 441 -26.74 18.90 -0.36
N PHE A 442 -25.73 19.77 -0.55
CA PHE A 442 -25.90 21.21 -0.51
C PHE A 442 -25.63 21.77 -1.91
N VAL A 443 -26.58 22.55 -2.42
CA VAL A 443 -26.44 23.15 -3.74
C VAL A 443 -25.57 24.40 -3.63
N CYS A 444 -24.50 24.45 -4.42
CA CYS A 444 -23.59 25.59 -4.44
C CYS A 444 -23.77 26.46 -5.67
N HIS A 445 -23.81 25.85 -6.86
CA HIS A 445 -24.00 26.59 -8.10
C HIS A 445 -24.96 25.79 -8.97
N GLY A 446 -25.71 26.50 -9.82
CA GLY A 446 -26.65 25.85 -10.71
C GLY A 446 -28.04 25.76 -10.12
N VAL A 447 -28.96 25.25 -10.94
CA VAL A 447 -30.36 25.13 -10.59
C VAL A 447 -30.77 23.67 -10.66
N LEU A 448 -31.35 23.16 -9.58
CA LEU A 448 -31.90 21.82 -9.53
C LEU A 448 -33.42 21.90 -9.47
N GLU A 449 -34.08 20.92 -10.07
CA GLU A 449 -35.53 20.91 -10.19
C GLU A 449 -36.08 19.65 -9.54
N GLU A 450 -37.13 19.81 -8.73
CA GLU A 450 -37.75 18.71 -8.02
C GLU A 450 -39.02 18.29 -8.72
N ILE A 451 -39.27 16.98 -8.74
CA ILE A 451 -40.47 16.45 -9.36
C ILE A 451 -41.17 15.47 -8.41
N GLU A 460 -45.35 16.09 -13.46
CA GLU A 460 -45.26 17.54 -13.40
C GLU A 460 -44.29 18.00 -12.33
N ILE A 461 -43.71 19.18 -12.51
CA ILE A 461 -42.76 19.72 -11.55
C ILE A 461 -43.50 20.22 -10.30
N VAL A 462 -42.75 20.42 -9.23
CA VAL A 462 -43.28 20.89 -7.95
C VAL A 462 -42.60 22.17 -7.49
N ALA A 463 -41.27 22.21 -7.59
CA ALA A 463 -40.50 23.36 -7.10
C ALA A 463 -39.14 23.37 -7.77
N VAL A 464 -38.47 24.51 -7.68
CA VAL A 464 -37.14 24.70 -8.22
C VAL A 464 -36.21 25.08 -7.08
N LEU A 465 -35.05 24.42 -7.00
CA LEU A 465 -34.09 24.63 -5.93
C LEU A 465 -33.02 25.60 -6.41
N GLN A 466 -33.11 26.85 -5.98
CA GLN A 466 -32.07 27.83 -6.25
C GLN A 466 -30.84 27.51 -5.41
N PRO A 467 -29.68 28.07 -5.78
CA PRO A 467 -28.48 27.86 -4.96
C PRO A 467 -28.67 28.33 -3.52
N ASP A 468 -27.71 27.95 -2.68
CA ASP A 468 -27.77 28.17 -1.23
C ASP A 468 -28.99 27.48 -0.64
N HIS A 469 -29.24 26.24 -1.07
CA HIS A 469 -30.29 25.40 -0.52
C HIS A 469 -29.79 23.98 -0.38
N SER A 470 -30.46 23.21 0.47
CA SER A 470 -30.11 21.82 0.72
C SER A 470 -31.35 20.95 0.60
N PHE A 471 -31.17 19.74 0.08
CA PHE A 471 -32.27 18.81 -0.11
C PHE A 471 -31.86 17.44 0.40
N GLY A 472 -32.87 16.65 0.77
CA GLY A 472 -32.67 15.34 1.35
C GLY A 472 -32.72 15.30 2.86
N GLU A 473 -33.08 16.40 3.51
CA GLU A 473 -33.10 16.43 4.97
C GLU A 473 -34.35 15.78 5.56
N ILE A 474 -35.47 15.75 4.82
CA ILE A 474 -36.65 15.10 5.37
C ILE A 474 -36.44 13.60 5.49
N SER A 475 -35.63 13.02 4.60
CA SER A 475 -35.41 11.58 4.59
C SER A 475 -34.17 11.15 5.37
N ILE A 476 -33.35 12.10 5.82
CA ILE A 476 -32.15 11.76 6.58
C ILE A 476 -32.37 11.86 8.09
N LEU A 477 -33.49 12.42 8.54
CA LEU A 477 -33.78 12.59 9.96
C LEU A 477 -34.95 11.75 10.44
N CYS A 478 -36.05 11.74 9.70
CA CYS A 478 -37.24 11.01 10.10
C CYS A 478 -37.27 9.59 9.55
N ASN A 479 -36.23 9.15 8.84
CA ASN A 479 -36.10 7.80 8.30
C ASN A 479 -37.19 7.47 7.30
N ILE A 480 -37.98 8.46 6.89
CA ILE A 480 -38.99 8.24 5.86
C ILE A 480 -38.32 8.26 4.49
N PRO A 481 -38.60 7.30 3.60
CA PRO A 481 -38.00 7.34 2.26
C PRO A 481 -38.37 8.62 1.52
N GLN A 482 -37.44 9.11 0.72
CA GLN A 482 -37.63 10.36 -0.02
C GLN A 482 -38.80 10.20 -0.99
N PRO A 483 -39.84 11.02 -0.85
CA PRO A 483 -41.02 10.89 -1.71
C PRO A 483 -40.97 11.70 -3.00
N TYR A 484 -39.83 12.26 -3.36
CA TYR A 484 -39.72 13.10 -4.54
C TYR A 484 -38.48 12.74 -5.34
N THR A 485 -38.52 13.04 -6.63
CA THR A 485 -37.41 12.80 -7.55
C THR A 485 -36.83 14.15 -7.96
N VAL A 486 -35.54 14.33 -7.71
CA VAL A 486 -34.85 15.56 -8.09
C VAL A 486 -34.16 15.35 -9.43
N ARG A 487 -34.07 16.42 -10.21
CA ARG A 487 -33.50 16.35 -11.54
C ARG A 487 -32.70 17.61 -11.82
N VAL A 488 -31.54 17.44 -12.43
CA VAL A 488 -30.65 18.57 -12.75
C VAL A 488 -31.17 19.28 -13.99
N ALA A 489 -31.35 20.59 -13.89
CA ALA A 489 -31.80 21.41 -15.00
C ALA A 489 -30.66 22.16 -15.68
N GLU A 490 -29.68 22.63 -14.91
CA GLU A 490 -28.50 23.30 -15.43
C GLU A 490 -27.27 22.75 -14.73
N LEU A 491 -26.12 22.90 -15.39
CA LEU A 491 -24.87 22.39 -14.84
C LEU A 491 -24.64 22.92 -13.44
N CYS A 492 -24.44 22.02 -12.49
CA CYS A 492 -24.42 22.36 -11.07
C CYS A 492 -23.16 21.84 -10.40
N ARG A 493 -22.58 22.68 -9.55
CA ARG A 493 -21.54 22.27 -8.61
C ARG A 493 -22.22 21.99 -7.29
N ILE A 494 -22.20 20.73 -6.85
CA ILE A 494 -23.00 20.28 -5.72
C ILE A 494 -22.09 19.63 -4.70
N LEU A 495 -22.26 20.00 -3.42
CA LEU A 495 -21.49 19.45 -2.33
C LEU A 495 -22.28 18.33 -1.65
N ARG A 496 -21.58 17.27 -1.26
CA ARG A 496 -22.22 16.10 -0.67
C ARG A 496 -21.63 15.81 0.70
N LEU A 497 -22.42 15.08 1.50
CA LEU A 497 -22.00 14.64 2.82
C LEU A 497 -22.47 13.21 3.03
N ASP A 498 -21.76 12.49 3.90
CA ASP A 498 -22.09 11.11 4.20
C ASP A 498 -23.07 11.05 5.38
N LYS A 499 -24.09 10.19 5.25
CA LYS A 499 -25.12 10.10 6.28
C LYS A 499 -24.54 9.61 7.61
N GLN A 500 -23.67 8.59 7.56
CA GLN A 500 -23.13 8.04 8.79
C GLN A 500 -22.28 9.05 9.54
N SER A 501 -21.41 9.77 8.83
CA SER A 501 -20.56 10.76 9.48
C SER A 501 -21.37 11.93 10.00
N PHE A 502 -22.37 12.37 9.24
CA PHE A 502 -23.19 13.51 9.65
C PHE A 502 -24.02 13.19 10.89
N MET A 503 -24.49 11.94 11.03
CA MET A 503 -25.29 11.58 12.19
C MET A 503 -24.46 11.59 13.47
N ASN A 504 -23.17 11.22 13.37
CA ASN A 504 -22.33 11.19 14.56
C ASN A 504 -22.15 12.58 15.16
N ILE A 505 -21.93 13.59 14.31
CA ILE A 505 -21.69 14.93 14.81
C ILE A 505 -22.93 15.54 15.48
N LEU A 506 -24.12 15.02 15.18
CA LEU A 506 -25.32 15.47 15.88
C LEU A 506 -25.42 14.86 17.28
N GLU A 507 -24.96 13.61 17.44
CA GLU A 507 -25.02 12.97 18.75
C GLU A 507 -24.10 13.67 19.75
N ILE A 508 -22.89 14.03 19.33
CA ILE A 508 -21.96 14.71 20.24
C ILE A 508 -22.43 16.12 20.56
N PHE A 509 -23.00 16.82 19.58
CA PHE A 509 -23.46 18.19 19.77
C PHE A 509 -24.96 18.18 20.07
N PHE A 510 -25.27 17.73 21.29
CA PHE A 510 -26.67 17.60 21.70
C PHE A 510 -27.37 18.95 21.74
N HIS A 511 -26.71 19.98 22.27
CA HIS A 511 -27.33 21.29 22.36
C HIS A 511 -27.48 21.93 20.98
N ASP A 512 -26.46 21.79 20.13
CA ASP A 512 -26.52 22.38 18.79
C ASP A 512 -27.53 21.65 17.92
N GLY A 513 -27.60 20.32 18.03
CA GLY A 513 -28.50 19.56 17.18
C GLY A 513 -29.97 19.87 17.41
N ARG A 514 -30.34 20.16 18.66
CA ARG A 514 -31.73 20.45 18.98
C ARG A 514 -32.20 21.72 18.27
N ARG A 515 -31.36 22.74 18.23
CA ARG A 515 -31.74 24.00 17.59
C ARG A 515 -31.84 23.85 16.07
N ILE A 516 -31.18 22.85 15.49
CA ILE A 516 -31.28 22.63 14.04
C ILE A 516 -32.68 22.18 13.67
N LEU A 517 -33.30 21.35 14.51
CA LEU A 517 -34.66 20.88 14.23
C LEU A 517 -35.67 22.02 14.28
N ASN A 518 -35.37 23.08 15.03
CA ASN A 518 -36.28 24.22 15.10
C ASN A 518 -36.45 24.88 13.75
N ASN A 519 -35.36 25.03 12.99
CA ASN A 519 -35.45 25.60 11.65
C ASN A 519 -36.29 24.73 10.73
N LEU A 520 -36.12 23.40 10.83
CA LEU A 520 -36.93 22.49 10.02
C LEU A 520 -38.41 22.60 10.39
N LEU A 521 -38.71 22.70 11.69
CA LEU A 521 -40.10 22.86 12.11
C LEU A 521 -40.68 24.17 11.59
N GLU A 522 -39.92 25.26 11.68
CA GLU A 522 -40.37 26.52 11.11
C GLU A 522 -40.49 26.43 9.60
N GLY A 523 -39.51 25.79 8.94
CA GLY A 523 -39.59 25.60 7.52
C GLY A 523 -40.73 24.69 7.09
N LYS A 524 -41.05 23.69 7.91
CA LYS A 524 -42.17 22.81 7.60
C LYS A 524 -43.49 23.57 7.57
N GLU A 525 -43.67 24.50 8.52
CA GLU A 525 -44.90 25.30 8.54
C GLU A 525 -45.01 26.15 7.27
N SER A 526 -43.90 26.74 6.83
CA SER A 526 -43.93 27.55 5.62
C SER A 526 -44.25 26.70 4.40
N ASN A 527 -43.62 25.53 4.28
CA ASN A 527 -43.85 24.64 3.15
C ASN A 527 -43.73 23.19 3.62
N VAL A 528 -44.68 22.35 3.17
CA VAL A 528 -44.73 20.94 3.52
C VAL A 528 -44.86 20.80 5.03
N ARG A 529 -46.10 20.81 5.53
CA ARG A 529 -46.32 20.76 6.97
C ARG A 529 -45.76 19.48 7.58
N ILE A 530 -46.02 18.34 6.94
CA ILE A 530 -45.51 17.04 7.38
C ILE A 530 -45.88 16.80 8.83
N LYS A 531 -47.16 16.50 9.07
CA LYS A 531 -47.63 16.29 10.45
C LYS A 531 -46.92 15.11 11.11
N GLN A 532 -46.74 14.01 10.36
CA GLN A 532 -46.03 12.86 10.91
C GLN A 532 -44.59 13.19 11.25
N LEU A 533 -43.91 13.92 10.36
CA LEU A 533 -42.54 14.32 10.62
C LEU A 533 -42.46 15.33 11.76
N GLU A 534 -43.43 16.26 11.81
CA GLU A 534 -43.45 17.25 12.89
C GLU A 534 -43.64 16.58 14.25
N SER A 535 -44.51 15.57 14.32
CA SER A 535 -44.73 14.87 15.58
C SER A 535 -43.46 14.16 16.05
N ASP A 536 -42.75 13.52 15.12
CA ASP A 536 -41.49 12.88 15.47
C ASP A 536 -40.45 13.89 15.91
N ILE A 537 -40.39 15.03 15.23
CA ILE A 537 -39.43 16.07 15.58
C ILE A 537 -39.77 16.69 16.93
N THR A 538 -41.07 16.85 17.21
CA THR A 538 -41.49 17.49 18.46
C THR A 538 -41.07 16.67 19.67
N PHE A 539 -41.12 15.33 19.56
CA PHE A 539 -40.78 14.48 20.70
C PHE A 539 -39.32 14.66 21.10
N HIS A 540 -38.42 14.72 20.13
CA HIS A 540 -37.00 14.87 20.44
C HIS A 540 -36.71 16.20 21.12
N ILE A 541 -37.32 17.29 20.64
CA ILE A 541 -37.07 18.60 21.21
C ILE A 541 -37.66 18.69 22.62
N SER A 542 -38.82 18.06 22.84
CA SER A 542 -39.48 18.16 24.14
C SER A 542 -38.65 17.56 25.25
N LYS A 543 -38.00 16.42 24.99
CA LYS A 543 -37.19 15.73 25.98
C LYS A 543 -35.69 15.98 25.79
N GLN A 544 -35.33 17.03 25.05
CA GLN A 544 -33.92 17.29 24.78
C GLN A 544 -33.17 17.67 26.05
N GLU A 545 -33.83 18.37 26.98
CA GLU A 545 -33.16 18.81 28.19
C GLU A 545 -32.82 17.64 29.10
N ALA A 546 -33.63 16.58 29.10
CA ALA A 546 -33.37 15.44 29.96
C ALA A 546 -32.20 14.60 29.45
N GLU A 547 -32.14 14.35 28.14
CA GLU A 547 -31.12 13.49 27.58
C GLU A 547 -29.71 14.06 27.70
N LEU A 548 -29.58 15.34 28.03
CA LEU A 548 -28.25 15.91 28.24
C LEU A 548 -27.53 15.20 29.38
N ALA A 549 -28.20 14.97 30.49
CA ALA A 549 -27.64 14.23 31.61
C ALA A 549 -27.87 12.72 31.52
N LEU A 550 -28.76 12.28 30.63
CA LEU A 550 -29.03 10.85 30.53
C LEU A 550 -27.84 10.10 29.94
N LYS A 551 -27.29 10.61 28.83
CA LYS A 551 -26.08 10.00 28.28
C LYS A 551 -24.82 10.47 28.99
N LEU A 552 -24.92 11.53 29.80
CA LEU A 552 -23.77 11.96 30.60
C LEU A 552 -23.38 10.89 31.60
N ASN A 553 -24.37 10.24 32.21
CA ASN A 553 -24.08 9.15 33.13
C ASN A 553 -23.40 7.99 32.41
N SER A 554 -23.88 7.64 31.21
CA SER A 554 -23.26 6.59 30.44
C SER A 554 -21.84 6.97 30.02
N ALA A 555 -21.59 8.27 29.82
CA ALA A 555 -20.25 8.72 29.49
C ALA A 555 -19.27 8.42 30.61
N ALA A 556 -19.66 8.72 31.86
CA ALA A 556 -18.80 8.45 33.00
C ALA A 556 -18.71 6.96 33.31
N PHE A 557 -19.66 6.15 32.84
CA PHE A 557 -19.62 4.72 33.09
C PHE A 557 -18.50 4.05 32.31
N TYR A 558 -18.18 4.57 31.13
CA TYR A 558 -17.13 4.02 30.29
C TYR A 558 -15.83 4.81 30.33
N GLY A 559 -15.76 5.86 31.15
CA GLY A 559 -14.52 6.59 31.35
C GLY A 559 -13.99 7.34 30.15
N ASP A 560 -14.88 7.92 29.34
CA ASP A 560 -14.44 8.73 28.22
C ASP A 560 -13.88 10.07 28.72
N LEU A 561 -12.86 10.55 28.02
CA LEU A 561 -12.16 11.76 28.43
C LEU A 561 -12.28 12.89 27.42
N TYR A 562 -11.92 12.64 26.15
CA TYR A 562 -11.82 13.73 25.18
C TYR A 562 -13.17 14.36 24.88
N GLN A 563 -14.17 13.54 24.56
CA GLN A 563 -15.48 14.07 24.20
C GLN A 563 -16.37 14.33 25.40
N LEU A 564 -15.97 13.91 26.60
CA LEU A 564 -16.76 14.22 27.79
C LEU A 564 -16.76 15.71 28.06
N LYS A 565 -15.62 16.38 27.84
CA LYS A 565 -15.52 17.81 28.10
C LYS A 565 -16.45 18.61 27.20
N SER A 566 -16.78 18.07 26.02
CA SER A 566 -17.71 18.77 25.13
C SER A 566 -19.09 18.89 25.77
N LEU A 567 -19.53 17.85 26.48
CA LEU A 567 -20.79 17.90 27.20
C LEU A 567 -20.68 18.63 28.54
N ILE A 568 -19.48 19.06 28.92
CA ILE A 568 -19.28 19.86 30.11
C ILE A 568 -18.99 21.32 29.76
N ARG A 569 -17.99 21.55 28.89
CA ARG A 569 -17.69 22.90 28.45
C ARG A 569 -18.85 23.51 27.66
N ALA A 570 -19.46 22.72 26.78
CA ALA A 570 -20.59 23.15 25.97
C ALA A 570 -21.85 22.38 26.32
N GLY A 571 -22.01 22.06 27.61
CA GLY A 571 -23.17 21.32 28.06
C GLY A 571 -23.81 21.87 29.32
N GLY A 572 -24.70 21.09 29.92
CA GLY A 572 -25.42 21.52 31.10
C GLY A 572 -24.68 21.16 32.39
N ASP A 573 -25.43 21.22 33.49
CA ASP A 573 -24.87 20.95 34.80
C ASP A 573 -24.68 19.45 34.99
N PRO A 574 -23.45 18.97 35.24
CA PRO A 574 -23.29 17.55 35.60
C PRO A 574 -23.92 17.19 36.93
N ASN A 575 -24.20 18.17 37.78
CA ASN A 575 -24.80 17.89 39.08
C ASN A 575 -26.20 17.29 38.93
N LYS A 576 -26.95 17.74 37.92
CA LYS A 576 -28.30 17.24 37.71
C LYS A 576 -28.27 15.74 37.40
N THR A 577 -29.13 14.99 38.07
CA THR A 577 -29.17 13.55 37.94
C THR A 577 -30.12 13.14 36.82
N ASP A 578 -30.28 11.83 36.64
CA ASP A 578 -31.14 11.27 35.61
C ASP A 578 -32.54 11.04 36.17
N TYR A 579 -33.35 10.27 35.44
CA TYR A 579 -34.72 9.98 35.85
C TYR A 579 -34.77 9.31 37.22
N ASP A 580 -33.97 8.26 37.43
CA ASP A 580 -33.97 7.56 38.70
C ASP A 580 -33.19 8.33 39.77
N GLY A 581 -32.20 9.11 39.35
CA GLY A 581 -31.32 9.79 40.27
C GLY A 581 -30.00 9.05 40.37
N ARG A 582 -29.00 9.50 39.60
CA ARG A 582 -27.70 8.84 39.57
C ARG A 582 -26.68 9.89 39.11
N SER A 583 -25.93 10.43 40.05
CA SER A 583 -24.91 11.40 39.71
C SER A 583 -23.77 10.73 38.94
N PRO A 584 -23.11 11.47 38.05
CA PRO A 584 -21.93 10.90 37.38
C PRO A 584 -20.84 10.49 38.35
N LEU A 585 -20.78 11.12 39.53
CA LEU A 585 -19.85 10.68 40.57
C LEU A 585 -20.17 9.28 41.05
N HIS A 586 -21.45 8.92 41.09
CA HIS A 586 -21.85 7.57 41.50
C HIS A 586 -21.25 6.52 40.56
N LEU A 587 -21.39 6.74 39.25
CA LEU A 587 -20.87 5.78 38.29
C LEU A 587 -19.36 5.85 38.15
N ALA A 588 -18.78 7.04 38.33
CA ALA A 588 -17.32 7.17 38.27
C ALA A 588 -16.65 6.36 39.36
N ALA A 589 -17.19 6.41 40.58
CA ALA A 589 -16.64 5.65 41.70
C ALA A 589 -17.12 4.21 41.73
N SER A 590 -18.09 3.84 40.88
CA SER A 590 -18.59 2.48 40.88
C SER A 590 -17.51 1.49 40.47
N ARG A 591 -16.74 1.83 39.43
CA ARG A 591 -15.64 0.99 38.97
C ARG A 591 -14.27 1.54 39.38
N GLY A 592 -14.25 2.58 40.22
CA GLY A 592 -12.98 3.13 40.68
C GLY A 592 -12.15 3.78 39.61
N TYR A 593 -12.75 4.58 38.73
CA TYR A 593 -12.02 5.31 37.69
C TYR A 593 -11.42 6.58 38.29
N GLU A 594 -10.36 6.38 39.07
CA GLU A 594 -9.71 7.49 39.75
C GLU A 594 -9.11 8.50 38.77
N ASP A 595 -8.82 8.08 37.54
CA ASP A 595 -8.32 9.00 36.53
C ASP A 595 -9.36 10.00 36.06
N ILE A 596 -10.64 9.78 36.39
CA ILE A 596 -11.70 10.71 36.03
C ILE A 596 -12.40 11.32 37.23
N THR A 597 -12.28 10.75 38.42
CA THR A 597 -13.00 11.27 39.58
C THR A 597 -12.45 12.62 40.03
N LEU A 598 -11.16 12.88 39.83
CA LEU A 598 -10.55 14.11 40.33
C LEU A 598 -11.09 15.35 39.64
N TYR A 599 -11.69 15.21 38.46
CA TYR A 599 -12.09 16.39 37.70
C TYR A 599 -13.36 17.03 38.24
N LEU A 600 -14.29 16.23 38.77
CA LEU A 600 -15.59 16.79 39.20
C LEU A 600 -15.44 17.73 40.39
N ILE A 601 -14.43 17.50 41.25
CA ILE A 601 -14.21 18.42 42.36
C ILE A 601 -13.88 19.82 41.87
N GLN A 602 -13.26 19.91 40.68
CA GLN A 602 -13.01 21.23 40.10
C GLN A 602 -14.31 21.96 39.78
N GLU A 603 -15.40 21.22 39.56
CA GLU A 603 -16.72 21.80 39.35
C GLU A 603 -17.52 21.92 40.65
N SER A 604 -16.91 21.58 41.79
CA SER A 604 -17.55 21.72 43.10
C SER A 604 -18.85 20.91 43.19
N VAL A 605 -18.82 19.69 42.66
CA VAL A 605 -19.98 18.81 42.78
C VAL A 605 -20.07 18.28 44.21
N ASP A 606 -21.28 18.25 44.75
CA ASP A 606 -21.48 17.82 46.12
C ASP A 606 -21.16 16.34 46.29
N VAL A 607 -20.78 15.97 47.52
CA VAL A 607 -20.42 14.59 47.81
C VAL A 607 -21.60 13.79 48.37
N ASN A 608 -22.57 14.45 48.98
CA ASN A 608 -23.70 13.75 49.59
C ASN A 608 -24.89 13.78 48.63
N ILE A 609 -24.70 13.12 47.50
CA ILE A 609 -25.76 12.97 46.51
C ILE A 609 -26.64 11.78 46.90
N LYS A 610 -27.82 12.07 47.41
CA LYS A 610 -28.74 11.05 47.89
C LYS A 610 -29.64 10.63 46.74
N ASP A 611 -29.32 9.48 46.14
CA ASP A 611 -30.14 8.92 45.07
C ASP A 611 -31.40 8.31 45.67
N LYS A 612 -32.34 7.90 44.81
CA LYS A 612 -33.57 7.28 45.28
C LYS A 612 -33.36 5.79 45.58
N LEU A 613 -32.30 5.50 46.33
CA LEU A 613 -32.02 4.15 46.79
C LEU A 613 -31.54 4.10 48.24
N GLY A 614 -31.25 5.23 48.87
CA GLY A 614 -30.66 5.23 50.19
C GLY A 614 -29.15 5.12 50.23
N SER A 615 -28.49 5.24 49.09
CA SER A 615 -27.04 5.10 48.99
C SER A 615 -26.37 6.46 48.83
N THR A 616 -25.05 6.44 48.82
CA THR A 616 -24.22 7.63 48.69
C THR A 616 -23.08 7.31 47.73
N PRO A 617 -22.48 8.33 47.11
CA PRO A 617 -21.36 8.07 46.18
C PRO A 617 -20.17 7.37 46.82
N LEU A 618 -20.04 7.43 48.14
CA LEU A 618 -18.96 6.75 48.83
C LEU A 618 -19.25 5.29 49.12
N LEU A 619 -20.53 4.91 49.24
CA LEU A 619 -20.90 3.56 49.65
C LEU A 619 -20.45 2.52 48.64
N GLU A 620 -20.64 2.78 47.35
CA GLU A 620 -20.31 1.78 46.34
C GLU A 620 -18.81 1.67 46.08
N ALA A 621 -18.04 2.69 46.44
CA ALA A 621 -16.60 2.61 46.25
C ALA A 621 -15.97 1.54 47.14
N ILE A 622 -16.30 1.56 48.43
CA ILE A 622 -15.81 0.52 49.33
C ILE A 622 -16.49 -0.81 49.05
N LYS A 623 -17.75 -0.77 48.59
CA LYS A 623 -18.45 -2.01 48.26
C LYS A 623 -17.77 -2.74 47.10
N ASN A 624 -17.31 -1.99 46.10
CA ASN A 624 -16.60 -2.57 44.96
C ASN A 624 -15.11 -2.76 45.22
N GLY A 625 -14.63 -2.36 46.39
CA GLY A 625 -13.22 -2.53 46.72
C GLY A 625 -12.29 -1.54 46.04
N ASN A 626 -12.81 -0.41 45.58
CA ASN A 626 -11.98 0.62 44.93
C ASN A 626 -11.55 1.63 46.00
N ASP A 627 -10.48 1.29 46.70
CA ASP A 627 -9.99 2.14 47.79
C ASP A 627 -9.25 3.37 47.29
N ARG A 628 -8.65 3.29 46.09
CA ARG A 628 -7.87 4.41 45.57
C ARG A 628 -8.75 5.65 45.40
N VAL A 629 -9.89 5.49 44.75
CA VAL A 629 -10.83 6.61 44.63
C VAL A 629 -11.45 6.93 45.99
N ALA A 630 -11.73 5.90 46.79
CA ALA A 630 -12.30 6.13 48.12
C ALA A 630 -11.35 6.92 49.00
N ALA A 631 -10.04 6.68 48.86
CA ALA A 631 -9.06 7.41 49.65
C ALA A 631 -9.09 8.90 49.34
N LEU A 632 -9.08 9.25 48.06
CA LEU A 632 -9.11 10.67 47.69
C LEU A 632 -10.49 11.28 47.88
N LEU A 633 -11.54 10.45 47.91
CA LEU A 633 -12.89 10.96 48.10
C LEU A 633 -13.05 11.59 49.48
N VAL A 634 -12.53 10.91 50.52
CA VAL A 634 -12.58 11.46 51.86
C VAL A 634 -11.67 12.67 52.00
N LYS A 635 -10.57 12.70 51.24
CA LYS A 635 -9.66 13.84 51.30
C LYS A 635 -10.36 15.13 50.88
N GLU A 636 -11.16 15.07 49.82
CA GLU A 636 -11.94 16.23 49.40
C GLU A 636 -13.15 16.48 50.30
N GLY A 637 -13.47 15.55 51.20
CA GLY A 637 -14.61 15.70 52.08
C GLY A 637 -15.72 14.72 51.75
N ALA A 638 -15.82 13.64 52.52
CA ALA A 638 -16.84 12.64 52.29
C ALA A 638 -17.19 11.98 53.62
N THR A 639 -18.39 11.39 53.66
CA THR A 639 -18.86 10.70 54.85
C THR A 639 -19.96 9.72 54.46
N LEU A 640 -20.26 8.81 55.37
CA LEU A 640 -21.32 7.82 55.18
C LEU A 640 -22.57 8.28 55.91
N ASN A 641 -23.66 8.43 55.16
CA ASN A 641 -24.95 8.86 55.72
C ASN A 641 -25.99 7.82 55.31
N ILE A 642 -26.13 6.77 56.13
CA ILE A 642 -27.07 5.69 55.87
C ILE A 642 -27.94 5.49 57.10
N GLU A 643 -29.10 4.88 56.88
CA GLU A 643 -30.04 4.57 57.95
C GLU A 643 -29.95 3.09 58.31
N ASN A 644 -30.51 2.77 59.48
CA ASN A 644 -30.47 1.43 60.08
C ASN A 644 -29.06 0.84 60.02
N ALA A 645 -28.05 1.68 60.22
CA ALA A 645 -26.66 1.22 60.15
C ALA A 645 -26.39 0.13 61.17
N GLY A 646 -26.98 0.24 62.37
CA GLY A 646 -26.86 -0.84 63.34
C GLY A 646 -27.47 -2.13 62.83
N THR A 647 -28.64 -2.03 62.17
CA THR A 647 -29.24 -3.22 61.57
C THR A 647 -28.52 -3.62 60.29
N PHE A 648 -27.97 -2.65 59.55
CA PHE A 648 -27.27 -2.97 58.32
C PHE A 648 -25.96 -3.68 58.60
N LEU A 649 -25.17 -3.16 59.54
CA LEU A 649 -23.84 -3.71 59.78
C LEU A 649 -23.91 -5.12 60.37
N CYS A 650 -24.84 -5.35 61.30
CA CYS A 650 -24.97 -6.68 61.88
C CYS A 650 -25.41 -7.72 60.85
N THR A 651 -26.07 -7.29 59.77
CA THR A 651 -26.34 -8.20 58.68
C THR A 651 -25.05 -8.60 57.97
N VAL A 652 -24.11 -7.67 57.83
CA VAL A 652 -22.84 -7.96 57.16
C VAL A 652 -22.05 -9.00 57.95
N VAL A 653 -21.97 -8.82 59.28
CA VAL A 653 -21.22 -9.76 60.10
C VAL A 653 -21.88 -11.13 60.12
N ALA A 654 -23.19 -11.20 59.84
CA ALA A 654 -23.85 -12.50 59.75
C ALA A 654 -23.32 -13.33 58.58
N LYS A 655 -23.03 -12.68 57.45
CA LYS A 655 -22.49 -13.40 56.30
C LYS A 655 -21.09 -13.95 56.59
N GLY A 656 -20.32 -13.26 57.43
CA GLY A 656 -19.00 -13.71 57.81
C GLY A 656 -17.86 -13.15 56.98
N ASP A 657 -18.14 -12.27 56.02
CA ASP A 657 -17.10 -11.70 55.20
C ASP A 657 -16.24 -10.74 56.01
N SER A 658 -14.94 -11.04 56.12
CA SER A 658 -14.03 -10.21 56.87
C SER A 658 -13.44 -9.07 56.05
N ASP A 659 -13.39 -9.20 54.73
CA ASP A 659 -12.85 -8.13 53.90
C ASP A 659 -13.77 -6.91 53.88
N PHE A 660 -15.08 -7.14 53.92
CA PHE A 660 -16.03 -6.04 53.82
C PHE A 660 -15.94 -5.11 55.02
N LEU A 661 -15.83 -5.66 56.24
CA LEU A 661 -15.83 -4.84 57.43
C LEU A 661 -14.51 -4.12 57.65
N LYS A 662 -13.46 -4.46 56.91
CA LYS A 662 -12.16 -3.83 57.11
C LYS A 662 -12.19 -2.36 56.71
N ARG A 663 -12.72 -2.06 55.52
CA ARG A 663 -12.70 -0.70 55.00
C ARG A 663 -13.83 0.17 55.51
N LEU A 664 -14.88 -0.42 56.11
CA LEU A 664 -15.92 0.41 56.72
C LEU A 664 -15.39 1.16 57.93
N LEU A 665 -14.70 0.45 58.83
CA LEU A 665 -14.17 1.09 60.03
C LEU A 665 -13.10 2.12 59.71
N SER A 666 -12.42 1.98 58.57
CA SER A 666 -11.42 2.97 58.17
C SER A 666 -12.02 4.32 57.81
N ASN A 667 -13.34 4.38 57.60
CA ASN A 667 -14.01 5.62 57.23
C ASN A 667 -14.78 6.25 58.39
N GLY A 668 -14.60 5.73 59.61
CA GLY A 668 -15.20 6.34 60.78
C GLY A 668 -16.62 5.91 61.10
N ILE A 669 -17.06 4.74 60.62
CA ILE A 669 -18.39 4.26 60.95
C ILE A 669 -18.45 3.90 62.43
N ASP A 670 -19.56 4.24 63.07
CA ASP A 670 -19.72 3.97 64.50
C ASP A 670 -19.96 2.48 64.72
N PRO A 671 -19.13 1.79 65.50
CA PRO A 671 -19.34 0.36 65.73
C PRO A 671 -20.32 0.04 66.85
N ASN A 672 -20.80 1.05 67.57
CA ASN A 672 -21.71 0.84 68.70
C ASN A 672 -23.17 1.14 68.33
N SER A 673 -23.47 1.27 67.04
CA SER A 673 -24.85 1.55 66.63
C SER A 673 -25.77 0.41 67.04
N LYS A 674 -26.92 0.77 67.61
CA LYS A 674 -27.88 -0.21 68.08
C LYS A 674 -28.70 -0.77 66.92
N ASP A 675 -29.07 -2.04 67.04
CA ASP A 675 -29.88 -2.72 66.04
C ASP A 675 -31.35 -2.45 66.32
N TYR A 676 -32.24 -3.19 65.65
CA TYR A 676 -33.68 -3.01 65.86
C TYR A 676 -34.08 -3.32 67.30
N ASP A 677 -33.35 -4.21 67.97
CA ASP A 677 -33.60 -4.56 69.36
C ASP A 677 -32.51 -4.02 70.29
N HIS A 678 -31.93 -2.87 69.96
CA HIS A 678 -30.82 -2.29 70.72
C HIS A 678 -29.69 -3.30 70.89
N ARG A 679 -29.36 -4.00 69.81
CA ARG A 679 -28.36 -5.06 69.83
C ARG A 679 -27.07 -4.53 69.21
N THR A 680 -26.00 -4.55 69.99
CA THR A 680 -24.69 -4.17 69.48
C THR A 680 -24.15 -5.26 68.56
N PRO A 681 -23.23 -4.91 67.65
CA PRO A 681 -22.62 -5.95 66.81
C PRO A 681 -21.94 -7.05 67.61
N LEU A 682 -21.46 -6.75 68.82
CA LEU A 682 -20.88 -7.78 69.66
C LEU A 682 -21.89 -8.85 70.02
N HIS A 683 -23.17 -8.48 70.15
CA HIS A 683 -24.20 -9.48 70.46
C HIS A 683 -24.26 -10.55 69.37
N VAL A 684 -24.22 -10.14 68.11
CA VAL A 684 -24.11 -11.11 67.02
C VAL A 684 -22.72 -11.74 67.01
N ALA A 685 -21.69 -10.93 67.25
CA ALA A 685 -20.31 -11.42 67.17
C ALA A 685 -20.01 -12.43 68.29
N ALA A 686 -20.41 -12.11 69.52
CA ALA A 686 -20.08 -12.99 70.64
C ALA A 686 -20.87 -14.29 70.59
N SER A 687 -22.11 -14.24 70.11
CA SER A 687 -22.93 -15.45 70.07
C SER A 687 -22.33 -16.49 69.14
N GLU A 688 -22.04 -16.10 67.90
CA GLU A 688 -21.42 -17.05 66.96
C GLU A 688 -19.94 -17.25 67.26
N GLY A 689 -19.24 -16.18 67.65
CA GLY A 689 -17.86 -16.31 68.07
C GLY A 689 -16.83 -15.96 67.02
N PHE A 690 -16.99 -14.82 66.35
CA PHE A 690 -15.99 -14.32 65.40
C PHE A 690 -14.86 -13.67 66.20
N TYR A 691 -13.98 -14.51 66.74
CA TYR A 691 -12.84 -14.00 67.50
C TYR A 691 -11.89 -13.21 66.59
N VAL A 692 -11.60 -13.74 65.40
CA VAL A 692 -10.70 -13.05 64.48
C VAL A 692 -11.34 -11.78 63.95
N LEU A 693 -12.65 -11.81 63.65
CA LEU A 693 -13.37 -10.65 63.17
C LEU A 693 -13.76 -9.68 64.29
N ALA A 694 -13.17 -9.81 65.47
CA ALA A 694 -13.44 -8.90 66.58
C ALA A 694 -12.32 -7.92 66.87
N ILE A 695 -11.09 -8.23 66.46
CA ILE A 695 -9.97 -7.34 66.74
C ILE A 695 -10.12 -6.03 65.98
N GLN A 696 -10.59 -6.08 64.72
CA GLN A 696 -10.75 -4.88 63.95
C GLN A 696 -11.79 -3.94 64.57
N LEU A 697 -12.90 -4.51 65.07
CA LEU A 697 -13.94 -3.67 65.64
C LEU A 697 -13.47 -2.97 66.90
N VAL A 698 -12.79 -3.69 67.80
CA VAL A 698 -12.33 -3.10 69.05
C VAL A 698 -11.21 -2.10 68.85
N GLU A 699 -10.60 -2.07 67.66
CA GLU A 699 -9.62 -1.04 67.35
C GLU A 699 -10.24 0.35 67.30
N ALA A 700 -11.55 0.44 67.13
CA ALA A 700 -12.29 1.70 67.14
C ALA A 700 -12.79 2.07 68.52
N SER A 701 -12.32 1.39 69.57
CA SER A 701 -12.71 1.66 70.96
C SER A 701 -14.22 1.51 71.14
N ALA A 702 -14.77 0.44 70.58
CA ALA A 702 -16.19 0.15 70.74
C ALA A 702 -16.50 -0.24 72.17
N ASN A 703 -17.65 0.20 72.67
CA ASN A 703 -18.06 -0.11 74.03
C ASN A 703 -18.39 -1.59 74.18
N VAL A 704 -17.99 -2.16 75.32
CA VAL A 704 -18.27 -3.56 75.64
C VAL A 704 -19.22 -3.71 76.81
N LEU A 705 -19.62 -2.61 77.44
CA LEU A 705 -20.54 -2.63 78.58
C LEU A 705 -21.98 -2.41 78.15
N ALA A 706 -22.34 -2.80 76.92
CA ALA A 706 -23.69 -2.60 76.41
C ALA A 706 -24.64 -3.63 77.01
N LYS A 707 -25.90 -3.59 76.57
CA LYS A 707 -26.91 -4.53 77.03
C LYS A 707 -27.71 -5.03 75.83
N ASP A 708 -28.26 -6.23 75.98
CA ASP A 708 -29.06 -6.84 74.94
C ASP A 708 -30.51 -6.36 75.04
N ARG A 709 -31.37 -6.91 74.18
CA ARG A 709 -32.79 -6.55 74.23
C ARG A 709 -33.41 -6.98 75.55
N TRP A 710 -33.10 -8.20 76.01
CA TRP A 710 -33.56 -8.67 77.31
C TRP A 710 -32.56 -8.38 78.41
N GLY A 711 -31.38 -7.89 78.08
CA GLY A 711 -30.36 -7.59 79.08
C GLY A 711 -29.26 -8.63 79.13
N ASN A 712 -28.13 -8.34 78.49
CA ASN A 712 -26.99 -9.25 78.48
C ASN A 712 -25.76 -8.48 78.03
N THR A 713 -24.73 -8.46 78.86
CA THR A 713 -23.50 -7.78 78.50
C THR A 713 -22.81 -8.51 77.35
N PRO A 714 -22.22 -7.79 76.40
CA PRO A 714 -21.48 -8.46 75.33
C PRO A 714 -20.35 -9.34 75.84
N LEU A 715 -19.64 -8.90 76.89
CA LEU A 715 -18.64 -9.76 77.51
C LEU A 715 -19.28 -10.98 78.14
N ASP A 716 -20.43 -10.81 78.80
CA ASP A 716 -21.17 -11.94 79.35
C ASP A 716 -21.72 -12.82 78.24
N GLU A 717 -22.12 -12.21 77.12
CA GLU A 717 -22.64 -13.00 76.00
C GLU A 717 -21.58 -13.94 75.44
N ALA A 718 -20.34 -13.44 75.31
CA ALA A 718 -19.25 -14.29 74.86
C ALA A 718 -18.96 -15.40 75.86
N LEU A 719 -18.98 -15.08 77.15
CA LEU A 719 -18.73 -16.09 78.17
C LEU A 719 -19.82 -17.15 78.19
N GLY A 720 -21.08 -16.73 77.99
CA GLY A 720 -22.17 -17.70 78.01
C GLY A 720 -22.07 -18.72 76.90
N CYS A 721 -21.74 -18.28 75.68
CA CYS A 721 -21.60 -19.21 74.57
C CYS A 721 -20.43 -20.17 74.80
N GLY A 722 -19.31 -19.66 75.28
CA GLY A 722 -18.15 -20.49 75.56
C GLY A 722 -17.09 -20.41 74.49
N ASN A 723 -16.04 -19.63 74.76
CA ASN A 723 -14.93 -19.49 73.81
C ASN A 723 -13.72 -18.99 74.59
N LYS A 724 -12.68 -19.82 74.68
CA LYS A 724 -11.48 -19.42 75.43
C LYS A 724 -10.80 -18.22 74.77
N MET A 725 -10.70 -18.23 73.44
CA MET A 725 -10.08 -17.10 72.75
C MET A 725 -10.89 -15.82 72.93
N LEU A 726 -12.22 -15.92 72.84
CA LEU A 726 -13.06 -14.74 73.03
C LEU A 726 -13.05 -14.27 74.48
N ILE A 727 -12.95 -15.21 75.43
CA ILE A 727 -12.92 -14.84 76.84
C ILE A 727 -11.68 -14.00 77.14
N LYS A 728 -10.54 -14.40 76.60
CA LYS A 728 -9.33 -13.60 76.77
C LYS A 728 -9.48 -12.23 76.12
N LEU A 729 -10.07 -12.19 74.91
CA LEU A 729 -10.33 -10.91 74.27
C LEU A 729 -11.34 -10.10 75.07
N LEU A 730 -12.39 -10.74 75.58
CA LEU A 730 -13.36 -10.03 76.40
C LEU A 730 -12.72 -9.53 77.70
N GLU A 731 -11.86 -10.34 78.30
CA GLU A 731 -11.16 -9.90 79.52
C GLU A 731 -10.26 -8.70 79.22
N ASP A 732 -9.57 -8.73 78.09
CA ASP A 732 -8.77 -7.57 77.69
C ASP A 732 -9.64 -6.35 77.47
N ALA A 733 -10.79 -6.54 76.82
CA ALA A 733 -11.74 -5.43 76.66
C ALA A 733 -12.29 -4.98 78.00
N LYS A 734 -12.59 -5.93 78.89
CA LYS A 734 -13.05 -5.57 80.23
C LYS A 734 -11.96 -4.82 81.00
N ASN A 735 -10.71 -5.28 80.88
CA ASN A 735 -9.61 -4.57 81.51
C ASN A 735 -9.44 -3.17 80.93
N SER A 736 -9.55 -3.05 79.61
CA SER A 736 -9.49 -1.73 78.99
C SER A 736 -10.67 -0.86 79.43
N GLN A 737 -11.86 -1.45 79.52
CA GLN A 737 -13.03 -0.70 80.00
C GLN A 737 -12.85 -0.29 81.45
N ILE A 738 -12.31 -1.19 82.28
CA ILE A 738 -12.06 -0.85 83.68
C ILE A 738 -11.02 0.25 83.78
N SER A 739 -9.94 0.15 82.99
CA SER A 739 -8.93 1.20 82.98
C SER A 739 -9.48 2.51 82.46
N SER A 740 -10.31 2.45 81.41
CA SER A 740 -10.93 3.62 80.80
C SER A 740 -9.90 4.66 80.38
N ILE B 74 -37.33 27.70 -37.70
CA ILE B 74 -36.86 26.33 -37.50
C ILE B 74 -35.38 26.33 -37.16
N VAL B 75 -35.01 25.52 -36.17
CA VAL B 75 -33.63 25.41 -35.72
C VAL B 75 -33.29 23.93 -35.56
N HIS B 76 -32.20 23.50 -36.17
CA HIS B 76 -31.74 22.11 -36.09
C HIS B 76 -30.35 22.07 -35.45
N PRO B 77 -30.25 21.70 -34.17
CA PRO B 77 -28.92 21.73 -33.53
C PRO B 77 -27.94 20.72 -34.11
N ASP B 78 -28.29 19.44 -34.10
CA ASP B 78 -27.40 18.38 -34.58
C ASP B 78 -28.19 17.35 -35.40
N ASN B 79 -29.07 17.84 -36.27
CA ASN B 79 -29.88 16.94 -37.08
C ASN B 79 -29.01 16.13 -38.03
N ARG B 80 -29.47 14.91 -38.33
CA ARG B 80 -28.71 14.03 -39.21
C ARG B 80 -28.50 14.64 -40.59
N TRP B 81 -29.47 15.44 -41.07
CA TRP B 81 -29.31 16.10 -42.36
C TRP B 81 -28.23 17.18 -42.29
N TYR B 82 -28.11 17.86 -41.16
CA TYR B 82 -27.12 18.92 -41.03
C TYR B 82 -25.69 18.35 -41.05
N LYS B 83 -25.49 17.18 -40.42
CA LYS B 83 -24.17 16.58 -40.40
C LYS B 83 -23.69 16.23 -41.80
N ALA B 84 -24.61 15.78 -42.67
CA ALA B 84 -24.24 15.51 -44.05
C ALA B 84 -23.80 16.79 -44.77
N TRP B 85 -24.48 17.90 -44.49
CA TRP B 85 -24.11 19.17 -45.12
C TRP B 85 -22.72 19.63 -44.67
N THR B 86 -22.38 19.41 -43.41
CA THR B 86 -21.07 19.82 -42.91
C THR B 86 -19.95 19.08 -43.65
N MET B 87 -20.12 17.78 -43.89
CA MET B 87 -19.13 17.03 -44.65
C MET B 87 -19.07 17.49 -46.09
N PHE B 88 -20.21 17.88 -46.67
CA PHE B 88 -20.22 18.36 -48.04
C PHE B 88 -19.43 19.65 -48.18
N ILE B 89 -19.59 20.58 -47.23
CA ILE B 89 -18.83 21.83 -47.29
C ILE B 89 -17.38 21.61 -46.92
N LEU B 90 -17.05 20.49 -46.28
CA LEU B 90 -15.65 20.18 -46.01
C LEU B 90 -14.90 19.89 -47.30
N ILE B 91 -15.55 19.26 -48.27
CA ILE B 91 -14.94 19.01 -49.56
C ILE B 91 -14.62 20.33 -50.26
N TRP B 92 -15.55 21.27 -50.23
CA TRP B 92 -15.31 22.57 -50.84
C TRP B 92 -14.17 23.30 -50.14
N ALA B 93 -14.12 23.20 -48.81
CA ALA B 93 -13.01 23.81 -48.07
C ALA B 93 -11.67 23.19 -48.46
N LEU B 94 -11.66 21.87 -48.69
CA LEU B 94 -10.44 21.21 -49.16
C LEU B 94 -10.06 21.70 -50.54
N TYR B 95 -11.04 21.84 -51.44
CA TYR B 95 -10.76 22.24 -52.81
C TYR B 95 -10.29 23.68 -52.90
N SER B 96 -10.99 24.59 -52.22
CA SER B 96 -10.66 26.01 -52.33
C SER B 96 -9.38 26.38 -51.59
N SER B 97 -8.96 25.58 -50.61
CA SER B 97 -7.72 25.86 -49.91
C SER B 97 -6.51 25.42 -50.72
N PHE B 98 -6.67 24.45 -51.62
CA PHE B 98 -5.58 23.99 -52.46
C PHE B 98 -5.55 24.70 -53.81
N PHE B 99 -6.64 25.36 -54.18
CA PHE B 99 -6.70 26.02 -55.49
C PHE B 99 -6.35 27.50 -55.41
N THR B 100 -6.52 28.12 -54.24
CA THR B 100 -6.21 29.54 -54.10
C THR B 100 -4.74 29.85 -54.37
N PRO B 101 -3.75 29.12 -53.84
CA PRO B 101 -2.36 29.40 -54.22
C PRO B 101 -2.09 29.24 -55.70
N LEU B 102 -2.76 28.28 -56.37
CA LEU B 102 -2.57 28.10 -57.80
C LEU B 102 -3.03 29.33 -58.58
N GLU B 103 -4.17 29.91 -58.20
CA GLU B 103 -4.68 31.06 -58.91
C GLU B 103 -3.89 32.32 -58.58
N PHE B 104 -3.38 32.43 -57.36
CA PHE B 104 -2.67 33.63 -56.95
C PHE B 104 -1.28 33.70 -57.59
N GLY B 105 -0.57 32.57 -57.64
CA GLY B 105 0.80 32.58 -58.10
C GLY B 105 1.00 32.35 -59.59
N PHE B 106 0.39 31.29 -60.11
CA PHE B 106 0.62 30.89 -61.49
C PHE B 106 -0.20 31.68 -62.50
N PHE B 107 -1.09 32.56 -62.05
CA PHE B 107 -2.00 33.26 -62.94
C PHE B 107 -1.90 34.76 -62.75
N ARG B 108 -2.15 35.49 -63.83
CA ARG B 108 -2.38 36.94 -63.80
C ARG B 108 -3.81 37.13 -64.28
N GLY B 109 -4.73 37.24 -63.33
CA GLY B 109 -6.14 37.16 -63.64
C GLY B 109 -6.62 35.72 -63.68
N LEU B 110 -7.79 35.53 -64.26
CA LEU B 110 -8.38 34.21 -64.39
C LEU B 110 -8.85 34.00 -65.83
N PRO B 111 -8.41 32.95 -66.52
CA PRO B 111 -8.91 32.70 -67.87
C PRO B 111 -10.38 32.33 -67.86
N GLU B 112 -11.04 32.60 -68.99
CA GLU B 112 -12.49 32.40 -69.09
C GLU B 112 -12.89 30.93 -68.90
N ASN B 113 -11.95 30.00 -69.07
CA ASN B 113 -12.28 28.58 -68.90
C ASN B 113 -12.66 28.26 -67.46
N LEU B 114 -12.11 28.98 -66.49
CA LEU B 114 -12.33 28.71 -65.08
C LEU B 114 -13.29 29.69 -64.43
N PHE B 115 -14.06 30.44 -65.22
CA PHE B 115 -15.00 31.39 -64.64
C PHE B 115 -16.10 30.70 -63.84
N ILE B 116 -16.61 29.58 -64.36
CA ILE B 116 -17.73 28.90 -63.71
C ILE B 116 -17.29 28.30 -62.37
N LEU B 117 -16.03 27.89 -62.27
CA LEU B 117 -15.54 27.32 -61.02
C LEU B 117 -15.43 28.39 -59.94
N ASP B 118 -14.98 29.59 -60.30
CA ASP B 118 -14.85 30.66 -59.33
C ASP B 118 -16.21 31.06 -58.75
N ILE B 119 -17.23 31.13 -59.60
CA ILE B 119 -18.55 31.53 -59.14
C ILE B 119 -19.16 30.44 -58.24
N ALA B 120 -19.04 29.18 -58.66
CA ALA B 120 -19.65 28.10 -57.89
C ALA B 120 -18.99 27.93 -56.53
N GLY B 121 -17.70 28.23 -56.43
CA GLY B 121 -17.01 28.08 -55.16
C GLY B 121 -17.53 29.02 -54.10
N GLN B 122 -17.86 30.25 -54.48
CA GLN B 122 -18.33 31.23 -53.51
C GLN B 122 -19.78 30.95 -53.11
N ILE B 123 -20.60 30.49 -54.06
CA ILE B 123 -22.01 30.25 -53.78
C ILE B 123 -22.17 29.13 -52.74
N ALA B 124 -21.32 28.10 -52.82
CA ALA B 124 -21.39 27.02 -51.85
C ALA B 124 -21.10 27.52 -50.44
N PHE B 125 -20.10 28.40 -50.30
CA PHE B 125 -19.80 28.96 -48.99
C PHE B 125 -20.79 30.04 -48.59
N LEU B 126 -21.40 30.72 -49.57
CA LEU B 126 -22.37 31.77 -49.26
C LEU B 126 -23.59 31.20 -48.55
N VAL B 127 -24.05 30.02 -48.97
CA VAL B 127 -25.18 29.38 -48.31
C VAL B 127 -24.85 29.07 -46.86
N ASP B 128 -23.60 28.67 -46.60
CA ASP B 128 -23.19 28.41 -45.22
C ASP B 128 -23.28 29.66 -44.36
N ILE B 129 -23.13 30.84 -44.97
CA ILE B 129 -23.20 32.09 -44.20
C ILE B 129 -24.62 32.34 -43.71
N VAL B 130 -25.62 32.11 -44.55
CA VAL B 130 -27.00 32.33 -44.13
C VAL B 130 -27.52 31.15 -43.31
N LEU B 131 -27.11 29.92 -43.66
CA LEU B 131 -27.58 28.75 -42.94
C LEU B 131 -27.01 28.62 -41.53
N THR B 132 -25.93 29.34 -41.23
CA THR B 132 -25.33 29.26 -39.90
C THR B 132 -26.05 30.13 -38.88
N PHE B 133 -26.99 30.95 -39.30
CA PHE B 133 -27.79 31.73 -38.37
C PHE B 133 -28.97 30.95 -37.80
N PHE B 134 -29.22 29.75 -38.33
CA PHE B 134 -30.37 28.93 -37.94
C PHE B 134 -29.92 27.61 -37.33
N VAL B 135 -28.87 27.65 -36.53
CA VAL B 135 -28.31 26.46 -35.90
C VAL B 135 -28.08 26.75 -34.43
N ALA B 136 -28.59 25.87 -33.56
CA ALA B 136 -28.42 26.05 -32.13
C ALA B 136 -27.02 25.67 -31.69
N TYR B 137 -26.64 26.17 -30.52
CA TYR B 137 -25.33 25.90 -29.95
C TYR B 137 -25.48 25.61 -28.45
N ARG B 138 -24.55 24.83 -27.92
CA ARG B 138 -24.54 24.53 -26.50
C ARG B 138 -23.89 25.66 -25.73
N ASP B 139 -24.58 26.15 -24.70
CA ASP B 139 -24.04 27.21 -23.86
C ASP B 139 -22.81 26.71 -23.11
N SER B 140 -21.75 27.51 -23.12
CA SER B 140 -20.49 27.12 -22.48
C SER B 140 -20.56 27.17 -20.96
N ARG B 141 -21.57 27.82 -20.39
CA ARG B 141 -21.68 27.97 -18.94
C ARG B 141 -22.72 27.06 -18.31
N THR B 142 -23.87 26.87 -18.96
CA THR B 142 -24.95 26.08 -18.39
C THR B 142 -25.36 24.86 -19.23
N TYR B 143 -24.79 24.68 -20.42
CA TYR B 143 -25.04 23.50 -21.25
C TYR B 143 -26.54 23.34 -21.54
N ARG B 144 -27.20 24.44 -21.87
CA ARG B 144 -28.66 24.46 -21.94
C ARG B 144 -29.21 24.47 -23.37
N MET B 145 -28.35 24.52 -24.39
CA MET B 145 -28.80 24.54 -25.79
C MET B 145 -29.74 25.72 -26.03
N ILE B 146 -29.13 26.91 -26.00
CA ILE B 146 -29.79 28.20 -25.85
C ILE B 146 -31.08 28.32 -26.66
N TYR B 147 -31.00 28.05 -27.97
CA TYR B 147 -32.11 28.12 -28.92
C TYR B 147 -32.63 29.54 -29.17
N LYS B 148 -32.08 30.55 -28.49
CA LYS B 148 -32.59 31.91 -28.65
C LYS B 148 -32.22 32.46 -30.03
N ARG B 149 -33.20 33.06 -30.70
CA ARG B 149 -32.97 33.58 -32.04
C ARG B 149 -31.92 34.69 -32.05
N SER B 150 -32.01 35.61 -31.09
CA SER B 150 -31.06 36.72 -31.07
C SER B 150 -29.69 36.29 -30.53
N SER B 151 -29.63 35.18 -29.78
CA SER B 151 -28.36 34.74 -29.23
C SER B 151 -27.48 34.09 -30.29
N ILE B 152 -28.08 33.35 -31.22
CA ILE B 152 -27.30 32.71 -32.28
C ILE B 152 -26.68 33.77 -33.19
N ALA B 153 -27.46 34.77 -33.59
CA ALA B 153 -26.95 35.81 -34.47
C ALA B 153 -25.87 36.63 -33.77
N LEU B 154 -26.12 37.03 -32.52
CA LEU B 154 -25.18 37.88 -31.80
C LEU B 154 -23.85 37.16 -31.58
N ARG B 155 -23.88 35.85 -31.36
CA ARG B 155 -22.65 35.09 -31.19
C ARG B 155 -21.80 35.12 -32.46
N TYR B 156 -22.43 34.96 -33.62
CA TYR B 156 -21.67 34.79 -34.86
C TYR B 156 -21.05 36.10 -35.34
N LEU B 157 -21.78 37.21 -35.24
CA LEU B 157 -21.26 38.49 -35.72
C LEU B 157 -20.02 38.94 -34.94
N LYS B 158 -19.82 38.43 -33.73
CA LYS B 158 -18.67 38.80 -32.92
C LYS B 158 -17.55 37.78 -32.96
N SER B 159 -17.70 36.68 -33.71
CA SER B 159 -16.71 35.62 -33.71
C SER B 159 -16.04 35.44 -35.06
N THR B 160 -16.80 35.24 -36.14
CA THR B 160 -16.22 34.87 -37.43
C THR B 160 -16.80 35.63 -38.62
N PHE B 161 -18.03 36.14 -38.51
CA PHE B 161 -18.70 36.74 -39.68
C PHE B 161 -17.91 37.89 -40.27
N ILE B 162 -17.06 38.54 -39.48
CA ILE B 162 -16.26 39.65 -40.00
C ILE B 162 -15.28 39.17 -41.05
N ILE B 163 -14.62 38.04 -40.81
CA ILE B 163 -13.60 37.55 -41.74
C ILE B 163 -14.19 36.57 -42.75
N ASP B 164 -15.19 35.77 -42.36
CA ASP B 164 -15.75 34.78 -43.27
C ASP B 164 -16.41 35.44 -44.48
N LEU B 165 -17.12 36.54 -44.25
CA LEU B 165 -17.79 37.23 -45.35
C LEU B 165 -16.77 37.81 -46.33
N LEU B 166 -15.63 38.27 -45.83
CA LEU B 166 -14.61 38.84 -46.70
C LEU B 166 -14.08 37.80 -47.68
N ALA B 167 -13.87 36.57 -47.21
CA ALA B 167 -13.37 35.52 -48.09
C ALA B 167 -14.33 35.21 -49.23
N CYS B 168 -15.63 35.22 -48.95
CA CYS B 168 -16.64 34.91 -49.96
C CYS B 168 -16.74 35.97 -51.05
N MET B 169 -16.15 37.15 -50.83
CA MET B 169 -16.20 38.19 -51.85
C MET B 169 -15.39 37.76 -53.07
N PRO B 170 -15.87 38.06 -54.29
CA PRO B 170 -15.11 37.71 -55.48
C PRO B 170 -14.02 38.73 -55.75
N TRP B 171 -12.79 38.26 -55.91
CA TRP B 171 -11.64 39.13 -56.11
C TRP B 171 -11.05 39.06 -57.50
N ASP B 172 -11.28 37.97 -58.24
CA ASP B 172 -10.84 37.92 -59.63
C ASP B 172 -11.59 38.95 -60.46
N ILE B 173 -12.89 39.12 -60.22
CA ILE B 173 -13.68 40.11 -60.96
C ILE B 173 -13.28 41.53 -60.56
N ILE B 174 -13.11 41.78 -59.27
CA ILE B 174 -12.80 43.12 -58.79
C ILE B 174 -11.44 43.58 -59.31
N TYR B 175 -10.44 42.68 -59.26
CA TYR B 175 -9.11 43.04 -59.75
C TYR B 175 -9.15 43.36 -61.25
N LYS B 176 -9.89 42.56 -62.02
CA LYS B 176 -10.08 42.87 -63.43
C LYS B 176 -10.84 44.17 -63.63
N ALA B 177 -11.89 44.39 -62.83
CA ALA B 177 -12.69 45.60 -62.99
C ALA B 177 -11.90 46.85 -62.62
N ALA B 178 -11.12 46.79 -61.55
CA ALA B 178 -10.34 47.94 -61.08
C ALA B 178 -9.02 48.04 -61.86
N GLY B 179 -9.15 48.11 -63.18
CA GLY B 179 -7.98 48.17 -64.03
C GLY B 179 -7.13 46.92 -63.88
N GLU B 180 -5.84 47.12 -63.60
CA GLU B 180 -4.92 46.01 -63.36
C GLU B 180 -3.90 46.48 -62.33
N LYS B 181 -4.19 46.19 -61.06
CA LYS B 181 -3.33 46.57 -59.94
C LYS B 181 -3.06 45.33 -59.10
N GLU B 182 -1.78 45.12 -58.78
CA GLU B 182 -1.40 43.94 -58.00
C GLU B 182 -1.74 44.07 -56.52
N GLU B 183 -1.98 45.30 -56.04
CA GLU B 183 -2.22 45.50 -54.62
C GLU B 183 -3.48 44.78 -54.15
N VAL B 184 -4.56 44.85 -54.94
CA VAL B 184 -5.81 44.20 -54.55
C VAL B 184 -5.67 42.69 -54.56
N ARG B 185 -4.90 42.15 -55.51
CA ARG B 185 -4.74 40.71 -55.62
C ARG B 185 -3.96 40.11 -54.45
N TYR B 186 -3.21 40.94 -53.71
CA TYR B 186 -2.48 40.43 -52.55
C TYR B 186 -3.45 39.93 -51.49
N LEU B 187 -4.57 40.62 -51.30
CA LEU B 187 -5.53 40.26 -50.26
C LEU B 187 -6.31 38.99 -50.60
N LEU B 188 -6.15 38.46 -51.82
CA LEU B 188 -6.78 37.20 -52.17
C LEU B 188 -6.30 36.05 -51.29
N LEU B 189 -5.16 36.23 -50.61
CA LEU B 189 -4.63 35.21 -49.72
C LEU B 189 -5.47 35.00 -48.48
N ILE B 190 -6.46 35.87 -48.24
CA ILE B 190 -7.33 35.71 -47.08
C ILE B 190 -8.13 34.41 -47.15
N ARG B 191 -8.29 33.85 -48.35
CA ARG B 191 -9.00 32.58 -48.50
C ARG B 191 -8.27 31.41 -47.89
N LEU B 192 -6.99 31.56 -47.53
CA LEU B 192 -6.24 30.47 -46.91
C LEU B 192 -6.75 30.14 -45.52
N TYR B 193 -7.58 30.99 -44.91
CA TYR B 193 -8.11 30.70 -43.58
C TYR B 193 -9.00 29.47 -43.60
N ARG B 194 -9.79 29.29 -44.66
CA ARG B 194 -10.79 28.23 -44.69
C ARG B 194 -10.19 26.83 -44.70
N VAL B 195 -8.86 26.69 -44.65
CA VAL B 195 -8.24 25.41 -44.34
C VAL B 195 -8.47 25.00 -42.89
N HIS B 196 -8.96 25.93 -42.06
CA HIS B 196 -9.23 25.63 -40.66
C HIS B 196 -10.35 24.61 -40.50
N ARG B 197 -11.24 24.48 -41.50
CA ARG B 197 -12.28 23.45 -41.45
C ARG B 197 -11.66 22.07 -41.46
N VAL B 198 -10.64 21.86 -42.28
CA VAL B 198 -10.00 20.55 -42.36
C VAL B 198 -9.27 20.22 -41.06
N ILE B 199 -8.60 21.22 -40.47
CA ILE B 199 -7.90 20.99 -39.21
C ILE B 199 -8.89 20.64 -38.11
N LEU B 200 -10.03 21.34 -38.06
CA LEU B 200 -11.05 21.02 -37.08
C LEU B 200 -11.59 19.61 -37.26
N PHE B 201 -11.67 19.15 -38.52
CA PHE B 201 -12.15 17.79 -38.77
C PHE B 201 -11.22 16.75 -38.15
N PHE B 202 -9.91 16.98 -38.26
CA PHE B 202 -8.96 16.08 -37.61
C PHE B 202 -9.08 16.14 -36.10
N HIS B 203 -9.36 17.33 -35.56
CA HIS B 203 -9.54 17.46 -34.12
C HIS B 203 -10.72 16.64 -33.63
N LYS B 204 -11.84 16.70 -34.36
CA LYS B 204 -13.01 15.91 -33.98
C LYS B 204 -12.72 14.41 -34.11
N MET B 205 -12.05 14.01 -35.19
CA MET B 205 -11.75 12.60 -35.39
C MET B 205 -10.67 12.11 -34.44
N GLU B 206 -9.82 13.02 -33.96
CA GLU B 206 -8.79 12.64 -32.99
C GLU B 206 -9.41 12.13 -31.69
N LYS B 207 -10.48 12.79 -31.22
CA LYS B 207 -11.10 12.42 -29.96
C LYS B 207 -11.85 11.10 -30.02
N ASP B 208 -12.15 10.61 -31.23
CA ASP B 208 -12.89 9.36 -31.35
C ASP B 208 -12.03 8.18 -30.89
N ILE B 209 -12.63 7.32 -30.08
CA ILE B 209 -11.93 6.16 -29.55
C ILE B 209 -11.68 5.12 -30.63
N ARG B 210 -12.65 4.92 -31.52
CA ARG B 210 -12.59 3.86 -32.52
C ARG B 210 -11.47 4.03 -33.52
N ILE B 211 -10.87 5.22 -33.62
CA ILE B 211 -9.83 5.51 -34.59
C ILE B 211 -8.49 5.46 -33.88
N ASN B 212 -7.53 4.74 -34.48
CA ASN B 212 -6.20 4.62 -33.90
C ASN B 212 -5.54 5.99 -33.76
N TYR B 213 -4.89 6.20 -32.61
CA TYR B 213 -4.29 7.50 -32.35
C TYR B 213 -3.00 7.72 -33.12
N LEU B 214 -2.22 6.66 -33.33
CA LEU B 214 -1.00 6.80 -34.13
C LEU B 214 -1.32 7.13 -35.57
N PHE B 215 -2.46 6.63 -36.08
CA PHE B 215 -2.82 6.88 -37.47
C PHE B 215 -3.23 8.34 -37.68
N THR B 216 -4.07 8.88 -36.79
CA THR B 216 -4.61 10.22 -37.01
C THR B 216 -3.53 11.29 -36.81
N ARG B 217 -2.62 11.07 -35.87
CA ARG B 217 -1.56 12.06 -35.64
C ARG B 217 -0.61 12.12 -36.83
N ILE B 218 -0.36 10.97 -37.47
CA ILE B 218 0.51 10.96 -38.65
C ILE B 218 -0.18 11.66 -39.82
N VAL B 219 -1.46 11.41 -40.02
CA VAL B 219 -2.18 12.02 -41.14
C VAL B 219 -2.25 13.53 -40.97
N LYS B 220 -2.56 14.00 -39.76
CA LYS B 220 -2.66 15.43 -39.53
C LYS B 220 -1.31 16.11 -39.72
N LEU B 221 -0.24 15.51 -39.19
CA LEU B 221 1.08 16.10 -39.35
C LEU B 221 1.53 16.11 -40.81
N ILE B 222 1.23 15.03 -41.54
CA ILE B 222 1.62 14.96 -42.95
C ILE B 222 0.87 16.02 -43.75
N PHE B 223 -0.44 16.15 -43.51
CA PHE B 223 -1.23 17.14 -44.24
C PHE B 223 -0.79 18.56 -43.91
N VAL B 224 -0.53 18.85 -42.63
CA VAL B 224 -0.11 20.19 -42.24
C VAL B 224 1.28 20.52 -42.75
N GLU B 225 2.05 19.52 -43.17
CA GLU B 225 3.36 19.74 -43.77
C GLU B 225 3.32 19.68 -45.29
N LEU B 226 2.47 18.83 -45.86
CA LEU B 226 2.32 18.79 -47.31
C LEU B 226 1.61 20.03 -47.83
N TYR B 227 0.76 20.65 -47.02
CA TYR B 227 0.11 21.88 -47.44
C TYR B 227 1.09 23.06 -47.44
N CYS B 228 1.95 23.13 -46.44
CA CYS B 228 2.96 24.19 -46.41
C CYS B 228 3.91 24.08 -47.59
N THR B 229 4.29 22.86 -47.96
CA THR B 229 5.12 22.66 -49.14
C THR B 229 4.40 23.13 -50.40
N HIS B 230 3.11 22.80 -50.53
CA HIS B 230 2.35 23.24 -51.69
C HIS B 230 2.24 24.76 -51.73
N THR B 231 2.04 25.40 -50.58
CA THR B 231 1.95 26.85 -50.55
C THR B 231 3.30 27.49 -50.88
N ALA B 232 4.39 26.89 -50.40
CA ALA B 232 5.71 27.43 -50.69
C ALA B 232 6.06 27.29 -52.16
N ALA B 233 5.56 26.24 -52.82
CA ALA B 233 5.83 26.05 -54.24
C ALA B 233 5.16 27.13 -55.08
N CYS B 234 3.90 27.46 -54.75
CA CYS B 234 3.19 28.48 -55.51
C CYS B 234 3.81 29.86 -55.30
N ILE B 235 4.27 30.14 -54.09
CA ILE B 235 4.90 31.43 -53.81
C ILE B 235 6.23 31.54 -54.54
N PHE B 236 6.98 30.43 -54.62
CA PHE B 236 8.30 30.46 -55.23
C PHE B 236 8.22 30.86 -56.70
N TYR B 237 7.25 30.31 -57.44
CA TYR B 237 7.10 30.69 -58.84
C TYR B 237 6.65 32.14 -58.97
N TYR B 238 5.90 32.65 -57.99
CA TYR B 238 5.48 34.04 -58.04
C TYR B 238 6.68 34.98 -57.94
N LEU B 239 7.66 34.63 -57.09
CA LEU B 239 8.85 35.47 -56.95
C LEU B 239 9.64 35.55 -58.24
N ALA B 240 9.55 34.52 -59.10
CA ALA B 240 10.23 34.55 -60.38
C ALA B 240 9.47 35.35 -61.43
N THR B 241 8.20 35.68 -61.17
CA THR B 241 7.40 36.46 -62.11
C THR B 241 7.47 37.96 -61.84
N THR B 242 7.94 38.37 -60.66
CA THR B 242 8.05 39.80 -60.36
C THR B 242 9.08 40.46 -61.26
N LEU B 243 10.18 39.77 -61.56
CA LEU B 243 11.18 40.32 -62.45
C LEU B 243 10.59 40.47 -63.86
N PRO B 244 10.92 41.56 -64.55
CA PRO B 244 10.44 41.71 -65.94
C PRO B 244 11.08 40.68 -66.86
N ALA B 245 10.38 40.44 -67.98
CA ALA B 245 10.84 39.45 -68.94
C ALA B 245 12.16 39.79 -69.60
N SER B 246 12.61 41.05 -69.49
CA SER B 246 13.89 41.44 -70.08
C SER B 246 15.05 40.71 -69.41
N GLN B 247 14.99 40.54 -68.09
CA GLN B 247 16.06 39.92 -67.32
C GLN B 247 15.60 38.60 -66.69
N GLU B 248 14.91 37.78 -67.47
CA GLU B 248 14.42 36.50 -66.99
C GLU B 248 15.54 35.50 -66.70
N GLY B 249 16.78 35.76 -67.13
CA GLY B 249 17.86 34.84 -66.88
C GLY B 249 18.34 34.81 -65.45
N TYR B 250 17.96 35.81 -64.65
CA TYR B 250 18.39 35.84 -63.25
CA TYR B 250 18.37 35.86 -63.25
C TYR B 250 17.53 34.94 -62.38
N THR B 251 16.29 34.69 -62.79
CA THR B 251 15.37 33.89 -62.00
C THR B 251 15.86 32.45 -61.88
N TRP B 252 15.37 31.75 -60.84
CA TRP B 252 15.75 30.37 -60.58
C TRP B 252 15.28 29.41 -61.67
N ILE B 253 14.26 29.79 -62.43
CA ILE B 253 13.68 28.91 -63.43
C ILE B 253 13.93 29.40 -64.85
N GLY B 254 14.10 30.71 -65.06
CA GLY B 254 14.38 31.21 -66.39
C GLY B 254 15.73 30.76 -66.93
N SER B 255 16.64 30.38 -66.05
CA SER B 255 17.95 29.86 -66.43
C SER B 255 18.05 28.36 -66.27
N LEU B 256 16.93 27.66 -66.10
CA LEU B 256 16.95 26.22 -65.88
C LEU B 256 17.31 25.48 -67.14
N LYS B 257 18.07 24.40 -66.99
CA LYS B 257 18.35 23.47 -68.09
C LYS B 257 18.59 22.10 -67.45
N LEU B 258 17.57 21.25 -67.47
CA LEU B 258 17.67 19.96 -66.81
C LEU B 258 18.36 18.93 -67.71
N GLY B 259 17.77 18.64 -68.86
CA GLY B 259 18.39 17.77 -69.84
C GLY B 259 18.70 18.53 -71.11
N ASP B 260 17.84 18.38 -72.12
CA ASP B 260 17.88 19.20 -73.32
C ASP B 260 16.71 20.18 -73.37
N TYR B 261 16.00 20.36 -72.26
CA TYR B 261 14.91 21.32 -72.21
C TYR B 261 15.46 22.70 -71.89
N SER B 262 15.20 23.66 -72.79
CA SER B 262 15.82 24.97 -72.66
C SER B 262 15.25 25.77 -71.49
N TYR B 263 13.93 25.65 -71.25
CA TYR B 263 13.24 26.43 -70.23
C TYR B 263 13.40 27.93 -70.45
N SER B 264 13.66 28.34 -71.69
CA SER B 264 14.04 29.72 -71.97
C SER B 264 12.85 30.67 -71.80
N LYS B 265 11.69 30.31 -72.35
CA LYS B 265 10.58 31.26 -72.40
C LYS B 265 10.07 31.59 -71.01
N PHE B 266 9.96 30.59 -70.13
CA PHE B 266 9.56 30.76 -68.73
C PHE B 266 8.07 31.10 -68.64
N ARG B 267 7.44 31.34 -69.78
CA ARG B 267 6.03 31.68 -69.83
C ARG B 267 5.39 30.98 -71.01
N GLU B 268 4.05 30.92 -71.00
CA GLU B 268 3.22 30.23 -71.97
C GLU B 268 3.78 28.86 -72.34
N ILE B 269 4.39 28.18 -71.37
CA ILE B 269 4.92 26.84 -71.58
C ILE B 269 3.78 25.85 -71.39
N ASP B 270 3.23 25.81 -70.17
CA ASP B 270 2.11 24.97 -69.79
C ASP B 270 1.79 25.29 -68.33
N LEU B 271 0.64 24.83 -67.87
CA LEU B 271 0.32 24.94 -66.45
C LEU B 271 0.89 23.77 -65.66
N TRP B 272 0.89 22.57 -66.24
CA TRP B 272 1.31 21.39 -65.50
C TRP B 272 2.81 21.24 -65.49
N THR B 273 3.47 21.46 -66.62
CA THR B 273 4.93 21.39 -66.66
C THR B 273 5.56 22.51 -65.85
N ARG B 274 4.88 23.66 -65.74
CA ARG B 274 5.36 24.75 -64.92
C ARG B 274 5.15 24.48 -63.43
N TYR B 275 4.05 23.82 -63.07
CA TYR B 275 3.77 23.57 -61.66
C TYR B 275 4.56 22.38 -61.13
N THR B 276 4.61 21.28 -61.89
CA THR B 276 5.26 20.07 -61.38
C THR B 276 6.75 20.27 -61.16
N THR B 277 7.38 21.17 -61.91
CA THR B 277 8.78 21.47 -61.65
C THR B 277 8.96 22.39 -60.46
N SER B 278 7.97 23.25 -60.17
CA SER B 278 8.04 24.11 -59.00
C SER B 278 7.74 23.33 -57.72
N MET B 279 6.80 22.39 -57.78
CA MET B 279 6.49 21.58 -56.61
C MET B 279 7.57 20.53 -56.36
N TYR B 280 8.19 20.01 -57.43
CA TYR B 280 9.31 19.09 -57.26
C TYR B 280 10.47 19.74 -56.53
N PHE B 281 10.65 21.05 -56.71
CA PHE B 281 11.68 21.77 -55.96
C PHE B 281 11.31 21.86 -54.49
N ALA B 282 10.05 22.18 -54.19
CA ALA B 282 9.65 22.38 -52.80
C ALA B 282 9.67 21.06 -52.02
N VAL B 283 9.28 19.97 -52.66
CA VAL B 283 9.29 18.67 -51.97
C VAL B 283 10.72 18.23 -51.68
N VAL B 284 11.63 18.42 -52.64
CA VAL B 284 13.01 18.01 -52.46
C VAL B 284 13.64 18.75 -51.29
N THR B 285 13.41 20.07 -51.20
CA THR B 285 13.96 20.84 -50.09
C THR B 285 13.18 20.66 -48.79
N MET B 286 11.98 20.08 -48.85
CA MET B 286 11.23 19.83 -47.63
C MET B 286 11.77 18.62 -46.87
N ALA B 287 12.25 17.61 -47.61
CA ALA B 287 12.81 16.40 -47.01
C ALA B 287 14.32 16.50 -46.80
N THR B 288 14.91 17.68 -46.98
CA THR B 288 16.34 17.90 -46.79
C THR B 288 17.17 16.99 -47.68
N VAL B 289 16.80 16.91 -48.96
CA VAL B 289 17.57 16.15 -49.93
C VAL B 289 18.53 17.09 -50.65
N GLY B 290 17.98 18.07 -51.35
CA GLY B 290 18.80 19.08 -52.00
C GLY B 290 19.62 18.57 -53.16
N TYR B 291 18.95 18.20 -54.26
CA TYR B 291 19.66 17.71 -55.43
C TYR B 291 20.57 18.79 -56.01
N GLY B 292 20.06 20.01 -56.13
CA GLY B 292 20.83 21.13 -56.64
C GLY B 292 20.59 21.49 -58.08
N ASP B 293 19.76 20.72 -58.79
CA ASP B 293 19.41 21.10 -60.16
C ASP B 293 18.61 22.39 -60.19
N ILE B 294 17.66 22.53 -59.26
CA ILE B 294 16.82 23.71 -59.13
C ILE B 294 17.17 24.38 -57.81
N HIS B 295 17.52 25.66 -57.87
CA HIS B 295 18.01 26.35 -56.68
C HIS B 295 17.78 27.85 -56.83
N ALA B 296 17.79 28.53 -55.69
CA ALA B 296 17.59 29.97 -55.69
C ALA B 296 18.80 30.68 -56.30
N VAL B 297 18.52 31.67 -57.15
CA VAL B 297 19.58 32.40 -57.85
C VAL B 297 19.45 33.88 -57.57
N ASN B 298 18.23 34.34 -57.28
CA ASN B 298 17.98 35.76 -57.10
C ASN B 298 18.36 36.18 -55.68
N MET B 299 18.17 37.47 -55.40
CA MET B 299 18.39 38.00 -54.05
C MET B 299 17.13 37.91 -53.20
N ARG B 300 15.96 38.09 -53.82
CA ARG B 300 14.70 37.90 -53.12
C ARG B 300 14.33 36.43 -52.96
N GLU B 301 15.01 35.54 -53.66
CA GLU B 301 14.74 34.11 -53.52
C GLU B 301 15.62 33.48 -52.44
N MET B 302 16.81 34.02 -52.20
CA MET B 302 17.61 33.56 -51.06
C MET B 302 16.91 33.87 -49.75
N ILE B 303 16.36 35.08 -49.61
CA ILE B 303 15.73 35.49 -48.36
C ILE B 303 14.54 34.59 -48.04
N PHE B 304 13.75 34.26 -49.06
CA PHE B 304 12.64 33.34 -48.86
C PHE B 304 13.11 31.91 -48.64
N ALA B 305 14.22 31.52 -49.27
CA ALA B 305 14.75 30.17 -49.09
C ALA B 305 15.20 29.94 -47.66
N MET B 306 15.87 30.93 -47.06
CA MET B 306 16.30 30.79 -45.66
C MET B 306 15.10 30.69 -44.73
N VAL B 307 14.06 31.48 -44.98
CA VAL B 307 12.89 31.47 -44.12
C VAL B 307 12.18 30.13 -44.19
N TYR B 308 11.96 29.62 -45.40
CA TYR B 308 11.28 28.33 -45.54
C TYR B 308 12.11 27.20 -44.97
N ILE B 309 13.42 27.21 -45.23
CA ILE B 309 14.29 26.14 -44.75
C ILE B 309 14.37 26.15 -43.23
N SER B 310 14.53 27.34 -42.63
CA SER B 310 14.61 27.43 -41.18
C SER B 310 13.30 27.02 -40.52
N PHE B 311 12.18 27.42 -41.11
CA PHE B 311 10.88 27.03 -40.56
C PHE B 311 10.60 25.56 -40.76
N ASP B 312 11.08 24.99 -41.87
CA ASP B 312 10.82 23.57 -42.15
C ASP B 312 11.51 22.67 -41.13
N MET B 313 12.76 22.97 -40.79
CA MET B 313 13.51 22.09 -39.88
C MET B 313 12.88 22.04 -38.50
N ILE B 314 12.21 23.11 -38.07
CA ILE B 314 11.47 23.05 -36.82
C ILE B 314 10.26 22.15 -36.95
N LEU B 315 9.51 22.29 -38.05
CA LEU B 315 8.37 21.41 -38.29
C LEU B 315 8.84 20.01 -38.65
N GLY B 316 9.93 19.89 -39.40
CA GLY B 316 10.42 18.58 -39.79
C GLY B 316 10.82 17.73 -38.60
N ALA B 317 11.49 18.34 -37.61
CA ALA B 317 11.83 17.62 -36.40
C ALA B 317 10.63 17.37 -35.50
N TYR B 318 9.52 18.09 -35.72
CA TYR B 318 8.32 17.88 -34.93
C TYR B 318 7.66 16.56 -35.29
N LEU B 319 7.68 16.19 -36.57
CA LEU B 319 7.14 14.90 -36.98
C LEU B 319 7.91 13.75 -36.35
N ILE B 320 9.24 13.86 -36.33
CA ILE B 320 10.06 12.83 -35.70
C ILE B 320 9.79 12.77 -34.20
N GLY B 321 9.71 13.93 -33.55
CA GLY B 321 9.46 13.95 -32.12
C GLY B 321 8.08 13.44 -31.75
N ASN B 322 7.08 13.74 -32.58
CA ASN B 322 5.71 13.33 -32.27
C ASN B 322 5.54 11.82 -32.39
N MET B 323 6.11 11.22 -33.45
CA MET B 323 5.99 9.78 -33.61
C MET B 323 6.84 9.03 -32.60
N THR B 324 7.96 9.62 -32.18
CA THR B 324 8.82 8.96 -31.20
C THR B 324 8.09 8.79 -29.87
N ALA B 325 7.34 9.80 -29.45
CA ALA B 325 6.63 9.72 -28.17
C ALA B 325 5.58 8.61 -28.19
N LEU B 326 4.85 8.46 -29.29
CA LEU B 326 3.80 7.45 -29.37
C LEU B 326 4.38 6.04 -29.38
N ILE B 327 5.51 5.85 -30.06
CA ILE B 327 6.15 4.55 -30.07
C ILE B 327 6.73 4.23 -28.69
N VAL B 328 7.31 5.23 -28.03
CA VAL B 328 7.87 5.03 -26.70
C VAL B 328 6.78 4.67 -25.70
N LYS B 329 5.60 5.28 -25.84
CA LYS B 329 4.50 5.02 -24.91
C LYS B 329 4.08 3.56 -24.97
N GLY B 330 3.98 2.98 -26.17
CA GLY B 330 3.57 1.60 -26.29
C GLY B 330 2.11 1.40 -25.92
N SER B 331 1.80 0.19 -25.46
CA SER B 331 0.44 -0.16 -25.09
C SER B 331 0.50 -1.09 -23.87
N LYS B 332 -0.69 -1.47 -23.39
CA LYS B 332 -0.76 -2.37 -22.24
C LYS B 332 -0.19 -3.74 -22.58
N THR B 333 -0.49 -4.26 -23.77
CA THR B 333 0.00 -5.58 -24.16
C THR B 333 1.51 -5.58 -24.31
N GLU B 334 2.08 -4.50 -24.84
CA GLU B 334 3.53 -4.42 -24.99
C GLU B 334 4.23 -4.45 -23.64
N ARG B 335 3.71 -3.68 -22.67
CA ARG B 335 4.25 -3.74 -21.32
C ARG B 335 4.03 -5.10 -20.69
N PHE B 336 2.85 -5.69 -20.91
CA PHE B 336 2.57 -7.01 -20.38
C PHE B 336 3.49 -8.07 -20.98
N ARG B 337 3.79 -7.93 -22.28
CA ARG B 337 4.70 -8.88 -22.93
C ARG B 337 6.09 -8.80 -22.30
N ASP B 338 6.56 -7.59 -22.01
CA ASP B 338 7.89 -7.43 -21.41
C ASP B 338 7.96 -8.09 -20.04
N LYS B 339 6.90 -7.96 -19.24
CA LYS B 339 6.91 -8.55 -17.90
C LYS B 339 7.01 -10.08 -17.97
N MET B 340 6.26 -10.71 -18.89
CA MET B 340 6.38 -12.15 -19.05
C MET B 340 7.72 -12.55 -19.64
N ALA B 341 8.31 -11.70 -20.48
CA ALA B 341 9.63 -12.00 -21.02
C ALA B 341 10.69 -12.04 -19.93
N ASP B 342 10.62 -11.11 -18.98
CA ASP B 342 11.62 -11.05 -17.92
C ASP B 342 11.54 -12.26 -17.00
N ILE B 343 10.33 -12.62 -16.57
CA ILE B 343 10.18 -13.73 -15.64
C ILE B 343 10.53 -15.06 -16.33
N MET B 344 10.21 -15.19 -17.61
CA MET B 344 10.52 -16.44 -18.33
C MET B 344 12.02 -16.68 -18.38
N ARG B 345 12.81 -15.62 -18.59
CA ARG B 345 14.26 -15.77 -18.60
C ARG B 345 14.78 -16.25 -17.26
N TYR B 346 14.27 -15.67 -16.16
CA TYR B 346 14.68 -16.12 -14.83
C TYR B 346 14.23 -17.55 -14.57
N MET B 347 12.99 -17.88 -14.91
CA MET B 347 12.48 -19.22 -14.66
C MET B 347 13.23 -20.26 -15.48
N ASN B 348 13.55 -19.94 -16.74
CA ASN B 348 14.33 -20.85 -17.57
C ASN B 348 15.81 -20.85 -17.21
N ARG B 349 16.27 -19.85 -16.44
CA ARG B 349 17.69 -19.79 -16.07
C ARG B 349 18.07 -20.98 -15.20
N ASN B 350 17.22 -21.34 -14.24
CA ASN B 350 17.48 -22.49 -13.38
C ASN B 350 17.00 -23.80 -13.96
N LYS B 351 16.31 -23.77 -15.11
CA LYS B 351 15.78 -24.97 -15.76
C LYS B 351 14.90 -25.77 -14.81
N LEU B 352 13.98 -25.06 -14.15
CA LEU B 352 13.13 -25.66 -13.12
C LEU B 352 11.73 -25.93 -13.66
N GLY B 353 11.20 -27.10 -13.32
CA GLY B 353 9.80 -27.40 -13.55
C GLY B 353 9.43 -27.73 -14.98
N ARG B 354 8.48 -28.65 -15.13
CA ARG B 354 7.87 -28.96 -16.43
C ARG B 354 6.39 -28.65 -16.46
N ASN B 355 5.66 -29.01 -15.40
CA ASN B 355 4.27 -28.60 -15.26
C ASN B 355 4.13 -27.26 -14.52
N ILE B 356 5.13 -26.90 -13.71
CA ILE B 356 5.09 -25.61 -13.02
C ILE B 356 5.17 -24.47 -14.02
N ARG B 357 5.94 -24.66 -15.10
CA ARG B 357 6.06 -23.62 -16.12
C ARG B 357 4.70 -23.24 -16.70
N GLY B 358 3.89 -24.25 -17.05
CA GLY B 358 2.56 -23.96 -17.55
C GLY B 358 1.65 -23.34 -16.50
N GLN B 359 1.79 -23.77 -15.25
CA GLN B 359 0.92 -23.30 -14.19
C GLN B 359 1.11 -21.82 -13.92
N ILE B 360 2.36 -21.37 -13.79
CA ILE B 360 2.62 -19.97 -13.51
C ILE B 360 2.28 -19.10 -14.71
N THR B 361 2.55 -19.61 -15.92
CA THR B 361 2.20 -18.86 -17.13
C THR B 361 0.70 -18.68 -17.26
N GLY B 362 -0.08 -19.72 -16.96
CA GLY B 362 -1.52 -19.60 -17.01
C GLY B 362 -2.07 -18.63 -15.98
N HIS B 363 -1.46 -18.61 -14.79
CA HIS B 363 -1.89 -17.67 -13.75
C HIS B 363 -1.67 -16.23 -14.19
N LEU B 364 -0.52 -15.95 -14.82
CA LEU B 364 -0.24 -14.60 -15.27
C LEU B 364 -1.19 -14.19 -16.40
N ARG B 365 -1.56 -15.14 -17.27
CA ARG B 365 -2.51 -14.85 -18.33
C ARG B 365 -3.87 -14.45 -17.74
N LEU B 366 -4.31 -15.16 -16.70
CA LEU B 366 -5.55 -14.78 -16.03
C LEU B 366 -5.42 -13.42 -15.35
N GLN B 367 -4.23 -13.10 -14.83
CA GLN B 367 -4.03 -11.82 -14.16
C GLN B 367 -4.26 -10.65 -15.12
N TYR B 368 -3.73 -10.76 -16.35
CA TYR B 368 -3.94 -9.70 -17.32
C TYR B 368 -5.35 -9.72 -17.88
N GLU B 369 -5.91 -10.92 -18.11
CA GLU B 369 -7.25 -11.02 -18.65
C GLU B 369 -8.29 -10.45 -17.69
N SER B 370 -8.12 -10.69 -16.40
CA SER B 370 -9.03 -10.17 -15.37
C SER B 370 -8.56 -8.86 -14.78
N SER B 371 -7.64 -8.16 -15.44
CA SER B 371 -7.14 -6.88 -14.95
C SER B 371 -8.07 -5.74 -15.37
N TYR B 372 -9.36 -5.89 -15.11
CA TYR B 372 -10.34 -4.86 -15.42
C TYR B 372 -11.29 -4.55 -14.27
N THR B 373 -11.41 -5.41 -13.28
CA THR B 373 -12.25 -5.11 -12.12
C THR B 373 -11.71 -3.92 -11.35
N GLU B 374 -10.39 -3.85 -11.18
CA GLU B 374 -9.74 -2.72 -10.52
C GLU B 374 -9.62 -1.59 -11.55
N ALA B 375 -10.74 -0.92 -11.79
CA ALA B 375 -10.81 0.16 -12.78
C ALA B 375 -10.51 1.49 -12.09
N ALA B 376 -9.31 2.01 -12.31
CA ALA B 376 -8.97 3.32 -11.76
C ALA B 376 -9.80 4.44 -12.37
N VAL B 377 -10.32 4.22 -13.59
CA VAL B 377 -11.18 5.22 -14.22
C VAL B 377 -12.48 5.37 -13.43
N LEU B 378 -12.98 4.27 -12.88
CA LEU B 378 -14.22 4.32 -12.10
C LEU B 378 -13.94 4.79 -10.67
N GLN B 379 -13.25 5.91 -10.53
CA GLN B 379 -12.99 6.50 -9.23
C GLN B 379 -13.39 7.96 -9.15
N ASP B 380 -13.31 8.70 -10.26
CA ASP B 380 -13.79 10.07 -10.32
C ASP B 380 -15.31 10.15 -10.53
N ILE B 381 -15.95 9.04 -10.85
CA ILE B 381 -17.40 9.02 -11.03
C ILE B 381 -18.06 9.33 -9.69
N PRO B 382 -19.12 10.14 -9.65
CA PRO B 382 -19.78 10.43 -8.37
C PRO B 382 -20.36 9.18 -7.73
N VAL B 383 -20.44 9.22 -6.40
CA VAL B 383 -20.87 8.05 -5.63
C VAL B 383 -22.30 7.64 -5.99
N SER B 384 -23.16 8.62 -6.27
CA SER B 384 -24.54 8.30 -6.61
C SER B 384 -24.62 7.43 -7.86
N ILE B 385 -23.82 7.76 -8.89
CA ILE B 385 -23.74 6.90 -10.06
C ILE B 385 -23.04 5.59 -9.73
N ARG B 386 -21.96 5.67 -8.94
CA ARG B 386 -21.21 4.46 -8.59
C ARG B 386 -22.05 3.51 -7.76
N ALA B 387 -22.93 4.05 -6.90
CA ALA B 387 -23.79 3.19 -6.10
C ALA B 387 -24.77 2.41 -6.98
N LYS B 388 -25.34 3.06 -7.99
CA LYS B 388 -26.34 2.40 -8.83
C LYS B 388 -25.73 1.22 -9.58
N ILE B 389 -24.50 1.38 -10.09
CA ILE B 389 -23.85 0.29 -10.80
C ILE B 389 -23.43 -0.84 -9.88
N ALA B 390 -23.31 -0.58 -8.57
CA ALA B 390 -22.97 -1.65 -7.64
C ALA B 390 -24.14 -2.59 -7.40
N GLN B 391 -25.34 -2.03 -7.24
CA GLN B 391 -26.51 -2.85 -6.95
C GLN B 391 -27.03 -3.61 -8.17
N THR B 392 -26.60 -3.23 -9.37
CA THR B 392 -27.04 -3.93 -10.56
C THR B 392 -26.21 -5.18 -10.87
N LEU B 393 -25.08 -5.37 -10.19
CA LEU B 393 -24.22 -6.52 -10.41
C LEU B 393 -24.10 -7.42 -9.18
N TYR B 394 -23.73 -6.86 -8.04
CA TYR B 394 -23.42 -7.66 -6.86
C TYR B 394 -24.63 -7.92 -5.97
N LEU B 395 -25.61 -7.01 -5.97
CA LEU B 395 -26.76 -7.16 -5.07
C LEU B 395 -27.54 -8.45 -5.28
N PRO B 396 -27.84 -8.90 -6.51
CA PRO B 396 -28.56 -10.17 -6.65
C PRO B 396 -27.78 -11.39 -6.16
N TYR B 397 -26.49 -11.24 -5.86
CA TYR B 397 -25.67 -12.34 -5.39
C TYR B 397 -25.39 -12.28 -3.89
N ILE B 398 -25.89 -11.26 -3.19
CA ILE B 398 -25.63 -11.08 -1.77
C ILE B 398 -26.90 -11.21 -0.94
N GLU B 399 -28.04 -10.72 -1.45
CA GLU B 399 -29.25 -10.67 -0.65
C GLU B 399 -29.76 -12.05 -0.25
N LYS B 400 -29.32 -13.10 -0.94
CA LYS B 400 -29.75 -14.46 -0.65
C LYS B 400 -28.68 -15.29 0.02
N VAL B 401 -27.64 -14.65 0.56
CA VAL B 401 -26.62 -15.37 1.34
C VAL B 401 -27.24 -15.83 2.65
N PRO B 402 -27.04 -17.08 3.07
CA PRO B 402 -27.65 -17.55 4.32
C PRO B 402 -27.23 -16.75 5.55
N LEU B 403 -25.99 -16.23 5.57
CA LEU B 403 -25.53 -15.47 6.73
C LEU B 403 -26.26 -14.15 6.87
N PHE B 404 -26.71 -13.56 5.77
CA PHE B 404 -27.34 -12.25 5.76
C PHE B 404 -28.87 -12.34 5.70
N ARG B 405 -29.44 -13.34 6.37
CA ARG B 405 -30.89 -13.51 6.38
C ARG B 405 -31.49 -12.68 7.52
N GLY B 406 -32.49 -11.88 7.20
CA GLY B 406 -33.19 -11.07 8.17
C GLY B 406 -32.64 -9.67 8.37
N CYS B 407 -31.52 -9.33 7.77
CA CYS B 407 -30.95 -7.99 7.92
C CYS B 407 -31.78 -6.97 7.15
N SER B 408 -31.65 -5.72 7.57
CA SER B 408 -32.40 -4.63 6.95
C SER B 408 -31.84 -4.33 5.56
N SER B 409 -32.67 -3.70 4.74
CA SER B 409 -32.32 -3.46 3.33
C SER B 409 -31.11 -2.52 3.20
N GLU B 410 -31.09 -1.44 3.98
CA GLU B 410 -30.03 -0.44 3.82
C GLU B 410 -28.69 -0.93 4.33
N PHE B 411 -28.67 -1.91 5.24
CA PHE B 411 -27.39 -2.45 5.69
C PHE B 411 -26.69 -3.21 4.57
N ILE B 412 -27.42 -4.05 3.83
CA ILE B 412 -26.84 -4.76 2.70
C ILE B 412 -26.39 -3.78 1.63
N ASN B 413 -27.15 -2.68 1.44
CA ASN B 413 -26.77 -1.68 0.45
C ASN B 413 -25.43 -1.03 0.78
N GLN B 414 -25.02 -1.07 2.04
CA GLN B 414 -23.76 -0.44 2.43
C GLN B 414 -22.58 -1.38 2.20
N ILE B 415 -22.77 -2.68 2.44
CA ILE B 415 -21.67 -3.63 2.27
C ILE B 415 -21.43 -3.93 0.79
N VAL B 416 -22.46 -3.73 -0.04
CA VAL B 416 -22.32 -4.00 -1.47
C VAL B 416 -21.43 -2.97 -2.15
N ILE B 417 -21.24 -1.80 -1.53
CA ILE B 417 -20.40 -0.77 -2.13
C ILE B 417 -18.93 -1.17 -2.09
N ARG B 418 -18.50 -1.76 -0.96
CA ARG B 418 -17.09 -2.06 -0.75
C ARG B 418 -16.66 -3.41 -1.30
N LEU B 419 -17.57 -4.14 -1.93
CA LEU B 419 -17.23 -5.47 -2.44
C LEU B 419 -16.23 -5.36 -3.59
N HIS B 420 -15.27 -6.28 -3.61
CA HIS B 420 -14.24 -6.33 -4.63
C HIS B 420 -14.32 -7.65 -5.40
N GLU B 421 -14.00 -7.60 -6.68
CA GLU B 421 -13.99 -8.77 -7.54
C GLU B 421 -12.61 -9.40 -7.55
N GLU B 422 -12.58 -10.73 -7.75
CA GLU B 422 -11.33 -11.46 -7.82
C GLU B 422 -11.56 -12.78 -8.53
N PHE B 423 -10.64 -13.14 -9.43
CA PHE B 423 -10.71 -14.38 -10.19
C PHE B 423 -9.58 -15.30 -9.76
N PHE B 424 -9.86 -16.60 -9.71
CA PHE B 424 -8.89 -17.59 -9.29
C PHE B 424 -8.85 -18.73 -10.30
N LEU B 425 -7.66 -19.06 -10.77
CA LEU B 425 -7.49 -20.21 -11.66
C LEU B 425 -7.65 -21.50 -10.87
N PRO B 426 -8.28 -22.52 -11.46
CA PRO B 426 -8.46 -23.79 -10.73
C PRO B 426 -7.12 -24.42 -10.36
N GLY B 427 -7.10 -25.04 -9.18
CA GLY B 427 -5.93 -25.77 -8.70
C GLY B 427 -5.10 -25.04 -7.65
N GLU B 428 -5.31 -23.75 -7.46
CA GLU B 428 -4.53 -22.96 -6.51
C GLU B 428 -5.28 -22.80 -5.19
N VAL B 429 -4.54 -22.40 -4.16
CA VAL B 429 -5.05 -22.32 -2.79
C VAL B 429 -5.29 -20.86 -2.43
N ILE B 430 -6.42 -20.60 -1.78
CA ILE B 430 -6.73 -19.24 -1.33
C ILE B 430 -5.97 -18.91 -0.05
N MET B 431 -6.22 -19.67 1.00
CA MET B 431 -5.50 -19.52 2.26
C MET B 431 -5.18 -20.89 2.83
N GLU B 432 -4.16 -20.94 3.67
CA GLU B 432 -3.63 -22.19 4.21
C GLU B 432 -4.08 -22.37 5.66
N GLN B 433 -3.81 -23.57 6.18
CA GLN B 433 -4.14 -23.89 7.56
C GLN B 433 -3.28 -23.08 8.52
N GLY B 434 -3.89 -22.66 9.62
CA GLY B 434 -3.18 -21.95 10.66
C GLY B 434 -2.89 -20.50 10.38
N SER B 435 -3.23 -20.00 9.19
CA SER B 435 -3.00 -18.60 8.85
C SER B 435 -4.19 -17.76 9.31
N VAL B 436 -3.88 -16.65 9.99
CA VAL B 436 -4.94 -15.77 10.49
C VAL B 436 -5.68 -15.15 9.31
N VAL B 437 -7.00 -15.26 9.32
CA VAL B 437 -7.81 -14.74 8.23
C VAL B 437 -8.01 -13.24 8.43
N ASP B 438 -7.65 -12.46 7.40
CA ASP B 438 -7.79 -11.01 7.46
C ASP B 438 -8.63 -10.48 6.29
N GLN B 439 -9.38 -11.35 5.62
CA GLN B 439 -10.25 -10.95 4.53
C GLN B 439 -11.45 -11.87 4.50
N LEU B 440 -12.62 -11.33 4.18
CA LEU B 440 -13.85 -12.11 4.08
C LEU B 440 -14.17 -12.34 2.61
N TYR B 441 -14.46 -13.59 2.26
CA TYR B 441 -14.64 -13.99 0.88
C TYR B 441 -16.06 -14.47 0.65
N PHE B 442 -16.64 -14.05 -0.48
CA PHE B 442 -17.98 -14.48 -0.89
C PHE B 442 -17.86 -15.26 -2.18
N VAL B 443 -18.52 -16.42 -2.24
CA VAL B 443 -18.47 -17.28 -3.42
C VAL B 443 -19.56 -16.85 -4.39
N CYS B 444 -19.18 -16.63 -5.64
CA CYS B 444 -20.09 -16.17 -6.66
C CYS B 444 -20.17 -17.06 -7.90
N HIS B 445 -19.18 -17.92 -8.12
CA HIS B 445 -19.18 -18.79 -9.28
C HIS B 445 -18.26 -19.98 -8.99
N GLY B 446 -18.42 -21.03 -9.79
CA GLY B 446 -17.58 -22.20 -9.65
C GLY B 446 -17.86 -22.98 -8.37
N VAL B 447 -16.90 -23.83 -8.02
CA VAL B 447 -16.97 -24.65 -6.83
C VAL B 447 -15.66 -24.52 -6.06
N LEU B 448 -15.74 -24.67 -4.73
CA LEU B 448 -14.59 -24.62 -3.85
C LEU B 448 -14.50 -25.89 -3.04
N GLU B 449 -13.29 -26.40 -2.85
CA GLU B 449 -13.05 -27.64 -2.12
C GLU B 449 -12.15 -27.36 -0.92
N GLU B 450 -12.55 -27.87 0.24
CA GLU B 450 -11.77 -27.72 1.46
C GLU B 450 -11.06 -29.03 1.75
N ILE B 451 -9.75 -28.95 1.98
CA ILE B 451 -8.91 -30.13 2.20
C ILE B 451 -8.26 -30.02 3.58
N GLY B 452 -8.30 -31.11 4.33
CA GLY B 452 -7.67 -31.15 5.64
C GLY B 452 -7.25 -32.56 5.98
N ILE B 453 -6.35 -32.66 6.96
CA ILE B 453 -5.82 -33.94 7.38
C ILE B 453 -5.35 -33.87 8.83
N GLU B 459 -4.48 -36.01 3.29
CA GLU B 459 -5.34 -35.01 2.66
C GLU B 459 -6.71 -35.60 2.35
N GLU B 460 -7.71 -35.20 3.12
CA GLU B 460 -9.07 -35.69 2.96
C GLU B 460 -10.02 -34.51 2.79
N ILE B 461 -10.97 -34.63 1.86
CA ILE B 461 -11.95 -33.60 1.59
C ILE B 461 -13.24 -33.95 2.33
N VAL B 462 -13.70 -33.05 3.19
CA VAL B 462 -14.93 -33.24 3.92
C VAL B 462 -15.92 -32.09 3.74
N ALA B 463 -15.47 -30.91 3.31
CA ALA B 463 -16.34 -29.76 3.15
C ALA B 463 -16.23 -29.24 1.73
N VAL B 464 -17.38 -29.01 1.09
CA VAL B 464 -17.45 -28.44 -0.25
C VAL B 464 -18.26 -27.16 -0.20
N LEU B 465 -17.72 -26.09 -0.77
CA LEU B 465 -18.35 -24.78 -0.76
C LEU B 465 -19.09 -24.58 -2.09
N GLN B 466 -20.41 -24.61 -2.03
CA GLN B 466 -21.27 -24.36 -3.19
C GLN B 466 -21.40 -22.87 -3.44
N PRO B 467 -21.83 -22.48 -4.64
CA PRO B 467 -22.05 -21.05 -4.91
C PRO B 467 -23.07 -20.44 -3.96
N ASP B 468 -22.96 -19.13 -3.80
CA ASP B 468 -23.83 -18.33 -2.93
C ASP B 468 -23.67 -18.67 -1.46
N HIS B 469 -22.51 -19.20 -1.06
CA HIS B 469 -22.23 -19.49 0.33
C HIS B 469 -20.93 -18.80 0.75
N SER B 470 -20.98 -18.11 1.88
CA SER B 470 -19.83 -17.40 2.40
C SER B 470 -18.99 -18.34 3.27
N PHE B 471 -17.71 -17.97 3.43
CA PHE B 471 -16.80 -18.74 4.26
C PHE B 471 -15.76 -17.80 4.85
N GLY B 472 -15.20 -18.19 5.99
CA GLY B 472 -14.25 -17.38 6.70
C GLY B 472 -14.85 -16.39 7.67
N GLU B 473 -16.18 -16.30 7.74
CA GLU B 473 -16.82 -15.37 8.66
C GLU B 473 -16.55 -15.75 10.11
N ILE B 474 -16.60 -17.04 10.43
CA ILE B 474 -16.42 -17.49 11.80
C ILE B 474 -15.01 -17.16 12.29
N SER B 475 -14.02 -17.30 11.41
CA SER B 475 -12.64 -17.04 11.80
C SER B 475 -12.43 -15.58 12.21
N ILE B 476 -13.02 -14.65 11.45
CA ILE B 476 -12.83 -13.23 11.75
C ILE B 476 -13.52 -12.86 13.05
N LEU B 477 -14.77 -13.29 13.22
CA LEU B 477 -15.52 -12.93 14.43
C LEU B 477 -14.91 -13.55 15.67
N CYS B 478 -14.45 -14.80 15.58
CA CYS B 478 -13.88 -15.50 16.72
C CYS B 478 -12.38 -15.31 16.86
N ASN B 479 -11.79 -14.45 16.03
CA ASN B 479 -10.33 -14.19 15.99
C ASN B 479 -9.53 -15.47 16.16
N ILE B 480 -9.85 -16.46 15.33
CA ILE B 480 -9.17 -17.75 15.33
C ILE B 480 -8.62 -17.97 13.93
N PRO B 481 -7.38 -18.44 13.78
CA PRO B 481 -6.85 -18.73 12.45
C PRO B 481 -7.63 -19.84 11.78
N GLN B 482 -7.67 -19.80 10.45
CA GLN B 482 -8.41 -20.79 9.69
C GLN B 482 -7.83 -22.18 9.94
N PRO B 483 -8.63 -23.13 10.43
CA PRO B 483 -8.09 -24.46 10.78
C PRO B 483 -8.24 -25.53 9.71
N TYR B 484 -8.81 -25.22 8.55
CA TYR B 484 -9.07 -26.25 7.54
C TYR B 484 -9.03 -25.56 6.17
N THR B 485 -7.90 -25.68 5.49
CA THR B 485 -7.64 -24.90 4.30
C THR B 485 -8.56 -25.30 3.15
N VAL B 486 -8.70 -24.38 2.19
CA VAL B 486 -9.60 -24.55 1.05
C VAL B 486 -8.83 -24.24 -0.23
N ARG B 487 -9.02 -25.08 -1.24
CA ARG B 487 -8.44 -24.85 -2.56
C ARG B 487 -9.55 -24.91 -3.60
N VAL B 488 -9.32 -24.23 -4.72
CA VAL B 488 -10.33 -24.12 -5.77
C VAL B 488 -10.15 -25.26 -6.76
N ALA B 489 -11.26 -25.73 -7.32
CA ALA B 489 -11.25 -26.83 -8.27
C ALA B 489 -11.72 -26.46 -9.67
N GLU B 490 -12.61 -25.47 -9.79
CA GLU B 490 -13.10 -25.01 -11.09
C GLU B 490 -12.98 -23.50 -11.14
N LEU B 491 -13.18 -22.94 -12.33
CA LEU B 491 -13.12 -21.49 -12.50
C LEU B 491 -14.14 -20.82 -11.61
N CYS B 492 -13.67 -20.10 -10.60
CA CYS B 492 -14.54 -19.53 -9.58
C CYS B 492 -14.32 -18.02 -9.48
N ARG B 493 -15.42 -17.28 -9.41
CA ARG B 493 -15.38 -15.84 -9.16
C ARG B 493 -15.69 -15.60 -7.69
N ILE B 494 -14.75 -14.96 -6.99
CA ILE B 494 -14.85 -14.75 -5.55
C ILE B 494 -15.00 -13.26 -5.29
N LEU B 495 -16.04 -12.88 -4.55
CA LEU B 495 -16.25 -11.50 -4.14
C LEU B 495 -15.56 -11.28 -2.80
N ARG B 496 -14.59 -10.38 -2.78
CA ARG B 496 -13.74 -10.16 -1.61
C ARG B 496 -14.20 -8.94 -0.84
N LEU B 497 -14.33 -9.08 0.47
CA LEU B 497 -14.66 -7.98 1.37
C LEU B 497 -13.53 -7.84 2.39
N ASP B 498 -12.99 -6.64 2.51
CA ASP B 498 -11.89 -6.40 3.44
C ASP B 498 -12.38 -6.55 4.88
N LYS B 499 -11.59 -7.26 5.69
CA LYS B 499 -11.97 -7.44 7.09
C LYS B 499 -11.97 -6.11 7.84
N GLN B 500 -10.94 -5.28 7.62
CA GLN B 500 -10.84 -4.02 8.34
C GLN B 500 -12.07 -3.14 8.11
N SER B 501 -12.64 -3.21 6.91
CA SER B 501 -13.85 -2.46 6.58
C SER B 501 -15.13 -3.24 6.88
N PHE B 502 -15.11 -4.18 7.81
CA PHE B 502 -16.30 -4.97 8.12
C PHE B 502 -16.90 -4.68 9.49
N MET B 503 -16.08 -4.49 10.53
CA MET B 503 -16.65 -4.11 11.82
C MET B 503 -17.20 -2.69 11.79
N ASN B 504 -16.49 -1.77 11.14
CA ASN B 504 -16.90 -0.36 11.18
C ASN B 504 -18.31 -0.17 10.63
N ILE B 505 -18.63 -0.85 9.53
CA ILE B 505 -20.02 -0.86 9.06
C ILE B 505 -20.89 -1.64 10.03
N LEU B 506 -20.36 -2.72 10.62
CA LEU B 506 -21.12 -3.49 11.59
C LEU B 506 -21.40 -2.68 12.85
N GLU B 507 -20.43 -1.89 13.30
CA GLU B 507 -20.62 -1.13 14.53
C GLU B 507 -21.71 -0.07 14.38
N ILE B 508 -21.71 0.67 13.27
CA ILE B 508 -22.71 1.71 13.09
C ILE B 508 -24.10 1.13 12.87
N PHE B 509 -24.20 -0.14 12.50
CA PHE B 509 -25.48 -0.83 12.31
C PHE B 509 -25.54 -1.96 13.34
N PHE B 510 -25.98 -1.63 14.55
CA PHE B 510 -26.04 -2.59 15.64
C PHE B 510 -27.40 -3.24 15.81
N HIS B 511 -28.47 -2.62 15.32
CA HIS B 511 -29.79 -3.23 15.42
C HIS B 511 -29.85 -4.54 14.65
N ASP B 512 -29.29 -4.57 13.44
CA ASP B 512 -29.22 -5.80 12.66
C ASP B 512 -27.95 -6.60 12.93
N GLY B 513 -27.00 -6.04 13.69
CA GLY B 513 -25.81 -6.79 14.05
C GLY B 513 -26.10 -7.99 14.91
N ARG B 514 -27.10 -7.89 15.79
CA ARG B 514 -27.51 -9.05 16.59
C ARG B 514 -28.06 -10.16 15.70
N ARG B 515 -28.77 -9.79 14.64
CA ARG B 515 -29.39 -10.79 13.77
C ARG B 515 -28.35 -11.67 13.08
N ILE B 516 -27.27 -11.07 12.60
CA ILE B 516 -26.24 -11.87 11.94
C ILE B 516 -25.51 -12.76 12.95
N LEU B 517 -25.43 -12.32 14.20
CA LEU B 517 -24.83 -13.18 15.23
C LEU B 517 -25.75 -14.33 15.59
N ASN B 518 -27.06 -14.05 15.70
CA ASN B 518 -28.01 -15.12 15.95
C ASN B 518 -28.11 -16.07 14.77
N ASN B 519 -27.97 -15.55 13.54
CA ASN B 519 -27.95 -16.42 12.36
C ASN B 519 -26.76 -17.36 12.40
N LEU B 520 -25.59 -16.86 12.83
CA LEU B 520 -24.41 -17.71 12.92
C LEU B 520 -24.58 -18.80 13.95
N LEU B 521 -25.15 -18.46 15.11
CA LEU B 521 -25.33 -19.44 16.17
C LEU B 521 -26.40 -20.47 15.80
N GLU B 522 -27.53 -20.01 15.24
CA GLU B 522 -28.61 -20.93 14.88
C GLU B 522 -28.21 -21.82 13.72
N GLY B 523 -27.35 -21.35 12.82
CA GLY B 523 -26.93 -22.13 11.68
C GLY B 523 -26.14 -23.37 12.05
N LYS B 524 -24.97 -23.17 12.63
CA LYS B 524 -24.14 -24.29 13.06
C LYS B 524 -24.76 -25.00 14.26
N GLU B 525 -24.42 -26.28 14.41
CA GLU B 525 -24.93 -27.06 15.54
C GLU B 525 -24.44 -26.49 16.86
N SER B 526 -23.16 -26.11 16.93
CA SER B 526 -22.61 -25.53 18.15
C SER B 526 -21.71 -24.33 17.90
N ASN B 527 -21.50 -23.93 16.65
CA ASN B 527 -20.63 -22.81 16.28
C ASN B 527 -19.24 -23.10 16.86
N VAL B 528 -18.64 -22.19 17.62
CA VAL B 528 -17.34 -22.43 18.25
C VAL B 528 -17.52 -22.13 19.74
N ARG B 529 -17.88 -23.16 20.51
CA ARG B 529 -18.10 -23.04 21.95
C ARG B 529 -19.14 -21.96 22.26
N ILE B 530 -20.14 -21.84 21.39
CA ILE B 530 -21.18 -20.82 21.49
C ILE B 530 -20.52 -19.44 21.57
N LYS B 531 -19.52 -19.22 20.72
CA LYS B 531 -18.73 -17.99 20.70
C LYS B 531 -17.98 -17.77 22.01
N GLN B 532 -17.14 -16.73 22.07
CA GLN B 532 -16.38 -16.45 23.28
C GLN B 532 -16.29 -14.97 23.61
N LEU B 533 -16.94 -14.09 22.83
CA LEU B 533 -16.86 -12.65 23.03
C LEU B 533 -15.42 -12.17 23.08
N GLU B 534 -15.11 -11.27 24.02
CA GLU B 534 -13.76 -10.75 24.21
C GLU B 534 -13.21 -10.14 22.92
N SER B 535 -14.08 -9.47 22.16
CA SER B 535 -13.71 -8.84 20.91
C SER B 535 -14.27 -7.43 20.86
N ASP B 536 -13.58 -6.56 20.14
CA ASP B 536 -14.03 -5.18 20.01
C ASP B 536 -15.39 -5.10 19.32
N ILE B 537 -15.58 -5.92 18.28
CA ILE B 537 -16.87 -5.95 17.58
C ILE B 537 -17.98 -6.41 18.51
N THR B 538 -17.71 -7.48 19.30
CA THR B 538 -18.73 -8.01 20.19
C THR B 538 -18.95 -7.13 21.40
N PHE B 539 -17.91 -6.44 21.87
CA PHE B 539 -18.06 -5.57 23.04
C PHE B 539 -18.79 -4.29 22.68
N HIS B 540 -18.48 -3.70 21.53
CA HIS B 540 -19.06 -2.41 21.17
C HIS B 540 -20.54 -2.53 20.83
N ILE B 541 -20.94 -3.63 20.19
CA ILE B 541 -22.35 -3.82 19.85
C ILE B 541 -23.18 -3.94 21.12
N SER B 542 -22.60 -4.49 22.19
CA SER B 542 -23.30 -4.56 23.46
C SER B 542 -23.43 -3.18 24.10
N LYS B 543 -22.37 -2.37 24.02
CA LYS B 543 -22.42 -1.03 24.61
C LYS B 543 -23.34 -0.11 23.83
N GLN B 544 -23.43 -0.29 22.51
CA GLN B 544 -24.32 0.55 21.72
C GLN B 544 -25.78 0.18 21.96
N GLU B 545 -26.09 -1.12 21.98
CA GLU B 545 -27.46 -1.55 22.23
C GLU B 545 -27.93 -1.17 23.62
N ALA B 546 -27.04 -1.29 24.62
CA ALA B 546 -27.39 -0.87 25.97
C ALA B 546 -27.64 0.63 26.03
N GLU B 547 -26.86 1.40 25.26
CA GLU B 547 -27.08 2.84 25.20
C GLU B 547 -28.45 3.16 24.61
N LEU B 548 -28.87 2.40 23.59
CA LEU B 548 -30.21 2.60 23.02
C LEU B 548 -31.30 2.35 24.04
N ALA B 549 -31.17 1.28 24.82
CA ALA B 549 -32.18 0.96 25.82
C ALA B 549 -32.26 2.02 26.92
N LEU B 550 -31.21 2.83 27.08
CA LEU B 550 -31.26 3.90 28.06
C LEU B 550 -32.33 4.92 27.70
N LYS B 551 -32.44 5.28 26.43
CA LYS B 551 -33.50 6.17 25.98
C LYS B 551 -34.88 5.53 26.16
N LEU B 552 -34.98 4.23 25.84
CA LEU B 552 -36.25 3.53 26.03
C LEU B 552 -36.64 3.50 27.49
N ASN B 553 -35.66 3.28 28.38
CA ASN B 553 -35.94 3.32 29.82
C ASN B 553 -36.42 4.70 30.23
N SER B 554 -35.77 5.75 29.72
CA SER B 554 -36.19 7.11 30.05
C SER B 554 -37.57 7.42 29.48
N ALA B 555 -37.86 6.93 28.28
CA ALA B 555 -39.16 7.20 27.66
C ALA B 555 -40.30 6.61 28.49
N ALA B 556 -40.11 5.41 29.01
CA ALA B 556 -41.16 4.78 29.83
C ALA B 556 -41.37 5.53 31.14
N PHE B 557 -40.33 6.19 31.66
CA PHE B 557 -40.47 6.94 32.89
C PHE B 557 -41.44 8.10 32.73
N TYR B 558 -41.37 8.80 31.59
CA TYR B 558 -42.27 9.91 31.32
C TYR B 558 -43.66 9.45 30.91
N GLY B 559 -43.86 8.17 30.63
CA GLY B 559 -45.16 7.66 30.22
C GLY B 559 -45.63 8.18 28.88
N ASP B 560 -44.74 8.27 27.90
CA ASP B 560 -45.08 8.73 26.56
C ASP B 560 -45.16 7.49 25.67
N LEU B 561 -46.36 6.89 25.60
CA LEU B 561 -46.56 5.70 24.79
C LEU B 561 -46.40 5.97 23.31
N TYR B 562 -46.50 7.23 22.88
CA TYR B 562 -46.40 7.55 21.46
C TYR B 562 -45.04 7.17 20.89
N GLN B 563 -43.96 7.46 21.63
CA GLN B 563 -42.63 7.13 21.16
C GLN B 563 -42.22 5.69 21.45
N LEU B 564 -42.94 5.00 22.34
CA LEU B 564 -42.58 3.63 22.67
C LEU B 564 -42.80 2.70 21.48
N LYS B 565 -43.95 2.80 20.82
CA LYS B 565 -44.23 1.95 19.67
C LYS B 565 -43.26 2.22 18.53
N SER B 566 -42.96 3.49 18.26
CA SER B 566 -42.02 3.82 17.20
C SER B 566 -40.61 3.34 17.53
N LEU B 567 -40.19 3.48 18.79
CA LEU B 567 -38.85 3.06 19.18
C LEU B 567 -38.66 1.56 19.02
N ILE B 568 -39.65 0.76 19.44
CA ILE B 568 -39.55 -0.68 19.30
C ILE B 568 -39.83 -1.15 17.88
N ARG B 569 -40.47 -0.32 17.07
CA ARG B 569 -40.70 -0.69 15.67
C ARG B 569 -39.39 -0.79 14.91
N ALA B 570 -38.47 0.14 15.15
CA ALA B 570 -37.17 0.15 14.46
C ALA B 570 -36.15 -0.72 15.18
N GLY B 571 -36.52 -1.96 15.46
CA GLY B 571 -35.62 -2.92 16.08
C GLY B 571 -35.46 -2.78 17.58
N GLY B 572 -36.17 -1.86 18.22
CA GLY B 572 -36.08 -1.71 19.66
C GLY B 572 -36.54 -2.94 20.41
N ASP B 573 -35.71 -3.43 21.33
CA ASP B 573 -36.02 -4.64 22.07
C ASP B 573 -36.40 -4.30 23.51
N PRO B 574 -37.66 -4.50 23.91
CA PRO B 574 -38.02 -4.31 25.33
C PRO B 574 -37.21 -5.18 26.27
N ASN B 575 -36.78 -6.36 25.83
CA ASN B 575 -35.98 -7.27 26.65
C ASN B 575 -34.52 -6.83 26.68
N LYS B 576 -34.32 -5.58 27.10
CA LYS B 576 -32.99 -4.99 27.20
C LYS B 576 -32.80 -4.40 28.59
N THR B 577 -31.57 -4.48 29.09
CA THR B 577 -31.22 -4.01 30.42
C THR B 577 -30.16 -2.94 30.31
N ASP B 578 -30.32 -1.87 31.08
CA ASP B 578 -29.33 -0.79 31.10
C ASP B 578 -28.17 -1.20 32.00
N TYR B 579 -27.27 -0.26 32.29
CA TYR B 579 -26.09 -0.59 33.09
C TYR B 579 -26.46 -0.98 34.51
N ASP B 580 -27.38 -0.24 35.15
CA ASP B 580 -27.72 -0.49 36.54
C ASP B 580 -28.94 -1.41 36.68
N GLY B 581 -28.92 -2.53 35.95
CA GLY B 581 -29.90 -3.58 36.14
C GLY B 581 -31.35 -3.23 35.85
N ARG B 582 -31.64 -1.96 35.58
CA ARG B 582 -33.03 -1.54 35.41
C ARG B 582 -33.60 -2.03 34.08
N SER B 583 -34.91 -2.17 34.05
CA SER B 583 -35.65 -2.62 32.87
C SER B 583 -36.86 -1.72 32.67
N PRO B 584 -37.35 -1.60 31.43
CA PRO B 584 -38.57 -0.81 31.21
C PRO B 584 -39.77 -1.31 32.00
N LEU B 585 -39.88 -2.62 32.22
CA LEU B 585 -40.94 -3.14 33.07
C LEU B 585 -40.79 -2.65 34.50
N HIS B 586 -39.55 -2.57 34.99
CA HIS B 586 -39.32 -2.07 36.34
C HIS B 586 -39.79 -0.63 36.47
N LEU B 587 -39.50 0.20 35.48
CA LEU B 587 -39.89 1.61 35.52
C LEU B 587 -41.36 1.82 35.19
N ALA B 588 -42.02 0.84 34.56
CA ALA B 588 -43.44 0.98 34.26
C ALA B 588 -44.26 1.06 35.54
N ALA B 589 -43.92 0.25 36.53
CA ALA B 589 -44.61 0.28 37.82
C ALA B 589 -44.14 1.40 38.72
N SER B 590 -43.07 2.11 38.35
CA SER B 590 -42.56 3.20 39.18
C SER B 590 -43.60 4.31 39.32
N ARG B 591 -44.23 4.68 38.21
CA ARG B 591 -45.27 5.70 38.20
C ARG B 591 -46.68 5.12 38.13
N GLY B 592 -46.82 3.81 38.19
CA GLY B 592 -48.12 3.18 38.10
C GLY B 592 -48.80 3.36 36.75
N TYR B 593 -48.04 3.30 35.66
CA TYR B 593 -48.58 3.47 34.31
C TYR B 593 -49.11 2.13 33.81
N GLU B 594 -50.35 1.82 34.18
CA GLU B 594 -50.98 0.59 33.72
C GLU B 594 -51.26 0.61 32.23
N ASP B 595 -51.35 1.79 31.62
CA ASP B 595 -51.63 1.87 30.18
C ASP B 595 -50.49 1.25 29.37
N ILE B 596 -49.25 1.49 29.77
CA ILE B 596 -48.10 0.92 29.07
C ILE B 596 -47.67 -0.42 29.65
N THR B 597 -48.17 -0.79 30.83
CA THR B 597 -47.79 -2.06 31.44
C THR B 597 -48.29 -3.24 30.61
N LEU B 598 -49.53 -3.15 30.11
CA LEU B 598 -50.08 -4.25 29.32
C LEU B 598 -49.36 -4.40 27.98
N TYR B 599 -48.80 -3.30 27.46
CA TYR B 599 -48.01 -3.40 26.24
C TYR B 599 -46.74 -4.22 26.46
N LEU B 600 -46.09 -4.02 27.60
CA LEU B 600 -44.90 -4.81 27.93
C LEU B 600 -45.23 -6.28 28.07
N ILE B 601 -46.38 -6.59 28.68
CA ILE B 601 -46.82 -7.99 28.77
C ILE B 601 -47.04 -8.55 27.38
N GLN B 602 -47.69 -7.79 26.50
CA GLN B 602 -47.84 -8.20 25.11
C GLN B 602 -46.50 -8.24 24.39
N GLU B 603 -45.49 -7.55 24.90
CA GLU B 603 -44.14 -7.58 24.33
C GLU B 603 -43.32 -8.77 24.80
N SER B 604 -43.89 -9.62 25.67
CA SER B 604 -43.21 -10.81 26.19
C SER B 604 -41.92 -10.45 26.93
N VAL B 605 -42.10 -9.71 28.01
CA VAL B 605 -40.99 -9.33 28.88
C VAL B 605 -40.97 -10.25 30.09
N ASP B 606 -39.80 -10.41 30.69
CA ASP B 606 -39.65 -11.24 31.88
C ASP B 606 -40.34 -10.58 33.05
N VAL B 607 -41.41 -11.20 33.55
CA VAL B 607 -42.18 -10.60 34.63
C VAL B 607 -41.45 -10.63 35.96
N ASN B 608 -40.41 -11.47 36.07
CA ASN B 608 -39.64 -11.61 37.31
C ASN B 608 -38.16 -11.39 37.08
N ILE B 609 -37.83 -10.47 36.16
CA ILE B 609 -36.43 -10.13 35.93
C ILE B 609 -35.88 -9.38 37.14
N LYS B 610 -34.67 -9.75 37.56
CA LYS B 610 -34.04 -9.17 38.74
C LYS B 610 -32.86 -8.29 38.32
N ASP B 611 -32.76 -7.13 38.95
CA ASP B 611 -31.66 -6.21 38.69
C ASP B 611 -30.43 -6.65 39.49
N LYS B 612 -29.37 -5.82 39.48
CA LYS B 612 -28.18 -6.13 40.26
C LYS B 612 -28.47 -6.11 41.76
N LEU B 613 -29.47 -5.34 42.18
CA LEU B 613 -29.88 -5.28 43.58
C LEU B 613 -30.96 -6.28 43.91
N GLY B 614 -31.37 -7.12 42.96
CA GLY B 614 -32.41 -8.10 43.19
C GLY B 614 -33.77 -7.53 43.49
N SER B 615 -34.19 -6.53 42.74
CA SER B 615 -35.48 -5.86 42.94
C SER B 615 -36.43 -6.30 41.83
N THR B 616 -37.39 -7.16 42.17
CA THR B 616 -38.41 -7.58 41.22
C THR B 616 -39.37 -6.42 40.95
N PRO B 617 -39.93 -6.35 39.74
CA PRO B 617 -40.88 -5.26 39.44
C PRO B 617 -42.08 -5.23 40.36
N LEU B 618 -42.53 -6.39 40.86
CA LEU B 618 -43.67 -6.41 41.77
C LEU B 618 -43.36 -5.67 43.06
N LEU B 619 -42.16 -5.87 43.61
CA LEU B 619 -41.77 -5.19 44.84
C LEU B 619 -41.71 -3.68 44.63
N GLU B 620 -41.19 -3.24 43.49
CA GLU B 620 -41.09 -1.81 43.21
C GLU B 620 -42.46 -1.16 43.18
N ALA B 621 -43.46 -1.84 42.59
CA ALA B 621 -44.82 -1.33 42.62
C ALA B 621 -45.35 -1.27 44.05
N ILE B 622 -45.05 -2.29 44.86
CA ILE B 622 -45.51 -2.32 46.24
C ILE B 622 -44.91 -1.16 47.04
N LYS B 623 -43.63 -0.89 46.83
CA LYS B 623 -42.96 0.19 47.57
C LYS B 623 -43.58 1.55 47.25
N ASN B 624 -43.95 1.77 45.99
CA ASN B 624 -44.52 3.04 45.57
C ASN B 624 -46.02 3.14 45.85
N GLY B 625 -46.64 2.08 46.34
CA GLY B 625 -48.04 2.13 46.71
C GLY B 625 -49.02 1.95 45.58
N ASN B 626 -48.56 1.59 44.37
CA ASN B 626 -49.43 1.41 43.22
C ASN B 626 -50.00 -0.01 43.25
N ASP B 627 -51.03 -0.19 44.09
CA ASP B 627 -51.67 -1.50 44.21
C ASP B 627 -52.45 -1.86 42.95
N ARG B 628 -52.99 -0.86 42.24
CA ARG B 628 -53.80 -1.14 41.06
C ARG B 628 -53.00 -1.87 39.98
N VAL B 629 -51.78 -1.40 39.73
CA VAL B 629 -50.94 -2.04 38.72
C VAL B 629 -50.41 -3.38 39.19
N ALA B 630 -50.39 -3.63 40.49
CA ALA B 630 -49.94 -4.92 41.00
C ALA B 630 -50.89 -6.05 40.63
N ALA B 631 -52.15 -5.75 40.34
CA ALA B 631 -53.09 -6.79 39.94
C ALA B 631 -52.69 -7.44 38.62
N LEU B 632 -52.19 -6.65 37.68
CA LEU B 632 -51.74 -7.21 36.41
C LEU B 632 -50.48 -8.06 36.59
N LEU B 633 -49.59 -7.66 37.49
CA LEU B 633 -48.34 -8.40 37.68
C LEU B 633 -48.60 -9.80 38.22
N VAL B 634 -49.45 -9.91 39.25
CA VAL B 634 -49.78 -11.23 39.79
C VAL B 634 -50.57 -12.04 38.77
N LYS B 635 -51.44 -11.39 38.01
CA LYS B 635 -52.16 -12.07 36.93
C LYS B 635 -51.19 -12.59 35.88
N GLU B 636 -50.17 -11.80 35.54
CA GLU B 636 -49.15 -12.25 34.61
C GLU B 636 -48.31 -13.39 35.16
N GLY B 637 -48.28 -13.55 36.49
CA GLY B 637 -47.53 -14.63 37.11
C GLY B 637 -46.23 -14.20 37.76
N ALA B 638 -46.21 -12.99 38.31
CA ALA B 638 -45.05 -12.49 39.02
C ALA B 638 -44.99 -13.06 40.43
N THR B 639 -43.78 -13.18 40.96
CA THR B 639 -43.55 -13.74 42.29
C THR B 639 -42.57 -12.86 43.06
N LEU B 640 -42.67 -12.91 44.38
CA LEU B 640 -41.79 -12.15 45.26
C LEU B 640 -40.65 -13.04 45.71
N ASN B 641 -39.42 -12.55 45.56
CA ASN B 641 -38.23 -13.30 45.95
C ASN B 641 -37.14 -12.32 46.31
N ILE B 642 -36.86 -12.17 47.61
CA ILE B 642 -35.82 -11.28 48.10
C ILE B 642 -34.92 -12.05 49.06
N GLU B 643 -33.69 -11.57 49.20
CA GLU B 643 -32.73 -12.17 50.11
C GLU B 643 -32.86 -11.53 51.50
N ASN B 644 -32.42 -12.28 52.51
CA ASN B 644 -32.61 -11.96 53.93
C ASN B 644 -33.99 -11.35 54.19
N ALA B 645 -35.01 -12.10 53.77
CA ALA B 645 -36.39 -11.63 53.91
C ALA B 645 -36.77 -11.44 55.38
N GLY B 646 -36.32 -12.35 56.25
CA GLY B 646 -36.65 -12.22 57.66
C GLY B 646 -36.14 -10.92 58.27
N THR B 647 -34.91 -10.54 57.92
CA THR B 647 -34.36 -9.28 58.41
C THR B 647 -35.16 -8.10 57.91
N PHE B 648 -35.64 -8.16 56.66
CA PHE B 648 -36.48 -7.11 56.13
C PHE B 648 -37.80 -7.04 56.89
N LEU B 649 -38.35 -8.20 57.27
CA LEU B 649 -39.59 -8.22 58.04
C LEU B 649 -39.41 -7.71 59.46
N CYS B 650 -38.19 -7.74 59.99
CA CYS B 650 -37.95 -7.32 61.37
C CYS B 650 -37.74 -5.81 61.51
N THR B 651 -37.58 -5.08 60.42
CA THR B 651 -37.41 -3.63 60.49
C THR B 651 -38.64 -2.86 60.01
N VAL B 652 -39.47 -3.45 59.16
CA VAL B 652 -40.69 -2.77 58.73
C VAL B 652 -41.66 -2.64 59.90
N VAL B 653 -41.70 -3.63 60.79
CA VAL B 653 -42.52 -3.53 61.98
C VAL B 653 -42.02 -2.41 62.87
N ALA B 654 -40.70 -2.21 62.94
CA ALA B 654 -40.16 -1.06 63.65
C ALA B 654 -40.59 0.24 62.98
N LYS B 655 -40.64 0.26 61.65
CA LYS B 655 -41.12 1.44 60.94
C LYS B 655 -42.60 1.69 61.21
N GLY B 656 -43.37 0.64 61.47
CA GLY B 656 -44.77 0.79 61.78
C GLY B 656 -45.66 1.07 60.58
N ASP B 657 -45.22 0.74 59.37
CA ASP B 657 -46.02 0.96 58.16
C ASP B 657 -47.00 -0.20 58.02
N SER B 658 -48.08 -0.12 58.80
CA SER B 658 -49.11 -1.17 58.76
C SER B 658 -49.78 -1.23 57.39
N ASP B 659 -50.07 -0.07 56.80
CA ASP B 659 -50.67 -0.05 55.47
C ASP B 659 -49.77 -0.70 54.43
N PHE B 660 -48.46 -0.40 54.49
CA PHE B 660 -47.52 -1.05 53.59
C PHE B 660 -47.36 -2.52 53.95
N LEU B 661 -47.45 -2.86 55.24
CA LEU B 661 -47.40 -4.27 55.65
C LEU B 661 -48.59 -5.05 55.12
N LYS B 662 -49.76 -4.40 55.02
CA LYS B 662 -50.94 -5.08 54.48
C LYS B 662 -50.72 -5.49 53.03
N ARG B 663 -50.07 -4.63 52.24
CA ARG B 663 -49.78 -4.98 50.86
C ARG B 663 -48.81 -6.16 50.76
N LEU B 664 -47.92 -6.31 51.74
CA LEU B 664 -47.04 -7.47 51.77
C LEU B 664 -47.83 -8.76 51.90
N LEU B 665 -48.85 -8.77 52.77
CA LEU B 665 -49.71 -9.93 52.92
C LEU B 665 -50.69 -10.08 51.76
N SER B 666 -50.90 -9.01 50.97
CA SER B 666 -51.79 -9.11 49.82
C SER B 666 -51.24 -10.06 48.77
N ASN B 667 -49.92 -10.06 48.58
CA ASN B 667 -49.27 -10.94 47.63
C ASN B 667 -48.95 -12.31 48.21
N GLY B 668 -49.32 -12.56 49.46
CA GLY B 668 -49.06 -13.85 50.08
C GLY B 668 -47.61 -14.18 50.31
N ILE B 669 -46.82 -13.21 50.79
CA ILE B 669 -45.42 -13.47 51.08
C ILE B 669 -45.31 -14.42 52.27
N ASP B 670 -44.24 -15.21 52.29
CA ASP B 670 -44.06 -16.20 53.35
C ASP B 670 -43.76 -15.50 54.67
N PRO B 671 -44.55 -15.74 55.72
CA PRO B 671 -44.30 -15.10 57.02
C PRO B 671 -43.39 -15.88 57.96
N ASN B 672 -42.88 -17.03 57.54
CA ASN B 672 -42.04 -17.87 58.38
C ASN B 672 -40.55 -17.52 58.27
N SER B 673 -40.21 -16.49 57.52
CA SER B 673 -38.81 -16.11 57.37
C SER B 673 -38.23 -15.63 58.69
N LYS B 674 -36.99 -16.01 58.97
CA LYS B 674 -36.30 -15.63 60.19
C LYS B 674 -34.96 -14.99 59.84
N ASP B 675 -34.51 -14.09 60.71
CA ASP B 675 -33.26 -13.37 60.50
C ASP B 675 -32.08 -14.24 60.91
N TYR B 676 -30.89 -13.64 60.97
CA TYR B 676 -29.71 -14.35 61.44
C TYR B 676 -29.82 -14.76 62.90
N ASP B 677 -30.65 -14.07 63.68
CA ASP B 677 -30.90 -14.42 65.07
C ASP B 677 -32.06 -15.39 65.23
N HIS B 678 -32.60 -15.91 64.13
CA HIS B 678 -33.75 -16.80 64.15
C HIS B 678 -34.94 -16.17 64.85
N ARG B 679 -35.11 -14.86 64.64
CA ARG B 679 -36.21 -14.10 65.24
C ARG B 679 -37.29 -13.90 64.18
N THR B 680 -38.40 -14.61 64.32
CA THR B 680 -39.53 -14.44 63.43
C THR B 680 -40.22 -13.11 63.70
N PRO B 681 -41.02 -12.61 62.76
CA PRO B 681 -41.74 -11.35 63.00
C PRO B 681 -42.64 -11.39 64.23
N LEU B 682 -43.04 -12.58 64.68
CA LEU B 682 -43.78 -12.67 65.93
C LEU B 682 -42.93 -12.24 67.12
N HIS B 683 -41.63 -12.59 67.10
CA HIS B 683 -40.76 -12.26 68.22
C HIS B 683 -40.61 -10.76 68.39
N VAL B 684 -40.34 -10.04 67.30
CA VAL B 684 -40.16 -8.59 67.39
C VAL B 684 -41.49 -7.91 67.72
N ALA B 685 -42.60 -8.41 67.16
CA ALA B 685 -43.90 -7.86 67.49
C ALA B 685 -44.22 -8.06 68.96
N ALA B 686 -43.85 -9.20 69.52
CA ALA B 686 -44.04 -9.43 70.95
C ALA B 686 -43.22 -8.45 71.77
N SER B 687 -41.97 -8.20 71.36
CA SER B 687 -41.16 -7.19 72.04
C SER B 687 -41.71 -5.78 71.81
N GLU B 688 -42.23 -5.51 70.61
CA GLU B 688 -42.79 -4.19 70.32
C GLU B 688 -44.07 -3.92 71.10
N GLY B 689 -44.76 -4.97 71.54
CA GLY B 689 -46.00 -4.79 72.28
C GLY B 689 -47.13 -4.18 71.49
N PHE B 690 -47.27 -4.57 70.23
CA PHE B 690 -48.31 -4.05 69.37
C PHE B 690 -49.59 -4.87 69.50
N TYR B 691 -50.72 -4.25 69.17
CA TYR B 691 -52.02 -4.91 69.21
C TYR B 691 -52.65 -5.04 67.84
N VAL B 692 -52.80 -3.93 67.10
CA VAL B 692 -53.35 -3.99 65.76
C VAL B 692 -52.43 -4.76 64.83
N LEU B 693 -51.13 -4.47 64.90
CA LEU B 693 -50.17 -5.20 64.07
C LEU B 693 -50.11 -6.68 64.46
N ALA B 694 -50.17 -6.97 65.75
CA ALA B 694 -50.17 -8.35 66.20
C ALA B 694 -51.41 -9.09 65.71
N ILE B 695 -52.57 -8.42 65.75
CA ILE B 695 -53.79 -9.01 65.18
C ILE B 695 -53.62 -9.23 63.68
N GLN B 696 -53.04 -8.26 62.99
CA GLN B 696 -52.71 -8.44 61.58
C GLN B 696 -51.70 -9.56 61.40
N LEU B 697 -50.68 -9.61 62.27
CA LEU B 697 -49.71 -10.69 62.22
C LEU B 697 -50.36 -12.04 62.55
N VAL B 698 -51.33 -12.04 63.48
CA VAL B 698 -52.05 -13.26 63.80
C VAL B 698 -52.80 -13.77 62.57
N GLU B 699 -53.35 -12.86 61.77
CA GLU B 699 -54.02 -13.26 60.54
C GLU B 699 -53.04 -13.90 59.57
N ALA B 700 -51.80 -13.42 59.55
CA ALA B 700 -50.77 -14.01 58.68
C ALA B 700 -50.41 -15.43 59.11
N SER B 701 -50.64 -15.78 60.38
CA SER B 701 -50.36 -17.10 60.91
C SER B 701 -48.88 -17.48 60.73
N ALA B 702 -48.02 -16.68 61.37
CA ALA B 702 -46.57 -16.90 61.33
C ALA B 702 -46.15 -17.73 62.53
N ASN B 703 -46.27 -19.05 62.38
CA ASN B 703 -45.90 -20.02 63.40
C ASN B 703 -46.69 -19.83 64.68
N VAL B 704 -46.33 -20.58 65.73
CA VAL B 704 -47.01 -20.48 67.01
C VAL B 704 -46.01 -20.05 68.08
N LEU B 705 -44.97 -20.85 68.29
CA LEU B 705 -43.96 -20.54 69.28
C LEU B 705 -42.65 -21.20 68.85
N ALA B 706 -41.74 -20.41 68.28
CA ALA B 706 -40.45 -20.88 67.82
C ALA B 706 -39.35 -20.24 68.65
N LYS B 707 -38.45 -21.06 69.19
CA LYS B 707 -37.37 -20.55 70.00
C LYS B 707 -36.39 -19.74 69.14
N ASP B 708 -35.99 -18.59 69.65
CA ASP B 708 -35.05 -17.71 68.95
C ASP B 708 -33.63 -18.06 69.37
N ARG B 709 -32.67 -17.19 69.02
CA ARG B 709 -31.28 -17.41 69.43
C ARG B 709 -31.15 -17.42 70.94
N TRP B 710 -31.85 -16.50 71.62
CA TRP B 710 -31.86 -16.49 73.08
C TRP B 710 -32.67 -17.64 73.66
N GLY B 711 -33.44 -18.35 72.84
CA GLY B 711 -34.24 -19.46 73.31
C GLY B 711 -35.60 -19.11 73.87
N ASN B 712 -35.98 -17.83 73.83
CA ASN B 712 -37.26 -17.39 74.36
C ASN B 712 -38.34 -17.52 73.29
N THR B 713 -39.43 -18.21 73.65
CA THR B 713 -40.55 -18.35 72.73
C THR B 713 -41.27 -17.01 72.57
N PRO B 714 -41.83 -16.74 71.38
CA PRO B 714 -42.56 -15.48 71.19
C PRO B 714 -43.74 -15.33 72.13
N LEU B 715 -44.43 -16.42 72.47
CA LEU B 715 -45.51 -16.35 73.44
C LEU B 715 -44.99 -15.91 74.81
N ASP B 716 -43.85 -16.46 75.22
CA ASP B 716 -43.23 -16.02 76.47
C ASP B 716 -42.79 -14.56 76.37
N GLU B 717 -42.24 -14.15 75.23
CA GLU B 717 -41.84 -12.77 75.04
C GLU B 717 -43.04 -11.83 75.09
N ALA B 718 -44.15 -12.23 74.47
CA ALA B 718 -45.36 -11.41 74.51
C ALA B 718 -45.88 -11.26 75.93
N LEU B 719 -45.91 -12.36 76.69
CA LEU B 719 -46.35 -12.29 78.08
C LEU B 719 -45.39 -11.46 78.92
N GLY B 720 -44.08 -11.64 78.71
CA GLY B 720 -43.11 -10.88 79.49
C GLY B 720 -43.13 -9.39 79.16
N CYS B 721 -43.33 -9.05 77.89
CA CYS B 721 -43.37 -7.64 77.50
C CYS B 721 -44.54 -6.91 78.13
N GLY B 722 -45.70 -7.56 78.18
CA GLY B 722 -46.91 -6.97 78.74
C GLY B 722 -48.01 -6.86 77.69
N ASN B 723 -48.65 -5.69 77.65
CA ASN B 723 -49.74 -5.41 76.71
C ASN B 723 -50.86 -6.45 76.85
N LYS B 724 -51.48 -6.44 78.04
CA LYS B 724 -52.51 -7.42 78.35
C LYS B 724 -53.68 -7.35 77.37
N MET B 725 -53.93 -6.19 76.77
CA MET B 725 -54.94 -6.09 75.73
C MET B 725 -54.58 -6.95 74.53
N LEU B 726 -53.31 -6.96 74.15
CA LEU B 726 -52.84 -7.79 73.05
C LEU B 726 -52.31 -9.14 73.51
N ILE B 727 -51.79 -9.23 74.74
CA ILE B 727 -51.30 -10.49 75.25
C ILE B 727 -52.42 -11.51 75.36
N LYS B 728 -53.58 -11.08 75.85
CA LYS B 728 -54.74 -11.98 75.91
C LYS B 728 -55.15 -12.44 74.52
N LEU B 729 -55.15 -11.53 73.55
CA LEU B 729 -55.40 -11.92 72.17
C LEU B 729 -54.27 -12.82 71.65
N LEU B 730 -53.03 -12.50 71.98
CA LEU B 730 -51.91 -13.34 71.59
C LEU B 730 -51.99 -14.71 72.25
N GLU B 731 -52.34 -14.75 73.54
CA GLU B 731 -52.49 -16.03 74.22
C GLU B 731 -53.62 -16.86 73.60
N ASP B 732 -54.75 -16.21 73.28
CA ASP B 732 -55.82 -16.91 72.59
C ASP B 732 -55.38 -17.39 71.21
N ALA B 733 -54.64 -16.53 70.49
CA ALA B 733 -54.11 -16.94 69.19
C ALA B 733 -53.09 -18.07 69.34
N LYS B 734 -52.22 -17.98 70.36
CA LYS B 734 -51.26 -19.05 70.61
C LYS B 734 -51.96 -20.35 70.97
N ASN B 735 -53.01 -20.27 71.82
CA ASN B 735 -53.76 -21.47 72.16
C ASN B 735 -54.46 -22.05 70.95
N SER B 736 -55.04 -21.19 70.10
CA SER B 736 -55.69 -21.67 68.88
C SER B 736 -54.66 -22.28 67.93
N GLN B 737 -53.49 -21.64 67.80
CA GLN B 737 -52.44 -22.18 66.94
C GLN B 737 -51.93 -23.52 67.46
N ILE B 738 -51.77 -23.63 68.78
CA ILE B 738 -51.32 -24.89 69.37
C ILE B 738 -52.35 -25.99 69.14
N SER B 739 -53.64 -25.67 69.32
CA SER B 739 -54.68 -26.65 69.07
C SER B 739 -54.73 -27.06 67.59
N SER B 740 -54.56 -26.10 66.69
CA SER B 740 -54.58 -26.38 65.26
C SER B 740 -53.28 -27.06 64.83
N VAL C 75 -3.17 -36.74 -41.43
CA VAL C 75 -3.10 -35.89 -42.62
C VAL C 75 -3.07 -34.42 -42.23
N HIS C 76 -3.60 -34.13 -41.04
CA HIS C 76 -3.58 -32.75 -40.55
C HIS C 76 -2.17 -32.20 -40.41
N PRO C 77 -1.19 -32.96 -39.85
CA PRO C 77 0.20 -32.47 -39.75
C PRO C 77 0.33 -31.09 -39.12
N ASP C 78 1.05 -30.19 -39.77
CA ASP C 78 1.30 -28.83 -39.28
C ASP C 78 2.01 -28.85 -37.94
N ASN C 79 2.78 -29.90 -37.67
CA ASN C 79 3.49 -30.03 -36.41
C ASN C 79 5.01 -30.03 -36.59
N ARG C 80 5.55 -30.95 -37.40
CA ARG C 80 6.98 -31.12 -37.51
C ARG C 80 7.53 -30.83 -38.90
N TRP C 81 6.95 -31.43 -39.94
CA TRP C 81 7.53 -31.30 -41.28
C TRP C 81 7.30 -29.93 -41.89
N TYR C 82 6.31 -29.18 -41.40
CA TYR C 82 6.10 -27.83 -41.93
C TYR C 82 7.29 -26.93 -41.62
N LYS C 83 7.86 -27.05 -40.43
CA LYS C 83 9.03 -26.25 -40.07
C LYS C 83 10.24 -26.58 -40.94
N ALA C 84 10.26 -27.75 -41.58
CA ALA C 84 11.35 -28.13 -42.46
C ALA C 84 11.09 -27.78 -43.92
N TRP C 85 9.85 -27.43 -44.28
CA TRP C 85 9.52 -27.05 -45.64
C TRP C 85 9.14 -25.59 -45.78
N THR C 86 8.45 -25.02 -44.81
CA THR C 86 8.16 -23.58 -44.85
C THR C 86 9.45 -22.77 -44.79
N MET C 87 10.40 -23.20 -43.95
CA MET C 87 11.70 -22.55 -43.91
C MET C 87 12.48 -22.80 -45.20
N PHE C 88 12.06 -23.78 -46.00
CA PHE C 88 12.69 -24.00 -47.29
C PHE C 88 12.06 -23.14 -48.37
N ILE C 89 10.73 -23.09 -48.42
CA ILE C 89 10.04 -22.27 -49.41
C ILE C 89 10.22 -20.78 -49.17
N LEU C 90 10.68 -20.39 -47.97
CA LEU C 90 11.03 -19.00 -47.74
C LEU C 90 12.19 -18.56 -48.63
N ILE C 91 13.09 -19.48 -48.96
CA ILE C 91 14.19 -19.18 -49.88
C ILE C 91 13.64 -18.83 -51.26
N TRP C 92 12.67 -19.61 -51.74
CA TRP C 92 12.04 -19.30 -53.02
C TRP C 92 11.27 -17.99 -52.94
N ALA C 93 10.61 -17.73 -51.81
CA ALA C 93 9.92 -16.46 -51.64
C ALA C 93 10.89 -15.30 -51.63
N LEU C 94 12.08 -15.49 -51.02
CA LEU C 94 13.09 -14.44 -51.00
C LEU C 94 13.63 -14.17 -52.39
N TYR C 95 13.85 -15.22 -53.18
CA TYR C 95 14.44 -15.04 -54.51
C TYR C 95 13.46 -14.38 -55.47
N SER C 96 12.20 -14.83 -55.45
CA SER C 96 11.22 -14.30 -56.40
C SER C 96 10.74 -12.92 -56.03
N SER C 97 11.05 -12.44 -54.81
CA SER C 97 10.71 -11.07 -54.45
C SER C 97 11.81 -10.09 -54.81
N PHE C 98 13.06 -10.55 -54.83
CA PHE C 98 14.19 -9.71 -55.21
C PHE C 98 14.50 -9.76 -56.70
N PHE C 99 13.88 -10.68 -57.43
CA PHE C 99 14.12 -10.84 -58.86
C PHE C 99 13.01 -10.31 -59.74
N THR C 100 11.77 -10.26 -59.22
CA THR C 100 10.66 -9.76 -60.03
C THR C 100 10.83 -8.30 -60.44
N PRO C 101 11.19 -7.37 -59.56
CA PRO C 101 11.44 -6.00 -60.05
C PRO C 101 12.58 -5.92 -61.06
N LEU C 102 13.62 -6.74 -60.89
CA LEU C 102 14.71 -6.78 -61.85
C LEU C 102 14.22 -7.30 -63.20
N GLU C 103 13.36 -8.32 -63.18
CA GLU C 103 12.81 -8.87 -64.42
C GLU C 103 11.88 -7.88 -65.09
N PHE C 104 11.08 -7.16 -64.30
CA PHE C 104 10.03 -6.31 -64.86
C PHE C 104 10.61 -5.12 -65.62
N GLY C 105 11.67 -4.51 -65.09
CA GLY C 105 12.18 -3.27 -65.66
C GLY C 105 13.31 -3.44 -66.63
N PHE C 106 14.28 -4.30 -66.31
CA PHE C 106 15.52 -4.38 -67.07
C PHE C 106 15.45 -5.33 -68.25
N PHE C 107 14.33 -6.01 -68.46
CA PHE C 107 14.21 -6.98 -69.54
C PHE C 107 12.88 -6.78 -70.27
N ARG C 108 12.93 -6.79 -71.57
CA ARG C 108 11.71 -6.85 -72.39
C ARG C 108 11.44 -8.29 -72.80
N GLY C 109 11.24 -9.13 -71.79
CA GLY C 109 11.06 -10.55 -72.00
C GLY C 109 11.98 -11.37 -71.11
N LEU C 110 12.71 -12.31 -71.70
CA LEU C 110 13.63 -13.15 -70.93
C LEU C 110 14.63 -13.81 -71.87
N PRO C 111 15.93 -13.70 -71.59
CA PRO C 111 16.91 -14.44 -72.38
C PRO C 111 16.75 -15.94 -72.18
N GLU C 112 17.10 -16.70 -73.21
CA GLU C 112 16.95 -18.15 -73.17
C GLU C 112 17.83 -18.81 -72.12
N ASN C 113 18.91 -18.13 -71.69
CA ASN C 113 19.81 -18.74 -70.71
C ASN C 113 19.20 -18.73 -69.31
N LEU C 114 18.10 -18.02 -69.11
CA LEU C 114 17.46 -17.91 -67.82
C LEU C 114 16.06 -18.51 -67.84
N PHE C 115 15.61 -19.01 -68.99
CA PHE C 115 14.25 -19.52 -69.12
C PHE C 115 13.98 -20.70 -68.20
N ILE C 116 15.00 -21.50 -67.90
CA ILE C 116 14.80 -22.70 -67.08
C ILE C 116 14.38 -22.31 -65.66
N LEU C 117 14.92 -21.20 -65.13
CA LEU C 117 14.59 -20.80 -63.77
C LEU C 117 13.14 -20.34 -63.65
N ASP C 118 12.61 -19.68 -64.69
CA ASP C 118 11.24 -19.18 -64.62
C ASP C 118 10.24 -20.32 -64.48
N ILE C 119 10.44 -21.40 -65.22
CA ILE C 119 9.57 -22.57 -65.08
C ILE C 119 9.82 -23.26 -63.75
N ALA C 120 11.08 -23.35 -63.33
CA ALA C 120 11.40 -24.03 -62.08
C ALA C 120 10.85 -23.27 -60.88
N GLY C 121 10.88 -21.91 -60.89
CA GLY C 121 10.42 -21.14 -59.75
C GLY C 121 8.94 -21.31 -59.47
N GLN C 122 8.14 -21.44 -60.52
CA GLN C 122 6.70 -21.62 -60.35
C GLN C 122 6.34 -23.03 -59.92
N ILE C 123 7.15 -24.03 -60.29
CA ILE C 123 6.86 -25.40 -59.89
C ILE C 123 6.90 -25.55 -58.38
N ALA C 124 7.90 -24.96 -57.74
CA ALA C 124 7.99 -25.02 -56.29
C ALA C 124 6.83 -24.30 -55.63
N PHE C 125 6.43 -23.15 -56.17
CA PHE C 125 5.31 -22.40 -55.59
C PHE C 125 3.97 -23.05 -55.91
N LEU C 126 3.88 -23.74 -57.04
CA LEU C 126 2.62 -24.41 -57.40
C LEU C 126 2.29 -25.53 -56.42
N VAL C 127 3.31 -26.17 -55.84
CA VAL C 127 3.06 -27.23 -54.86
C VAL C 127 2.36 -26.66 -53.63
N ASP C 128 2.82 -25.49 -53.15
CA ASP C 128 2.20 -24.86 -51.99
C ASP C 128 0.77 -24.43 -52.26
N ILE C 129 0.37 -24.31 -53.53
CA ILE C 129 -0.99 -23.91 -53.84
C ILE C 129 -1.98 -24.99 -53.42
N VAL C 130 -1.60 -26.25 -53.55
CA VAL C 130 -2.49 -27.36 -53.21
C VAL C 130 -2.13 -28.04 -51.89
N LEU C 131 -0.88 -27.91 -51.43
CA LEU C 131 -0.51 -28.53 -50.16
C LEU C 131 -1.10 -27.82 -48.96
N THR C 132 -1.44 -26.53 -49.10
CA THR C 132 -2.03 -25.78 -47.99
C THR C 132 -3.43 -26.27 -47.64
N PHE C 133 -4.08 -27.01 -48.54
CA PHE C 133 -5.39 -27.57 -48.24
C PHE C 133 -5.33 -28.61 -47.12
N PHE C 134 -4.18 -29.25 -46.93
CA PHE C 134 -4.02 -30.31 -45.93
C PHE C 134 -3.44 -29.80 -44.62
N VAL C 135 -3.33 -28.48 -44.45
CA VAL C 135 -2.76 -27.91 -43.24
C VAL C 135 -3.79 -27.92 -42.13
N ALA C 136 -3.31 -28.07 -40.89
CA ALA C 136 -4.15 -28.02 -39.70
C ALA C 136 -4.11 -26.59 -39.17
N TYR C 137 -5.09 -25.79 -39.56
CA TYR C 137 -5.13 -24.39 -39.19
C TYR C 137 -5.71 -24.23 -37.78
N ARG C 138 -5.82 -22.98 -37.33
CA ARG C 138 -6.30 -22.64 -36.01
C ARG C 138 -7.56 -21.80 -36.13
N ASP C 139 -8.06 -21.33 -34.99
CA ASP C 139 -9.23 -20.47 -34.91
C ASP C 139 -8.93 -19.31 -33.98
N SER C 140 -9.93 -18.43 -33.81
CA SER C 140 -9.77 -17.26 -32.96
C SER C 140 -9.55 -17.67 -31.51
N ARG C 141 -10.56 -18.30 -30.90
CA ARG C 141 -10.48 -18.69 -29.50
C ARG C 141 -9.39 -19.73 -29.27
N THR C 142 -9.57 -20.92 -29.84
CA THR C 142 -8.59 -22.00 -29.69
C THR C 142 -8.87 -23.13 -30.68
N TYR C 143 -7.84 -23.56 -31.41
CA TYR C 143 -7.97 -24.68 -32.32
C TYR C 143 -6.58 -25.16 -32.72
N ARG C 144 -6.31 -26.44 -32.50
CA ARG C 144 -5.05 -27.04 -32.90
C ARG C 144 -5.25 -28.10 -33.98
N MET C 145 -6.06 -29.12 -33.72
CA MET C 145 -6.34 -30.17 -34.69
C MET C 145 -7.71 -29.89 -35.32
N ILE C 146 -7.73 -28.90 -36.21
CA ILE C 146 -8.93 -28.57 -36.99
C ILE C 146 -8.73 -29.19 -38.36
N TYR C 147 -9.20 -30.42 -38.52
CA TYR C 147 -9.03 -31.19 -39.75
C TYR C 147 -10.37 -31.67 -40.28
N LYS C 148 -11.37 -30.79 -40.30
CA LYS C 148 -12.69 -31.15 -40.80
C LYS C 148 -12.78 -31.08 -42.33
N ARG C 149 -11.72 -30.66 -43.00
CA ARG C 149 -11.64 -30.53 -44.45
C ARG C 149 -12.66 -29.55 -45.02
N SER C 150 -13.33 -28.78 -44.17
CA SER C 150 -14.29 -27.77 -44.61
C SER C 150 -13.91 -26.37 -44.14
N SER C 151 -13.55 -26.21 -42.87
CA SER C 151 -13.13 -24.91 -42.37
C SER C 151 -11.78 -24.51 -42.98
N ILE C 152 -10.86 -25.47 -43.13
CA ILE C 152 -9.56 -25.17 -43.72
C ILE C 152 -9.71 -24.71 -45.16
N ALA C 153 -10.55 -25.40 -45.93
CA ALA C 153 -10.77 -25.01 -47.32
C ALA C 153 -11.42 -23.63 -47.41
N LEU C 154 -12.42 -23.38 -46.57
CA LEU C 154 -13.09 -22.07 -46.58
C LEU C 154 -12.14 -20.97 -46.13
N ARG C 155 -11.28 -21.26 -45.16
CA ARG C 155 -10.36 -20.25 -44.64
C ARG C 155 -9.38 -19.78 -45.71
N TYR C 156 -8.85 -20.71 -46.49
CA TYR C 156 -7.81 -20.37 -47.47
C TYR C 156 -8.38 -19.94 -48.82
N LEU C 157 -9.39 -20.65 -49.32
CA LEU C 157 -9.92 -20.35 -50.65
C LEU C 157 -10.51 -18.94 -50.71
N LYS C 158 -11.23 -18.54 -49.67
CA LYS C 158 -11.83 -17.21 -49.66
C LYS C 158 -10.78 -16.13 -49.48
N SER C 159 -9.80 -16.36 -48.60
CA SER C 159 -8.85 -15.31 -48.21
C SER C 159 -7.96 -14.86 -49.36
N THR C 160 -7.07 -15.73 -49.85
CA THR C 160 -6.04 -15.30 -50.80
C THR C 160 -5.81 -16.31 -51.92
N PHE C 161 -6.83 -17.07 -52.29
CA PHE C 161 -6.64 -18.05 -53.37
C PHE C 161 -6.52 -17.37 -54.72
N ILE C 162 -7.40 -16.40 -54.99
CA ILE C 162 -7.44 -15.78 -56.32
C ILE C 162 -6.12 -15.07 -56.62
N ILE C 163 -5.63 -14.29 -55.66
CA ILE C 163 -4.42 -13.51 -55.89
C ILE C 163 -3.20 -14.42 -55.99
N ASP C 164 -3.12 -15.45 -55.13
CA ASP C 164 -1.96 -16.33 -55.16
C ASP C 164 -1.90 -17.13 -56.45
N LEU C 165 -3.03 -17.68 -56.89
CA LEU C 165 -3.05 -18.47 -58.12
C LEU C 165 -2.70 -17.61 -59.33
N LEU C 166 -3.01 -16.32 -59.28
CA LEU C 166 -2.70 -15.43 -60.39
C LEU C 166 -1.20 -15.31 -60.61
N ALA C 167 -0.42 -15.24 -59.53
CA ALA C 167 1.02 -15.05 -59.65
C ALA C 167 1.70 -16.26 -60.28
N CYS C 168 1.30 -17.47 -59.89
CA CYS C 168 1.98 -18.66 -60.38
C CYS C 168 1.77 -18.90 -61.87
N MET C 169 0.77 -18.26 -62.48
CA MET C 169 0.60 -18.36 -63.92
C MET C 169 1.79 -17.72 -64.62
N PRO C 170 2.36 -18.36 -65.64
CA PRO C 170 3.57 -17.81 -66.28
C PRO C 170 3.22 -16.63 -67.18
N TRP C 171 3.51 -15.43 -66.69
CA TRP C 171 3.19 -14.20 -67.42
C TRP C 171 4.18 -13.88 -68.52
N ASP C 172 5.37 -14.48 -68.49
CA ASP C 172 6.36 -14.23 -69.54
C ASP C 172 5.89 -14.86 -70.86
N ILE C 173 5.45 -16.13 -70.81
CA ILE C 173 5.12 -16.85 -72.03
C ILE C 173 3.94 -16.19 -72.74
N ILE C 174 2.90 -15.82 -71.99
CA ILE C 174 1.72 -15.21 -72.59
C ILE C 174 2.08 -13.88 -73.24
N TYR C 175 2.93 -13.08 -72.57
CA TYR C 175 3.37 -11.81 -73.14
C TYR C 175 4.15 -12.03 -74.43
N LYS C 176 5.03 -13.03 -74.45
CA LYS C 176 5.80 -13.32 -75.67
C LYS C 176 4.91 -13.94 -76.75
N ALA C 177 3.98 -14.81 -76.35
CA ALA C 177 3.13 -15.47 -77.33
C ALA C 177 2.19 -14.47 -78.01
N ALA C 178 1.69 -13.50 -77.25
CA ALA C 178 0.77 -12.50 -77.78
C ALA C 178 1.49 -11.33 -78.46
N GLY C 179 2.73 -11.53 -78.88
CA GLY C 179 3.50 -10.49 -79.53
C GLY C 179 4.31 -9.69 -78.52
N GLU C 180 4.05 -8.39 -78.45
CA GLU C 180 4.74 -7.49 -77.51
C GLU C 180 3.71 -6.50 -76.98
N LYS C 181 3.10 -6.83 -75.85
CA LYS C 181 2.14 -5.98 -75.16
C LYS C 181 2.72 -5.57 -73.82
N GLU C 182 3.03 -4.28 -73.67
CA GLU C 182 3.51 -3.79 -72.39
C GLU C 182 2.41 -3.74 -71.33
N GLU C 183 1.15 -3.82 -71.75
CA GLU C 183 0.04 -3.74 -70.80
C GLU C 183 -0.09 -5.04 -70.01
N VAL C 184 0.03 -6.19 -70.68
CA VAL C 184 -0.14 -7.47 -69.99
C VAL C 184 1.02 -7.73 -69.05
N ARG C 185 2.20 -7.20 -69.35
CA ARG C 185 3.37 -7.41 -68.51
C ARG C 185 3.25 -6.70 -67.17
N TYR C 186 2.31 -5.76 -67.02
CA TYR C 186 2.09 -5.13 -65.72
C TYR C 186 1.63 -6.14 -64.68
N LEU C 187 0.88 -7.16 -65.10
CA LEU C 187 0.40 -8.19 -64.18
C LEU C 187 1.54 -9.02 -63.59
N LEU C 188 2.74 -8.95 -64.15
CA LEU C 188 3.90 -9.59 -63.54
C LEU C 188 4.23 -9.01 -62.18
N LEU C 189 3.73 -7.80 -61.88
CA LEU C 189 3.96 -7.16 -60.58
C LEU C 189 3.17 -7.80 -59.46
N ILE C 190 2.24 -8.72 -59.78
CA ILE C 190 1.49 -9.42 -58.75
C ILE C 190 2.41 -10.24 -57.86
N ARG C 191 3.55 -10.68 -58.40
CA ARG C 191 4.49 -11.52 -57.68
C ARG C 191 5.13 -10.82 -56.48
N LEU C 192 5.00 -9.50 -56.36
CA LEU C 192 5.54 -8.79 -55.21
C LEU C 192 4.84 -9.14 -53.90
N TYR C 193 3.68 -9.80 -53.97
CA TYR C 193 2.98 -10.20 -52.75
C TYR C 193 3.81 -11.18 -51.94
N ARG C 194 4.46 -12.14 -52.61
CA ARG C 194 5.12 -13.24 -51.90
C ARG C 194 6.31 -12.78 -51.07
N VAL C 195 6.58 -11.48 -50.98
CA VAL C 195 7.46 -10.96 -49.95
C VAL C 195 6.79 -10.99 -48.58
N HIS C 196 5.48 -11.22 -48.55
CA HIS C 196 4.74 -11.30 -47.29
C HIS C 196 5.20 -12.48 -46.45
N ARG C 197 5.76 -13.52 -47.05
CA ARG C 197 6.26 -14.65 -46.28
C ARG C 197 7.39 -14.22 -45.37
N VAL C 198 8.29 -13.36 -45.87
CA VAL C 198 9.38 -12.86 -45.04
C VAL C 198 8.83 -11.98 -43.93
N ILE C 199 7.79 -11.21 -44.21
CA ILE C 199 7.17 -10.38 -43.17
C ILE C 199 6.57 -11.26 -42.09
N LEU C 200 5.87 -12.32 -42.50
CA LEU C 200 5.32 -13.27 -41.53
C LEU C 200 6.41 -13.99 -40.75
N PHE C 201 7.52 -14.33 -41.41
CA PHE C 201 8.59 -15.04 -40.73
C PHE C 201 9.19 -14.19 -39.61
N PHE C 202 9.32 -12.89 -39.83
CA PHE C 202 9.81 -12.01 -38.77
C PHE C 202 8.82 -11.96 -37.61
N HIS C 203 7.53 -11.99 -37.90
CA HIS C 203 6.53 -12.01 -36.84
C HIS C 203 6.65 -13.28 -36.00
N LYS C 204 6.89 -14.42 -36.64
CA LYS C 204 7.10 -15.66 -35.89
C LYS C 204 8.33 -15.57 -35.01
N MET C 205 9.43 -14.99 -35.53
CA MET C 205 10.60 -14.76 -34.70
C MET C 205 10.33 -13.74 -33.60
N GLU C 206 9.37 -12.85 -33.82
CA GLU C 206 9.03 -11.85 -32.80
C GLU C 206 8.37 -12.52 -31.60
N LYS C 207 7.59 -13.58 -31.84
CA LYS C 207 6.94 -14.28 -30.74
C LYS C 207 7.94 -15.06 -29.90
N ASP C 208 9.03 -15.53 -30.50
CA ASP C 208 10.02 -16.32 -29.76
C ASP C 208 10.68 -15.47 -28.69
N ILE C 209 10.90 -16.09 -27.53
CA ILE C 209 11.49 -15.39 -26.40
C ILE C 209 13.01 -15.41 -26.44
N ARG C 210 13.62 -16.38 -27.12
CA ARG C 210 15.08 -16.48 -27.17
C ARG C 210 15.69 -15.22 -27.76
N ILE C 211 15.10 -14.69 -28.84
CA ILE C 211 15.55 -13.44 -29.42
C ILE C 211 14.85 -12.29 -28.71
N ASN C 212 15.44 -11.10 -28.81
CA ASN C 212 14.88 -9.93 -28.15
C ASN C 212 13.60 -9.49 -28.87
N TYR C 213 12.84 -8.64 -28.18
CA TYR C 213 11.56 -8.16 -28.72
C TYR C 213 11.77 -7.04 -29.73
N LEU C 214 12.38 -5.93 -29.28
CA LEU C 214 12.57 -4.79 -30.16
C LEU C 214 13.61 -5.07 -31.24
N PHE C 215 14.63 -5.87 -30.92
CA PHE C 215 15.67 -6.16 -31.90
C PHE C 215 15.11 -6.91 -33.10
N THR C 216 14.19 -7.85 -32.86
CA THR C 216 13.54 -8.55 -33.96
C THR C 216 12.62 -7.63 -34.76
N ARG C 217 12.30 -6.45 -34.23
CA ARG C 217 11.50 -5.47 -34.95
C ARG C 217 12.35 -4.44 -35.68
N ILE C 218 13.55 -4.15 -35.17
CA ILE C 218 14.45 -3.24 -35.86
C ILE C 218 14.89 -3.82 -37.19
N VAL C 219 15.21 -5.11 -37.22
CA VAL C 219 15.67 -5.74 -38.45
C VAL C 219 14.57 -5.75 -39.50
N LYS C 220 13.32 -5.93 -39.06
CA LYS C 220 12.20 -5.91 -40.00
C LYS C 220 12.07 -4.55 -40.68
N LEU C 221 12.22 -3.46 -39.92
CA LEU C 221 12.14 -2.13 -40.50
C LEU C 221 13.29 -1.89 -41.48
N ILE C 222 14.50 -2.35 -41.12
CA ILE C 222 15.65 -2.16 -41.99
C ILE C 222 15.47 -2.91 -43.30
N PHE C 223 15.02 -4.17 -43.21
CA PHE C 223 14.81 -4.96 -44.42
C PHE C 223 13.72 -4.36 -45.29
N VAL C 224 12.62 -3.91 -44.69
CA VAL C 224 11.55 -3.28 -45.45
C VAL C 224 12.04 -2.01 -46.14
N GLU C 225 12.79 -1.18 -45.40
CA GLU C 225 13.33 0.04 -45.98
C GLU C 225 14.33 -0.27 -47.07
N LEU C 226 15.17 -1.30 -46.87
CA LEU C 226 16.14 -1.69 -47.90
C LEU C 226 15.42 -2.23 -49.13
N TYR C 227 14.36 -3.02 -48.93
CA TYR C 227 13.63 -3.59 -50.07
C TYR C 227 12.98 -2.51 -50.91
N CYS C 228 12.43 -1.47 -50.27
CA CYS C 228 11.75 -0.42 -51.01
C CYS C 228 12.69 0.29 -51.97
N THR C 229 13.93 0.55 -51.55
CA THR C 229 14.89 1.19 -52.44
C THR C 229 15.20 0.31 -53.64
N HIS C 230 15.32 -1.00 -53.43
CA HIS C 230 15.59 -1.91 -54.54
C HIS C 230 14.44 -1.91 -55.53
N THR C 231 13.20 -1.91 -55.05
CA THR C 231 12.05 -1.82 -55.94
C THR C 231 11.98 -0.46 -56.63
N ALA C 232 12.28 0.60 -55.89
CA ALA C 232 12.26 1.94 -56.48
C ALA C 232 13.33 2.09 -57.56
N ALA C 233 14.52 1.54 -57.32
CA ALA C 233 15.58 1.62 -58.31
C ALA C 233 15.21 0.89 -59.59
N CYS C 234 14.59 -0.28 -59.48
CA CYS C 234 14.19 -1.04 -60.65
C CYS C 234 13.10 -0.31 -61.43
N ILE C 235 12.15 0.29 -60.72
CA ILE C 235 11.07 1.03 -61.39
C ILE C 235 11.62 2.30 -62.02
N PHE C 236 12.57 2.96 -61.35
CA PHE C 236 13.09 4.24 -61.85
C PHE C 236 13.75 4.08 -63.21
N TYR C 237 14.42 2.96 -63.44
CA TYR C 237 15.00 2.70 -64.75
C TYR C 237 13.92 2.43 -65.79
N TYR C 238 12.81 1.81 -65.38
CA TYR C 238 11.73 1.54 -66.32
C TYR C 238 11.12 2.83 -66.86
N LEU C 239 10.98 3.83 -65.99
CA LEU C 239 10.47 5.13 -66.43
C LEU C 239 11.39 5.79 -67.45
N ALA C 240 12.67 5.43 -67.44
CA ALA C 240 13.61 5.96 -68.42
C ALA C 240 13.45 5.30 -69.79
N THR C 241 13.06 4.03 -69.84
CA THR C 241 12.92 3.33 -71.11
C THR C 241 11.49 3.35 -71.65
N THR C 242 10.57 4.05 -70.98
CA THR C 242 9.22 4.17 -71.48
C THR C 242 9.12 5.14 -72.66
N LEU C 243 10.20 5.88 -72.96
CA LEU C 243 10.32 6.82 -74.06
C LEU C 243 11.06 6.18 -75.23
N PRO C 244 10.75 6.59 -76.46
CA PRO C 244 11.48 6.06 -77.61
C PRO C 244 12.96 6.44 -77.55
N ALA C 245 13.79 5.58 -78.13
CA ALA C 245 15.23 5.77 -78.08
C ALA C 245 15.70 7.00 -78.86
N SER C 246 14.86 7.55 -79.74
CA SER C 246 15.25 8.72 -80.51
C SER C 246 15.38 9.95 -79.62
N GLN C 247 14.56 10.05 -78.58
CA GLN C 247 14.56 11.19 -77.66
C GLN C 247 15.00 10.77 -76.26
N GLU C 248 16.03 9.91 -76.19
CA GLU C 248 16.55 9.45 -74.91
C GLU C 248 17.30 10.55 -74.16
N GLY C 249 17.63 11.66 -74.81
CA GLY C 249 18.37 12.73 -74.15
C GLY C 249 17.59 13.46 -73.08
N TYR C 250 16.27 13.27 -73.00
CA TYR C 250 15.44 13.92 -72.00
CA TYR C 250 15.45 13.92 -72.01
C TYR C 250 15.30 13.09 -70.74
N THR C 251 15.83 11.88 -70.71
CA THR C 251 15.73 11.01 -69.56
C THR C 251 16.78 11.37 -68.51
N TRP C 252 16.66 10.73 -67.34
CA TRP C 252 17.60 10.96 -66.26
C TRP C 252 18.93 10.25 -66.47
N ILE C 253 18.99 9.26 -67.36
CA ILE C 253 20.20 8.51 -67.59
C ILE C 253 20.74 8.68 -69.01
N GLY C 254 19.88 8.93 -69.99
CA GLY C 254 20.35 9.12 -71.36
C GLY C 254 21.25 10.34 -71.51
N SER C 255 21.04 11.36 -70.69
CA SER C 255 21.85 12.57 -70.71
C SER C 255 22.91 12.57 -69.62
N LEU C 256 23.11 11.45 -68.94
CA LEU C 256 24.07 11.39 -67.85
C LEU C 256 25.50 11.46 -68.39
N LYS C 257 26.37 12.14 -67.64
CA LYS C 257 27.80 12.15 -67.93
C LYS C 257 28.51 12.40 -66.59
N LEU C 258 29.11 11.36 -66.03
CA LEU C 258 29.71 11.44 -64.70
C LEU C 258 31.19 11.81 -64.79
N GLY C 259 31.98 11.00 -65.47
CA GLY C 259 33.38 11.33 -65.71
C GLY C 259 33.67 11.52 -67.18
N ASP C 260 34.26 10.50 -67.81
CA ASP C 260 34.37 10.44 -69.26
C ASP C 260 33.39 9.46 -69.87
N TYR C 261 32.73 8.65 -69.06
CA TYR C 261 31.66 7.79 -69.56
C TYR C 261 30.46 8.65 -69.93
N SER C 262 29.87 8.38 -71.10
CA SER C 262 28.87 9.29 -71.65
C SER C 262 27.45 8.74 -71.58
N TYR C 263 27.27 7.44 -71.38
CA TYR C 263 25.93 6.82 -71.38
C TYR C 263 25.17 7.18 -72.65
N SER C 264 25.90 7.21 -73.78
CA SER C 264 25.33 7.75 -75.01
C SER C 264 24.14 6.92 -75.49
N LYS C 265 24.26 5.60 -75.45
CA LYS C 265 23.19 4.75 -75.96
C LYS C 265 22.13 4.42 -74.91
N PHE C 266 22.53 4.31 -73.63
CA PHE C 266 21.63 4.08 -72.51
C PHE C 266 21.02 2.68 -72.58
N ARG C 267 21.28 1.97 -73.68
CA ARG C 267 20.80 0.62 -73.87
C ARG C 267 21.96 -0.26 -74.33
N GLU C 268 21.71 -1.58 -74.29
CA GLU C 268 22.69 -2.63 -74.58
C GLU C 268 24.08 -2.30 -74.06
N ILE C 269 24.15 -1.74 -72.85
CA ILE C 269 25.44 -1.51 -72.21
C ILE C 269 25.89 -2.77 -71.47
N ASP C 270 25.13 -3.16 -70.45
CA ASP C 270 25.27 -4.43 -69.74
C ASP C 270 24.19 -4.51 -68.67
N LEU C 271 24.12 -5.62 -67.94
CA LEU C 271 23.16 -5.73 -66.86
C LEU C 271 23.62 -5.03 -65.59
N TRP C 272 24.93 -5.00 -65.32
CA TRP C 272 25.44 -4.58 -64.01
C TRP C 272 25.69 -3.08 -63.92
N THR C 273 26.53 -2.54 -64.81
CA THR C 273 26.80 -1.10 -64.78
C THR C 273 25.56 -0.29 -65.07
N ARG C 274 24.56 -0.88 -65.73
CA ARG C 274 23.26 -0.24 -65.89
C ARG C 274 22.42 -0.32 -64.61
N TYR C 275 22.66 -1.33 -63.78
CA TYR C 275 21.91 -1.50 -62.54
C TYR C 275 22.53 -0.72 -61.38
N THR C 276 23.84 -0.89 -61.17
CA THR C 276 24.48 -0.22 -60.03
C THR C 276 24.45 1.29 -60.17
N THR C 277 24.33 1.80 -61.40
CA THR C 277 24.19 3.24 -61.57
C THR C 277 22.79 3.72 -61.24
N SER C 278 21.82 2.81 -61.18
CA SER C 278 20.46 3.18 -60.82
C SER C 278 20.18 2.96 -59.35
N MET C 279 20.70 1.86 -58.78
CA MET C 279 20.53 1.61 -57.36
C MET C 279 21.31 2.61 -56.52
N TYR C 280 22.48 3.05 -57.01
CA TYR C 280 23.24 4.08 -56.31
C TYR C 280 22.46 5.38 -56.23
N PHE C 281 21.72 5.71 -57.29
CA PHE C 281 20.87 6.90 -57.25
C PHE C 281 19.73 6.73 -56.25
N ALA C 282 19.16 5.53 -56.17
CA ALA C 282 18.04 5.31 -55.26
C ALA C 282 18.49 5.31 -53.80
N VAL C 283 19.62 4.67 -53.50
CA VAL C 283 20.08 4.61 -52.12
C VAL C 283 20.51 5.99 -51.63
N VAL C 284 21.07 6.82 -52.51
CA VAL C 284 21.42 8.19 -52.12
C VAL C 284 20.17 8.97 -51.76
N THR C 285 19.11 8.83 -52.55
CA THR C 285 17.87 9.54 -52.27
C THR C 285 17.24 9.07 -50.97
N MET C 286 17.31 7.76 -50.71
CA MET C 286 16.68 7.21 -49.51
C MET C 286 17.30 7.78 -48.24
N ALA C 287 18.62 7.90 -48.21
CA ALA C 287 19.32 8.43 -47.04
C ALA C 287 19.31 9.94 -46.98
N THR C 288 18.58 10.60 -47.88
CA THR C 288 18.45 12.06 -47.91
C THR C 288 19.82 12.74 -48.02
N VAL C 289 20.69 12.18 -48.86
CA VAL C 289 22.00 12.78 -49.11
C VAL C 289 21.87 13.75 -50.28
N GLY C 290 21.47 13.24 -51.44
CA GLY C 290 21.24 14.09 -52.59
C GLY C 290 22.49 14.75 -53.13
N TYR C 291 23.39 13.95 -53.71
CA TYR C 291 24.62 14.51 -54.27
C TYR C 291 24.31 15.48 -55.41
N GLY C 292 23.41 15.10 -56.31
CA GLY C 292 23.13 15.88 -57.49
C GLY C 292 23.74 15.32 -58.77
N ASP C 293 24.42 14.17 -58.70
CA ASP C 293 24.91 13.53 -59.91
C ASP C 293 23.75 13.17 -60.83
N ILE C 294 22.72 12.52 -60.28
CA ILE C 294 21.60 12.01 -61.04
C ILE C 294 20.33 12.60 -60.45
N HIS C 295 19.46 13.11 -61.32
CA HIS C 295 18.22 13.72 -60.90
C HIS C 295 17.15 13.52 -61.96
N ALA C 296 15.90 13.63 -61.54
CA ALA C 296 14.79 13.51 -62.47
C ALA C 296 14.80 14.67 -63.47
N VAL C 297 14.51 14.35 -64.73
CA VAL C 297 14.53 15.35 -65.80
C VAL C 297 13.16 15.40 -66.46
N ASN C 298 12.45 14.28 -66.42
CA ASN C 298 11.14 14.19 -67.07
C ASN C 298 10.04 14.61 -66.11
N MET C 299 8.87 14.92 -66.68
CA MET C 299 7.70 15.19 -65.85
C MET C 299 7.25 13.93 -65.12
N ARG C 300 7.32 12.77 -65.79
CA ARG C 300 6.92 11.53 -65.15
C ARG C 300 7.92 11.10 -64.09
N GLU C 301 9.21 11.37 -64.30
CA GLU C 301 10.20 11.01 -63.29
C GLU C 301 10.15 11.95 -62.09
N MET C 302 9.70 13.18 -62.29
CA MET C 302 9.48 14.08 -61.16
C MET C 302 8.33 13.58 -60.27
N ILE C 303 7.24 13.14 -60.89
CA ILE C 303 6.07 12.72 -60.11
C ILE C 303 6.40 11.52 -59.25
N PHE C 304 7.15 10.56 -59.79
CA PHE C 304 7.63 9.45 -58.98
C PHE C 304 8.66 9.92 -57.96
N ALA C 305 9.31 11.06 -58.20
CA ALA C 305 10.36 11.51 -57.29
C ALA C 305 9.78 11.95 -55.95
N MET C 306 8.73 12.78 -55.97
CA MET C 306 8.17 13.26 -54.71
C MET C 306 7.38 12.17 -53.99
N VAL C 307 6.77 11.26 -54.76
CA VAL C 307 6.04 10.15 -54.17
C VAL C 307 6.99 9.25 -53.38
N TYR C 308 8.13 8.90 -53.96
CA TYR C 308 9.10 8.08 -53.26
C TYR C 308 9.73 8.83 -52.10
N ILE C 309 10.08 10.10 -52.32
CA ILE C 309 10.75 10.88 -51.28
C ILE C 309 9.81 11.11 -50.08
N SER C 310 8.56 11.47 -50.35
CA SER C 310 7.63 11.74 -49.25
C SER C 310 7.36 10.50 -48.43
N PHE C 311 7.20 9.34 -49.07
CA PHE C 311 6.94 8.11 -48.34
C PHE C 311 8.13 7.74 -47.46
N ASP C 312 9.35 7.88 -47.98
CA ASP C 312 10.53 7.51 -47.22
C ASP C 312 10.75 8.41 -46.00
N MET C 313 10.18 9.62 -46.01
CA MET C 313 10.29 10.48 -44.84
C MET C 313 9.59 9.87 -43.64
N ILE C 314 8.41 9.27 -43.85
CA ILE C 314 7.71 8.61 -42.76
C ILE C 314 8.48 7.37 -42.29
N LEU C 315 8.97 6.57 -43.25
CA LEU C 315 9.71 5.37 -42.89
C LEU C 315 11.02 5.72 -42.18
N GLY C 316 11.71 6.77 -42.66
CA GLY C 316 12.95 7.17 -42.02
C GLY C 316 12.73 7.63 -40.58
N ALA C 317 11.65 8.36 -40.34
CA ALA C 317 11.31 8.77 -38.98
C ALA C 317 10.70 7.63 -38.16
N TYR C 318 10.21 6.58 -38.83
CA TYR C 318 9.68 5.43 -38.11
C TYR C 318 10.81 4.59 -37.52
N LEU C 319 11.91 4.44 -38.25
CA LEU C 319 13.04 3.67 -37.76
C LEU C 319 13.64 4.29 -36.51
N ILE C 320 13.73 5.62 -36.47
CA ILE C 320 14.25 6.29 -35.29
C ILE C 320 13.37 6.01 -34.08
N GLY C 321 12.05 6.10 -34.26
CA GLY C 321 11.14 5.88 -33.14
C GLY C 321 11.20 4.47 -32.59
N ASN C 322 11.37 3.48 -33.48
CA ASN C 322 11.47 2.10 -33.02
C ASN C 322 12.78 1.85 -32.29
N MET C 323 13.86 2.50 -32.72
CA MET C 323 15.18 2.21 -32.14
C MET C 323 15.38 2.89 -30.80
N THR C 324 14.80 4.08 -30.59
CA THR C 324 14.94 4.74 -29.30
C THR C 324 14.17 3.99 -28.22
N ALA C 325 13.09 3.30 -28.59
CA ALA C 325 12.37 2.47 -27.62
C ALA C 325 13.24 1.33 -27.14
N LEU C 326 14.16 0.84 -27.98
CA LEU C 326 15.10 -0.18 -27.55
C LEU C 326 16.09 0.36 -26.53
N ILE C 327 16.35 1.67 -26.55
CA ILE C 327 17.29 2.26 -25.62
C ILE C 327 16.60 2.77 -24.35
N VAL C 328 15.32 3.17 -24.45
CA VAL C 328 14.60 3.64 -23.27
C VAL C 328 14.43 2.54 -22.24
N LYS C 329 14.47 1.27 -22.67
CA LYS C 329 14.49 0.16 -21.73
C LYS C 329 15.82 0.16 -20.99
N GLY C 330 15.76 0.15 -19.66
CA GLY C 330 16.94 0.28 -18.83
C GLY C 330 17.98 -0.78 -19.06
N SER C 331 19.20 -0.36 -19.41
CA SER C 331 20.30 -1.29 -19.57
C SER C 331 20.79 -1.77 -18.21
N LYS C 332 21.59 -2.84 -18.23
CA LYS C 332 22.12 -3.38 -16.98
C LYS C 332 23.00 -2.38 -16.26
N THR C 333 23.87 -1.68 -17.00
CA THR C 333 24.70 -0.65 -16.40
C THR C 333 23.98 0.67 -16.23
N GLU C 334 22.84 0.86 -16.89
CA GLU C 334 22.09 2.11 -16.73
C GLU C 334 21.41 2.16 -15.37
N ARG C 335 20.82 1.04 -14.93
CA ARG C 335 20.20 0.99 -13.61
C ARG C 335 21.23 0.91 -12.49
N PHE C 336 22.40 0.35 -12.78
CA PHE C 336 23.43 0.23 -11.76
C PHE C 336 23.94 1.60 -11.32
N ARG C 337 24.16 2.51 -12.26
CA ARG C 337 24.60 3.86 -11.90
C ARG C 337 23.53 4.60 -11.10
N ASP C 338 22.27 4.48 -11.51
CA ASP C 338 21.20 5.18 -10.81
C ASP C 338 21.02 4.64 -9.39
N LYS C 339 21.26 3.35 -9.19
CA LYS C 339 21.05 2.77 -7.87
C LYS C 339 22.11 3.22 -6.87
N MET C 340 23.37 3.31 -7.31
CA MET C 340 24.40 3.85 -6.43
C MET C 340 24.19 5.34 -6.16
N ALA C 341 23.62 6.06 -7.13
CA ALA C 341 23.34 7.49 -6.91
C ALA C 341 22.33 7.67 -5.77
N ASP C 342 21.33 6.80 -5.70
CA ASP C 342 20.34 6.90 -4.62
C ASP C 342 20.97 6.57 -3.27
N ILE C 343 21.76 5.51 -3.20
CA ILE C 343 22.34 5.12 -1.91
C ILE C 343 23.43 6.09 -1.49
N MET C 344 24.16 6.68 -2.44
CA MET C 344 25.24 7.59 -2.10
C MET C 344 24.73 8.81 -1.36
N ARG C 345 23.62 9.39 -1.83
CA ARG C 345 23.10 10.60 -1.20
C ARG C 345 22.56 10.33 0.20
N TYR C 346 22.21 9.08 0.49
CA TYR C 346 21.76 8.69 1.82
C TYR C 346 22.91 8.20 2.69
N MET C 347 23.89 7.53 2.09
CA MET C 347 24.94 6.88 2.86
C MET C 347 25.92 7.89 3.44
N ASN C 348 26.30 8.90 2.66
CA ASN C 348 27.19 9.94 3.17
C ASN C 348 26.43 11.02 3.94
N ARG C 349 25.10 11.07 3.82
CA ARG C 349 24.32 12.06 4.56
C ARG C 349 24.41 11.81 6.06
N ASN C 350 24.39 10.55 6.48
CA ASN C 350 24.50 10.19 7.89
C ASN C 350 25.93 10.08 8.36
N LYS C 351 26.91 10.30 7.48
CA LYS C 351 28.33 10.26 7.81
C LYS C 351 28.73 8.91 8.39
N LEU C 352 28.54 7.88 7.57
CA LEU C 352 28.93 6.52 7.94
C LEU C 352 30.44 6.37 7.90
N GLY C 353 30.95 5.41 8.67
CA GLY C 353 32.38 5.20 8.75
C GLY C 353 32.97 4.66 7.47
N ARG C 354 34.28 4.85 7.32
CA ARG C 354 34.96 4.43 6.10
C ARG C 354 35.04 2.91 5.99
N ASN C 355 35.07 2.21 7.12
CA ASN C 355 35.18 0.75 7.08
C ASN C 355 33.97 0.13 6.40
N ILE C 356 32.77 0.63 6.72
CA ILE C 356 31.55 0.11 6.12
C ILE C 356 31.37 0.55 4.67
N ARG C 357 32.16 1.52 4.20
CA ARG C 357 32.02 2.01 2.83
C ARG C 357 32.38 0.92 1.82
N GLY C 358 33.46 0.18 2.08
CA GLY C 358 33.86 -0.87 1.15
C GLY C 358 32.87 -2.01 1.07
N GLN C 359 32.21 -2.34 2.19
CA GLN C 359 31.30 -3.48 2.22
C GLN C 359 30.10 -3.25 1.31
N ILE C 360 29.51 -2.06 1.35
CA ILE C 360 28.26 -1.82 0.63
C ILE C 360 28.52 -1.72 -0.87
N THR C 361 29.46 -0.88 -1.28
CA THR C 361 29.72 -0.67 -2.70
C THR C 361 30.24 -1.94 -3.37
N GLY C 362 31.13 -2.67 -2.70
CA GLY C 362 31.61 -3.92 -3.26
C GLY C 362 30.52 -4.96 -3.40
N HIS C 363 29.63 -5.05 -2.40
CA HIS C 363 28.54 -6.02 -2.47
C HIS C 363 27.58 -5.69 -3.60
N LEU C 364 27.31 -4.40 -3.82
CA LEU C 364 26.42 -4.01 -4.89
C LEU C 364 27.01 -4.34 -6.25
N ARG C 365 28.32 -4.15 -6.41
CA ARG C 365 28.97 -4.48 -7.68
C ARG C 365 28.87 -5.97 -7.98
N LEU C 366 28.75 -6.81 -6.95
CA LEU C 366 28.57 -8.24 -7.18
C LEU C 366 27.28 -8.52 -7.95
N GLN C 367 26.20 -7.83 -7.59
CA GLN C 367 24.93 -8.04 -8.28
C GLN C 367 25.01 -7.66 -9.75
N TYR C 368 25.69 -6.56 -10.07
CA TYR C 368 25.81 -6.12 -11.45
C TYR C 368 26.83 -6.96 -12.22
N GLU C 369 28.02 -7.15 -11.65
CA GLU C 369 29.07 -7.89 -12.35
C GLU C 369 28.67 -9.33 -12.64
N SER C 370 28.09 -10.00 -11.64
CA SER C 370 27.63 -11.38 -11.84
C SER C 370 26.28 -11.46 -12.50
N SER C 371 25.59 -10.34 -12.69
CA SER C 371 24.26 -10.26 -13.33
C SER C 371 23.32 -11.18 -12.53
N TYR C 372 22.40 -11.88 -13.20
CA TYR C 372 21.45 -12.81 -12.57
C TYR C 372 20.67 -12.03 -11.51
N THR C 373 20.50 -12.56 -10.31
CA THR C 373 19.83 -11.95 -9.16
C THR C 373 18.32 -11.79 -9.38
N GLU C 374 17.80 -12.12 -10.56
CA GLU C 374 16.36 -12.02 -10.85
C GLU C 374 15.82 -10.64 -10.51
N ALA C 375 16.53 -9.61 -10.97
CA ALA C 375 16.18 -8.20 -10.72
C ALA C 375 16.16 -8.01 -9.20
N ALA C 376 15.21 -7.24 -8.66
CA ALA C 376 15.12 -7.00 -7.23
C ALA C 376 13.86 -7.62 -6.62
N VAL C 377 12.69 -7.27 -7.14
CA VAL C 377 11.43 -7.84 -6.64
C VAL C 377 11.11 -9.19 -7.28
N LEU C 378 11.82 -9.56 -8.34
CA LEU C 378 11.68 -10.84 -9.03
C LEU C 378 10.37 -10.91 -9.82
N GLN C 379 9.52 -9.89 -9.62
CA GLN C 379 8.18 -9.67 -10.17
C GLN C 379 7.19 -9.45 -9.05
N ASP C 380 7.25 -10.32 -8.03
CA ASP C 380 6.34 -10.37 -6.88
C ASP C 380 4.92 -10.72 -7.29
N ILE C 381 4.66 -10.96 -8.58
CA ILE C 381 3.35 -11.39 -9.07
C ILE C 381 3.10 -12.86 -8.78
N PRO C 382 4.12 -13.76 -8.83
CA PRO C 382 3.89 -15.16 -8.45
C PRO C 382 3.12 -15.34 -7.15
N VAL C 383 2.18 -16.27 -7.17
CA VAL C 383 1.34 -16.62 -6.01
C VAL C 383 2.19 -17.33 -4.97
N SER C 384 1.60 -17.57 -3.80
CA SER C 384 2.30 -18.23 -2.69
C SER C 384 2.70 -19.66 -3.03
N ILE C 385 2.48 -20.07 -4.28
CA ILE C 385 2.96 -21.34 -4.79
C ILE C 385 4.49 -21.35 -4.87
N ARG C 386 5.11 -20.24 -4.50
CA ARG C 386 6.57 -20.18 -4.40
C ARG C 386 7.12 -21.22 -3.44
N ALA C 387 6.31 -21.68 -2.48
CA ALA C 387 6.73 -22.76 -1.61
C ALA C 387 7.08 -24.01 -2.40
N LYS C 388 6.35 -24.27 -3.49
CA LYS C 388 6.70 -25.39 -4.36
C LYS C 388 8.06 -25.17 -5.02
N ILE C 389 8.40 -23.92 -5.34
CA ILE C 389 9.70 -23.62 -5.91
C ILE C 389 10.81 -23.86 -4.89
N ALA C 390 10.54 -23.63 -3.61
CA ALA C 390 11.59 -23.71 -2.60
C ALA C 390 12.20 -25.11 -2.53
N GLN C 391 11.37 -26.14 -2.54
CA GLN C 391 11.88 -27.51 -2.49
C GLN C 391 12.45 -27.97 -3.82
N THR C 392 12.28 -27.20 -4.89
CA THR C 392 12.87 -27.57 -6.17
C THR C 392 14.37 -27.29 -6.22
N LEU C 393 14.84 -26.26 -5.50
CA LEU C 393 16.24 -25.88 -5.51
C LEU C 393 16.91 -26.03 -4.15
N TYR C 394 16.27 -25.54 -3.08
CA TYR C 394 16.91 -25.52 -1.77
C TYR C 394 16.89 -26.87 -1.07
N LEU C 395 16.03 -27.79 -1.49
CA LEU C 395 15.93 -29.08 -0.80
C LEU C 395 17.20 -29.90 -0.83
N PRO C 396 17.89 -30.08 -1.98
CA PRO C 396 19.11 -30.92 -1.95
C PRO C 396 20.18 -30.43 -0.99
N TYR C 397 20.33 -29.11 -0.84
CA TYR C 397 21.35 -28.61 0.09
C TYR C 397 20.93 -28.75 1.54
N ILE C 398 19.63 -28.87 1.81
CA ILE C 398 19.16 -28.92 3.19
C ILE C 398 19.37 -30.31 3.78
N GLU C 399 18.98 -31.35 3.04
CA GLU C 399 19.08 -32.72 3.57
C GLU C 399 20.52 -33.17 3.74
N LYS C 400 21.48 -32.52 3.08
CA LYS C 400 22.86 -32.95 3.13
C LYS C 400 23.60 -32.46 4.36
N VAL C 401 23.01 -31.57 5.15
CA VAL C 401 23.71 -31.06 6.35
C VAL C 401 23.81 -32.18 7.38
N PRO C 402 24.91 -32.27 8.14
CA PRO C 402 25.02 -33.34 9.14
C PRO C 402 24.02 -33.22 10.28
N LEU C 403 23.61 -32.00 10.64
CA LEU C 403 22.79 -31.80 11.82
C LEU C 403 21.38 -32.38 11.63
N PHE C 404 20.81 -32.25 10.43
CA PHE C 404 19.48 -32.75 10.16
C PHE C 404 19.45 -34.23 9.78
N ARG C 405 20.50 -34.98 10.09
CA ARG C 405 20.53 -36.39 9.77
C ARG C 405 19.55 -37.17 10.64
N GLY C 406 18.63 -37.89 10.00
CA GLY C 406 17.63 -38.66 10.71
C GLY C 406 16.34 -37.94 11.00
N CYS C 407 16.25 -36.65 10.67
CA CYS C 407 15.02 -35.90 10.91
C CYS C 407 13.92 -36.32 9.94
N SER C 408 12.67 -36.14 10.38
CA SER C 408 11.53 -36.49 9.54
C SER C 408 11.47 -35.60 8.31
N SER C 409 11.04 -36.19 7.20
CA SER C 409 10.99 -35.46 5.94
C SER C 409 10.00 -34.29 6.01
N GLU C 410 8.85 -34.51 6.68
CA GLU C 410 7.85 -33.46 6.77
C GLU C 410 8.38 -32.24 7.51
N PHE C 411 9.17 -32.46 8.58
CA PHE C 411 9.75 -31.34 9.30
C PHE C 411 10.70 -30.54 8.41
N ILE C 412 11.48 -31.23 7.58
CA ILE C 412 12.34 -30.55 6.63
C ILE C 412 11.50 -29.81 5.59
N ASN C 413 10.40 -30.43 5.13
CA ASN C 413 9.54 -29.80 4.14
C ASN C 413 8.93 -28.50 4.65
N GLN C 414 8.91 -28.29 5.96
CA GLN C 414 8.36 -27.06 6.53
C GLN C 414 9.42 -25.99 6.70
N ILE C 415 10.66 -26.38 6.99
CA ILE C 415 11.73 -25.42 7.22
C ILE C 415 12.26 -24.83 5.92
N VAL C 416 12.06 -25.51 4.78
CA VAL C 416 12.62 -25.04 3.52
C VAL C 416 11.92 -23.76 3.06
N ILE C 417 10.60 -23.69 3.21
CA ILE C 417 9.83 -22.60 2.63
C ILE C 417 10.14 -21.24 3.24
N ARG C 418 10.95 -21.19 4.28
CA ARG C 418 11.29 -19.94 4.95
C ARG C 418 12.75 -19.52 4.74
N LEU C 419 13.44 -20.13 3.78
CA LEU C 419 14.84 -19.83 3.54
C LEU C 419 14.99 -18.60 2.66
N HIS C 420 16.21 -18.04 2.68
CA HIS C 420 16.59 -16.92 1.83
C HIS C 420 18.02 -17.11 1.36
N GLU C 421 18.32 -16.65 0.15
CA GLU C 421 19.63 -16.82 -0.44
C GLU C 421 20.38 -15.48 -0.42
N GLU C 422 21.58 -15.49 0.14
CA GLU C 422 22.43 -14.31 0.19
C GLU C 422 23.85 -14.67 -0.24
N PHE C 423 24.52 -13.71 -0.86
CA PHE C 423 25.90 -13.86 -1.29
C PHE C 423 26.82 -13.08 -0.37
N PHE C 424 28.11 -13.44 -0.40
CA PHE C 424 29.10 -12.78 0.44
C PHE C 424 30.45 -12.81 -0.26
N LEU C 425 31.01 -11.62 -0.51
CA LEU C 425 32.33 -11.50 -1.12
C LEU C 425 33.41 -11.91 -0.13
N PRO C 426 34.56 -12.37 -0.65
CA PRO C 426 35.65 -12.78 0.25
C PRO C 426 36.16 -11.62 1.09
N GLY C 427 36.62 -11.96 2.30
CA GLY C 427 37.17 -10.97 3.22
C GLY C 427 36.17 -10.37 4.18
N GLU C 428 34.88 -10.63 4.00
CA GLU C 428 33.86 -10.08 4.88
C GLU C 428 33.76 -10.90 6.16
N VAL C 429 33.14 -10.30 7.17
CA VAL C 429 32.91 -10.94 8.46
C VAL C 429 31.41 -11.00 8.69
N ILE C 430 30.91 -12.21 8.98
CA ILE C 430 29.48 -12.42 9.17
C ILE C 430 29.12 -12.18 10.63
N MET C 431 29.79 -12.88 11.54
CA MET C 431 29.55 -12.75 12.97
C MET C 431 30.87 -12.43 13.66
N GLU C 432 30.84 -11.45 14.55
CA GLU C 432 32.06 -11.00 15.23
C GLU C 432 32.35 -11.91 16.42
N GLN C 433 33.28 -11.49 17.27
CA GLN C 433 33.69 -12.25 18.44
C GLN C 433 32.80 -11.91 19.63
N GLY C 434 32.25 -12.94 20.27
CA GLY C 434 31.44 -12.73 21.45
C GLY C 434 30.17 -11.95 21.20
N SER C 435 29.48 -12.22 20.09
CA SER C 435 28.26 -11.52 19.73
C SER C 435 27.12 -12.52 19.62
N VAL C 436 25.97 -12.17 20.19
CA VAL C 436 24.79 -13.02 20.08
C VAL C 436 24.35 -13.10 18.62
N VAL C 437 23.69 -14.19 18.27
CA VAL C 437 23.34 -14.49 16.89
C VAL C 437 21.82 -14.58 16.78
N ASP C 438 21.28 -14.02 15.70
CA ASP C 438 19.84 -14.02 15.46
C ASP C 438 19.43 -14.82 14.22
N GLN C 439 20.39 -15.39 13.50
CA GLN C 439 20.11 -16.08 12.24
C GLN C 439 20.82 -17.42 12.21
N LEU C 440 20.28 -18.34 11.41
CA LEU C 440 20.88 -19.65 11.18
C LEU C 440 21.31 -19.74 9.73
N TYR C 441 22.58 -20.05 9.50
CA TYR C 441 23.17 -20.03 8.17
C TYR C 441 23.57 -21.44 7.75
N PHE C 442 23.16 -21.82 6.54
CA PHE C 442 23.58 -23.06 5.90
C PHE C 442 24.44 -22.71 4.68
N VAL C 443 25.65 -23.27 4.63
CA VAL C 443 26.54 -23.02 3.50
C VAL C 443 26.16 -23.93 2.36
N CYS C 444 25.91 -23.34 1.18
CA CYS C 444 25.53 -24.09 -0.01
C CYS C 444 26.70 -24.27 -0.97
N HIS C 445 27.35 -23.18 -1.37
CA HIS C 445 28.51 -23.22 -2.24
C HIS C 445 29.52 -22.21 -1.75
N GLY C 446 30.79 -22.59 -1.75
CA GLY C 446 31.86 -21.72 -1.28
C GLY C 446 32.52 -22.28 -0.03
N VAL C 447 33.55 -21.57 0.41
CA VAL C 447 34.36 -21.97 1.55
C VAL C 447 34.30 -20.85 2.59
N LEU C 448 33.97 -21.23 3.83
CA LEU C 448 33.93 -20.30 4.94
C LEU C 448 35.06 -20.63 5.91
N GLU C 449 35.71 -19.60 6.43
CA GLU C 449 36.86 -19.75 7.32
C GLU C 449 36.49 -19.29 8.72
N GLU C 450 36.73 -20.14 9.70
CA GLU C 450 36.40 -19.86 11.10
C GLU C 450 37.65 -19.42 11.84
N ILE C 451 37.51 -18.37 12.64
CA ILE C 451 38.62 -17.85 13.44
C ILE C 451 38.18 -17.63 14.88
N GLU C 460 44.58 -16.59 14.88
CA GLU C 460 44.89 -17.69 13.97
C GLU C 460 43.63 -18.46 13.60
N ILE C 461 43.71 -19.22 12.50
CA ILE C 461 42.56 -20.01 12.06
C ILE C 461 42.35 -21.20 12.97
N VAL C 462 41.13 -21.74 12.93
CA VAL C 462 40.78 -22.89 13.75
C VAL C 462 40.29 -24.04 12.86
N ALA C 463 39.45 -23.72 11.88
CA ALA C 463 38.86 -24.75 11.03
C ALA C 463 38.33 -24.10 9.76
N VAL C 464 38.06 -24.94 8.76
CA VAL C 464 37.50 -24.50 7.48
C VAL C 464 36.18 -25.20 7.27
N LEU C 465 35.18 -24.45 6.81
CA LEU C 465 33.82 -24.95 6.64
C LEU C 465 33.58 -25.24 5.15
N GLN C 466 33.64 -26.52 4.79
CA GLN C 466 33.29 -26.93 3.45
C GLN C 466 31.78 -26.83 3.25
N PRO C 467 31.31 -26.81 2.00
CA PRO C 467 29.86 -26.79 1.75
C PRO C 467 29.15 -27.97 2.39
N ASP C 468 27.82 -27.88 2.40
CA ASP C 468 26.95 -28.83 3.10
C ASP C 468 27.27 -28.85 4.60
N HIS C 469 27.44 -27.67 5.18
CA HIS C 469 27.65 -27.53 6.61
C HIS C 469 26.87 -26.31 7.10
N SER C 470 26.56 -26.32 8.39
CA SER C 470 25.80 -25.25 9.02
C SER C 470 26.58 -24.68 10.20
N PHE C 471 26.66 -23.37 10.28
CA PHE C 471 27.34 -22.69 11.37
C PHE C 471 26.39 -21.69 12.02
N GLY C 472 26.80 -21.17 13.17
CA GLY C 472 25.91 -20.38 13.98
C GLY C 472 24.83 -21.18 14.67
N GLU C 473 25.10 -22.44 14.98
CA GLU C 473 24.10 -23.35 15.54
C GLU C 473 24.31 -23.62 17.01
N ILE C 474 25.56 -23.56 17.50
CA ILE C 474 25.80 -23.75 18.92
C ILE C 474 25.16 -22.65 19.74
N SER C 475 25.29 -21.41 19.28
CA SER C 475 24.86 -20.25 20.07
C SER C 475 23.35 -20.04 20.04
N ILE C 476 22.66 -20.52 19.00
CA ILE C 476 21.24 -20.21 18.86
C ILE C 476 20.41 -20.94 19.92
N LEU C 477 20.81 -22.15 20.28
CA LEU C 477 20.04 -22.94 21.24
C LEU C 477 20.44 -22.65 22.69
N CYS C 478 21.73 -22.82 23.01
CA CYS C 478 22.17 -22.74 24.39
C CYS C 478 22.25 -21.29 24.90
N ASN C 479 21.96 -20.30 24.06
CA ASN C 479 21.94 -18.88 24.37
C ASN C 479 23.33 -18.34 24.71
N ILE C 480 24.37 -19.16 24.66
CA ILE C 480 25.73 -18.66 24.87
C ILE C 480 26.13 -17.80 23.68
N PRO C 481 26.78 -16.65 23.89
CA PRO C 481 27.22 -15.84 22.74
C PRO C 481 28.20 -16.61 21.87
N GLN C 482 28.16 -16.32 20.58
CA GLN C 482 29.01 -17.01 19.61
C GLN C 482 30.47 -16.75 19.94
N PRO C 483 31.28 -17.79 20.16
CA PRO C 483 32.67 -17.59 20.59
C PRO C 483 33.70 -17.51 19.47
N TYR C 484 33.28 -17.43 18.21
CA TYR C 484 34.22 -17.46 17.10
C TYR C 484 33.82 -16.43 16.06
N THR C 485 34.79 -16.04 15.25
CA THR C 485 34.59 -15.10 14.15
C THR C 485 34.60 -15.85 12.84
N VAL C 486 33.56 -15.66 12.03
CA VAL C 486 33.42 -16.34 10.75
C VAL C 486 33.79 -15.37 9.65
N ARG C 487 34.73 -15.77 8.80
CA ARG C 487 35.23 -14.94 7.71
C ARG C 487 35.10 -15.67 6.39
N VAL C 488 34.70 -14.94 5.35
CA VAL C 488 34.46 -15.51 4.04
C VAL C 488 35.79 -15.60 3.30
N ALA C 489 36.31 -16.83 3.17
CA ALA C 489 37.57 -17.03 2.47
C ALA C 489 37.39 -16.90 0.96
N GLU C 490 36.33 -17.50 0.41
CA GLU C 490 36.05 -17.46 -1.01
C GLU C 490 34.58 -17.15 -1.23
N LEU C 491 34.26 -16.66 -2.42
CA LEU C 491 32.89 -16.24 -2.74
C LEU C 491 31.91 -17.38 -2.45
N CYS C 492 30.88 -17.07 -1.66
CA CYS C 492 29.94 -18.08 -1.21
C CYS C 492 28.52 -17.54 -1.29
N ARG C 493 27.58 -18.44 -1.56
CA ARG C 493 26.15 -18.16 -1.46
C ARG C 493 25.58 -19.06 -0.37
N ILE C 494 24.96 -18.45 0.63
CA ILE C 494 24.51 -19.17 1.81
C ILE C 494 23.01 -18.96 2.01
N LEU C 495 22.41 -19.89 2.74
CA LEU C 495 20.99 -19.83 3.09
C LEU C 495 20.87 -19.38 4.53
N ARG C 496 19.89 -18.52 4.81
CA ARG C 496 19.71 -17.96 6.14
C ARG C 496 18.33 -18.27 6.67
N LEU C 497 18.21 -18.19 8.00
CA LEU C 497 16.94 -18.36 8.69
C LEU C 497 16.83 -17.31 9.78
N ASP C 498 15.68 -17.24 10.42
CA ASP C 498 15.43 -16.32 11.51
C ASP C 498 15.21 -17.08 12.80
N LYS C 499 15.76 -16.53 13.90
CA LYS C 499 15.66 -17.20 15.19
C LYS C 499 14.21 -17.34 15.64
N GLN C 500 13.42 -16.28 15.49
CA GLN C 500 12.02 -16.34 15.93
C GLN C 500 11.22 -17.35 15.10
N SER C 501 11.46 -17.40 13.80
CA SER C 501 10.72 -18.30 12.91
C SER C 501 11.28 -19.71 12.89
N PHE C 502 12.38 -19.97 13.61
CA PHE C 502 12.94 -21.30 13.71
C PHE C 502 12.80 -21.91 15.10
N MET C 503 12.79 -21.10 16.15
CA MET C 503 12.69 -21.62 17.51
C MET C 503 11.31 -22.16 17.83
N ASN C 504 10.32 -21.92 16.95
CA ASN C 504 8.97 -22.40 17.19
C ASN C 504 8.62 -23.65 16.39
N ILE C 505 9.25 -23.85 15.24
CA ILE C 505 8.91 -25.01 14.41
C ILE C 505 9.37 -26.30 15.09
N LEU C 506 10.47 -26.27 15.83
CA LEU C 506 10.87 -27.42 16.62
C LEU C 506 10.22 -27.44 18.00
N GLU C 507 9.62 -26.33 18.42
CA GLU C 507 8.86 -26.34 19.67
C GLU C 507 7.56 -27.10 19.52
N ILE C 508 6.91 -26.97 18.36
CA ILE C 508 5.69 -27.74 18.10
C ILE C 508 6.00 -29.15 17.63
N PHE C 509 7.19 -29.37 17.08
CA PHE C 509 7.63 -30.72 16.68
C PHE C 509 8.48 -31.31 17.81
N PHE C 510 7.78 -31.69 18.89
CA PHE C 510 8.46 -32.15 20.09
C PHE C 510 9.24 -33.43 19.83
N HIS C 511 8.66 -34.38 19.10
CA HIS C 511 9.35 -35.64 18.83
C HIS C 511 10.52 -35.42 17.87
N ASP C 512 10.32 -34.61 16.83
CA ASP C 512 11.38 -34.37 15.87
C ASP C 512 12.49 -33.52 16.45
N GLY C 513 12.13 -32.53 17.26
CA GLY C 513 13.14 -31.63 17.81
C GLY C 513 14.13 -32.33 18.73
N ARG C 514 13.65 -33.31 19.50
CA ARG C 514 14.53 -34.02 20.43
C ARG C 514 15.62 -34.78 19.70
N ARG C 515 15.27 -35.42 18.58
CA ARG C 515 16.25 -36.19 17.82
C ARG C 515 17.29 -35.29 17.16
N ILE C 516 16.98 -34.02 16.95
CA ILE C 516 17.97 -33.10 16.38
C ILE C 516 19.10 -32.84 17.37
N LEU C 517 18.77 -32.75 18.66
CA LEU C 517 19.80 -32.53 19.68
C LEU C 517 20.73 -33.73 19.80
N ASN C 518 20.25 -34.93 19.46
CA ASN C 518 21.09 -36.11 19.52
C ASN C 518 22.26 -36.00 18.53
N ASN C 519 22.00 -35.48 17.34
CA ASN C 519 23.08 -35.27 16.37
C ASN C 519 24.10 -34.27 16.89
N LEU C 520 23.63 -33.20 17.54
CA LEU C 520 24.54 -32.23 18.12
C LEU C 520 25.40 -32.87 19.21
N LEU C 521 24.79 -33.70 20.07
CA LEU C 521 25.56 -34.37 21.11
C LEU C 521 26.61 -35.30 20.52
N GLU C 522 26.24 -36.05 19.48
CA GLU C 522 27.23 -36.89 18.79
C GLU C 522 28.29 -36.03 18.11
N GLY C 523 27.87 -34.93 17.48
CA GLY C 523 28.84 -34.03 16.88
C GLY C 523 29.72 -33.34 17.90
N LYS C 524 29.14 -33.03 19.07
CA LYS C 524 29.93 -32.40 20.13
C LYS C 524 31.04 -33.32 20.61
N GLU C 525 30.75 -34.61 20.74
CA GLU C 525 31.78 -35.57 21.17
C GLU C 525 32.92 -35.64 20.17
N SER C 526 32.59 -35.63 18.87
CA SER C 526 33.63 -35.67 17.85
C SER C 526 34.46 -34.40 17.85
N ASN C 527 33.81 -33.24 17.90
CA ASN C 527 34.49 -31.96 17.91
C ASN C 527 33.77 -31.00 18.84
N VAL C 528 34.55 -30.28 19.66
CA VAL C 528 34.03 -29.31 20.61
C VAL C 528 33.10 -30.01 21.59
N ARG C 529 33.66 -30.56 22.66
CA ARG C 529 32.86 -31.32 23.62
C ARG C 529 31.78 -30.45 24.25
N ILE C 530 32.13 -29.25 24.69
CA ILE C 530 31.20 -28.28 25.27
C ILE C 530 30.43 -28.93 26.41
N LYS C 531 31.11 -29.13 27.56
CA LYS C 531 30.48 -29.79 28.69
C LYS C 531 29.29 -28.99 29.21
N GLN C 532 29.42 -27.67 29.27
CA GLN C 532 28.31 -26.84 29.72
C GLN C 532 27.12 -26.94 28.75
N LEU C 533 27.40 -26.91 27.45
CA LEU C 533 26.31 -27.05 26.47
C LEU C 533 25.74 -28.46 26.48
N GLU C 534 26.60 -29.47 26.65
CA GLU C 534 26.11 -30.86 26.70
C GLU C 534 25.20 -31.07 27.90
N SER C 535 25.54 -30.51 29.05
CA SER C 535 24.70 -30.65 30.24
C SER C 535 23.34 -30.03 30.03
N ASP C 536 23.29 -28.84 29.41
CA ASP C 536 22.02 -28.19 29.12
C ASP C 536 21.22 -29.01 28.11
N ILE C 537 21.88 -29.56 27.09
CA ILE C 537 21.19 -30.37 26.09
C ILE C 537 20.69 -31.66 26.69
N THR C 538 21.45 -32.25 27.62
CA THR C 538 21.07 -33.53 28.20
C THR C 538 19.78 -33.40 29.01
N PHE C 539 19.59 -32.28 29.70
CA PHE C 539 18.41 -32.11 30.53
C PHE C 539 17.12 -32.13 29.70
N HIS C 540 17.14 -31.46 28.54
CA HIS C 540 15.95 -31.42 27.70
C HIS C 540 15.59 -32.80 27.17
N ILE C 541 16.59 -33.56 26.72
CA ILE C 541 16.34 -34.89 26.17
C ILE C 541 15.85 -35.85 27.25
N SER C 542 16.38 -35.72 28.46
CA SER C 542 16.04 -36.65 29.54
C SER C 542 14.56 -36.57 29.89
N LYS C 543 14.01 -35.35 29.94
CA LYS C 543 12.62 -35.13 30.31
C LYS C 543 11.73 -34.87 29.10
N GLN C 544 12.18 -35.22 27.90
CA GLN C 544 11.41 -34.93 26.69
C GLN C 544 10.12 -35.74 26.66
N GLU C 545 10.13 -36.94 27.22
CA GLU C 545 8.93 -37.77 27.19
C GLU C 545 7.82 -37.22 28.07
N ALA C 546 8.18 -36.55 29.18
CA ALA C 546 7.15 -36.03 30.08
C ALA C 546 6.50 -34.78 29.51
N GLU C 547 7.28 -33.93 28.84
CA GLU C 547 6.74 -32.67 28.30
C GLU C 547 5.78 -32.89 27.13
N LEU C 548 5.72 -34.10 26.58
CA LEU C 548 4.77 -34.36 25.50
C LEU C 548 3.34 -34.16 25.97
N ALA C 549 2.99 -34.71 27.13
CA ALA C 549 1.67 -34.54 27.71
C ALA C 549 1.55 -33.29 28.57
N LEU C 550 2.68 -32.67 28.95
CA LEU C 550 2.62 -31.51 29.83
C LEU C 550 2.04 -30.31 29.10
N LYS C 551 2.53 -30.02 27.89
CA LYS C 551 1.94 -28.97 27.07
C LYS C 551 0.70 -29.44 26.32
N LEU C 552 0.46 -30.76 26.26
CA LEU C 552 -0.77 -31.26 25.66
C LEU C 552 -1.99 -30.78 26.44
N ASN C 553 -1.89 -30.75 27.78
CA ASN C 553 -2.99 -30.25 28.59
C ASN C 553 -3.23 -28.77 28.34
N SER C 554 -2.16 -27.99 28.17
CA SER C 554 -2.32 -26.57 27.89
C SER C 554 -3.02 -26.35 26.56
N ALA C 555 -2.70 -27.16 25.55
CA ALA C 555 -3.37 -27.03 24.26
C ALA C 555 -4.87 -27.28 24.39
N ALA C 556 -5.25 -28.32 25.14
CA ALA C 556 -6.67 -28.57 25.38
C ALA C 556 -7.28 -27.53 26.31
N PHE C 557 -6.48 -26.85 27.12
CA PHE C 557 -7.01 -25.82 28.00
C PHE C 557 -7.56 -24.64 27.19
N TYR C 558 -6.86 -24.26 26.12
CA TYR C 558 -7.30 -23.16 25.26
C TYR C 558 -8.04 -23.63 24.02
N GLY C 559 -8.26 -24.94 23.88
CA GLY C 559 -9.07 -25.46 22.78
C GLY C 559 -8.50 -25.27 21.39
N ASP C 560 -7.19 -25.48 21.22
CA ASP C 560 -6.60 -25.40 19.89
C ASP C 560 -7.07 -26.57 19.03
N LEU C 561 -7.21 -26.32 17.73
CA LEU C 561 -7.71 -27.33 16.81
C LEU C 561 -6.70 -27.75 15.77
N TYR C 562 -6.13 -26.81 15.01
CA TYR C 562 -5.31 -27.17 13.86
C TYR C 562 -3.99 -27.81 14.30
N GLN C 563 -3.29 -27.19 15.25
CA GLN C 563 -2.01 -27.70 15.70
C GLN C 563 -2.13 -28.76 16.79
N LEU C 564 -3.31 -28.94 17.36
CA LEU C 564 -3.49 -29.99 18.37
C LEU C 564 -3.31 -31.38 17.76
N LYS C 565 -3.82 -31.57 16.54
CA LYS C 565 -3.71 -32.87 15.88
C LYS C 565 -2.26 -33.27 15.61
N SER C 566 -1.36 -32.28 15.49
CA SER C 566 0.05 -32.61 15.27
C SER C 566 0.63 -33.37 16.46
N LEU C 567 0.24 -33.00 17.68
CA LEU C 567 0.65 -33.72 18.87
C LEU C 567 -0.16 -34.99 19.11
N ILE C 568 -1.19 -35.24 18.30
CA ILE C 568 -1.97 -36.47 18.36
C ILE C 568 -1.61 -37.41 17.22
N ARG C 569 -1.69 -36.92 15.98
CA ARG C 569 -1.33 -37.74 14.83
C ARG C 569 0.16 -38.08 14.85
N ALA C 570 1.01 -37.12 15.20
CA ALA C 570 2.45 -37.31 15.25
C ALA C 570 3.00 -37.16 16.67
N GLY C 571 2.20 -37.55 17.66
CA GLY C 571 2.61 -37.44 19.05
C GLY C 571 2.36 -38.69 19.86
N GLY C 572 2.40 -38.56 21.18
CA GLY C 572 2.22 -39.69 22.07
C GLY C 572 0.77 -39.93 22.42
N ASP C 573 0.57 -40.75 23.44
CA ASP C 573 -0.77 -41.11 23.89
C ASP C 573 -1.40 -39.95 24.67
N PRO C 574 -2.54 -39.42 24.23
CA PRO C 574 -3.23 -38.41 25.05
C PRO C 574 -3.75 -38.96 26.36
N ASN C 575 -3.89 -40.28 26.50
CA ASN C 575 -4.39 -40.87 27.74
C ASN C 575 -3.43 -40.64 28.89
N LYS C 576 -2.13 -40.61 28.62
CA LYS C 576 -1.15 -40.41 29.68
C LYS C 576 -1.31 -39.02 30.29
N THR C 577 -1.27 -38.96 31.62
CA THR C 577 -1.51 -37.73 32.35
C THR C 577 -0.19 -36.99 32.60
N ASP C 578 -0.29 -35.85 33.28
CA ASP C 578 0.87 -35.02 33.57
C ASP C 578 1.45 -35.41 34.93
N TYR C 579 2.33 -34.56 35.47
CA TYR C 579 2.97 -34.84 36.76
C TYR C 579 1.94 -35.01 37.87
N ASP C 580 1.01 -34.06 37.98
CA ASP C 580 -0.02 -34.15 39.01
C ASP C 580 -1.09 -35.19 38.66
N GLY C 581 -1.33 -35.38 37.38
CA GLY C 581 -2.35 -36.30 36.89
C GLY C 581 -3.59 -35.55 36.48
N ARG C 582 -3.70 -35.24 35.19
CA ARG C 582 -4.82 -34.47 34.65
C ARG C 582 -4.92 -34.80 33.18
N SER C 583 -5.93 -35.59 32.81
CA SER C 583 -6.12 -35.94 31.42
C SER C 583 -6.58 -34.71 30.64
N PRO C 584 -6.29 -34.66 29.32
CA PRO C 584 -6.86 -33.58 28.51
C PRO C 584 -8.37 -33.56 28.52
N LEU C 585 -9.01 -34.70 28.75
CA LEU C 585 -10.46 -34.75 28.91
C LEU C 585 -10.91 -33.96 30.13
N HIS C 586 -10.10 -33.96 31.20
CA HIS C 586 -10.42 -33.18 32.39
C HIS C 586 -10.54 -31.69 32.05
N LEU C 587 -9.54 -31.16 31.34
CA LEU C 587 -9.56 -29.74 30.99
C LEU C 587 -10.50 -29.45 29.83
N ALA C 588 -10.78 -30.45 28.99
CA ALA C 588 -11.70 -30.24 27.87
C ALA C 588 -13.09 -29.90 28.38
N ALA C 589 -13.57 -30.60 29.40
CA ALA C 589 -14.86 -30.32 30.01
C ALA C 589 -14.78 -29.24 31.09
N SER C 590 -13.57 -28.76 31.42
CA SER C 590 -13.44 -27.73 32.44
C SER C 590 -14.12 -26.43 32.00
N ARG C 591 -13.95 -26.04 30.74
CA ARG C 591 -14.56 -24.83 30.21
C ARG C 591 -15.73 -25.13 29.27
N GLY C 592 -16.17 -26.38 29.21
CA GLY C 592 -17.28 -26.75 28.36
C GLY C 592 -17.00 -26.62 26.87
N TYR C 593 -15.81 -27.03 26.42
CA TYR C 593 -15.43 -26.95 25.01
C TYR C 593 -15.98 -28.18 24.29
N GLU C 594 -17.32 -28.17 24.10
CA GLU C 594 -17.98 -29.29 23.43
C GLU C 594 -17.51 -29.46 21.99
N ASP C 595 -17.00 -28.40 21.37
CA ASP C 595 -16.46 -28.50 20.01
C ASP C 595 -15.17 -29.30 19.95
N ILE C 596 -14.55 -29.59 21.09
CA ILE C 596 -13.32 -30.37 21.12
C ILE C 596 -13.47 -31.68 21.89
N THR C 597 -14.49 -31.84 22.74
CA THR C 597 -14.61 -33.04 23.55
C THR C 597 -15.00 -34.25 22.71
N LEU C 598 -15.75 -34.05 21.63
CA LEU C 598 -16.24 -35.18 20.83
C LEU C 598 -15.11 -35.96 20.18
N TYR C 599 -13.94 -35.34 19.97
CA TYR C 599 -12.85 -36.01 19.28
C TYR C 599 -12.16 -37.04 20.17
N LEU C 600 -12.19 -36.85 21.50
CA LEU C 600 -11.48 -37.75 22.40
C LEU C 600 -12.07 -39.16 22.35
N ILE C 601 -13.40 -39.27 22.26
CA ILE C 601 -14.03 -40.59 22.23
C ILE C 601 -13.60 -41.36 20.98
N GLN C 602 -13.22 -40.65 19.92
CA GLN C 602 -12.70 -41.34 18.73
C GLN C 602 -11.41 -42.09 19.04
N GLU C 603 -10.66 -41.67 20.05
CA GLU C 603 -9.46 -42.35 20.49
C GLU C 603 -9.72 -43.32 21.64
N SER C 604 -10.98 -43.52 22.02
CA SER C 604 -11.37 -44.46 23.07
C SER C 604 -10.71 -44.13 24.40
N VAL C 605 -10.67 -42.84 24.74
CA VAL C 605 -10.12 -42.42 26.02
C VAL C 605 -11.14 -42.69 27.13
N ASP C 606 -10.64 -43.18 28.27
CA ASP C 606 -11.51 -43.53 29.38
C ASP C 606 -12.05 -42.28 30.05
N VAL C 607 -13.20 -42.44 30.74
CA VAL C 607 -13.81 -41.35 31.48
C VAL C 607 -13.75 -41.56 32.99
N ASN C 608 -13.35 -42.75 33.45
CA ASN C 608 -13.14 -43.01 34.87
C ASN C 608 -11.74 -42.62 35.31
N ILE C 609 -11.09 -41.72 34.56
CA ILE C 609 -9.75 -41.24 34.91
C ILE C 609 -9.84 -40.41 36.17
N LYS C 610 -9.12 -40.84 37.20
CA LYS C 610 -9.13 -40.18 38.51
C LYS C 610 -7.76 -39.60 38.79
N ASP C 611 -7.73 -38.34 39.20
CA ASP C 611 -6.50 -37.69 39.62
C ASP C 611 -6.21 -38.08 41.08
N LYS C 612 -5.19 -37.47 41.68
CA LYS C 612 -4.94 -37.67 43.10
C LYS C 612 -5.75 -36.70 43.96
N LEU C 613 -7.04 -36.61 43.65
CA LEU C 613 -7.97 -35.82 44.43
C LEU C 613 -9.32 -36.49 44.64
N GLY C 614 -9.59 -37.62 43.99
CA GLY C 614 -10.88 -38.26 44.06
C GLY C 614 -11.90 -37.71 43.08
N SER C 615 -11.49 -36.90 42.12
CA SER C 615 -12.39 -36.26 41.17
C SER C 615 -12.36 -36.98 39.82
N THR C 616 -13.41 -36.75 39.04
CA THR C 616 -13.60 -37.33 37.72
C THR C 616 -13.92 -36.21 36.74
N PRO C 617 -13.65 -36.40 35.44
CA PRO C 617 -13.96 -35.34 34.47
C PRO C 617 -15.42 -34.95 34.44
N LEU C 618 -16.33 -35.89 34.69
CA LEU C 618 -17.75 -35.56 34.70
C LEU C 618 -18.09 -34.61 35.84
N LEU C 619 -17.47 -34.80 37.01
CA LEU C 619 -17.76 -33.96 38.17
C LEU C 619 -17.40 -32.50 37.91
N GLU C 620 -16.28 -32.26 37.22
CA GLU C 620 -15.86 -30.90 36.94
C GLU C 620 -16.86 -30.19 36.03
N ALA C 621 -17.40 -30.90 35.03
CA ALA C 621 -18.30 -30.27 34.07
C ALA C 621 -19.57 -29.75 34.74
N ILE C 622 -20.18 -30.57 35.61
CA ILE C 622 -21.40 -30.13 36.29
C ILE C 622 -21.07 -29.03 37.29
N LYS C 623 -19.92 -29.10 37.95
CA LYS C 623 -19.54 -28.05 38.89
C LYS C 623 -19.39 -26.70 38.21
N ASN C 624 -18.85 -26.68 37.00
CA ASN C 624 -18.69 -25.45 36.25
C ASN C 624 -19.93 -25.04 35.49
N GLY C 625 -21.00 -25.85 35.53
CA GLY C 625 -22.24 -25.52 34.85
C GLY C 625 -22.25 -25.80 33.37
N ASN C 626 -21.27 -26.54 32.85
CA ASN C 626 -21.22 -26.88 31.44
C ASN C 626 -22.03 -28.15 31.19
N ASP C 627 -23.36 -27.96 31.12
CA ASP C 627 -24.26 -29.09 30.96
C ASP C 627 -24.25 -29.64 29.53
N ARG C 628 -23.94 -28.80 28.54
CA ARG C 628 -23.96 -29.24 27.15
C ARG C 628 -22.96 -30.37 26.91
N VAL C 629 -21.71 -30.16 27.33
CA VAL C 629 -20.71 -31.23 27.23
C VAL C 629 -21.04 -32.37 28.18
N ALA C 630 -21.58 -32.04 29.36
CA ALA C 630 -21.95 -33.07 30.32
C ALA C 630 -23.05 -33.97 29.78
N ALA C 631 -24.03 -33.39 29.08
CA ALA C 631 -25.11 -34.19 28.51
C ALA C 631 -24.59 -35.18 27.48
N LEU C 632 -23.69 -34.74 26.61
CA LEU C 632 -23.14 -35.66 25.61
C LEU C 632 -22.16 -36.64 26.22
N LEU C 633 -21.55 -36.28 27.36
CA LEU C 633 -20.58 -37.17 28.00
C LEU C 633 -21.25 -38.44 28.50
N VAL C 634 -22.43 -38.32 29.11
CA VAL C 634 -23.14 -39.50 29.59
C VAL C 634 -23.61 -40.37 28.42
N LYS C 635 -23.86 -39.76 27.26
CA LYS C 635 -24.28 -40.52 26.09
C LYS C 635 -23.20 -41.52 25.68
N GLU C 636 -21.94 -41.10 25.70
CA GLU C 636 -20.83 -42.00 25.42
C GLU C 636 -20.53 -42.95 26.57
N GLY C 637 -21.14 -42.75 27.74
CA GLY C 637 -20.91 -43.60 28.89
C GLY C 637 -20.09 -42.92 29.96
N ALA C 638 -20.76 -42.44 31.01
CA ALA C 638 -20.09 -41.77 32.11
C ALA C 638 -20.90 -41.97 33.39
N THR C 639 -20.22 -41.80 34.52
CA THR C 639 -20.86 -41.98 35.82
C THR C 639 -20.07 -41.19 36.86
N LEU C 640 -20.70 -40.99 38.01
CA LEU C 640 -20.08 -40.30 39.13
C LEU C 640 -19.66 -41.33 40.18
N ASN C 641 -18.38 -41.31 40.53
CA ASN C 641 -17.80 -42.23 41.51
C ASN C 641 -16.99 -41.41 42.50
N ILE C 642 -17.64 -40.97 43.58
CA ILE C 642 -17.01 -40.16 44.60
C ILE C 642 -17.16 -40.85 45.95
N GLU C 643 -16.28 -40.50 46.88
CA GLU C 643 -16.31 -41.02 48.23
C GLU C 643 -16.95 -40.00 49.18
N ASN C 644 -17.33 -40.49 50.36
CA ASN C 644 -18.06 -39.73 51.38
C ASN C 644 -19.21 -38.93 50.79
N ALA C 645 -19.88 -39.50 49.77
CA ALA C 645 -20.98 -38.82 49.13
C ALA C 645 -22.10 -38.49 50.11
N GLY C 646 -22.31 -39.34 51.13
CA GLY C 646 -23.25 -39.00 52.18
C GLY C 646 -22.83 -37.76 52.95
N THR C 647 -21.53 -37.65 53.25
CA THR C 647 -21.00 -36.46 53.89
C THR C 647 -20.76 -35.31 52.91
N PHE C 648 -20.73 -35.61 51.61
CA PHE C 648 -20.51 -34.56 50.61
C PHE C 648 -21.81 -33.85 50.27
N LEU C 649 -22.83 -34.60 49.83
CA LEU C 649 -24.07 -33.98 49.36
C LEU C 649 -24.82 -33.25 50.46
N CYS C 650 -24.62 -33.65 51.73
CA CYS C 650 -25.20 -32.88 52.83
C CYS C 650 -24.47 -31.57 53.07
N THR C 651 -23.20 -31.47 52.65
CA THR C 651 -22.45 -30.23 52.85
C THR C 651 -22.90 -29.15 51.89
N VAL C 652 -23.13 -29.50 50.62
CA VAL C 652 -23.51 -28.50 49.62
C VAL C 652 -24.91 -27.96 49.92
N VAL C 653 -25.81 -28.83 50.40
CA VAL C 653 -27.16 -28.38 50.73
C VAL C 653 -27.17 -27.38 51.88
N ALA C 654 -26.11 -27.36 52.70
CA ALA C 654 -26.01 -26.35 53.75
C ALA C 654 -25.80 -24.96 53.16
N LYS C 655 -25.07 -24.84 52.06
CA LYS C 655 -24.88 -23.56 51.41
C LYS C 655 -26.19 -23.00 50.88
N GLY C 656 -27.04 -23.87 50.34
CA GLY C 656 -28.34 -23.47 49.83
C GLY C 656 -28.44 -23.33 48.32
N ASP C 657 -27.36 -23.62 47.59
CA ASP C 657 -27.43 -23.54 46.14
C ASP C 657 -28.35 -24.62 45.58
N SER C 658 -29.20 -24.24 44.65
CA SER C 658 -30.18 -25.14 44.04
C SER C 658 -29.82 -25.58 42.64
N ASP C 659 -29.19 -24.70 41.85
CA ASP C 659 -28.78 -25.09 40.49
C ASP C 659 -27.75 -26.21 40.53
N PHE C 660 -26.83 -26.18 41.50
CA PHE C 660 -25.86 -27.25 41.64
C PHE C 660 -26.55 -28.58 41.93
N LEU C 661 -27.56 -28.57 42.80
CA LEU C 661 -28.27 -29.79 43.14
C LEU C 661 -28.99 -30.38 41.94
N LYS C 662 -29.61 -29.52 41.11
CA LYS C 662 -30.36 -30.01 39.97
C LYS C 662 -29.47 -30.76 38.99
N ARG C 663 -28.23 -30.31 38.82
CA ARG C 663 -27.31 -31.00 37.90
C ARG C 663 -26.89 -32.36 38.43
N LEU C 664 -26.74 -32.50 39.76
CA LEU C 664 -26.32 -33.78 40.32
C LEU C 664 -27.40 -34.84 40.12
N LEU C 665 -28.66 -34.50 40.44
CA LEU C 665 -29.74 -35.46 40.28
C LEU C 665 -30.05 -35.77 38.83
N SER C 666 -29.63 -34.91 37.89
CA SER C 666 -29.86 -35.20 36.48
C SER C 666 -29.09 -36.42 36.02
N ASN C 667 -27.92 -36.68 36.62
CA ASN C 667 -27.09 -37.81 36.24
C ASN C 667 -27.39 -39.07 37.05
N GLY C 668 -28.25 -38.99 38.05
CA GLY C 668 -28.63 -40.16 38.81
C GLY C 668 -27.80 -40.42 40.05
N ILE C 669 -27.60 -39.39 40.87
CA ILE C 669 -26.88 -39.55 42.12
C ILE C 669 -27.85 -40.04 43.19
N ASP C 670 -27.37 -40.93 44.06
CA ASP C 670 -28.22 -41.51 45.08
C ASP C 670 -28.53 -40.48 46.16
N PRO C 671 -29.81 -40.17 46.41
CA PRO C 671 -30.14 -39.19 47.45
C PRO C 671 -30.22 -39.76 48.86
N ASN C 672 -30.19 -41.09 49.01
CA ASN C 672 -30.32 -41.74 50.31
C ASN C 672 -28.98 -42.16 50.89
N SER C 673 -27.88 -41.55 50.44
CA SER C 673 -26.56 -41.89 50.98
C SER C 673 -26.46 -41.47 52.44
N LYS C 674 -25.83 -42.33 53.24
CA LYS C 674 -25.68 -42.09 54.67
C LYS C 674 -24.43 -41.26 54.94
N ASP C 675 -24.58 -40.28 55.83
CA ASP C 675 -23.47 -39.42 56.21
C ASP C 675 -22.61 -40.13 57.27
N TYR C 676 -21.72 -39.37 57.90
CA TYR C 676 -20.85 -39.94 58.93
C TYR C 676 -21.66 -40.49 60.10
N ASP C 677 -22.81 -39.91 60.38
CA ASP C 677 -23.70 -40.37 61.44
C ASP C 677 -24.96 -41.03 60.89
N HIS C 678 -24.86 -41.66 59.71
CA HIS C 678 -26.00 -42.27 59.03
C HIS C 678 -27.16 -41.29 58.89
N ARG C 679 -26.82 -40.03 58.55
CA ARG C 679 -27.81 -38.97 58.40
C ARG C 679 -28.08 -38.74 56.93
N THR C 680 -29.31 -38.98 56.51
CA THR C 680 -29.69 -38.74 55.13
C THR C 680 -29.74 -37.23 54.86
N PRO C 681 -29.52 -36.82 53.61
CA PRO C 681 -29.66 -35.39 53.28
C PRO C 681 -31.05 -34.84 53.54
N LEU C 682 -32.07 -35.69 53.60
CA LEU C 682 -33.39 -35.24 54.01
C LEU C 682 -33.38 -34.68 55.43
N HIS C 683 -32.52 -35.21 56.30
CA HIS C 683 -32.43 -34.69 57.66
C HIS C 683 -31.98 -33.23 57.66
N VAL C 684 -30.98 -32.90 56.85
CA VAL C 684 -30.49 -31.53 56.78
C VAL C 684 -31.57 -30.60 56.24
N ALA C 685 -32.26 -31.02 55.18
CA ALA C 685 -33.32 -30.20 54.60
C ALA C 685 -34.49 -30.03 55.57
N ALA C 686 -34.86 -31.11 56.28
CA ALA C 686 -36.01 -31.04 57.17
C ALA C 686 -35.71 -30.28 58.45
N SER C 687 -34.47 -30.35 58.95
CA SER C 687 -34.14 -29.72 60.21
C SER C 687 -34.24 -28.21 60.13
N GLU C 688 -33.62 -27.61 59.11
CA GLU C 688 -33.69 -26.16 58.96
C GLU C 688 -34.94 -25.74 58.20
N GLY C 689 -35.38 -26.53 57.23
CA GLY C 689 -36.64 -26.27 56.55
C GLY C 689 -36.52 -25.65 55.17
N PHE C 690 -35.61 -26.16 54.34
CA PHE C 690 -35.54 -25.74 52.95
C PHE C 690 -36.57 -26.53 52.15
N TYR C 691 -37.83 -26.11 52.26
CA TYR C 691 -38.91 -26.76 51.54
C TYR C 691 -39.06 -26.28 50.10
N VAL C 692 -38.36 -25.20 49.72
CA VAL C 692 -38.48 -24.71 48.35
C VAL C 692 -37.83 -25.67 47.37
N LEU C 693 -36.83 -26.43 47.81
CA LEU C 693 -36.21 -27.46 46.98
C LEU C 693 -36.42 -28.85 47.54
N ALA C 694 -37.34 -29.02 48.49
CA ALA C 694 -37.63 -30.33 49.05
C ALA C 694 -38.16 -31.30 48.00
N ILE C 695 -38.77 -30.80 46.93
CA ILE C 695 -39.32 -31.66 45.88
C ILE C 695 -38.21 -32.40 45.16
N GLN C 696 -37.03 -31.76 45.02
CA GLN C 696 -35.95 -32.35 44.22
C GLN C 696 -35.49 -33.69 44.80
N LEU C 697 -35.33 -33.76 46.12
CA LEU C 697 -34.86 -35.01 46.73
C LEU C 697 -35.90 -36.12 46.60
N VAL C 698 -37.17 -35.82 46.86
CA VAL C 698 -38.22 -36.83 46.71
C VAL C 698 -38.55 -37.12 45.27
N GLU C 699 -38.13 -36.26 44.34
CA GLU C 699 -38.32 -36.56 42.92
C GLU C 699 -37.54 -37.79 42.49
N ALA C 700 -36.43 -38.09 43.17
CA ALA C 700 -35.65 -39.28 42.93
C ALA C 700 -36.12 -40.46 43.79
N SER C 701 -37.34 -40.41 44.30
CA SER C 701 -37.92 -41.46 45.14
C SER C 701 -37.03 -41.74 46.36
N ALA C 702 -36.59 -40.67 47.01
CA ALA C 702 -35.79 -40.81 48.22
C ALA C 702 -36.62 -41.39 49.34
N ASN C 703 -35.98 -42.20 50.18
CA ASN C 703 -36.68 -42.86 51.28
C ASN C 703 -36.95 -41.86 52.39
N VAL C 704 -38.22 -41.71 52.78
CA VAL C 704 -38.60 -40.82 53.86
C VAL C 704 -38.72 -41.53 55.20
N LEU C 705 -38.59 -42.86 55.22
CA LEU C 705 -38.70 -43.64 56.44
C LEU C 705 -37.34 -44.00 57.03
N ALA C 706 -36.34 -43.12 56.85
CA ALA C 706 -35.00 -43.37 57.35
C ALA C 706 -34.95 -43.05 58.85
N LYS C 707 -33.74 -43.13 59.42
CA LYS C 707 -33.54 -42.84 60.84
C LYS C 707 -32.28 -42.01 61.00
N ASP C 708 -32.25 -41.22 62.07
CA ASP C 708 -31.11 -40.37 62.38
C ASP C 708 -30.07 -41.17 63.17
N ARG C 709 -29.00 -40.48 63.60
CA ARG C 709 -27.98 -41.13 64.40
C ARG C 709 -28.54 -41.64 65.73
N TRP C 710 -29.34 -40.81 66.40
CA TRP C 710 -30.01 -41.21 67.62
C TRP C 710 -31.39 -41.78 67.38
N GLY C 711 -31.88 -41.75 66.15
CA GLY C 711 -33.19 -42.26 65.82
C GLY C 711 -34.23 -41.17 65.64
N ASN C 712 -34.51 -40.82 64.39
CA ASN C 712 -35.51 -39.78 64.10
C ASN C 712 -35.86 -39.89 62.62
N THR C 713 -37.14 -40.09 62.33
CA THR C 713 -37.58 -40.17 60.94
C THR C 713 -37.47 -38.80 60.28
N PRO C 714 -37.10 -38.75 58.99
CA PRO C 714 -37.08 -37.43 58.31
C PRO C 714 -38.42 -36.72 58.33
N LEU C 715 -39.52 -37.46 58.20
CA LEU C 715 -40.84 -36.85 58.34
C LEU C 715 -41.05 -36.36 59.77
N ASP C 716 -40.63 -37.15 60.76
CA ASP C 716 -40.72 -36.73 62.15
C ASP C 716 -39.78 -35.55 62.42
N GLU C 717 -38.60 -35.56 61.80
CA GLU C 717 -37.67 -34.45 61.99
C GLU C 717 -38.25 -33.13 61.47
N ALA C 718 -38.91 -33.19 60.30
CA ALA C 718 -39.54 -31.99 59.77
C ALA C 718 -40.69 -31.53 60.67
N LEU C 719 -41.48 -32.48 61.18
CA LEU C 719 -42.59 -32.13 62.06
C LEU C 719 -42.10 -31.52 63.37
N GLY C 720 -40.99 -32.04 63.91
CA GLY C 720 -40.48 -31.52 65.17
C GLY C 720 -40.05 -30.06 65.08
N CYS C 721 -39.37 -29.71 63.98
CA CYS C 721 -38.95 -28.32 63.80
C CYS C 721 -40.15 -27.40 63.66
N GLY C 722 -41.15 -27.81 62.88
CA GLY C 722 -42.35 -27.01 62.71
C GLY C 722 -42.38 -26.26 61.38
N ASN C 723 -43.11 -26.80 60.41
CA ASN C 723 -43.23 -26.17 59.11
C ASN C 723 -44.48 -26.71 58.43
N LYS C 724 -45.48 -25.85 58.23
CA LYS C 724 -46.72 -26.29 57.60
C LYS C 724 -46.49 -26.77 56.18
N MET C 725 -45.68 -26.05 55.41
CA MET C 725 -45.38 -26.45 54.04
C MET C 725 -44.64 -27.78 54.01
N LEU C 726 -43.67 -27.96 54.90
CA LEU C 726 -42.94 -29.23 54.96
C LEU C 726 -43.80 -30.36 55.47
N ILE C 727 -44.72 -30.06 56.40
CA ILE C 727 -45.60 -31.10 56.92
C ILE C 727 -46.49 -31.67 55.81
N LYS C 728 -47.02 -30.78 54.97
CA LYS C 728 -47.81 -31.25 53.82
C LYS C 728 -46.94 -32.07 52.87
N LEU C 729 -45.71 -31.61 52.61
CA LEU C 729 -44.79 -32.39 51.79
C LEU C 729 -44.43 -33.71 52.46
N LEU C 730 -44.20 -33.68 53.78
CA LEU C 730 -43.90 -34.91 54.50
C LEU C 730 -45.10 -35.85 54.49
N GLU C 731 -46.31 -35.31 54.63
CA GLU C 731 -47.51 -36.14 54.56
C GLU C 731 -47.66 -36.78 53.19
N ASP C 732 -47.37 -36.02 52.12
CA ASP C 732 -47.39 -36.60 50.78
C ASP C 732 -46.33 -37.68 50.64
N ALA C 733 -45.14 -37.44 51.18
CA ALA C 733 -44.10 -38.47 51.19
C ALA C 733 -44.53 -39.66 52.03
N LYS C 734 -45.14 -39.41 53.19
CA LYS C 734 -45.64 -40.50 54.01
C LYS C 734 -46.74 -41.27 53.29
N ASN C 735 -47.64 -40.56 52.60
CA ASN C 735 -48.67 -41.23 51.82
C ASN C 735 -48.05 -42.04 50.69
N SER C 736 -47.04 -41.49 50.02
CA SER C 736 -46.33 -42.24 48.99
C SER C 736 -45.62 -43.44 49.57
N GLN C 737 -44.99 -43.27 50.74
CA GLN C 737 -44.33 -44.40 51.39
C GLN C 737 -45.35 -45.46 51.82
N ILE C 738 -46.51 -45.03 52.33
CA ILE C 738 -47.56 -45.97 52.70
C ILE C 738 -48.08 -46.68 51.46
N SER C 739 -48.31 -45.94 50.38
CA SER C 739 -48.75 -46.56 49.14
C SER C 739 -47.69 -47.49 48.56
N SER C 740 -46.43 -47.07 48.62
CA SER C 740 -45.30 -47.87 48.12
C SER C 740 -45.48 -48.25 46.66
N ILE D 74 58.02 -11.41 -9.52
CA ILE D 74 57.20 -10.35 -8.94
C ILE D 74 55.93 -10.18 -9.76
N VAL D 75 54.81 -9.95 -9.07
CA VAL D 75 53.51 -9.78 -9.71
C VAL D 75 52.81 -8.59 -9.07
N HIS D 76 52.33 -7.67 -9.90
CA HIS D 76 51.62 -6.48 -9.43
C HIS D 76 50.21 -6.48 -9.99
N PRO D 77 49.20 -6.82 -9.19
CA PRO D 77 47.83 -6.89 -9.74
C PRO D 77 47.29 -5.55 -10.20
N ASP D 78 47.22 -4.57 -9.30
CA ASP D 78 46.69 -3.24 -9.62
C ASP D 78 47.55 -2.15 -9.01
N ASN D 79 48.86 -2.30 -9.11
CA ASN D 79 49.77 -1.31 -8.55
C ASN D 79 49.61 0.03 -9.26
N ARG D 80 49.81 1.11 -8.51
CA ARG D 80 49.65 2.45 -9.07
C ARG D 80 50.64 2.70 -10.21
N TRP D 81 51.85 2.14 -10.11
CA TRP D 81 52.81 2.29 -11.20
C TRP D 81 52.33 1.59 -12.46
N TYR D 82 51.72 0.40 -12.31
CA TYR D 82 51.15 -0.28 -13.46
C TYR D 82 49.94 0.46 -14.03
N LYS D 83 49.16 1.10 -13.17
CA LYS D 83 47.98 1.84 -13.63
C LYS D 83 48.39 2.98 -14.55
N ALA D 84 49.48 3.67 -14.21
CA ALA D 84 49.96 4.75 -15.08
C ALA D 84 50.47 4.21 -16.41
N TRP D 85 51.04 3.00 -16.43
CA TRP D 85 51.54 2.43 -17.66
C TRP D 85 50.40 2.15 -18.64
N THR D 86 49.25 1.71 -18.13
CA THR D 86 48.10 1.44 -18.99
C THR D 86 47.65 2.70 -19.72
N MET D 87 47.63 3.83 -19.02
CA MET D 87 47.26 5.09 -19.66
C MET D 87 48.28 5.49 -20.73
N PHE D 88 49.57 5.21 -20.48
CA PHE D 88 50.60 5.54 -21.45
C PHE D 88 50.42 4.73 -22.73
N ILE D 89 50.12 3.44 -22.61
CA ILE D 89 49.92 2.61 -23.79
C ILE D 89 48.59 2.93 -24.47
N LEU D 90 47.67 3.60 -23.76
CA LEU D 90 46.43 4.03 -24.39
C LEU D 90 46.70 5.12 -25.44
N ILE D 91 47.68 5.98 -25.17
CA ILE D 91 48.04 7.02 -26.14
C ILE D 91 48.58 6.37 -27.41
N TRP D 92 49.44 5.37 -27.26
CA TRP D 92 49.98 4.67 -28.44
C TRP D 92 48.86 3.96 -29.21
N ALA D 93 47.90 3.38 -28.49
CA ALA D 93 46.77 2.75 -29.16
C ALA D 93 45.96 3.78 -29.94
N LEU D 94 45.79 4.97 -29.38
CA LEU D 94 45.08 6.04 -30.09
C LEU D 94 45.86 6.46 -31.34
N TYR D 95 47.19 6.57 -31.24
CA TYR D 95 47.99 7.02 -32.37
C TYR D 95 48.05 5.96 -33.46
N SER D 96 48.26 4.70 -33.09
CA SER D 96 48.42 3.65 -34.09
C SER D 96 47.10 3.30 -34.78
N SER D 97 45.97 3.51 -34.10
CA SER D 97 44.69 3.22 -34.72
C SER D 97 44.26 4.30 -35.71
N PHE D 98 44.83 5.51 -35.60
CA PHE D 98 44.52 6.59 -36.52
C PHE D 98 45.56 6.75 -37.61
N PHE D 99 46.72 6.13 -37.47
CA PHE D 99 47.79 6.27 -38.46
C PHE D 99 47.84 5.10 -39.43
N THR D 100 47.33 3.92 -39.03
CA THR D 100 47.35 2.77 -39.92
C THR D 100 46.55 3.00 -41.21
N PRO D 101 45.32 3.52 -41.18
CA PRO D 101 44.64 3.82 -42.45
C PRO D 101 45.39 4.80 -43.33
N LEU D 102 46.09 5.78 -42.73
CA LEU D 102 46.87 6.72 -43.53
C LEU D 102 48.00 6.02 -44.28
N GLU D 103 48.68 5.10 -43.61
CA GLU D 103 49.79 4.40 -44.24
C GLU D 103 49.31 3.36 -45.25
N PHE D 104 48.14 2.76 -45.00
CA PHE D 104 47.64 1.73 -45.89
C PHE D 104 47.12 2.31 -47.20
N GLY D 105 46.39 3.43 -47.13
CA GLY D 105 45.73 3.97 -48.30
C GLY D 105 46.54 4.98 -49.08
N PHE D 106 47.08 6.00 -48.40
CA PHE D 106 47.74 7.11 -49.06
C PHE D 106 49.18 6.79 -49.47
N PHE D 107 49.70 5.63 -49.10
CA PHE D 107 51.10 5.30 -49.35
C PHE D 107 51.23 3.99 -50.09
N ARG D 108 52.34 3.87 -50.83
CA ARG D 108 52.80 2.62 -51.41
C ARG D 108 54.18 2.38 -50.81
N GLY D 109 54.23 1.59 -49.75
CA GLY D 109 55.41 1.53 -48.92
C GLY D 109 55.44 2.66 -47.91
N LEU D 110 56.59 2.80 -47.26
CA LEU D 110 56.78 3.84 -46.26
C LEU D 110 58.03 4.64 -46.58
N PRO D 111 57.95 5.96 -46.72
CA PRO D 111 59.17 6.74 -46.96
C PRO D 111 60.10 6.71 -45.76
N GLU D 112 61.39 6.91 -46.05
CA GLU D 112 62.42 6.81 -45.03
C GLU D 112 62.26 7.84 -43.93
N ASN D 113 61.50 8.91 -44.16
CA ASN D 113 61.28 9.92 -43.12
C ASN D 113 60.51 9.35 -41.94
N LEU D 114 59.60 8.42 -42.19
CA LEU D 114 58.75 7.85 -41.14
C LEU D 114 59.22 6.48 -40.68
N PHE D 115 60.46 6.10 -40.99
CA PHE D 115 60.96 4.79 -40.56
C PHE D 115 61.04 4.68 -39.04
N ILE D 116 61.52 5.74 -38.38
CA ILE D 116 61.73 5.68 -36.94
C ILE D 116 60.39 5.57 -36.21
N LEU D 117 59.32 6.12 -36.78
CA LEU D 117 58.02 6.03 -36.15
C LEU D 117 57.47 4.60 -36.21
N ASP D 118 57.69 3.91 -37.32
CA ASP D 118 57.21 2.54 -37.45
C ASP D 118 57.89 1.61 -36.44
N ILE D 119 59.20 1.78 -36.25
CA ILE D 119 59.92 0.92 -35.32
C ILE D 119 59.51 1.22 -33.88
N ALA D 120 59.40 2.50 -33.53
CA ALA D 120 59.07 2.88 -32.16
C ALA D 120 57.66 2.44 -31.80
N GLY D 121 56.74 2.48 -32.76
CA GLY D 121 55.36 2.09 -32.46
C GLY D 121 55.23 0.64 -32.05
N GLN D 122 55.99 -0.25 -32.69
CA GLN D 122 55.91 -1.67 -32.36
C GLN D 122 56.62 -2.00 -31.05
N ILE D 123 57.72 -1.31 -30.76
CA ILE D 123 58.46 -1.60 -29.54
C ILE D 123 57.63 -1.28 -28.31
N ALA D 124 56.84 -0.21 -28.36
CA ALA D 124 55.99 0.15 -27.23
C ALA D 124 54.96 -0.94 -26.95
N PHE D 125 54.36 -1.50 -28.01
CA PHE D 125 53.40 -2.58 -27.84
C PHE D 125 54.09 -3.91 -27.56
N LEU D 126 55.33 -4.09 -28.04
CA LEU D 126 56.04 -5.34 -27.80
C LEU D 126 56.31 -5.55 -26.31
N VAL D 127 56.67 -4.49 -25.59
CA VAL D 127 56.92 -4.61 -24.16
C VAL D 127 55.66 -5.03 -23.43
N ASP D 128 54.51 -4.51 -23.86
CA ASP D 128 53.25 -4.87 -23.22
C ASP D 128 52.99 -6.37 -23.31
N ILE D 129 53.44 -7.02 -24.39
CA ILE D 129 53.31 -8.47 -24.48
C ILE D 129 54.13 -9.16 -23.40
N VAL D 130 55.36 -8.68 -23.18
CA VAL D 130 56.20 -9.26 -22.14
C VAL D 130 55.63 -8.94 -20.76
N LEU D 131 55.17 -7.71 -20.56
CA LEU D 131 54.71 -7.28 -19.24
C LEU D 131 53.35 -7.84 -18.87
N THR D 132 52.59 -8.35 -19.84
CA THR D 132 51.26 -8.88 -19.54
C THR D 132 51.30 -10.28 -18.95
N PHE D 133 52.46 -10.94 -18.95
CA PHE D 133 52.59 -12.25 -18.33
C PHE D 133 52.85 -12.16 -16.83
N PHE D 134 53.10 -10.97 -16.30
CA PHE D 134 53.46 -10.77 -14.91
C PHE D 134 52.43 -9.89 -14.19
N VAL D 135 51.15 -10.13 -14.45
CA VAL D 135 50.07 -9.35 -13.87
C VAL D 135 48.99 -10.31 -13.38
N ALA D 136 48.58 -10.15 -12.12
CA ALA D 136 47.56 -11.00 -11.54
C ALA D 136 46.17 -10.60 -12.06
N TYR D 137 45.20 -11.47 -11.81
CA TYR D 137 43.83 -11.24 -12.26
C TYR D 137 42.87 -11.90 -11.29
N ARG D 138 41.67 -11.33 -11.20
CA ARG D 138 40.61 -11.92 -10.39
C ARG D 138 40.02 -13.13 -11.11
N ASP D 139 39.62 -14.13 -10.32
CA ASP D 139 38.97 -15.31 -10.85
C ASP D 139 37.46 -15.07 -10.90
N SER D 140 36.87 -15.30 -12.07
CA SER D 140 35.44 -15.08 -12.25
C SER D 140 34.58 -16.04 -11.44
N ARG D 141 35.16 -17.14 -10.95
CA ARG D 141 34.41 -18.13 -10.20
C ARG D 141 34.57 -18.02 -8.69
N THR D 142 35.73 -17.58 -8.22
CA THR D 142 35.99 -17.51 -6.78
C THR D 142 36.53 -16.16 -6.29
N TYR D 143 36.84 -15.22 -7.20
CA TYR D 143 37.30 -13.89 -6.81
C TYR D 143 38.52 -13.95 -5.90
N ARG D 144 39.46 -14.85 -6.23
CA ARG D 144 40.54 -15.19 -5.32
C ARG D 144 41.89 -14.59 -5.70
N MET D 145 42.00 -13.90 -6.83
CA MET D 145 43.26 -13.28 -7.26
C MET D 145 44.36 -14.34 -7.37
N ILE D 146 44.19 -15.18 -8.39
CA ILE D 146 44.92 -16.44 -8.57
C ILE D 146 46.40 -16.34 -8.22
N TYR D 147 47.09 -15.33 -8.76
CA TYR D 147 48.52 -15.12 -8.49
C TYR D 147 49.40 -16.26 -8.96
N LYS D 148 48.84 -17.26 -9.64
CA LYS D 148 49.62 -18.41 -10.09
C LYS D 148 50.39 -18.06 -11.35
N ARG D 149 51.68 -18.43 -11.37
CA ARG D 149 52.52 -18.11 -12.53
C ARG D 149 52.02 -18.80 -13.78
N SER D 150 51.67 -20.08 -13.69
CA SER D 150 51.21 -20.81 -14.86
C SER D 150 49.79 -20.46 -15.27
N SER D 151 48.98 -19.92 -14.35
CA SER D 151 47.61 -19.59 -14.69
C SER D 151 47.53 -18.31 -15.53
N ILE D 152 48.40 -17.34 -15.23
CA ILE D 152 48.39 -16.09 -15.99
C ILE D 152 48.81 -16.35 -17.43
N ALA D 153 49.88 -17.13 -17.62
CA ALA D 153 50.36 -17.42 -18.96
C ALA D 153 49.34 -18.23 -19.75
N LEU D 154 48.76 -19.25 -19.12
CA LEU D 154 47.82 -20.13 -19.83
C LEU D 154 46.57 -19.36 -20.25
N ARG D 155 46.12 -18.42 -19.42
CA ARG D 155 44.96 -17.63 -19.79
C ARG D 155 45.23 -16.78 -21.03
N TYR D 156 46.41 -16.16 -21.11
CA TYR D 156 46.66 -15.19 -22.17
C TYR D 156 46.84 -15.86 -23.52
N LEU D 157 47.55 -16.99 -23.56
CA LEU D 157 47.78 -17.66 -24.84
C LEU D 157 46.50 -18.16 -25.49
N LYS D 158 45.42 -18.33 -24.72
CA LYS D 158 44.16 -18.80 -25.26
C LYS D 158 43.14 -17.69 -25.49
N SER D 159 43.50 -16.44 -25.21
CA SER D 159 42.55 -15.33 -25.32
C SER D 159 42.93 -14.34 -26.41
N THR D 160 44.14 -13.76 -26.34
CA THR D 160 44.50 -12.65 -27.21
C THR D 160 45.88 -12.78 -27.86
N PHE D 161 46.80 -13.52 -27.24
CA PHE D 161 48.19 -13.55 -27.72
C PHE D 161 48.28 -14.01 -29.17
N ILE D 162 47.31 -14.78 -29.65
CA ILE D 162 47.34 -15.25 -31.03
C ILE D 162 47.24 -14.08 -32.01
N ILE D 163 46.34 -13.13 -31.73
CA ILE D 163 46.11 -12.03 -32.67
C ILE D 163 46.96 -10.81 -32.34
N ASP D 164 47.20 -10.53 -31.07
CA ASP D 164 47.96 -9.33 -30.69
C ASP D 164 49.39 -9.41 -31.22
N LEU D 165 50.02 -10.58 -31.11
CA LEU D 165 51.39 -10.72 -31.59
C LEU D 165 51.49 -10.49 -33.10
N LEU D 166 50.45 -10.87 -33.84
CA LEU D 166 50.45 -10.64 -35.28
C LEU D 166 50.50 -9.16 -35.61
N ALA D 167 49.77 -8.34 -34.86
CA ALA D 167 49.76 -6.90 -35.11
C ALA D 167 51.14 -6.28 -34.89
N CYS D 168 51.87 -6.74 -33.87
CA CYS D 168 53.18 -6.19 -33.58
C CYS D 168 54.22 -6.53 -34.63
N MET D 169 53.94 -7.47 -35.53
CA MET D 169 54.88 -7.79 -36.58
C MET D 169 55.03 -6.61 -37.53
N PRO D 170 56.25 -6.33 -38.02
CA PRO D 170 56.43 -5.23 -38.98
C PRO D 170 56.07 -5.69 -40.38
N TRP D 171 55.18 -4.93 -41.03
CA TRP D 171 54.70 -5.29 -42.36
C TRP D 171 55.21 -4.36 -43.46
N ASP D 172 55.61 -3.14 -43.13
CA ASP D 172 56.22 -2.26 -44.11
C ASP D 172 57.55 -2.83 -44.60
N ILE D 173 58.34 -3.40 -43.68
CA ILE D 173 59.61 -3.99 -44.07
C ILE D 173 59.40 -5.27 -44.86
N ILE D 174 58.46 -6.12 -44.42
CA ILE D 174 58.25 -7.40 -45.10
C ILE D 174 57.73 -7.18 -46.52
N TYR D 175 56.79 -6.25 -46.69
CA TYR D 175 56.26 -5.98 -48.02
C TYR D 175 57.36 -5.47 -48.95
N LYS D 176 58.22 -4.57 -48.44
CA LYS D 176 59.35 -4.13 -49.23
C LYS D 176 60.32 -5.27 -49.52
N ALA D 177 60.59 -6.10 -48.51
CA ALA D 177 61.54 -7.20 -48.68
C ALA D 177 61.03 -8.24 -49.67
N ALA D 178 59.74 -8.57 -49.59
CA ALA D 178 59.15 -9.58 -50.48
C ALA D 178 58.75 -8.95 -51.82
N GLY D 179 59.74 -8.36 -52.47
CA GLY D 179 59.49 -7.68 -53.74
C GLY D 179 58.50 -6.55 -53.56
N GLU D 180 57.45 -6.56 -54.38
CA GLU D 180 56.38 -5.56 -54.28
C GLU D 180 55.08 -6.26 -54.66
N LYS D 181 54.38 -6.78 -53.65
CA LYS D 181 53.10 -7.47 -53.83
C LYS D 181 52.07 -6.82 -52.94
N GLU D 182 50.90 -6.52 -53.51
CA GLU D 182 49.84 -5.87 -52.75
C GLU D 182 49.12 -6.83 -51.81
N GLU D 183 49.25 -8.14 -52.02
CA GLU D 183 48.51 -9.10 -51.22
C GLU D 183 48.92 -9.06 -49.76
N VAL D 184 50.23 -8.94 -49.50
CA VAL D 184 50.71 -8.92 -48.11
C VAL D 184 50.26 -7.64 -47.41
N ARG D 185 50.24 -6.53 -48.14
CA ARG D 185 49.86 -5.26 -47.53
C ARG D 185 48.40 -5.20 -47.13
N TYR D 186 47.56 -6.09 -47.67
CA TYR D 186 46.16 -6.13 -47.27
C TYR D 186 46.02 -6.51 -45.80
N LEU D 187 46.84 -7.43 -45.32
CA LEU D 187 46.75 -7.89 -43.94
C LEU D 187 47.26 -6.86 -42.94
N LEU D 188 47.84 -5.75 -43.41
CA LEU D 188 48.21 -4.66 -42.53
C LEU D 188 46.99 -4.05 -41.83
N LEU D 189 45.79 -4.30 -42.35
CA LEU D 189 44.56 -3.82 -41.73
C LEU D 189 44.29 -4.48 -40.39
N ILE D 190 45.03 -5.54 -40.04
CA ILE D 190 44.82 -6.22 -38.77
C ILE D 190 45.16 -5.32 -37.59
N ARG D 191 45.91 -4.24 -37.80
CA ARG D 191 46.25 -3.32 -36.73
C ARG D 191 45.06 -2.50 -36.25
N LEU D 192 43.93 -2.52 -36.95
CA LEU D 192 42.76 -1.77 -36.52
C LEU D 192 42.11 -2.35 -35.26
N TYR D 193 42.51 -3.56 -34.85
CA TYR D 193 41.95 -4.14 -33.64
C TYR D 193 42.30 -3.31 -32.40
N ARG D 194 43.51 -2.78 -32.35
CA ARG D 194 43.98 -2.10 -31.14
C ARG D 194 43.23 -0.82 -30.84
N VAL D 195 42.22 -0.46 -31.63
CA VAL D 195 41.27 0.56 -31.21
C VAL D 195 40.38 0.09 -30.08
N HIS D 196 40.39 -1.22 -29.79
CA HIS D 196 39.58 -1.76 -28.70
C HIS D 196 40.04 -1.24 -27.34
N ARG D 197 41.30 -0.83 -27.22
CA ARG D 197 41.77 -0.24 -25.97
C ARG D 197 41.02 1.06 -25.67
N VAL D 198 40.81 1.89 -26.69
CA VAL D 198 40.10 3.15 -26.48
C VAL D 198 38.64 2.90 -26.13
N ILE D 199 38.01 1.95 -26.82
CA ILE D 199 36.61 1.61 -26.51
C ILE D 199 36.49 1.06 -25.11
N LEU D 200 37.45 0.21 -24.71
CA LEU D 200 37.44 -0.32 -23.35
C LEU D 200 37.62 0.78 -22.31
N PHE D 201 38.41 1.81 -22.64
CA PHE D 201 38.59 2.92 -21.71
C PHE D 201 37.28 3.65 -21.44
N PHE D 202 36.47 3.85 -22.48
CA PHE D 202 35.17 4.49 -22.30
C PHE D 202 34.26 3.61 -21.44
N HIS D 203 34.36 2.29 -21.59
CA HIS D 203 33.56 1.39 -20.77
C HIS D 203 33.88 1.54 -19.29
N LYS D 204 35.17 1.62 -18.96
CA LYS D 204 35.56 1.82 -17.56
C LYS D 204 35.10 3.17 -17.04
N MET D 205 35.25 4.22 -17.85
CA MET D 205 34.85 5.56 -17.41
C MET D 205 33.33 5.70 -17.40
N GLU D 206 32.62 4.89 -18.19
CA GLU D 206 31.16 4.95 -18.19
C GLU D 206 30.59 4.56 -16.84
N LYS D 207 31.16 3.53 -16.20
CA LYS D 207 30.64 3.05 -14.93
C LYS D 207 30.98 3.96 -13.75
N ASP D 208 31.87 4.93 -13.93
CA ASP D 208 32.20 5.83 -12.84
C ASP D 208 31.03 6.75 -12.54
N ILE D 209 30.72 6.90 -11.25
CA ILE D 209 29.60 7.73 -10.82
C ILE D 209 29.92 9.21 -11.02
N ARG D 210 31.15 9.61 -10.75
CA ARG D 210 31.52 11.03 -10.76
C ARG D 210 31.45 11.66 -12.14
N ILE D 211 31.35 10.87 -13.20
CA ILE D 211 31.33 11.37 -14.57
C ILE D 211 29.89 11.35 -15.07
N ASN D 212 29.46 12.47 -15.66
CA ASN D 212 28.09 12.56 -16.17
C ASN D 212 27.86 11.51 -17.25
N TYR D 213 26.68 10.87 -17.19
CA TYR D 213 26.36 9.79 -18.12
C TYR D 213 26.02 10.32 -19.51
N LEU D 214 25.36 11.48 -19.59
CA LEU D 214 25.06 12.06 -20.90
C LEU D 214 26.35 12.46 -21.62
N PHE D 215 27.32 12.99 -20.88
CA PHE D 215 28.59 13.39 -21.51
C PHE D 215 29.36 12.21 -22.04
N THR D 216 29.43 11.11 -21.28
CA THR D 216 30.29 10.00 -21.69
C THR D 216 29.69 9.21 -22.85
N ARG D 217 28.36 9.15 -22.96
CA ARG D 217 27.76 8.44 -24.08
C ARG D 217 27.87 9.24 -25.37
N ILE D 218 27.88 10.56 -25.27
CA ILE D 218 28.03 11.39 -26.47
C ILE D 218 29.46 11.28 -27.00
N VAL D 219 30.45 11.30 -26.11
CA VAL D 219 31.85 11.21 -26.54
C VAL D 219 32.13 9.87 -27.20
N LYS D 220 31.64 8.78 -26.61
CA LYS D 220 31.87 7.46 -27.19
C LYS D 220 31.17 7.32 -28.54
N LEU D 221 29.93 7.78 -28.64
CA LEU D 221 29.21 7.70 -29.91
C LEU D 221 29.85 8.56 -30.98
N ILE D 222 30.31 9.77 -30.61
CA ILE D 222 30.95 10.64 -31.58
C ILE D 222 32.26 10.03 -32.07
N PHE D 223 33.06 9.51 -31.13
CA PHE D 223 34.34 8.91 -31.50
C PHE D 223 34.14 7.68 -32.38
N VAL D 224 33.19 6.82 -32.03
CA VAL D 224 32.95 5.61 -32.81
C VAL D 224 32.37 5.93 -34.18
N GLU D 225 31.84 7.14 -34.37
CA GLU D 225 31.35 7.57 -35.68
C GLU D 225 32.38 8.40 -36.42
N LEU D 226 33.17 9.21 -35.69
CA LEU D 226 34.22 9.99 -36.33
C LEU D 226 35.37 9.09 -36.79
N TYR D 227 35.57 7.95 -36.12
CA TYR D 227 36.61 7.02 -36.54
C TYR D 227 36.21 6.29 -37.82
N CYS D 228 34.95 5.88 -37.92
CA CYS D 228 34.49 5.22 -39.14
C CYS D 228 34.58 6.15 -40.34
N THR D 229 34.27 7.44 -40.14
CA THR D 229 34.42 8.40 -41.24
C THR D 229 35.88 8.51 -41.66
N HIS D 230 36.80 8.57 -40.69
CA HIS D 230 38.22 8.64 -41.01
C HIS D 230 38.68 7.38 -41.75
N THR D 231 38.21 6.21 -41.31
CA THR D 231 38.59 4.98 -41.99
C THR D 231 37.98 4.90 -43.38
N ALA D 232 36.76 5.40 -43.54
CA ALA D 232 36.12 5.41 -44.85
C ALA D 232 36.86 6.33 -45.82
N ALA D 233 37.37 7.46 -45.33
CA ALA D 233 38.08 8.39 -46.19
C ALA D 233 39.37 7.79 -46.73
N CYS D 234 40.14 7.11 -45.87
CA CYS D 234 41.40 6.52 -46.32
C CYS D 234 41.17 5.43 -47.35
N ILE D 235 40.15 4.60 -47.14
CA ILE D 235 39.84 3.56 -48.11
C ILE D 235 39.34 4.17 -49.41
N PHE D 236 38.59 5.27 -49.31
CA PHE D 236 37.94 5.84 -50.49
C PHE D 236 38.96 6.42 -51.46
N TYR D 237 40.06 6.97 -50.93
CA TYR D 237 41.15 7.38 -51.80
C TYR D 237 41.90 6.20 -52.37
N TYR D 238 41.96 5.08 -51.62
CA TYR D 238 42.65 3.90 -52.10
C TYR D 238 41.97 3.33 -53.35
N LEU D 239 40.64 3.38 -53.39
CA LEU D 239 39.92 2.88 -54.56
C LEU D 239 40.26 3.67 -55.82
N ALA D 240 40.63 4.94 -55.67
CA ALA D 240 41.01 5.74 -56.82
C ALA D 240 42.44 5.47 -57.28
N THR D 241 43.23 4.77 -56.47
CA THR D 241 44.60 4.44 -56.84
C THR D 241 44.74 3.09 -57.52
N THR D 242 43.72 2.23 -57.42
CA THR D 242 43.78 0.93 -58.09
C THR D 242 43.79 1.09 -59.61
N LEU D 243 43.03 2.06 -60.12
CA LEU D 243 43.04 2.32 -61.56
C LEU D 243 44.40 2.82 -62.00
N PRO D 244 44.91 2.36 -63.14
CA PRO D 244 46.20 2.84 -63.62
C PRO D 244 46.15 4.30 -64.01
N ALA D 245 47.32 4.93 -64.00
CA ALA D 245 47.43 6.36 -64.28
C ALA D 245 47.03 6.72 -65.71
N SER D 246 46.93 5.74 -66.61
CA SER D 246 46.52 6.03 -67.98
C SER D 246 45.08 6.54 -68.03
N GLN D 247 44.20 5.98 -67.20
CA GLN D 247 42.79 6.34 -67.18
C GLN D 247 42.39 6.99 -65.86
N GLU D 248 43.22 7.92 -65.38
CA GLU D 248 42.95 8.60 -64.12
C GLU D 248 41.75 9.53 -64.18
N GLY D 249 41.24 9.84 -65.37
CA GLY D 249 40.09 10.71 -65.49
C GLY D 249 38.79 10.07 -65.02
N TYR D 250 38.75 8.74 -64.92
CA TYR D 250 37.53 8.08 -64.47
CA TYR D 250 37.55 8.04 -64.48
C TYR D 250 37.37 8.11 -62.97
N THR D 251 38.45 8.32 -62.22
CA THR D 251 38.39 8.33 -60.76
C THR D 251 37.60 9.54 -60.25
N TRP D 252 37.20 9.45 -58.98
CA TRP D 252 36.42 10.51 -58.35
C TRP D 252 37.24 11.76 -58.07
N ILE D 253 38.56 11.65 -58.05
CA ILE D 253 39.41 12.79 -57.74
C ILE D 253 40.29 13.20 -58.92
N GLY D 254 40.63 12.27 -59.81
CA GLY D 254 41.41 12.62 -60.99
C GLY D 254 40.69 13.55 -61.96
N SER D 255 39.37 13.61 -61.87
CA SER D 255 38.57 14.52 -62.70
C SER D 255 38.03 15.70 -61.90
N LEU D 256 38.56 15.93 -60.71
CA LEU D 256 38.06 17.01 -59.86
C LEU D 256 38.45 18.37 -60.40
N LYS D 257 37.56 19.35 -60.21
CA LYS D 257 37.88 20.75 -60.48
C LYS D 257 36.97 21.60 -59.59
N LEU D 258 37.53 22.08 -58.49
CA LEU D 258 36.73 22.83 -57.51
C LEU D 258 36.59 24.29 -57.92
N GLY D 259 37.71 24.99 -57.97
CA GLY D 259 37.73 26.36 -58.46
C GLY D 259 38.55 26.47 -59.73
N ASP D 260 39.79 26.92 -59.62
CA ASP D 260 40.75 26.87 -60.70
C ASP D 260 41.84 25.83 -60.46
N TYR D 261 41.64 24.94 -59.49
CA TYR D 261 42.59 23.88 -59.23
C TYR D 261 42.30 22.70 -60.16
N SER D 262 43.30 22.33 -60.95
CA SER D 262 43.08 21.32 -61.99
C SER D 262 42.89 19.93 -61.41
N TYR D 263 43.62 19.60 -60.34
CA TYR D 263 43.61 18.26 -59.75
C TYR D 263 43.98 17.18 -60.77
N SER D 264 44.74 17.56 -61.80
CA SER D 264 44.96 16.65 -62.92
C SER D 264 45.90 15.51 -62.55
N LYS D 265 47.00 15.82 -61.87
CA LYS D 265 48.04 14.82 -61.64
C LYS D 265 47.55 13.69 -60.74
N PHE D 266 46.81 14.03 -59.68
CA PHE D 266 46.20 13.05 -58.77
C PHE D 266 47.27 12.38 -57.91
N ARG D 267 48.54 12.64 -58.22
CA ARG D 267 49.64 12.06 -57.48
C ARG D 267 50.73 13.11 -57.32
N GLU D 268 51.65 12.82 -56.38
CA GLU D 268 52.75 13.70 -56.00
C GLU D 268 52.29 15.15 -55.81
N ILE D 269 51.04 15.33 -55.41
CA ILE D 269 50.52 16.66 -55.14
C ILE D 269 50.96 17.12 -53.75
N ASP D 270 50.52 16.41 -52.73
CA ASP D 270 50.87 16.66 -51.32
C ASP D 270 50.19 15.56 -50.52
N LEU D 271 50.60 15.44 -49.25
CA LEU D 271 49.90 14.53 -48.35
C LEU D 271 48.70 15.19 -47.69
N TRP D 272 48.81 16.47 -47.37
CA TRP D 272 47.76 17.16 -46.64
C TRP D 272 46.64 17.65 -47.56
N THR D 273 46.98 18.20 -48.73
CA THR D 273 45.97 18.60 -49.68
C THR D 273 45.23 17.41 -50.26
N ARG D 274 45.90 16.25 -50.35
CA ARG D 274 45.24 15.04 -50.81
C ARG D 274 44.35 14.43 -49.74
N TYR D 275 44.75 14.53 -48.47
CA TYR D 275 43.94 13.93 -47.40
C TYR D 275 42.76 14.82 -47.02
N THR D 276 42.97 16.13 -46.89
CA THR D 276 41.90 16.99 -46.41
C THR D 276 40.73 17.05 -47.39
N THR D 277 40.99 16.85 -48.69
CA THR D 277 39.90 16.80 -49.64
C THR D 277 39.17 15.45 -49.61
N SER D 278 39.89 14.38 -49.24
CA SER D 278 39.25 13.07 -49.12
C SER D 278 38.43 12.97 -47.84
N MET D 279 38.93 13.56 -46.75
CA MET D 279 38.18 13.54 -45.49
C MET D 279 37.01 14.52 -45.52
N TYR D 280 37.17 15.64 -46.22
CA TYR D 280 36.06 16.58 -46.38
C TYR D 280 34.89 15.93 -47.11
N PHE D 281 35.18 14.99 -48.02
CA PHE D 281 34.11 14.28 -48.71
C PHE D 281 33.43 13.28 -47.78
N ALA D 282 34.21 12.59 -46.96
CA ALA D 282 33.63 11.59 -46.06
C ALA D 282 32.79 12.24 -44.97
N VAL D 283 33.21 13.41 -44.48
CA VAL D 283 32.45 14.08 -43.43
C VAL D 283 31.13 14.62 -43.99
N VAL D 284 31.18 15.20 -45.20
CA VAL D 284 29.97 15.76 -45.80
C VAL D 284 28.92 14.67 -45.99
N THR D 285 29.33 13.51 -46.49
CA THR D 285 28.38 12.42 -46.69
C THR D 285 28.02 11.71 -45.39
N MET D 286 28.77 11.95 -44.32
CA MET D 286 28.43 11.35 -43.04
C MET D 286 27.26 12.06 -42.36
N ALA D 287 27.19 13.37 -42.54
CA ALA D 287 26.12 14.18 -41.97
C ALA D 287 24.93 14.35 -42.91
N THR D 288 24.90 13.60 -44.01
CA THR D 288 23.80 13.64 -44.99
C THR D 288 23.59 15.04 -45.53
N VAL D 289 24.69 15.70 -45.89
CA VAL D 289 24.63 17.01 -46.52
C VAL D 289 24.64 16.85 -48.03
N GLY D 290 25.71 16.28 -48.56
CA GLY D 290 25.80 15.98 -49.98
C GLY D 290 25.87 17.19 -50.87
N TYR D 291 26.98 17.92 -50.82
CA TYR D 291 27.14 19.09 -51.66
C TYR D 291 27.14 18.72 -53.14
N GLY D 292 27.86 17.67 -53.50
CA GLY D 292 27.92 17.22 -54.88
C GLY D 292 29.14 17.63 -55.66
N ASP D 293 30.02 18.46 -55.07
CA ASP D 293 31.25 18.81 -55.75
C ASP D 293 32.16 17.59 -55.93
N ILE D 294 32.23 16.75 -54.91
CA ILE D 294 33.03 15.52 -54.94
C ILE D 294 32.06 14.36 -54.80
N HIS D 295 32.16 13.39 -55.71
CA HIS D 295 31.14 12.34 -55.77
C HIS D 295 31.74 11.09 -56.41
N ALA D 296 31.03 9.98 -56.21
CA ALA D 296 31.44 8.71 -56.81
C ALA D 296 31.07 8.67 -58.29
N VAL D 297 32.02 8.28 -59.13
CA VAL D 297 31.84 8.30 -60.57
C VAL D 297 32.20 6.96 -61.20
N ASN D 298 33.10 6.22 -60.55
CA ASN D 298 33.68 5.02 -61.12
C ASN D 298 32.97 3.80 -60.56
N MET D 299 33.06 2.68 -61.30
CA MET D 299 32.19 1.54 -61.02
C MET D 299 32.38 0.99 -59.61
N ARG D 300 33.59 1.09 -59.06
CA ARG D 300 33.86 0.53 -57.74
C ARG D 300 33.57 1.52 -56.61
N GLU D 301 33.58 2.82 -56.89
CA GLU D 301 33.19 3.80 -55.88
C GLU D 301 31.69 3.77 -55.61
N MET D 302 30.88 3.45 -56.63
CA MET D 302 29.44 3.37 -56.42
C MET D 302 29.09 2.27 -55.43
N ILE D 303 29.66 1.08 -55.62
CA ILE D 303 29.34 -0.05 -54.75
C ILE D 303 29.75 0.25 -53.31
N PHE D 304 30.90 0.89 -53.14
CA PHE D 304 31.33 1.27 -51.80
C PHE D 304 30.51 2.43 -51.25
N ALA D 305 29.99 3.29 -52.12
CA ALA D 305 29.20 4.44 -51.66
C ALA D 305 27.91 3.98 -50.98
N MET D 306 27.21 3.02 -51.60
CA MET D 306 25.95 2.54 -51.01
C MET D 306 26.20 1.82 -49.69
N VAL D 307 27.29 1.05 -49.61
CA VAL D 307 27.59 0.31 -48.39
C VAL D 307 27.85 1.28 -47.23
N TYR D 308 28.68 2.29 -47.47
CA TYR D 308 28.96 3.27 -46.43
C TYR D 308 27.73 4.10 -46.08
N ILE D 309 26.97 4.52 -47.10
CA ILE D 309 25.80 5.36 -46.85
C ILE D 309 24.73 4.60 -46.08
N SER D 310 24.46 3.34 -46.49
CA SER D 310 23.45 2.56 -45.79
C SER D 310 23.87 2.27 -44.35
N PHE D 311 25.15 1.94 -44.14
CA PHE D 311 25.63 1.67 -42.79
C PHE D 311 25.64 2.93 -41.95
N ASP D 312 25.95 4.08 -42.56
CA ASP D 312 25.96 5.34 -41.81
C ASP D 312 24.57 5.72 -41.32
N MET D 313 23.54 5.47 -42.13
CA MET D 313 22.18 5.83 -41.74
C MET D 313 21.76 5.11 -40.47
N ILE D 314 22.07 3.81 -40.37
CA ILE D 314 21.77 3.08 -39.15
C ILE D 314 22.55 3.64 -37.97
N LEU D 315 23.85 3.89 -38.19
CA LEU D 315 24.66 4.49 -37.13
C LEU D 315 24.22 5.91 -36.84
N GLY D 316 23.89 6.69 -37.87
CA GLY D 316 23.48 8.06 -37.66
C GLY D 316 22.19 8.17 -36.87
N ALA D 317 21.21 7.33 -37.19
CA ALA D 317 19.96 7.33 -36.44
C ALA D 317 20.14 6.77 -35.03
N TYR D 318 21.22 6.02 -34.78
CA TYR D 318 21.47 5.51 -33.44
C TYR D 318 21.86 6.63 -32.48
N LEU D 319 22.62 7.61 -32.97
CA LEU D 319 23.00 8.74 -32.13
C LEU D 319 21.78 9.54 -31.70
N ILE D 320 20.85 9.77 -32.64
CA ILE D 320 19.63 10.50 -32.30
C ILE D 320 18.80 9.73 -31.29
N GLY D 321 18.66 8.42 -31.49
CA GLY D 321 17.88 7.61 -30.58
C GLY D 321 18.51 7.53 -29.19
N ASN D 322 19.84 7.50 -29.12
CA ASN D 322 20.50 7.39 -27.83
C ASN D 322 20.35 8.66 -27.01
N MET D 323 20.53 9.83 -27.63
CA MET D 323 20.35 11.08 -26.91
C MET D 323 18.90 11.29 -26.51
N THR D 324 17.96 10.82 -27.35
CA THR D 324 16.55 10.98 -27.03
C THR D 324 16.17 10.24 -25.76
N ALA D 325 16.72 9.04 -25.56
CA ALA D 325 16.39 8.27 -24.37
C ALA D 325 16.87 8.95 -23.10
N LEU D 326 18.08 9.53 -23.14
CA LEU D 326 18.63 10.15 -21.94
C LEU D 326 17.90 11.44 -21.60
N ILE D 327 17.51 12.23 -22.61
CA ILE D 327 16.76 13.45 -22.35
C ILE D 327 15.36 13.12 -21.84
N VAL D 328 14.74 12.09 -22.41
CA VAL D 328 13.40 11.68 -21.96
C VAL D 328 13.44 11.21 -20.52
N LYS D 329 14.50 10.50 -20.14
CA LYS D 329 14.60 9.98 -18.77
C LYS D 329 14.61 11.11 -17.75
N GLY D 330 15.35 12.18 -18.03
CA GLY D 330 15.41 13.29 -17.10
C GLY D 330 16.15 12.93 -15.82
N SER D 331 15.79 13.63 -14.74
CA SER D 331 16.42 13.40 -13.45
C SER D 331 15.36 13.53 -12.36
N LYS D 332 15.78 13.31 -11.11
CA LYS D 332 14.86 13.43 -9.99
C LYS D 332 14.36 14.86 -9.83
N THR D 333 15.25 15.84 -9.97
CA THR D 333 14.86 17.23 -9.80
C THR D 333 13.88 17.67 -10.90
N GLU D 334 14.09 17.19 -12.13
CA GLU D 334 13.19 17.54 -13.22
C GLU D 334 11.79 17.01 -12.96
N ARG D 335 11.68 15.76 -12.50
CA ARG D 335 10.39 15.21 -12.14
C ARG D 335 9.80 15.94 -10.93
N PHE D 336 10.65 16.28 -9.95
CA PHE D 336 10.18 17.01 -8.78
C PHE D 336 9.72 18.41 -9.16
N ARG D 337 10.39 19.03 -10.15
CA ARG D 337 9.97 20.34 -10.62
C ARG D 337 8.57 20.29 -11.22
N ASP D 338 8.28 19.23 -11.98
CA ASP D 338 6.97 19.11 -12.61
C ASP D 338 5.86 18.99 -11.57
N LYS D 339 6.13 18.27 -10.47
CA LYS D 339 5.12 18.07 -9.44
C LYS D 339 4.71 19.41 -8.82
N MET D 340 5.67 20.26 -8.50
CA MET D 340 5.34 21.57 -7.95
C MET D 340 4.67 22.47 -8.98
N ALA D 341 5.02 22.31 -10.26
CA ALA D 341 4.39 23.10 -11.30
C ALA D 341 2.89 22.78 -11.41
N ASP D 342 2.54 21.50 -11.29
CA ASP D 342 1.14 21.10 -11.43
C ASP D 342 0.31 21.61 -10.26
N ILE D 343 0.80 21.43 -9.03
CA ILE D 343 0.02 21.84 -7.85
C ILE D 343 -0.08 23.36 -7.77
N MET D 344 0.97 24.07 -8.17
CA MET D 344 0.94 25.53 -8.12
C MET D 344 -0.15 26.08 -9.03
N ARG D 345 -0.31 25.49 -10.22
CA ARG D 345 -1.38 25.94 -11.13
C ARG D 345 -2.75 25.72 -10.50
N TYR D 346 -2.96 24.58 -9.86
CA TYR D 346 -4.23 24.33 -9.19
C TYR D 346 -4.42 25.28 -8.01
N MET D 347 -3.38 25.45 -7.19
CA MET D 347 -3.50 26.30 -6.00
C MET D 347 -3.72 27.75 -6.39
N ASN D 348 -3.04 28.22 -7.44
CA ASN D 348 -3.25 29.59 -7.93
C ASN D 348 -4.54 29.73 -8.72
N ARG D 349 -5.14 28.61 -9.14
CA ARG D 349 -6.38 28.70 -9.91
C ARG D 349 -7.51 29.30 -9.09
N ASN D 350 -7.63 28.89 -7.82
CA ASN D 350 -8.64 29.41 -6.93
C ASN D 350 -8.20 30.69 -6.22
N LYS D 351 -6.95 31.11 -6.38
CA LYS D 351 -6.41 32.31 -5.75
C LYS D 351 -6.61 32.27 -4.24
N LEU D 352 -6.24 31.13 -3.64
CA LEU D 352 -6.45 30.88 -2.23
C LEU D 352 -5.17 31.07 -1.43
N GLY D 353 -5.29 31.74 -0.28
CA GLY D 353 -4.22 31.80 0.69
C GLY D 353 -3.08 32.74 0.36
N ARG D 354 -2.51 33.36 1.40
CA ARG D 354 -1.30 34.15 1.29
C ARG D 354 -0.15 33.56 2.09
N ASN D 355 -0.41 33.14 3.32
CA ASN D 355 0.57 32.39 4.11
C ASN D 355 0.46 30.90 3.90
N ILE D 356 -0.70 30.40 3.46
CA ILE D 356 -0.86 28.98 3.17
C ILE D 356 0.02 28.57 1.99
N ARG D 357 0.18 29.46 1.01
CA ARG D 357 1.02 29.16 -0.15
C ARG D 357 2.45 28.82 0.28
N GLY D 358 3.02 29.64 1.17
CA GLY D 358 4.35 29.34 1.67
C GLY D 358 4.39 28.09 2.54
N GLN D 359 3.32 27.87 3.31
CA GLN D 359 3.30 26.72 4.22
C GLN D 359 3.35 25.41 3.46
N ILE D 360 2.56 25.29 2.39
CA ILE D 360 2.56 24.05 1.63
C ILE D 360 3.81 23.93 0.75
N THR D 361 4.35 25.05 0.27
CA THR D 361 5.57 25.01 -0.53
C THR D 361 6.75 24.53 0.30
N GLY D 362 6.85 24.99 1.55
CA GLY D 362 7.95 24.55 2.40
C GLY D 362 7.85 23.07 2.76
N HIS D 363 6.62 22.57 2.97
CA HIS D 363 6.44 21.17 3.30
C HIS D 363 6.90 20.27 2.16
N LEU D 364 6.56 20.65 0.91
CA LEU D 364 6.99 19.86 -0.23
C LEU D 364 8.51 19.90 -0.40
N ARG D 365 9.12 21.06 -0.13
CA ARG D 365 10.57 21.16 -0.20
C ARG D 365 11.24 20.22 0.80
N LEU D 366 10.70 20.16 2.02
CA LEU D 366 11.24 19.24 3.02
C LEU D 366 11.01 17.79 2.60
N GLN D 367 9.89 17.51 1.92
CA GLN D 367 9.61 16.16 1.47
C GLN D 367 10.67 15.66 0.50
N TYR D 368 11.08 16.50 -0.45
CA TYR D 368 12.12 16.10 -1.39
C TYR D 368 13.49 16.09 -0.73
N GLU D 369 13.76 17.06 0.15
CA GLU D 369 15.05 17.12 0.82
C GLU D 369 15.27 15.91 1.72
N SER D 370 14.23 15.48 2.42
CA SER D 370 14.31 14.32 3.31
C SER D 370 13.90 13.03 2.61
N SER D 371 13.84 13.02 1.28
CA SER D 371 13.46 11.82 0.54
C SER D 371 14.66 10.91 0.34
N TYR D 372 15.38 10.61 1.43
CA TYR D 372 16.53 9.72 1.39
C TYR D 372 16.51 8.65 2.47
N THR D 373 15.71 8.80 3.52
CA THR D 373 15.62 7.76 4.54
C THR D 373 15.04 6.47 3.96
N GLU D 374 14.02 6.58 3.11
CA GLU D 374 13.46 5.43 2.42
C GLU D 374 14.32 5.15 1.20
N ALA D 375 15.26 4.22 1.34
CA ALA D 375 16.21 3.89 0.29
C ALA D 375 15.82 2.58 -0.36
N ALA D 376 15.54 2.63 -1.66
CA ALA D 376 15.25 1.39 -2.40
C ALA D 376 16.49 0.53 -2.55
N VAL D 377 17.66 1.16 -2.59
CA VAL D 377 18.91 0.39 -2.70
C VAL D 377 19.15 -0.43 -1.45
N LEU D 378 18.76 0.09 -0.28
CA LEU D 378 18.99 -0.64 0.97
C LEU D 378 17.90 -1.69 1.19
N GLN D 379 17.67 -2.52 0.18
CA GLN D 379 16.72 -3.63 0.28
C GLN D 379 17.34 -4.96 -0.12
N ASP D 380 18.25 -4.97 -1.09
CA ASP D 380 18.96 -6.18 -1.48
C ASP D 380 20.20 -6.44 -0.64
N ILE D 381 20.58 -5.50 0.21
CA ILE D 381 21.73 -5.70 1.10
C ILE D 381 21.40 -6.80 2.09
N PRO D 382 22.33 -7.71 2.39
CA PRO D 382 22.04 -8.77 3.36
C PRO D 382 21.71 -8.22 4.73
N VAL D 383 20.90 -8.96 5.47
CA VAL D 383 20.42 -8.49 6.77
C VAL D 383 21.57 -8.29 7.75
N SER D 384 22.60 -9.13 7.68
CA SER D 384 23.74 -8.98 8.58
C SER D 384 24.41 -7.62 8.41
N ILE D 385 24.59 -7.18 7.17
CA ILE D 385 25.12 -5.84 6.93
C ILE D 385 24.09 -4.79 7.30
N ARG D 386 22.82 -5.02 6.95
CA ARG D 386 21.77 -4.04 7.23
C ARG D 386 21.58 -3.85 8.74
N ALA D 387 21.69 -4.94 9.51
CA ALA D 387 21.54 -4.83 10.96
C ALA D 387 22.64 -3.98 11.57
N LYS D 388 23.88 -4.13 11.09
CA LYS D 388 25.00 -3.40 11.67
C LYS D 388 24.83 -1.89 11.49
N ILE D 389 24.40 -1.46 10.31
CA ILE D 389 24.21 -0.03 10.08
C ILE D 389 23.03 0.52 10.88
N ALA D 390 22.13 -0.33 11.33
CA ALA D 390 21.00 0.14 12.15
C ALA D 390 21.46 0.48 13.56
N GLN D 391 22.36 -0.34 14.13
CA GLN D 391 22.80 -0.10 15.50
C GLN D 391 23.81 1.04 15.58
N THR D 392 24.40 1.44 14.46
CA THR D 392 25.35 2.54 14.48
C THR D 392 24.67 3.90 14.46
N LEU D 393 23.38 3.95 14.16
CA LEU D 393 22.64 5.21 14.09
C LEU D 393 21.54 5.32 15.12
N TYR D 394 20.65 4.33 15.19
CA TYR D 394 19.46 4.44 16.03
C TYR D 394 19.66 3.90 17.44
N LEU D 395 20.58 2.96 17.63
CA LEU D 395 20.76 2.37 18.95
C LEU D 395 21.12 3.39 20.04
N PRO D 396 22.05 4.33 19.84
CA PRO D 396 22.35 5.30 20.91
C PRO D 396 21.18 6.19 21.29
N TYR D 397 20.09 6.19 20.52
CA TYR D 397 18.94 7.03 20.80
C TYR D 397 17.77 6.27 21.40
N ILE D 398 17.89 4.95 21.58
CA ILE D 398 16.81 4.12 22.07
C ILE D 398 17.11 3.52 23.44
N GLU D 399 18.38 3.14 23.68
CA GLU D 399 18.71 2.35 24.87
C GLU D 399 18.47 3.12 26.16
N LYS D 400 18.40 4.45 26.11
CA LYS D 400 18.20 5.27 27.30
C LYS D 400 16.78 5.82 27.40
N VAL D 401 15.87 5.38 26.52
CA VAL D 401 14.47 5.81 26.63
C VAL D 401 13.89 5.29 27.95
N PRO D 402 13.19 6.11 28.73
CA PRO D 402 12.66 5.64 30.02
C PRO D 402 11.71 4.46 29.89
N LEU D 403 10.98 4.36 28.78
CA LEU D 403 10.05 3.24 28.62
C LEU D 403 10.77 1.90 28.52
N PHE D 404 11.96 1.88 27.93
CA PHE D 404 12.70 0.65 27.69
C PHE D 404 13.79 0.40 28.72
N ARG D 405 13.54 0.76 29.98
CA ARG D 405 14.51 0.54 31.04
C ARG D 405 14.34 -0.86 31.60
N GLY D 406 15.45 -1.59 31.74
CA GLY D 406 15.45 -2.91 32.30
C GLY D 406 15.27 -4.04 31.30
N CYS D 407 14.99 -3.75 30.04
CA CYS D 407 14.81 -4.78 29.04
C CYS D 407 16.15 -5.37 28.62
N SER D 408 16.08 -6.58 28.07
CA SER D 408 17.28 -7.28 27.62
C SER D 408 17.88 -6.61 26.39
N SER D 409 19.19 -6.81 26.22
CA SER D 409 19.89 -6.23 25.08
C SER D 409 19.39 -6.81 23.77
N GLU D 410 19.10 -8.12 23.74
CA GLU D 410 18.67 -8.74 22.50
C GLU D 410 17.29 -8.26 22.06
N PHE D 411 16.44 -7.86 23.00
CA PHE D 411 15.14 -7.31 22.64
C PHE D 411 15.28 -5.94 21.99
N ILE D 412 16.10 -5.06 22.59
CA ILE D 412 16.34 -3.75 22.02
C ILE D 412 17.01 -3.87 20.66
N ASN D 413 17.83 -4.91 20.47
CA ASN D 413 18.46 -5.13 19.18
C ASN D 413 17.45 -5.53 18.11
N GLN D 414 16.27 -5.99 18.51
CA GLN D 414 15.27 -6.44 17.54
C GLN D 414 14.35 -5.31 17.11
N ILE D 415 13.96 -4.44 18.04
CA ILE D 415 13.07 -3.34 17.71
C ILE D 415 13.79 -2.33 16.82
N VAL D 416 15.09 -2.10 17.06
CA VAL D 416 15.85 -1.10 16.33
C VAL D 416 15.91 -1.39 14.84
N ILE D 417 15.66 -2.64 14.44
CA ILE D 417 15.72 -2.98 13.02
C ILE D 417 14.58 -2.34 12.25
N ARG D 418 13.38 -2.33 12.83
CA ARG D 418 12.17 -1.90 12.14
C ARG D 418 11.93 -0.39 12.24
N LEU D 419 12.81 0.35 12.90
CA LEU D 419 12.59 1.78 13.07
C LEU D 419 12.68 2.51 11.75
N HIS D 420 11.80 3.49 11.56
CA HIS D 420 11.76 4.32 10.37
C HIS D 420 12.01 5.78 10.74
N GLU D 421 12.62 6.51 9.80
CA GLU D 421 12.94 7.92 10.00
C GLU D 421 11.86 8.79 9.38
N GLU D 422 11.65 9.96 9.97
CA GLU D 422 10.67 10.92 9.44
C GLU D 422 11.03 12.31 9.91
N PHE D 423 10.83 13.29 9.03
CA PHE D 423 11.10 14.69 9.31
C PHE D 423 9.78 15.46 9.28
N PHE D 424 9.67 16.45 10.17
CA PHE D 424 8.48 17.28 10.26
C PHE D 424 8.86 18.75 10.30
N LEU D 425 8.23 19.54 9.43
CA LEU D 425 8.46 20.98 9.43
C LEU D 425 7.78 21.61 10.66
N PRO D 426 8.40 22.60 11.29
CA PRO D 426 7.78 23.22 12.46
C PRO D 426 6.45 23.88 12.11
N GLY D 427 5.51 23.80 13.05
CA GLY D 427 4.22 24.43 12.92
C GLY D 427 3.08 23.52 12.52
N GLU D 428 3.38 22.33 12.00
CA GLU D 428 2.35 21.41 11.56
C GLU D 428 2.01 20.41 12.66
N VAL D 429 0.86 19.75 12.50
CA VAL D 429 0.34 18.81 13.48
C VAL D 429 0.64 17.39 13.03
N ILE D 430 1.29 16.62 13.90
CA ILE D 430 1.61 15.23 13.57
C ILE D 430 0.33 14.39 13.57
N MET D 431 -0.53 14.59 14.57
CA MET D 431 -1.70 13.73 14.74
C MET D 431 -2.77 14.51 15.50
N GLU D 432 -4.02 14.09 15.30
CA GLU D 432 -5.18 14.83 15.75
C GLU D 432 -5.78 14.22 17.02
N GLN D 433 -6.38 15.09 17.83
CA GLN D 433 -7.07 14.64 19.03
C GLN D 433 -8.27 13.77 18.68
N GLY D 434 -8.50 12.74 19.49
CA GLY D 434 -9.64 11.87 19.31
C GLY D 434 -9.48 10.80 18.26
N SER D 435 -8.41 10.84 17.46
CA SER D 435 -8.16 9.84 16.45
C SER D 435 -7.39 8.66 17.06
N VAL D 436 -7.77 7.46 16.65
CA VAL D 436 -7.09 6.26 17.15
C VAL D 436 -5.67 6.23 16.63
N VAL D 437 -4.71 6.09 17.54
CA VAL D 437 -3.30 6.04 17.18
C VAL D 437 -2.96 4.64 16.70
N ASP D 438 -2.36 4.54 15.53
CA ASP D 438 -2.00 3.26 14.92
C ASP D 438 -0.52 3.25 14.56
N GLN D 439 0.30 3.96 15.35
CA GLN D 439 1.73 4.00 15.12
C GLN D 439 2.40 4.63 16.33
N LEU D 440 3.52 4.06 16.75
CA LEU D 440 4.28 4.55 17.89
C LEU D 440 5.41 5.44 17.42
N TYR D 441 5.57 6.59 18.06
CA TYR D 441 6.53 7.61 17.64
C TYR D 441 7.60 7.79 18.71
N PHE D 442 8.85 7.93 18.26
CA PHE D 442 9.98 8.20 19.13
C PHE D 442 10.57 9.56 18.77
N VAL D 443 10.83 10.38 19.78
CA VAL D 443 11.37 11.73 19.57
C VAL D 443 12.89 11.66 19.58
N CYS D 444 13.51 12.26 18.55
CA CYS D 444 14.95 12.24 18.41
C CYS D 444 15.58 13.62 18.29
N HIS D 445 14.80 14.66 17.96
CA HIS D 445 15.34 16.00 17.81
C HIS D 445 14.20 16.99 17.99
N GLY D 446 14.57 18.25 18.23
CA GLY D 446 13.58 19.30 18.35
C GLY D 446 12.74 19.17 19.61
N VAL D 447 11.63 19.89 19.62
CA VAL D 447 10.69 19.87 20.73
C VAL D 447 9.29 19.64 20.18
N LEU D 448 8.45 19.01 21.01
CA LEU D 448 7.07 18.72 20.65
C LEU D 448 6.15 19.30 21.71
N GLU D 449 5.10 20.00 21.28
CA GLU D 449 4.16 20.66 22.17
C GLU D 449 2.80 19.97 22.07
N GLU D 450 2.14 19.82 23.21
CA GLU D 450 0.80 19.25 23.26
C GLU D 450 -0.21 20.34 23.61
N ILE D 451 -1.26 20.46 22.79
CA ILE D 451 -2.26 21.51 22.95
C ILE D 451 -3.61 20.85 23.17
N GLY D 452 -4.32 21.31 24.21
CA GLY D 452 -5.65 20.81 24.50
C GLY D 452 -6.49 21.89 25.15
N ILE D 453 -7.80 21.68 25.11
CA ILE D 453 -8.74 22.65 25.67
C ILE D 453 -10.01 21.94 26.13
N GLU D 459 -7.31 26.71 23.73
CA GLU D 459 -6.05 26.07 23.41
C GLU D 459 -5.00 26.36 24.49
N GLU D 460 -4.81 25.41 25.40
CA GLU D 460 -3.85 25.55 26.49
C GLU D 460 -2.79 24.47 26.37
N ILE D 461 -1.52 24.88 26.45
CA ILE D 461 -0.40 23.97 26.37
C ILE D 461 0.00 23.57 27.80
N VAL D 462 -0.10 22.28 28.11
CA VAL D 462 0.26 21.78 29.43
C VAL D 462 1.34 20.72 29.39
N ALA D 463 1.59 20.09 28.25
CA ALA D 463 2.56 19.00 28.15
C ALA D 463 3.58 19.35 27.06
N VAL D 464 4.86 19.26 27.42
CA VAL D 464 5.96 19.51 26.50
C VAL D 464 6.79 18.23 26.40
N LEU D 465 6.98 17.75 25.17
CA LEU D 465 7.73 16.52 24.92
C LEU D 465 9.19 16.90 24.67
N GLN D 466 10.04 16.66 25.66
CA GLN D 466 11.46 16.92 25.52
C GLN D 466 12.03 15.82 24.62
N PRO D 467 13.21 16.03 24.02
CA PRO D 467 13.80 14.97 23.19
C PRO D 467 14.04 13.69 23.97
N ASP D 468 14.13 12.59 23.23
CA ASP D 468 14.45 11.27 23.76
C ASP D 468 13.37 10.75 24.71
N HIS D 469 12.12 11.17 24.49
CA HIS D 469 10.98 10.67 25.24
C HIS D 469 9.94 10.14 24.26
N SER D 470 9.41 8.96 24.54
CA SER D 470 8.41 8.34 23.69
C SER D 470 7.01 8.80 24.08
N PHE D 471 6.13 8.88 23.08
CA PHE D 471 4.75 9.25 23.30
C PHE D 471 3.84 8.42 22.41
N GLY D 472 2.60 8.27 22.84
CA GLY D 472 1.64 7.44 22.14
C GLY D 472 1.62 5.99 22.57
N GLU D 473 2.49 5.59 23.50
CA GLU D 473 2.51 4.20 23.95
C GLU D 473 1.24 3.84 24.71
N ILE D 474 0.71 4.78 25.49
CA ILE D 474 -0.48 4.50 26.30
C ILE D 474 -1.66 4.17 25.41
N SER D 475 -1.85 4.94 24.33
CA SER D 475 -3.02 4.74 23.48
C SER D 475 -3.01 3.37 22.83
N ILE D 476 -1.85 2.91 22.36
CA ILE D 476 -1.78 1.62 21.68
C ILE D 476 -2.01 0.48 22.66
N LEU D 477 -1.38 0.53 23.84
CA LEU D 477 -1.49 -0.56 24.79
C LEU D 477 -2.91 -0.67 25.35
N CYS D 478 -3.53 0.46 25.67
CA CYS D 478 -4.87 0.47 26.26
C CYS D 478 -5.98 0.61 25.21
N ASN D 479 -5.64 0.52 23.94
CA ASN D 479 -6.59 0.64 22.81
C ASN D 479 -7.62 1.73 23.05
N ILE D 480 -7.11 2.91 23.43
CA ILE D 480 -7.94 4.09 23.69
C ILE D 480 -7.50 5.19 22.74
N PRO D 481 -8.42 5.89 22.07
CA PRO D 481 -8.01 7.03 21.25
C PRO D 481 -7.33 8.09 22.11
N GLN D 482 -6.29 8.70 21.55
CA GLN D 482 -5.48 9.65 22.30
C GLN D 482 -6.29 10.92 22.56
N PRO D 483 -6.36 11.39 23.81
CA PRO D 483 -7.23 12.53 24.14
C PRO D 483 -6.56 13.90 24.20
N TYR D 484 -5.29 14.03 23.81
CA TYR D 484 -4.60 15.32 23.93
C TYR D 484 -3.62 15.45 22.77
N THR D 485 -4.03 16.16 21.72
CA THR D 485 -3.26 16.20 20.48
C THR D 485 -1.91 16.90 20.69
N VAL D 486 -1.00 16.65 19.75
CA VAL D 486 0.36 17.15 19.81
C VAL D 486 0.72 17.77 18.46
N ARG D 487 1.32 18.96 18.51
CA ARG D 487 1.85 19.62 17.32
C ARG D 487 3.31 19.96 17.54
N VAL D 488 4.05 20.05 16.44
CA VAL D 488 5.49 20.30 16.53
C VAL D 488 5.73 21.80 16.61
N ALA D 489 6.85 22.17 17.24
CA ALA D 489 7.23 23.57 17.42
C ALA D 489 8.51 23.95 16.70
N GLU D 490 9.55 23.10 16.75
CA GLU D 490 10.81 23.35 16.07
C GLU D 490 11.10 22.18 15.13
N LEU D 491 12.24 22.27 14.44
CA LEU D 491 12.65 21.19 13.55
C LEU D 491 12.91 19.93 14.35
N CYS D 492 12.08 18.91 14.16
CA CYS D 492 12.11 17.71 14.98
C CYS D 492 12.26 16.47 14.11
N ARG D 493 13.12 15.55 14.55
CA ARG D 493 13.29 14.25 13.91
C ARG D 493 12.54 13.21 14.73
N ILE D 494 11.59 12.53 14.09
CA ILE D 494 10.71 11.58 14.75
C ILE D 494 10.95 10.20 14.15
N LEU D 495 11.16 9.22 15.00
CA LEU D 495 11.36 7.83 14.58
C LEU D 495 10.05 7.08 14.70
N ARG D 496 9.54 6.62 13.56
CA ARG D 496 8.25 5.95 13.50
C ARG D 496 8.40 4.46 13.71
N LEU D 497 7.46 3.88 14.48
CA LEU D 497 7.37 2.44 14.68
C LEU D 497 5.95 1.99 14.36
N ASP D 498 5.83 1.04 13.44
CA ASP D 498 4.51 0.54 13.05
C ASP D 498 3.84 -0.14 14.23
N LYS D 499 2.56 0.20 14.46
CA LYS D 499 1.83 -0.40 15.56
C LYS D 499 1.63 -1.89 15.35
N GLN D 500 1.28 -2.30 14.12
CA GLN D 500 1.06 -3.71 13.84
C GLN D 500 2.32 -4.52 14.06
N SER D 501 3.48 -3.96 13.70
CA SER D 501 4.76 -4.62 13.88
C SER D 501 5.32 -4.47 15.28
N PHE D 502 4.49 -4.15 16.28
CA PHE D 502 4.96 -3.96 17.65
C PHE D 502 4.68 -5.16 18.54
N MET D 503 3.41 -5.58 18.64
CA MET D 503 3.08 -6.64 19.58
C MET D 503 3.74 -7.96 19.22
N ASN D 504 3.95 -8.21 17.92
CA ASN D 504 4.57 -9.47 17.51
C ASN D 504 5.94 -9.66 18.15
N ILE D 505 6.68 -8.57 18.36
CA ILE D 505 7.91 -8.66 19.13
C ILE D 505 7.59 -8.95 20.59
N LEU D 506 6.54 -8.35 21.13
CA LEU D 506 6.17 -8.61 22.51
C LEU D 506 5.67 -10.04 22.71
N GLU D 507 5.04 -10.62 21.68
CA GLU D 507 4.54 -11.99 21.81
C GLU D 507 5.68 -12.98 21.96
N ILE D 508 6.71 -12.87 21.10
CA ILE D 508 7.86 -13.78 21.20
C ILE D 508 8.82 -13.37 22.30
N PHE D 509 8.74 -12.13 22.79
CA PHE D 509 9.57 -11.65 23.88
C PHE D 509 8.61 -11.25 25.01
N PHE D 510 8.15 -12.24 25.76
CA PHE D 510 7.25 -11.98 26.88
C PHE D 510 7.97 -11.90 28.22
N HIS D 511 9.17 -12.48 28.32
CA HIS D 511 9.92 -12.38 29.58
C HIS D 511 10.24 -10.94 29.92
N ASP D 512 10.71 -10.15 28.94
CA ASP D 512 10.90 -8.73 29.15
C ASP D 512 9.63 -7.91 28.90
N GLY D 513 8.58 -8.54 28.37
CA GLY D 513 7.32 -7.84 28.18
C GLY D 513 6.61 -7.50 29.46
N ARG D 514 6.93 -8.19 30.56
CA ARG D 514 6.40 -7.79 31.86
C ARG D 514 7.08 -6.53 32.37
N ARG D 515 8.37 -6.37 32.07
CA ARG D 515 9.12 -5.22 32.56
C ARG D 515 8.74 -3.93 31.85
N ILE D 516 8.44 -3.98 30.56
CA ILE D 516 8.11 -2.76 29.83
C ILE D 516 6.80 -2.17 30.31
N LEU D 517 5.77 -3.01 30.52
CA LEU D 517 4.49 -2.50 30.98
C LEU D 517 4.54 -2.13 32.46
N ASN D 518 5.42 -2.77 33.24
CA ASN D 518 5.60 -2.38 34.63
C ASN D 518 6.19 -0.98 34.75
N ASN D 519 7.04 -0.59 33.79
CA ASN D 519 7.58 0.76 33.80
C ASN D 519 6.48 1.80 33.61
N LEU D 520 5.40 1.44 32.92
CA LEU D 520 4.29 2.37 32.73
C LEU D 520 3.56 2.64 34.03
N LEU D 521 3.24 1.58 34.79
CA LEU D 521 2.55 1.76 36.06
C LEU D 521 3.43 2.48 37.07
N GLU D 522 4.71 2.12 37.13
CA GLU D 522 5.62 2.78 38.07
C GLU D 522 5.86 4.24 37.69
N GLY D 523 5.96 4.53 36.39
CA GLY D 523 6.21 5.88 35.94
C GLY D 523 5.07 6.83 36.21
N LYS D 524 3.92 6.60 35.58
CA LYS D 524 2.76 7.45 35.79
C LYS D 524 2.20 7.27 37.21
N GLU D 525 1.58 8.33 37.72
CA GLU D 525 1.00 8.27 39.06
C GLU D 525 -0.11 7.23 39.13
N SER D 526 -0.98 7.18 38.12
CA SER D 526 -2.06 6.20 38.10
C SER D 526 -2.29 5.61 36.71
N ASN D 527 -1.46 5.95 35.72
CA ASN D 527 -1.61 5.48 34.35
C ASN D 527 -3.01 5.76 33.82
N VAL D 528 -3.70 4.73 33.36
CA VAL D 528 -5.09 4.83 32.90
C VAL D 528 -5.88 3.76 33.65
N ARG D 529 -6.42 4.12 34.81
CA ARG D 529 -7.20 3.21 35.66
C ARG D 529 -6.39 1.95 35.99
N ILE D 530 -5.08 2.12 36.14
CA ILE D 530 -4.16 1.01 36.37
C ILE D 530 -4.34 -0.04 35.28
N LYS D 531 -4.41 0.42 34.03
CA LYS D 531 -4.66 -0.42 32.86
C LYS D 531 -6.02 -1.11 32.95
N GLN D 532 -6.40 -1.82 31.89
CA GLN D 532 -7.68 -2.51 31.86
C GLN D 532 -7.63 -3.90 31.24
N LEU D 533 -6.45 -4.36 30.82
CA LEU D 533 -6.28 -5.67 30.16
C LEU D 533 -7.22 -5.71 28.94
N GLU D 534 -7.92 -6.82 28.70
CA GLU D 534 -8.87 -6.95 27.60
C GLU D 534 -8.21 -6.64 26.26
N SER D 535 -6.95 -7.04 26.12
CA SER D 535 -6.19 -6.80 24.91
C SER D 535 -5.46 -8.09 24.51
N ASP D 536 -5.24 -8.25 23.21
CA ASP D 536 -4.54 -9.44 22.72
C ASP D 536 -3.11 -9.49 23.25
N ILE D 537 -2.43 -8.34 23.28
CA ILE D 537 -1.07 -8.30 23.79
C ILE D 537 -1.05 -8.66 25.28
N THR D 538 -1.99 -8.11 26.04
CA THR D 538 -2.03 -8.38 27.48
C THR D 538 -2.47 -9.81 27.76
N PHE D 539 -3.38 -10.34 26.95
CA PHE D 539 -3.86 -11.70 27.19
C PHE D 539 -2.82 -12.74 26.79
N HIS D 540 -2.16 -12.54 25.64
CA HIS D 540 -1.19 -13.51 25.16
C HIS D 540 0.03 -13.58 26.07
N ILE D 541 0.50 -12.43 26.56
CA ILE D 541 1.65 -12.43 27.48
C ILE D 541 1.28 -13.11 28.79
N SER D 542 -0.01 -13.10 29.16
CA SER D 542 -0.43 -13.78 30.38
C SER D 542 -0.38 -15.30 30.21
N LYS D 543 -0.87 -15.80 29.08
CA LYS D 543 -0.89 -17.24 28.85
C LYS D 543 0.50 -17.79 28.50
N GLN D 544 1.32 -17.01 27.81
CA GLN D 544 2.66 -17.47 27.47
C GLN D 544 3.53 -17.59 28.72
N GLU D 545 3.44 -16.62 29.62
CA GLU D 545 4.21 -16.69 30.87
C GLU D 545 3.73 -17.86 31.74
N ALA D 546 2.42 -18.10 31.77
CA ALA D 546 1.89 -19.24 32.52
C ALA D 546 2.36 -20.55 31.92
N GLU D 547 2.47 -20.61 30.58
CA GLU D 547 2.98 -21.82 29.95
C GLU D 547 4.43 -22.09 30.36
N LEU D 548 5.23 -21.04 30.51
CA LEU D 548 6.59 -21.22 31.00
C LEU D 548 6.59 -21.83 32.39
N ALA D 549 5.74 -21.31 33.29
CA ALA D 549 5.72 -21.80 34.66
C ALA D 549 5.28 -23.25 34.75
N LEU D 550 4.67 -23.79 33.69
CA LEU D 550 4.26 -25.19 33.70
C LEU D 550 5.47 -26.11 33.77
N LYS D 551 6.47 -25.88 32.91
CA LYS D 551 7.65 -26.74 32.93
C LYS D 551 8.53 -26.47 34.15
N LEU D 552 8.55 -25.22 34.63
CA LEU D 552 9.24 -24.92 35.88
C LEU D 552 8.61 -25.66 37.05
N ASN D 553 7.28 -25.67 37.11
CA ASN D 553 6.58 -26.43 38.14
C ASN D 553 6.82 -27.93 37.95
N SER D 554 6.80 -28.40 36.70
CA SER D 554 7.10 -29.80 36.43
C SER D 554 8.53 -30.15 36.80
N ALA D 555 9.46 -29.22 36.60
CA ALA D 555 10.86 -29.47 36.96
C ALA D 555 11.00 -29.68 38.46
N ALA D 556 10.28 -28.90 39.27
CA ALA D 556 10.36 -29.05 40.72
C ALA D 556 9.78 -30.39 41.17
N PHE D 557 8.83 -30.95 40.42
CA PHE D 557 8.26 -32.23 40.78
C PHE D 557 9.31 -33.34 40.72
N TYR D 558 10.18 -33.31 39.71
CA TYR D 558 11.26 -34.29 39.59
C TYR D 558 12.42 -34.02 40.53
N GLY D 559 12.44 -32.85 41.18
CA GLY D 559 13.52 -32.53 42.11
C GLY D 559 14.87 -32.35 41.44
N ASP D 560 14.91 -31.71 40.29
CA ASP D 560 16.15 -31.45 39.57
C ASP D 560 16.53 -29.99 39.80
N LEU D 561 17.28 -29.75 40.87
CA LEU D 561 17.69 -28.39 41.21
C LEU D 561 18.64 -27.79 40.19
N TYR D 562 19.27 -28.63 39.35
CA TYR D 562 20.24 -28.12 38.38
C TYR D 562 19.57 -27.20 37.37
N GLN D 563 18.40 -27.57 36.88
CA GLN D 563 17.70 -26.74 35.90
C GLN D 563 16.88 -25.63 36.53
N LEU D 564 16.61 -25.69 37.85
CA LEU D 564 15.81 -24.65 38.49
C LEU D 564 16.55 -23.32 38.50
N LYS D 565 17.83 -23.33 38.86
CA LYS D 565 18.59 -22.08 38.89
C LYS D 565 18.73 -21.49 37.50
N SER D 566 19.00 -22.31 36.50
CA SER D 566 19.14 -21.82 35.13
C SER D 566 17.81 -21.29 34.60
N LEU D 567 16.70 -21.97 34.92
CA LEU D 567 15.40 -21.53 34.43
C LEU D 567 15.02 -20.18 35.01
N ILE D 568 15.24 -19.97 36.30
CA ILE D 568 14.99 -18.66 36.90
C ILE D 568 16.09 -17.67 36.58
N ARG D 569 17.27 -18.14 36.15
CA ARG D 569 18.34 -17.21 35.81
C ARG D 569 17.96 -16.34 34.63
N ALA D 570 17.20 -16.88 33.68
CA ALA D 570 16.71 -16.13 32.53
C ALA D 570 15.40 -15.41 32.82
N GLY D 571 15.33 -14.70 33.94
CA GLY D 571 14.15 -13.95 34.29
C GLY D 571 12.99 -14.77 34.80
N GLY D 572 13.20 -16.07 35.04
CA GLY D 572 12.13 -16.93 35.51
C GLY D 572 11.63 -16.55 36.88
N ASP D 573 10.31 -16.48 37.04
CA ASP D 573 9.67 -16.05 38.29
C ASP D 573 9.07 -17.22 39.07
N PRO D 574 9.62 -17.56 40.23
CA PRO D 574 8.97 -18.57 41.08
C PRO D 574 7.55 -18.20 41.50
N ASN D 575 7.25 -16.91 41.64
CA ASN D 575 5.92 -16.46 42.05
C ASN D 575 4.97 -16.46 40.84
N LYS D 576 4.87 -17.63 40.21
CA LYS D 576 4.02 -17.82 39.05
C LYS D 576 3.08 -19.00 39.30
N THR D 577 1.84 -18.84 38.87
CA THR D 577 0.80 -19.85 39.07
C THR D 577 0.39 -20.41 37.72
N ASP D 578 0.32 -21.74 37.63
CA ASP D 578 -0.11 -22.41 36.40
C ASP D 578 -1.63 -22.30 36.28
N TYR D 579 -2.21 -22.99 35.29
CA TYR D 579 -3.65 -22.89 35.07
C TYR D 579 -4.42 -23.46 36.25
N ASP D 580 -4.00 -24.59 36.78
CA ASP D 580 -4.75 -25.24 37.86
C ASP D 580 -4.24 -24.85 39.25
N GLY D 581 -4.08 -23.55 39.47
CA GLY D 581 -3.80 -23.01 40.79
C GLY D 581 -2.51 -23.45 41.47
N ARG D 582 -1.78 -24.38 40.87
CA ARG D 582 -0.60 -24.93 41.51
C ARG D 582 0.56 -23.94 41.44
N SER D 583 1.51 -24.11 42.36
CA SER D 583 2.71 -23.30 42.45
C SER D 583 3.90 -24.21 42.66
N PRO D 584 5.11 -23.77 42.29
CA PRO D 584 6.29 -24.59 42.56
C PRO D 584 6.48 -24.91 44.03
N LEU D 585 6.14 -23.98 44.93
CA LEU D 585 6.20 -24.30 46.36
C LEU D 585 5.19 -25.37 46.73
N HIS D 586 4.01 -25.35 46.12
CA HIS D 586 3.01 -26.38 46.38
C HIS D 586 3.54 -27.77 46.02
N LEU D 587 4.18 -27.89 44.85
CA LEU D 587 4.72 -29.17 44.42
C LEU D 587 6.04 -29.51 45.10
N ALA D 588 6.72 -28.52 45.68
CA ALA D 588 7.96 -28.79 46.39
C ALA D 588 7.72 -29.69 47.60
N ALA D 589 6.64 -29.42 48.34
CA ALA D 589 6.29 -30.24 49.50
C ALA D 589 5.62 -31.55 49.12
N SER D 590 5.28 -31.74 47.85
CA SER D 590 4.64 -32.98 47.43
C SER D 590 5.56 -34.18 47.65
N ARG D 591 6.84 -34.05 47.29
CA ARG D 591 7.82 -35.11 47.46
C ARG D 591 8.72 -34.89 48.67
N GLY D 592 8.46 -33.86 49.46
CA GLY D 592 9.30 -33.56 50.62
C GLY D 592 10.71 -33.19 50.28
N TYR D 593 10.91 -32.43 49.20
CA TYR D 593 12.25 -32.02 48.77
C TYR D 593 12.65 -30.78 49.54
N GLU D 594 13.21 -31.00 50.74
CA GLU D 594 13.68 -29.89 51.56
C GLU D 594 14.90 -29.20 50.95
N ASP D 595 15.64 -29.88 50.08
CA ASP D 595 16.81 -29.27 49.47
C ASP D 595 16.42 -28.07 48.60
N ILE D 596 15.33 -28.19 47.85
CA ILE D 596 14.87 -27.08 47.01
C ILE D 596 13.86 -26.18 47.72
N THR D 597 13.32 -26.62 48.87
CA THR D 597 12.37 -25.80 49.60
C THR D 597 13.00 -24.51 50.11
N LEU D 598 14.23 -24.60 50.64
CA LEU D 598 14.90 -23.41 51.17
C LEU D 598 15.25 -22.43 50.06
N TYR D 599 15.45 -22.92 48.83
CA TYR D 599 15.69 -22.02 47.71
C TYR D 599 14.45 -21.18 47.40
N LEU D 600 13.27 -21.81 47.47
CA LEU D 600 12.03 -21.07 47.23
C LEU D 600 11.81 -20.01 48.30
N ILE D 601 12.14 -20.31 49.55
CA ILE D 601 12.05 -19.31 50.61
C ILE D 601 12.98 -18.15 50.33
N GLN D 602 14.21 -18.44 49.90
CA GLN D 602 15.14 -17.40 49.48
C GLN D 602 14.68 -16.68 48.22
N GLU D 603 13.75 -17.26 47.47
CA GLU D 603 13.20 -16.65 46.27
C GLU D 603 12.00 -15.74 46.58
N SER D 604 11.66 -15.57 47.85
CA SER D 604 10.56 -14.71 48.28
C SER D 604 9.23 -15.16 47.66
N VAL D 605 8.84 -16.39 47.99
CA VAL D 605 7.58 -16.97 47.54
C VAL D 605 6.60 -16.95 48.70
N ASP D 606 5.39 -16.45 48.44
CA ASP D 606 4.35 -16.39 49.46
C ASP D 606 4.06 -17.78 50.01
N VAL D 607 4.33 -17.99 51.31
CA VAL D 607 4.16 -19.31 51.90
C VAL D 607 2.71 -19.66 52.13
N ASN D 608 1.79 -18.68 52.02
CA ASN D 608 0.38 -18.91 52.26
C ASN D 608 -0.46 -18.77 50.98
N ILE D 609 0.17 -18.97 49.82
CA ILE D 609 -0.57 -18.94 48.56
C ILE D 609 -1.50 -20.13 48.49
N LYS D 610 -2.73 -19.89 48.03
CA LYS D 610 -3.74 -20.93 47.94
C LYS D 610 -4.29 -20.99 46.53
N ASP D 611 -4.60 -22.20 46.08
CA ASP D 611 -5.21 -22.41 44.77
C ASP D 611 -6.72 -22.19 44.88
N LYS D 612 -7.46 -22.50 43.81
CA LYS D 612 -8.91 -22.34 43.85
C LYS D 612 -9.57 -23.34 44.78
N LEU D 613 -8.90 -24.43 45.11
CA LEU D 613 -9.38 -25.37 46.13
C LEU D 613 -9.00 -24.94 47.54
N GLY D 614 -8.27 -23.84 47.69
CA GLY D 614 -7.85 -23.38 49.00
C GLY D 614 -6.91 -24.32 49.72
N SER D 615 -5.89 -24.83 49.02
CA SER D 615 -4.93 -25.77 49.58
C SER D 615 -3.58 -25.07 49.70
N THR D 616 -3.22 -24.69 50.93
CA THR D 616 -1.91 -24.12 51.18
C THR D 616 -0.84 -25.22 51.08
N PRO D 617 0.40 -24.84 50.78
CA PRO D 617 1.47 -25.85 50.73
C PRO D 617 1.70 -26.57 52.06
N LEU D 618 1.30 -25.96 53.18
CA LEU D 618 1.50 -26.60 54.48
C LEU D 618 0.67 -27.87 54.60
N LEU D 619 -0.62 -27.81 54.27
CA LEU D 619 -1.46 -28.99 54.39
C LEU D 619 -1.09 -30.06 53.39
N GLU D 620 -0.58 -29.67 52.21
CA GLU D 620 -0.19 -30.65 51.21
C GLU D 620 0.94 -31.53 51.72
N ALA D 621 1.92 -30.95 52.42
CA ALA D 621 2.97 -31.74 53.04
C ALA D 621 2.42 -32.63 54.14
N ILE D 622 1.46 -32.12 54.92
CA ILE D 622 0.87 -32.91 55.99
C ILE D 622 0.14 -34.13 55.44
N LYS D 623 -0.59 -33.96 54.34
CA LYS D 623 -1.31 -35.08 53.74
C LYS D 623 -0.34 -36.15 53.24
N ASN D 624 0.79 -35.74 52.68
CA ASN D 624 1.78 -36.68 52.16
C ASN D 624 2.70 -37.23 53.24
N GLY D 625 2.60 -36.75 54.47
CA GLY D 625 3.38 -37.29 55.56
C GLY D 625 4.80 -36.78 55.68
N ASN D 626 5.18 -35.77 54.89
CA ASN D 626 6.55 -35.23 54.93
C ASN D 626 6.61 -34.17 56.03
N ASP D 627 6.73 -34.66 57.26
CA ASP D 627 6.80 -33.76 58.41
C ASP D 627 8.12 -33.01 58.48
N ARG D 628 9.16 -33.49 57.82
CA ARG D 628 10.46 -32.82 57.86
C ARG D 628 10.37 -31.42 57.25
N VAL D 629 9.71 -31.29 56.11
CA VAL D 629 9.57 -29.98 55.48
C VAL D 629 8.56 -29.10 56.20
N ALA D 630 7.72 -29.68 57.06
CA ALA D 630 6.77 -28.88 57.83
C ALA D 630 7.47 -27.98 58.82
N ALA D 631 8.58 -28.43 59.40
CA ALA D 631 9.32 -27.61 60.37
C ALA D 631 9.85 -26.34 59.72
N LEU D 632 10.35 -26.43 58.49
CA LEU D 632 10.80 -25.23 57.79
C LEU D 632 9.63 -24.36 57.36
N LEU D 633 8.47 -24.96 57.05
CA LEU D 633 7.33 -24.18 56.62
C LEU D 633 6.77 -23.33 57.76
N VAL D 634 6.62 -23.92 58.94
CA VAL D 634 6.13 -23.16 60.09
C VAL D 634 7.17 -22.10 60.49
N LYS D 635 8.45 -22.42 60.36
CA LYS D 635 9.49 -21.42 60.63
C LYS D 635 9.36 -20.23 59.69
N GLU D 636 9.04 -20.48 58.42
CA GLU D 636 8.79 -19.40 57.47
C GLU D 636 7.54 -18.61 57.82
N GLY D 637 6.64 -19.17 58.63
CA GLY D 637 5.43 -18.47 59.01
C GLY D 637 4.21 -18.89 58.21
N ALA D 638 4.03 -20.20 58.04
CA ALA D 638 2.89 -20.72 57.28
C ALA D 638 1.67 -20.85 58.19
N THR D 639 0.50 -20.64 57.61
CA THR D 639 -0.77 -20.72 58.32
C THR D 639 -1.67 -21.77 57.67
N LEU D 640 -2.46 -22.43 58.49
CA LEU D 640 -3.38 -23.48 58.05
C LEU D 640 -4.80 -22.93 58.10
N ASN D 641 -5.32 -22.53 56.94
CA ASN D 641 -6.68 -22.01 56.82
C ASN D 641 -7.41 -22.77 55.73
N ILE D 642 -8.53 -23.40 56.08
CA ILE D 642 -9.35 -24.14 55.13
C ILE D 642 -10.81 -23.74 55.34
N GLU D 643 -11.62 -23.98 54.31
CA GLU D 643 -13.05 -23.70 54.37
C GLU D 643 -13.80 -24.93 54.87
N ASN D 644 -14.99 -24.70 55.43
CA ASN D 644 -15.78 -25.69 56.16
C ASN D 644 -14.88 -26.61 56.98
N ALA D 645 -14.05 -25.98 57.81
CA ALA D 645 -13.04 -26.71 58.58
C ALA D 645 -13.68 -27.71 59.53
N GLY D 646 -14.76 -27.31 60.21
CA GLY D 646 -15.36 -28.17 61.22
C GLY D 646 -15.79 -29.53 60.68
N THR D 647 -16.32 -29.55 59.46
CA THR D 647 -16.73 -30.82 58.86
C THR D 647 -15.57 -31.75 58.63
N PHE D 648 -14.35 -31.20 58.43
CA PHE D 648 -13.20 -32.04 58.15
C PHE D 648 -12.81 -32.89 59.35
N LEU D 649 -12.88 -32.33 60.57
CA LEU D 649 -12.52 -33.10 61.74
C LEU D 649 -13.48 -34.25 62.04
N CYS D 650 -14.67 -34.26 61.41
CA CYS D 650 -15.60 -35.36 61.63
C CYS D 650 -15.30 -36.57 60.74
N THR D 651 -14.92 -36.34 59.49
CA THR D 651 -14.66 -37.45 58.58
C THR D 651 -13.32 -38.12 58.84
N VAL D 652 -12.35 -37.40 59.38
CA VAL D 652 -11.04 -37.99 59.62
C VAL D 652 -11.11 -39.01 60.75
N VAL D 653 -11.84 -38.70 61.82
CA VAL D 653 -12.00 -39.66 62.91
C VAL D 653 -12.82 -40.85 62.47
N ALA D 654 -13.67 -40.69 61.45
CA ALA D 654 -14.35 -41.84 60.87
C ALA D 654 -13.37 -42.78 60.19
N LYS D 655 -12.36 -42.22 59.51
CA LYS D 655 -11.33 -43.04 58.89
C LYS D 655 -10.39 -43.65 59.90
N GLY D 656 -10.29 -43.07 61.10
CA GLY D 656 -9.43 -43.63 62.13
C GLY D 656 -7.95 -43.40 61.94
N ASP D 657 -7.57 -42.40 61.15
CA ASP D 657 -6.16 -42.10 60.90
C ASP D 657 -5.63 -41.26 62.06
N SER D 658 -5.34 -41.93 63.17
CA SER D 658 -4.83 -41.24 64.35
C SER D 658 -3.46 -40.63 64.10
N ASP D 659 -2.59 -41.34 63.36
CA ASP D 659 -1.28 -40.80 63.05
C ASP D 659 -1.40 -39.53 62.22
N PHE D 660 -2.28 -39.52 61.23
CA PHE D 660 -2.53 -38.31 60.45
C PHE D 660 -3.18 -37.23 61.32
N LEU D 661 -4.10 -37.63 62.19
CA LEU D 661 -4.77 -36.68 63.07
C LEU D 661 -3.79 -36.03 64.03
N LYS D 662 -2.84 -36.81 64.56
CA LYS D 662 -1.85 -36.26 65.49
C LYS D 662 -1.00 -35.19 64.82
N ARG D 663 -0.74 -35.32 63.52
CA ARG D 663 0.03 -34.29 62.82
C ARG D 663 -0.76 -33.00 62.71
N LEU D 664 -2.09 -33.07 62.69
CA LEU D 664 -2.91 -31.86 62.58
C LEU D 664 -2.71 -30.96 63.80
N LEU D 665 -2.69 -31.54 65.00
CA LEU D 665 -2.46 -30.76 66.20
C LEU D 665 -1.04 -30.22 66.31
N SER D 666 -0.10 -30.78 65.55
CA SER D 666 1.26 -30.26 65.57
C SER D 666 1.33 -28.85 65.00
N ASN D 667 0.39 -28.48 64.14
CA ASN D 667 0.32 -27.14 63.56
C ASN D 667 -0.59 -26.21 64.36
N GLY D 668 -1.13 -26.68 65.47
CA GLY D 668 -2.00 -25.85 66.29
C GLY D 668 -3.33 -25.51 65.65
N ILE D 669 -3.97 -26.46 64.98
CA ILE D 669 -5.27 -26.22 64.38
C ILE D 669 -6.32 -26.05 65.48
N ASP D 670 -7.24 -25.13 65.27
CA ASP D 670 -8.28 -24.87 66.27
C ASP D 670 -9.24 -26.05 66.36
N PRO D 671 -9.42 -26.64 67.53
CA PRO D 671 -10.34 -27.79 67.66
C PRO D 671 -11.78 -27.43 67.99
N ASN D 672 -12.11 -26.14 68.08
CA ASN D 672 -13.45 -25.70 68.42
C ASN D 672 -14.35 -25.54 67.19
N SER D 673 -13.83 -25.84 66.00
CA SER D 673 -14.64 -25.71 64.79
C SER D 673 -15.79 -26.71 64.80
N LYS D 674 -16.94 -26.27 64.30
CA LYS D 674 -18.14 -27.08 64.26
C LYS D 674 -18.68 -27.12 62.83
N ASP D 675 -19.38 -28.21 62.52
CA ASP D 675 -19.93 -28.41 61.19
C ASP D 675 -21.26 -27.66 61.05
N TYR D 676 -21.99 -27.92 59.98
CA TYR D 676 -23.31 -27.33 59.79
C TYR D 676 -24.30 -27.78 60.84
N ASP D 677 -24.09 -28.95 61.45
CA ASP D 677 -24.93 -29.46 62.52
C ASP D 677 -24.45 -29.01 63.91
N HIS D 678 -23.45 -28.12 63.96
CA HIS D 678 -22.86 -27.66 65.22
C HIS D 678 -22.36 -28.85 66.05
N ARG D 679 -21.75 -29.82 65.39
CA ARG D 679 -21.21 -31.01 66.03
C ARG D 679 -19.69 -30.87 66.13
N THR D 680 -19.19 -30.64 67.34
CA THR D 680 -17.75 -30.56 67.56
C THR D 680 -17.13 -31.96 67.43
N PRO D 681 -15.81 -32.03 67.23
CA PRO D 681 -15.16 -33.35 67.15
C PRO D 681 -15.38 -34.21 68.38
N LEU D 682 -15.66 -33.61 69.54
CA LEU D 682 -15.99 -34.39 70.72
C LEU D 682 -17.30 -35.15 70.52
N HIS D 683 -18.28 -34.54 69.84
CA HIS D 683 -19.58 -35.16 69.64
C HIS D 683 -19.46 -36.43 68.81
N VAL D 684 -18.76 -36.35 67.67
CA VAL D 684 -18.64 -37.52 66.79
C VAL D 684 -17.80 -38.60 67.45
N ALA D 685 -16.74 -38.20 68.18
CA ALA D 685 -15.94 -39.18 68.90
C ALA D 685 -16.76 -39.85 69.99
N ALA D 686 -17.63 -39.10 70.66
CA ALA D 686 -18.50 -39.70 71.68
C ALA D 686 -19.41 -40.74 71.07
N SER D 687 -19.99 -40.44 69.90
CA SER D 687 -20.80 -41.44 69.19
C SER D 687 -19.94 -42.60 68.70
N GLU D 688 -18.71 -42.32 68.27
CA GLU D 688 -17.81 -43.38 67.82
C GLU D 688 -17.36 -44.28 68.96
N GLY D 689 -17.37 -43.79 70.19
CA GLY D 689 -16.95 -44.60 71.32
C GLY D 689 -15.48 -44.98 71.31
N PHE D 690 -14.61 -44.05 70.93
CA PHE D 690 -13.18 -44.31 70.88
C PHE D 690 -12.54 -44.07 72.25
N TYR D 691 -11.36 -44.65 72.44
CA TYR D 691 -10.60 -44.50 73.67
C TYR D 691 -9.27 -43.80 73.46
N VAL D 692 -8.45 -44.29 72.52
CA VAL D 692 -7.18 -43.63 72.23
C VAL D 692 -7.41 -42.24 71.65
N LEU D 693 -8.35 -42.12 70.71
CA LEU D 693 -8.68 -40.82 70.15
C LEU D 693 -9.31 -39.92 71.20
N ALA D 694 -10.15 -40.49 72.08
CA ALA D 694 -10.75 -39.71 73.15
C ALA D 694 -9.68 -39.16 74.09
N ILE D 695 -8.65 -39.96 74.38
CA ILE D 695 -7.51 -39.46 75.15
C ILE D 695 -6.77 -38.41 74.33
N GLN D 696 -6.72 -38.59 73.01
CA GLN D 696 -5.97 -37.65 72.17
C GLN D 696 -6.64 -36.29 72.11
N LEU D 697 -7.96 -36.25 71.88
CA LEU D 697 -8.64 -34.96 71.80
C LEU D 697 -8.84 -34.35 73.18
N VAL D 698 -8.63 -35.13 74.24
CA VAL D 698 -8.64 -34.57 75.59
C VAL D 698 -7.52 -33.54 75.73
N GLU D 699 -6.34 -33.85 75.21
CA GLU D 699 -5.25 -32.88 75.21
C GLU D 699 -5.56 -31.69 74.31
N ALA D 700 -6.40 -31.89 73.29
CA ALA D 700 -6.78 -30.78 72.43
C ALA D 700 -7.63 -29.76 73.16
N SER D 701 -8.36 -30.19 74.19
CA SER D 701 -9.21 -29.31 75.01
C SER D 701 -10.24 -28.58 74.13
N ALA D 702 -11.01 -29.38 73.39
CA ALA D 702 -12.05 -28.84 72.51
C ALA D 702 -13.34 -28.69 73.31
N ASN D 703 -13.39 -27.60 74.09
CA ASN D 703 -14.54 -27.27 74.91
C ASN D 703 -14.83 -28.34 75.95
N VAL D 704 -15.93 -28.19 76.69
CA VAL D 704 -16.34 -29.15 77.71
C VAL D 704 -17.65 -29.85 77.33
N LEU D 705 -18.72 -29.08 77.15
CA LEU D 705 -20.01 -29.65 76.78
C LEU D 705 -20.79 -28.58 76.02
N ALA D 706 -20.84 -28.71 74.70
CA ALA D 706 -21.54 -27.78 73.83
C ALA D 706 -22.72 -28.48 73.17
N LYS D 707 -23.90 -27.88 73.29
CA LYS D 707 -25.09 -28.47 72.70
C LYS D 707 -25.00 -28.45 71.18
N ASP D 708 -25.37 -29.57 70.56
CA ASP D 708 -25.37 -29.71 69.12
C ASP D 708 -26.73 -29.32 68.57
N ARG D 709 -26.97 -29.64 67.29
CA ARG D 709 -28.27 -29.36 66.69
C ARG D 709 -29.37 -30.14 67.40
N TRP D 710 -29.12 -31.41 67.73
CA TRP D 710 -30.07 -32.20 68.50
C TRP D 710 -30.17 -31.76 69.96
N GLY D 711 -29.26 -30.90 70.42
CA GLY D 711 -29.29 -30.43 71.79
C GLY D 711 -28.64 -31.33 72.80
N ASN D 712 -27.92 -32.37 72.36
CA ASN D 712 -27.29 -33.31 73.28
C ASN D 712 -25.84 -32.90 73.51
N THR D 713 -25.46 -32.78 74.78
CA THR D 713 -24.09 -32.44 75.12
C THR D 713 -23.16 -33.63 74.80
N PRO D 714 -21.91 -33.34 74.43
CA PRO D 714 -20.98 -34.45 74.15
C PRO D 714 -20.74 -35.35 75.35
N LEU D 715 -20.74 -34.80 76.57
CA LEU D 715 -20.61 -35.63 77.76
C LEU D 715 -21.80 -36.58 77.90
N ASP D 716 -23.01 -36.09 77.64
CA ASP D 716 -24.18 -36.96 77.64
C ASP D 716 -24.10 -38.00 76.53
N GLU D 717 -23.63 -37.59 75.34
CA GLU D 717 -23.47 -38.53 74.24
C GLU D 717 -22.44 -39.59 74.58
N ALA D 718 -21.33 -39.20 75.20
CA ALA D 718 -20.31 -40.17 75.59
C ALA D 718 -20.85 -41.16 76.61
N LEU D 719 -21.57 -40.66 77.61
CA LEU D 719 -22.16 -41.55 78.60
C LEU D 719 -23.23 -42.45 77.99
N GLY D 720 -24.06 -41.89 77.11
CA GLY D 720 -25.10 -42.69 76.49
C GLY D 720 -24.56 -43.75 75.56
N CYS D 721 -23.49 -43.44 74.82
CA CYS D 721 -22.92 -44.41 73.89
C CYS D 721 -22.33 -45.60 74.65
N GLY D 722 -21.66 -45.35 75.77
CA GLY D 722 -21.04 -46.40 76.56
C GLY D 722 -19.54 -46.19 76.67
N ASN D 723 -18.78 -47.27 76.48
CA ASN D 723 -17.32 -47.26 76.55
C ASN D 723 -16.85 -46.74 77.92
N LYS D 724 -17.20 -47.51 78.96
CA LYS D 724 -16.88 -47.10 80.32
C LYS D 724 -15.39 -46.92 80.53
N MET D 725 -14.55 -47.61 79.76
CA MET D 725 -13.11 -47.40 79.83
C MET D 725 -12.76 -45.98 79.42
N LEU D 726 -13.40 -45.46 78.38
CA LEU D 726 -13.19 -44.10 77.93
C LEU D 726 -14.19 -43.11 78.51
N ILE D 727 -15.39 -43.56 78.86
CA ILE D 727 -16.39 -42.66 79.44
C ILE D 727 -15.91 -42.15 80.79
N LYS D 728 -15.33 -43.02 81.61
CA LYS D 728 -14.77 -42.58 82.89
C LYS D 728 -13.66 -41.57 82.68
N LEU D 729 -12.78 -41.82 81.70
CA LEU D 729 -11.77 -40.83 81.35
C LEU D 729 -12.41 -39.56 80.79
N LEU D 730 -13.44 -39.71 79.96
CA LEU D 730 -14.16 -38.55 79.44
C LEU D 730 -14.86 -37.79 80.56
N GLU D 731 -15.49 -38.52 81.49
CA GLU D 731 -16.13 -37.86 82.63
C GLU D 731 -15.12 -37.12 83.48
N ASP D 732 -13.96 -37.74 83.73
CA ASP D 732 -12.90 -37.05 84.45
C ASP D 732 -12.40 -35.84 83.68
N ALA D 733 -12.24 -35.98 82.36
CA ALA D 733 -11.85 -34.85 81.54
C ALA D 733 -12.92 -33.77 81.53
N LYS D 734 -14.19 -34.18 81.44
CA LYS D 734 -15.28 -33.22 81.49
C LYS D 734 -15.33 -32.50 82.84
N ASN D 735 -15.14 -33.25 83.94
CA ASN D 735 -15.10 -32.63 85.25
C ASN D 735 -13.92 -31.66 85.38
N SER D 736 -12.75 -32.06 84.87
CA SER D 736 -11.60 -31.18 84.90
C SER D 736 -11.83 -29.94 84.04
N GLN D 737 -12.42 -30.13 82.85
CA GLN D 737 -12.73 -28.99 81.99
C GLN D 737 -13.75 -28.06 82.62
N ILE D 738 -14.76 -28.63 83.29
CA ILE D 738 -15.76 -27.80 83.96
C ILE D 738 -15.13 -27.01 85.09
N SER D 739 -14.26 -27.65 85.88
CA SER D 739 -13.57 -26.96 86.96
C SER D 739 -12.66 -25.87 86.43
N SER D 740 -11.95 -26.14 85.33
CA SER D 740 -11.06 -25.16 84.73
C SER D 740 -11.85 -24.07 84.00
#